data_8FEF
#
_entry.id   8FEF
#
_cell.length_a   1.00
_cell.length_b   1.00
_cell.length_c   1.00
_cell.angle_alpha   90.00
_cell.angle_beta   90.00
_cell.angle_gamma   90.00
#
_symmetry.space_group_name_H-M   'P 1'
#
loop_
_entity.id
_entity.type
_entity.pdbx_description
1 polymer 'Virulence factor Mce family protein'
2 polymer 'Virulence factor Mce family protein'
3 polymer 'MCE-family protein MCE1c'
4 polymer 'Virulence factor mce family protein'
5 polymer 'Virulence factor Mce family protein'
6 polymer 'Mce-family protein mce1f'
7 polymer 'ABC transporter, ATP-binding protein,Green fluorescent protein chimera'
8 polymer 'Conserved hypothetical integral membrane protein Yrbe1a'
9 polymer 'ABC-transporter integral membrane protein'
10 non-polymer 'UNKNOWN LIGAND'
#
loop_
_entity_poly.entity_id
_entity_poly.type
_entity_poly.pdbx_seq_one_letter_code
_entity_poly.pdbx_strand_id
1 'polypeptide(L)'
;MTEPPAPTAPLNKPKTPPYKLAGLILGLVGVLVLALTWMQFRGQFEDKVQLTVLSGRAGLSMDPGSKVTFNGVPIGRLAS
IDVVEVDDNPEARLTLDVDPKYLDLIPENANVELRATTVFGNKYISFLSPKNPSAERLSASTPIRAQGVTTEFNTLFETI
TAISEQVDPIKLNETLTAAAQALDGLGDKFGRSIVDGNAILADVNPRMPQIRRDITGLANLGEVYADASPDLFDGLDNAV
TTARTLNEQRGNLDQALVAAVGFGNTGGDIFERGGPYLVRGAQDLLPTSALLDEYSPALFCTIRNYHDAAPKLAGALGGN
GYSLLTNSLVVGVGNPYVYPDNLPRVNAKGGPEGRPGCWQPITRDLWPFPYLVMDTGASIAPYNHFELGQPMFAEYVWGR
QVGENTINP
;
A
2 'polypeptide(L)'
;MSIKGTLFKLGIFSLVLLTFTALIFVVFGQIRFNRTTEYSAIFKNVSGLRDGQFVRAAGVEVGKVKSVDLINGGEQAEVK
FTVERSLPLFQETTAAIRYQDLIGNRYLELKRGDSDQILPPGSTIPVERTEPALDLDALVGGFRPLFRSLEPEKVNTIAT
SLITIFQGQGGTINDILDQTAQLTASLADRDQAIGEVIKNLNTVLDTTVRHQKQFDETLVNFETLITGLKNRADPIATSV
ADISDAAGSLADLLSDNRPLLKDTIGYLDVIQAPLVEQKQEVSDILVQMPQALKIIGRAGGIYGDFFNFYACDLTLKLNG
LQPGGPVRTVRITTQPSGRCTPK
;
B
3 'polypeptide(L)'
;MRTLQGSDRFRKGLMGVIVVALIIGVGSTLTSVPMLFAVPTYYGQFADTGGLNIGDKVRIAGMDVGNVKSMEIDGDKVVI
GYTLGGRTIGTESRAAIRTDTILGRKNIEIEPRGSETLKPRGVLPVGQTSAPYQIYDAFLDVTRNAAGWDTQAVRQSLNV
LSETVDQTSPHLSAALDGVARFSETIGKRDEDVKKLLASANKVATVLGDRSTQVNQLLVNAQTLLAAVNERGRSVSLLLE
RVSSVSRQVEGFVDENPNLNHVLEQLRTVSDVLNERKQDLADILTVAGKFITSLAEALASGPYFKVMLVNLIPPTILQPF
VDAAFKKRGIDPEEFWRNAGLPAFRFPDPNGERHENGAPPAAPTPLEGTPEHPGPAVPPGSPCSYTPPADGIPSPGNPLP
CAHLSQGPYGPVPGGYPPPNVATSAPNPDGIAHSPGVPSAAIPGQMPPEQPGAPVEIAPGPPGARTVPVSPIPGAPDFTP
GIAPPPPAITGPPPPPGPGPQLAPVGEAPLPGNPPFLPPGSQSR
;
C
4 'polypeptide(L)'
;MSTIFNIRNIQLPRLSRAAVIIGALVVAAALVAGYFGMNAYRKLTNTTVTAYFPEVLALYPGDKVLIMGVRVGSIDSIET
AGDKMKVVFHFNNKYKVPENATASILNPSLVASRVIQLSPPYTGGPTLRDGAVLDVDRTQVPIEYDEVRNQVTRLLADLG
PTPEQPKGPFGDIIESFADGFAGKGEQLNRTLRGLSDALTALNEGRGDFFAVVKSLALFVNALHRSDQQFVALNNDLAQF
TNSFTNTDQELANALQDLNRVLKTTREFLDRNGGVLTHDIDNLEQVTTAILQPEPRDGLETGLHAYPNLAANVLNINSPN
QGGIIGLPVLPGVTNFSNPLQFVCSSIQAGSRLGYQESAELCAQYLAPIMDAIKFNYLPFGMNLASTAMTLPKQIAYSEK
RLQPPPGYKDTTVPGIWSRDTLFSHGNHEPGWIVAPGMQGVQVQPATANMLTPESLAELLGGPDIVPPPAPPAFGTTRGG
NLPGPPNAFDENNPLPPPWYPQPGPPPAPAPGVIPGDPLSAVAPAAPAAPAAPAPAGPPLPAEAGAG
;
D
5 'polypeptide(L)'
;MRLLKGFPKMRNWTRVGRRTAVLAAVALVLTSCGQWRGIANVPLPGGPGTESGSMTLYVQMPETLALNANSRVRVRDVFV
GRVRKIELINWVPTLTVDVEPGIKLPKNTLAKIGQTSLLGSQHVELNPPEDPSSELLRDGDTIPLAQSSAYPTIERTLAG
ISGILTGGGIPNIEVIQTEVFNILNGRADQIREFLNQLDTFTDELNQQREEITRAIDSTNRLLNIVSQRNDTLDRVLTEF
PPLIQHFAETRDLFADAVTALGRLSAAADETLSGSNANLHTNLQNLQRPLKQLGRAAPYLVGALKLILTVPFNIDNIPKA
IRGDYINVSLKLDLTLSSVDNAFLSGTGVSGMLRALEQAWGRDPATMIPDVRFTPNPHDAPGGPLVERGE
;
E
6 'polypeptide(L)'
;MLLTRFIKMQLVIFLTLTLVALVVLALFYLRLPTWAGLGMYKLNADLPNSGGLYATANVTYRGTTIGKVTSVEPSESGAR
VEMNIYDRYKIPADATANVHSVSAVGEQFIDLTSDSGGGAYFQPGDTITKATVPAEVGPALDAAEKGLAVLPKEKIGTLL
DEAATAFGGLGPSLQRLVDSTQAIAGDFRANIDPVNDIIENSGPIIDSQVNSGDAIQRWAANLNTLAAQSAQNDEALRSG
LQQAAPTADQLNAVFSDVRESLPQTLANLEIVIDMLKRYNKNVEQVLVALPQGAAVAQTGTIFAPEGLLHFGLGINAPPP
CLTGFLPASQWRSPADTRTEPLPSGLYCKIPKDAPNAVRGARNYPCADVPGKRAATPRECRSDEPYQPLGTNPWYGDPDQ
IRNCPAPGARCDQPVDPGRVIPAPSINNGLNPLPASQLPPPEVSSGPSSDPLTAPRGGTVTCSGQQPNPCIYTPAAGATA
TYNPASGEVVGPGGVKYSVTNSNTPGDDGWKEMLAPAS
;
F
7 'polypeptide(L)'
;MGVQIDVTGLSKSFGSSKIWEDVTMSIPAGEVSVLLGPSGTGKSVFLKSLIGLLRPERGSIVIDGTDILQCSAKELYEIR
TLFGVLFQDGALFGSMNIYDNTAFPLREHTKKSESEIRKIVMEKLDLVGMPNDGHKFPGEISGGMRKRAGLARALVLDPE
IILCDEPDSGLDPVRTAYLSQLLIDINAQIDATVLIVTHNINIARTVPDNMGMLFRKQLVMFGPREVLLTSEEPVVKQFL
NGRRIGPIGMSEEKDEATAAAEQALVDAGQHDGGVEEIEGVPPQLQATPGMPERKAVARRKARVREILHTLPPAAQAAIL
EELDRDQPQLSAPTTQTAATAPVENYDDSPTGVIEVPKQAGLSGQPPRSPSSGSSSNSLEVLFQGPTAAAAVSKGEELFT
GVVPILVELDGDVNGHKFSVSGEGEGDATYGKLTLKFICTTGKLPVPWPTLVTTLTYGVQCFSRYPDHMKQHDFFKSAMP
EGYVQERTIFFKDDGNYKTRAEVKFEGDTLVNRIELKGIDFKEDGNILGHKLEYNYNSHNVYIMADKQKNGIKVNFKIRH
NIEDGSVQLADHYQQNTPIGDGPVLLPDNHYLSTQSALSKDPNEKRDHMVLLEFVTAAGITLGMDELYKGGGGENLYFQD
YKDDDDKHHHHHH
;
G,H
8 'polypeptide(L)'
;MTASTDGFVDYLRGQLEKPLATVGGFFKMSVMTGKALFTRPFQWKEFVLQSWFLIRVAFLPTLAVSIPLTVLIIFTLNIL
LAEFGAADVSGAGAALGAVTQLGPLVTVLVVAGAGSTAICADLGARTVREEIDALEVLGIDPIERLVVPRVVASTFVAFM
LNGAVITIGLVGGFFFGVYIQNVSAGAYVSTLTLLTGFPEVLISVVKATLFGMIAGLVGCYRGLTVAGGSKGVGTAVNET
LVLCVVALFAVNVVLTTIGVRFGTGR
;
I
9 'polypeptide(L)'
;MSTVQVLRSRFPRAFSRSSEIAATPARFLDSMGHVAWFVVQAIVHVPHAFRHYRRESLRLVAEIGMGTGAMAVIGGTVAI
IGFVTLSAGSLIAIQGFASLGNIGVEAFTGFFAALANIRVVAPVVTGQALAATVGAGATAELGAMRISEEVDALEVMGIK
SISYLVSTRIMAGAIVIIPLYAMAILLSFMSAQLVTTIFYSQSVGTYEHYFHTFLRVDDVMWSFLEVIIMSVIVMLNHCY
FGYFASGGAVGVGEAVGRSMRTSLIAIVLVVLLASLALYGTDPNFNLTV
;
J
#
# COMPACT_ATOMS: atom_id res chain seq x y z
N PRO A 18 -36.66 88.10 8.34
CA PRO A 18 -35.95 87.34 9.37
C PRO A 18 -34.94 86.38 8.76
N TYR A 19 -34.24 86.84 7.71
CA TYR A 19 -33.28 85.98 7.03
C TYR A 19 -32.09 85.63 7.90
N LYS A 20 -31.46 86.63 8.52
CA LYS A 20 -30.26 86.37 9.31
C LYS A 20 -30.54 85.47 10.51
N LEU A 21 -31.73 85.57 11.10
CA LEU A 21 -32.12 84.66 12.18
C LEU A 21 -32.24 83.23 11.65
N ALA A 22 -32.85 83.06 10.47
CA ALA A 22 -33.07 81.71 9.98
C ALA A 22 -31.78 81.09 9.49
N GLY A 23 -30.82 81.90 9.02
CA GLY A 23 -29.54 81.34 8.64
C GLY A 23 -28.82 80.72 9.82
N LEU A 24 -28.86 81.42 10.96
CA LEU A 24 -28.29 80.89 12.19
C LEU A 24 -29.02 79.63 12.64
N ILE A 25 -30.34 79.62 12.51
CA ILE A 25 -31.12 78.43 12.88
C ILE A 25 -30.74 77.24 12.00
N LEU A 26 -30.62 77.48 10.68
CA LEU A 26 -30.24 76.42 9.76
C LEU A 26 -28.83 75.89 10.07
N GLY A 27 -27.88 76.79 10.31
CA GLY A 27 -26.54 76.35 10.66
C GLY A 27 -26.50 75.55 11.95
N LEU A 28 -27.26 76.00 12.96
CA LEU A 28 -27.31 75.27 14.22
C LEU A 28 -27.93 73.90 14.03
N VAL A 29 -28.98 73.80 13.20
CA VAL A 29 -29.60 72.51 12.93
C VAL A 29 -28.62 71.58 12.23
N GLY A 30 -27.89 72.09 11.24
CA GLY A 30 -26.89 71.27 10.57
C GLY A 30 -25.80 70.78 11.51
N VAL A 31 -25.28 71.68 12.35
CA VAL A 31 -24.22 71.30 13.29
C VAL A 31 -24.73 70.28 14.29
N LEU A 32 -25.96 70.46 14.79
CA LEU A 32 -26.53 69.51 15.73
C LEU A 32 -26.74 68.14 15.08
N VAL A 33 -27.19 68.11 13.83
CA VAL A 33 -27.36 66.84 13.12
C VAL A 33 -26.01 66.13 12.97
N LEU A 34 -24.99 66.88 12.56
CA LEU A 34 -23.65 66.28 12.42
C LEU A 34 -23.14 65.76 13.75
N ALA A 35 -23.31 66.53 14.83
CA ALA A 35 -22.83 66.11 16.13
C ALA A 35 -23.57 64.88 16.64
N LEU A 36 -24.90 64.84 16.44
CA LEU A 36 -25.67 63.67 16.86
C LEU A 36 -25.28 62.44 16.06
N THR A 37 -25.04 62.59 14.75
CA THR A 37 -24.57 61.47 13.95
C THR A 37 -23.22 60.98 14.42
N TRP A 38 -22.30 61.89 14.76
CA TRP A 38 -21.00 61.47 15.26
C TRP A 38 -21.11 60.78 16.62
N MET A 39 -21.98 61.28 17.50
CA MET A 39 -22.16 60.65 18.81
C MET A 39 -22.77 59.27 18.67
N GLN A 40 -23.75 59.11 17.78
CA GLN A 40 -24.33 57.79 17.53
C GLN A 40 -23.32 56.85 16.88
N PHE A 41 -22.42 57.39 16.07
CA PHE A 41 -21.37 56.57 15.47
C PHE A 41 -20.43 56.00 16.54
N ARG A 42 -20.11 56.80 17.55
CA ARG A 42 -19.20 56.39 18.61
C ARG A 42 -19.92 55.71 19.78
N GLY A 43 -21.23 55.59 19.73
CA GLY A 43 -21.97 54.95 20.81
C GLY A 43 -21.92 55.69 22.13
N GLN A 44 -22.04 57.02 22.09
CA GLN A 44 -21.96 57.81 23.31
C GLN A 44 -23.22 57.67 24.15
N PHE A 45 -24.36 57.40 23.53
CA PHE A 45 -25.62 57.38 24.26
C PHE A 45 -25.75 56.14 25.13
N GLU A 46 -25.68 54.96 24.52
CA GLU A 46 -25.77 53.72 25.28
C GLU A 46 -24.58 53.56 26.21
N ASP A 47 -24.85 53.04 27.41
CA ASP A 47 -23.85 52.97 28.47
C ASP A 47 -23.33 51.54 28.59
N LYS A 48 -22.02 51.43 28.83
CA LYS A 48 -21.38 50.14 29.01
C LYS A 48 -20.40 50.23 30.17
N VAL A 49 -20.12 49.09 30.78
CA VAL A 49 -19.21 49.00 31.92
C VAL A 49 -17.85 48.51 31.43
N GLN A 50 -16.79 49.03 32.04
CA GLN A 50 -15.42 48.73 31.63
C GLN A 50 -14.81 47.70 32.57
N LEU A 51 -14.29 46.62 31.99
CA LEU A 51 -13.65 45.55 32.74
C LEU A 51 -12.20 45.41 32.26
N THR A 52 -11.34 44.94 33.15
CA THR A 52 -9.92 44.78 32.86
C THR A 52 -9.55 43.31 32.98
N VAL A 53 -9.01 42.73 31.90
CA VAL A 53 -8.60 41.34 31.86
C VAL A 53 -7.09 41.31 31.62
N LEU A 54 -6.35 40.65 32.49
CA LEU A 54 -4.91 40.54 32.35
C LEU A 54 -4.54 39.14 31.89
N SER A 55 -3.51 39.06 31.06
CA SER A 55 -3.08 37.78 30.51
C SER A 55 -1.60 37.84 30.18
N GLY A 56 -1.01 36.66 29.97
CA GLY A 56 0.39 36.59 29.59
C GLY A 56 0.65 37.21 28.23
N ARG A 57 -0.21 36.92 27.25
CA ARG A 57 -0.12 37.51 25.93
C ARG A 57 -1.50 37.79 25.40
N ALA A 58 -1.60 38.81 24.55
CA ALA A 58 -2.90 39.21 24.00
C ALA A 58 -3.42 38.17 23.01
N GLY A 59 -2.53 37.61 22.19
CA GLY A 59 -2.94 36.70 21.14
C GLY A 59 -3.01 37.40 19.80
N LEU A 60 -2.57 36.73 18.75
CA LEU A 60 -2.62 37.31 17.42
C LEU A 60 -4.06 37.34 16.91
N SER A 61 -4.32 38.27 15.99
CA SER A 61 -5.66 38.51 15.47
C SER A 61 -6.63 38.89 16.58
N MET A 62 -6.13 39.60 17.58
CA MET A 62 -6.95 40.17 18.65
C MET A 62 -6.69 41.67 18.65
N ASP A 63 -7.65 42.41 18.13
CA ASP A 63 -7.57 43.85 17.95
C ASP A 63 -8.82 44.48 18.53
N PRO A 64 -8.80 45.80 18.82
CA PRO A 64 -10.00 46.47 19.31
C PRO A 64 -11.18 46.24 18.38
N GLY A 65 -12.34 45.98 18.99
CA GLY A 65 -13.51 45.54 18.26
C GLY A 65 -13.75 44.05 18.30
N SER A 66 -12.89 43.28 18.96
CA SER A 66 -13.10 41.85 19.09
C SER A 66 -14.25 41.57 20.06
N LYS A 67 -15.05 40.57 19.71
CA LYS A 67 -16.24 40.27 20.51
C LYS A 67 -15.85 39.65 21.85
N VAL A 68 -16.51 40.12 22.91
CA VAL A 68 -16.47 39.48 24.21
C VAL A 68 -17.75 38.68 24.37
N THR A 69 -17.63 37.42 24.77
CA THR A 69 -18.78 36.53 24.82
C THR A 69 -18.93 35.91 26.21
N PHE A 70 -20.17 35.63 26.57
CA PHE A 70 -20.52 34.81 27.72
C PHE A 70 -21.34 33.64 27.21
N ASN A 71 -20.93 32.42 27.60
CA ASN A 71 -21.57 31.17 27.16
C ASN A 71 -21.68 31.08 25.63
N GLY A 72 -20.85 31.84 24.91
CA GLY A 72 -20.83 31.81 23.47
C GLY A 72 -21.60 32.93 22.80
N VAL A 73 -22.32 33.75 23.55
CA VAL A 73 -23.09 34.84 22.94
C VAL A 73 -22.36 36.16 23.20
N PRO A 74 -22.31 37.06 22.22
CA PRO A 74 -21.65 38.35 22.46
C PRO A 74 -22.39 39.16 23.52
N ILE A 75 -21.62 39.80 24.40
CA ILE A 75 -22.16 40.63 25.47
C ILE A 75 -21.46 41.98 25.43
N GLY A 76 -20.43 42.10 24.62
CA GLY A 76 -19.68 43.33 24.55
C GLY A 76 -18.63 43.27 23.48
N ARG A 77 -17.65 44.17 23.58
CA ARG A 77 -16.56 44.22 22.63
C ARG A 77 -15.29 44.67 23.34
N LEU A 78 -14.16 44.35 22.72
CA LEU A 78 -12.86 44.75 23.25
C LEU A 78 -12.57 46.19 22.88
N ALA A 79 -12.18 46.99 23.87
CA ALA A 79 -11.93 48.40 23.65
C ALA A 79 -10.48 48.68 23.30
N SER A 80 -9.54 48.22 24.12
CA SER A 80 -8.13 48.50 23.90
C SER A 80 -7.27 47.40 24.51
N ILE A 81 -6.04 47.32 24.03
CA ILE A 81 -5.03 46.39 24.54
C ILE A 81 -3.76 47.17 24.83
N ASP A 82 -3.10 46.82 25.93
CA ASP A 82 -1.91 47.54 26.34
C ASP A 82 -0.92 46.57 26.97
N VAL A 83 0.34 47.01 27.07
CA VAL A 83 1.39 46.24 27.71
C VAL A 83 1.69 46.86 29.06
N VAL A 84 1.58 46.05 30.12
CA VAL A 84 1.76 46.51 31.49
C VAL A 84 2.90 45.71 32.11
N GLU A 85 3.81 46.41 32.78
CA GLU A 85 4.96 45.79 33.41
C GLU A 85 4.58 45.33 34.80
N VAL A 86 4.46 44.01 34.99
CA VAL A 86 4.16 43.42 36.29
C VAL A 86 5.36 42.60 36.70
N ASP A 87 5.91 42.90 37.87
CA ASP A 87 7.13 42.30 38.42
C ASP A 87 8.21 42.10 37.35
N ASP A 88 8.53 43.20 36.66
CA ASP A 88 9.55 43.23 35.62
C ASP A 88 9.27 42.20 34.51
N ASN A 89 8.01 42.10 34.12
CA ASN A 89 7.61 41.20 33.05
C ASN A 89 6.44 41.84 32.32
N PRO A 90 6.52 42.01 30.99
CA PRO A 90 5.39 42.57 30.25
C PRO A 90 4.24 41.58 30.15
N GLU A 91 3.02 42.09 30.37
CA GLU A 91 1.80 41.32 30.23
C GLU A 91 0.80 42.13 29.42
N ALA A 92 -0.22 41.45 28.92
CA ALA A 92 -1.26 42.09 28.11
C ALA A 92 -2.45 42.43 29.00
N ARG A 93 -2.95 43.66 28.85
CA ARG A 93 -4.12 44.14 29.57
C ARG A 93 -5.18 44.54 28.56
N LEU A 94 -6.36 43.95 28.66
CA LEU A 94 -7.46 44.17 27.75
C LEU A 94 -8.59 44.89 28.48
N THR A 95 -9.11 45.94 27.86
CA THR A 95 -10.25 46.66 28.40
C THR A 95 -11.50 46.28 27.61
N LEU A 96 -12.53 45.81 28.31
CA LEU A 96 -13.74 45.31 27.69
C LEU A 96 -14.91 46.24 28.05
N ASP A 97 -15.69 46.60 27.04
CA ASP A 97 -16.94 47.33 27.25
C ASP A 97 -18.09 46.35 27.17
N VAL A 98 -18.80 46.16 28.27
CA VAL A 98 -19.82 45.13 28.39
C VAL A 98 -21.16 45.79 28.73
N ASP A 99 -22.21 45.33 28.07
CA ASP A 99 -23.57 45.76 28.38
C ASP A 99 -23.94 45.31 29.78
N PRO A 100 -24.32 46.23 30.68
CA PRO A 100 -24.56 45.83 32.08
C PRO A 100 -25.79 44.94 32.29
N LYS A 101 -26.54 44.61 31.25
CA LYS A 101 -27.64 43.66 31.40
C LYS A 101 -27.13 42.29 31.82
N TYR A 102 -25.99 41.88 31.26
CA TYR A 102 -25.45 40.56 31.50
C TYR A 102 -24.50 40.49 32.69
N LEU A 103 -24.15 41.64 33.29
CA LEU A 103 -23.20 41.64 34.41
C LEU A 103 -23.75 40.86 35.60
N ASP A 104 -25.04 41.00 35.89
CA ASP A 104 -25.66 40.23 36.97
C ASP A 104 -25.73 38.74 36.65
N LEU A 105 -25.51 38.35 35.39
CA LEU A 105 -25.55 36.95 35.00
C LEU A 105 -24.18 36.29 35.03
N ILE A 106 -23.10 37.07 35.02
CA ILE A 106 -21.74 36.54 34.95
C ILE A 106 -21.25 36.32 36.37
N PRO A 107 -20.86 35.10 36.75
CA PRO A 107 -20.31 34.88 38.08
C PRO A 107 -18.96 35.53 38.26
N GLU A 108 -18.61 35.78 39.52
CA GLU A 108 -17.34 36.40 39.85
C GLU A 108 -16.15 35.53 39.43
N ASN A 109 -16.29 34.22 39.60
CA ASN A 109 -15.22 33.27 39.27
C ASN A 109 -15.28 32.78 37.83
N ALA A 110 -15.87 33.57 36.92
CA ALA A 110 -16.01 33.15 35.54
C ALA A 110 -14.64 32.96 34.89
N ASN A 111 -14.48 31.83 34.21
CA ASN A 111 -13.25 31.55 33.48
C ASN A 111 -13.19 32.39 32.21
N VAL A 112 -12.00 32.92 31.92
CA VAL A 112 -11.76 33.79 30.78
C VAL A 112 -10.74 33.12 29.88
N GLU A 113 -11.04 33.04 28.59
CA GLU A 113 -10.10 32.49 27.63
C GLU A 113 -10.07 33.35 26.37
N LEU A 114 -8.88 33.54 25.82
CA LEU A 114 -8.71 34.27 24.56
C LEU A 114 -8.69 33.22 23.45
N ARG A 115 -9.87 32.86 22.97
CA ARG A 115 -10.03 31.75 22.05
C ARG A 115 -10.08 32.22 20.61
N ALA A 116 -9.96 31.27 19.70
CA ALA A 116 -9.97 31.53 18.27
C ALA A 116 -11.31 31.11 17.67
N THR A 117 -11.82 31.93 16.75
CA THR A 117 -13.09 31.64 16.11
C THR A 117 -12.94 30.54 15.06
N THR A 118 -12.17 30.81 14.02
CA THR A 118 -11.90 29.88 12.93
C THR A 118 -10.41 29.87 12.67
N VAL A 119 -9.99 29.03 11.71
CA VAL A 119 -8.58 29.00 11.35
C VAL A 119 -8.16 30.30 10.68
N PHE A 120 -9.06 30.91 9.90
CA PHE A 120 -8.78 32.17 9.23
C PHE A 120 -9.23 33.39 10.03
N GLY A 121 -10.20 33.24 10.92
CA GLY A 121 -10.79 34.36 11.60
C GLY A 121 -9.92 34.89 12.73
N ASN A 122 -10.50 35.87 13.44
CA ASN A 122 -9.81 36.53 14.54
C ASN A 122 -10.16 35.87 15.86
N LYS A 123 -9.64 36.40 16.96
CA LYS A 123 -9.86 35.85 18.28
C LYS A 123 -10.95 36.62 19.03
N TYR A 124 -11.49 35.98 20.06
CA TYR A 124 -12.52 36.57 20.89
C TYR A 124 -12.30 36.19 22.35
N ILE A 125 -12.75 37.06 23.24
CA ILE A 125 -12.69 36.81 24.68
C ILE A 125 -13.93 36.02 25.07
N SER A 126 -13.74 34.87 25.70
CA SER A 126 -14.82 33.98 26.08
C SER A 126 -14.90 33.88 27.59
N PHE A 127 -16.09 34.16 28.13
CA PHE A 127 -16.38 34.00 29.55
C PHE A 127 -17.26 32.78 29.75
N LEU A 128 -16.94 31.96 30.74
CA LEU A 128 -17.72 30.78 31.05
C LEU A 128 -17.93 30.69 32.56
N SER A 129 -18.98 29.99 32.95
CA SER A 129 -19.25 29.79 34.37
C SER A 129 -18.41 28.65 34.92
N PRO A 130 -17.79 28.82 36.08
CA PRO A 130 -16.94 27.77 36.63
C PRO A 130 -17.76 26.64 37.24
N LYS A 131 -17.05 25.65 37.79
CA LYS A 131 -17.72 24.52 38.43
C LYS A 131 -18.50 24.96 39.67
N ASN A 132 -17.94 25.88 40.44
CA ASN A 132 -18.59 26.42 41.64
C ASN A 132 -18.64 27.93 41.53
N PRO A 133 -19.66 28.46 40.83
CA PRO A 133 -19.75 29.91 40.67
C PRO A 133 -19.97 30.63 42.00
N SER A 134 -19.41 31.82 42.10
CA SER A 134 -19.51 32.61 43.30
C SER A 134 -20.83 33.38 43.36
N ALA A 135 -21.24 33.72 44.58
CA ALA A 135 -22.43 34.56 44.75
C ALA A 135 -22.18 35.99 44.29
N GLU A 136 -20.95 36.47 44.43
CA GLU A 136 -20.59 37.79 43.95
C GLU A 136 -20.64 37.83 42.43
N ARG A 137 -20.90 39.02 41.88
CA ARG A 137 -21.07 39.20 40.45
C ARG A 137 -19.93 40.04 39.87
N LEU A 138 -19.65 39.81 38.60
CA LEU A 138 -18.56 40.50 37.91
C LEU A 138 -18.87 41.99 37.80
N SER A 139 -17.85 42.81 38.02
CA SER A 139 -18.01 44.26 37.97
C SER A 139 -16.68 44.88 37.58
N ALA A 140 -16.68 46.22 37.48
CA ALA A 140 -15.50 46.94 37.02
C ALA A 140 -14.33 46.84 37.99
N SER A 141 -14.59 46.60 39.27
CA SER A 141 -13.55 46.61 40.29
C SER A 141 -13.00 45.23 40.61
N THR A 142 -13.44 44.19 39.90
CA THR A 142 -13.00 42.84 40.19
C THR A 142 -11.80 42.47 39.33
N PRO A 143 -10.65 42.15 39.93
CA PRO A 143 -9.50 41.71 39.12
C PRO A 143 -9.74 40.31 38.57
N ILE A 144 -9.56 40.17 37.26
CA ILE A 144 -9.82 38.90 36.58
C ILE A 144 -8.65 38.59 35.66
N ARG A 145 -8.50 37.31 35.36
CA ARG A 145 -7.37 36.82 34.58
C ARG A 145 -7.85 35.85 33.52
N ALA A 146 -7.08 35.72 32.44
CA ALA A 146 -7.37 34.78 31.37
C ALA A 146 -6.68 33.45 31.67
N GLN A 147 -7.45 32.37 31.65
CA GLN A 147 -6.89 31.06 31.98
C GLN A 147 -5.92 30.58 30.91
N GLY A 148 -6.19 30.88 29.65
CA GLY A 148 -5.31 30.45 28.58
C GLY A 148 -5.60 31.18 27.30
N VAL A 149 -4.61 31.15 26.41
CA VAL A 149 -4.69 31.72 25.07
C VAL A 149 -4.41 30.59 24.08
N THR A 150 -5.24 30.48 23.05
CA THR A 150 -5.06 29.42 22.07
C THR A 150 -3.74 29.61 21.33
N THR A 151 -3.08 28.49 21.02
CA THR A 151 -1.75 28.54 20.43
C THR A 151 -1.82 29.09 19.00
N GLU A 152 -0.82 29.90 18.66
CA GLU A 152 -0.75 30.49 17.33
C GLU A 152 -0.27 29.45 16.32
N PHE A 153 -0.57 29.73 15.04
CA PHE A 153 -0.11 28.84 13.98
C PHE A 153 1.41 28.87 13.83
N ASN A 154 2.07 29.93 14.28
CA ASN A 154 3.53 29.98 14.21
C ASN A 154 4.15 28.87 15.07
N THR A 155 3.64 28.69 16.29
CA THR A 155 4.17 27.65 17.17
C THR A 155 3.90 26.26 16.59
N LEU A 156 2.71 26.04 16.05
CA LEU A 156 2.40 24.75 15.44
C LEU A 156 3.30 24.47 14.25
N PHE A 157 3.52 25.48 13.40
CA PHE A 157 4.40 25.30 12.25
C PHE A 157 5.84 25.02 12.69
N GLU A 158 6.29 25.71 13.74
CA GLU A 158 7.64 25.47 14.25
C GLU A 158 7.78 24.05 14.79
N THR A 159 6.77 23.56 15.51
CA THR A 159 6.82 22.20 16.04
C THR A 159 6.81 21.18 14.92
N ILE A 160 5.97 21.37 13.89
CA ILE A 160 5.92 20.44 12.77
C ILE A 160 7.24 20.46 12.01
N THR A 161 7.84 21.64 11.86
CA THR A 161 9.13 21.73 11.19
C THR A 161 10.22 21.01 11.98
N ALA A 162 10.21 21.16 13.31
CA ALA A 162 11.18 20.47 14.15
C ALA A 162 11.02 18.96 14.03
N ILE A 163 9.79 18.48 13.97
CA ILE A 163 9.57 17.05 13.81
C ILE A 163 10.00 16.59 12.42
N SER A 164 9.74 17.40 11.39
CA SER A 164 10.02 16.99 10.02
C SER A 164 11.50 17.01 9.70
N GLU A 165 12.30 17.83 10.36
CA GLU A 165 13.72 17.80 10.07
C GLU A 165 14.33 16.49 10.52
N GLN A 166 13.79 15.91 11.60
CA GLN A 166 14.27 14.65 12.13
C GLN A 166 14.04 13.49 11.20
N VAL A 167 12.89 13.47 10.54
CA VAL A 167 12.59 12.38 9.62
C VAL A 167 13.31 12.61 8.32
N ASP A 168 14.07 11.61 7.88
CA ASP A 168 14.82 11.69 6.65
C ASP A 168 14.14 10.78 5.65
N PRO A 169 13.75 11.33 4.50
CA PRO A 169 13.06 10.58 3.46
C PRO A 169 13.91 9.43 2.93
N ILE A 170 15.21 9.64 2.81
CA ILE A 170 16.12 8.61 2.33
C ILE A 170 16.16 7.38 3.23
N LYS A 171 16.37 7.58 4.54
CA LYS A 171 16.45 6.45 5.46
C LYS A 171 15.08 5.85 5.73
N LEU A 172 14.06 6.69 5.88
CA LEU A 172 12.71 6.19 6.04
C LEU A 172 12.27 5.39 4.82
N ASN A 173 12.60 5.89 3.62
CA ASN A 173 12.23 5.20 2.40
C ASN A 173 12.88 3.83 2.31
N GLU A 174 14.18 3.75 2.63
CA GLU A 174 14.85 2.45 2.52
C GLU A 174 14.37 1.48 3.60
N THR A 175 14.11 1.98 4.82
CA THR A 175 13.56 1.13 5.87
C THR A 175 12.19 0.56 5.48
N LEU A 176 11.30 1.43 5.01
CA LEU A 176 9.97 0.98 4.61
C LEU A 176 10.03 0.06 3.40
N THR A 177 10.95 0.32 2.47
CA THR A 177 11.12 -0.55 1.32
C THR A 177 11.56 -1.95 1.74
N ALA A 178 12.53 -2.02 2.67
CA ALA A 178 12.96 -3.32 3.17
C ALA A 178 11.84 -4.04 3.87
N ALA A 179 11.07 -3.34 4.71
CA ALA A 179 9.98 -4.00 5.43
C ALA A 179 8.90 -4.50 4.47
N ALA A 180 8.59 -3.71 3.43
CA ALA A 180 7.57 -4.11 2.49
C ALA A 180 8.03 -5.28 1.63
N GLN A 181 9.30 -5.29 1.24
CA GLN A 181 9.80 -6.44 0.49
C GLN A 181 9.85 -7.67 1.40
N ALA A 182 10.08 -7.45 2.69
CA ALA A 182 10.13 -8.54 3.65
C ALA A 182 8.79 -9.25 3.75
N LEU A 183 7.70 -8.48 3.78
CA LEU A 183 6.41 -9.07 4.10
C LEU A 183 5.50 -9.28 2.89
N ASP A 184 5.89 -8.80 1.71
CA ASP A 184 5.01 -8.76 0.55
C ASP A 184 4.54 -10.15 0.13
N GLY A 185 3.26 -10.45 0.33
CA GLY A 185 2.68 -11.71 -0.08
C GLY A 185 2.91 -12.88 0.85
N LEU A 186 3.49 -12.65 2.03
CA LEU A 186 3.87 -13.74 2.92
C LEU A 186 3.28 -13.61 4.33
N GLY A 187 2.44 -12.61 4.57
CA GLY A 187 1.88 -12.45 5.90
C GLY A 187 0.98 -13.60 6.32
N ASP A 188 0.08 -14.01 5.44
CA ASP A 188 -0.78 -15.16 5.74
C ASP A 188 0.05 -16.43 5.87
N LYS A 189 1.04 -16.60 4.99
CA LYS A 189 1.95 -17.74 5.10
C LYS A 189 2.69 -17.73 6.43
N PHE A 190 3.17 -16.55 6.86
CA PHE A 190 3.91 -16.45 8.11
C PHE A 190 3.02 -16.78 9.31
N GLY A 191 1.78 -16.31 9.30
CA GLY A 191 0.87 -16.66 10.39
C GLY A 191 0.53 -18.14 10.42
N ARG A 192 0.28 -18.73 9.24
CA ARG A 192 0.05 -20.16 9.17
C ARG A 192 1.27 -20.94 9.65
N SER A 193 2.47 -20.43 9.36
CA SER A 193 3.68 -21.07 9.83
C SER A 193 3.83 -20.98 11.34
N ILE A 194 3.40 -19.85 11.93
CA ILE A 194 3.43 -19.73 13.38
C ILE A 194 2.46 -20.75 14.00
N VAL A 195 1.28 -20.91 13.41
CA VAL A 195 0.34 -21.93 13.90
C VAL A 195 0.93 -23.33 13.76
N ASP A 196 1.56 -23.61 12.62
CA ASP A 196 2.18 -24.91 12.40
C ASP A 196 3.29 -25.16 13.41
N GLY A 197 4.12 -24.15 13.68
CA GLY A 197 5.14 -24.28 14.70
C GLY A 197 4.57 -24.47 16.09
N ASN A 198 3.43 -23.85 16.36
CA ASN A 198 2.73 -24.09 17.63
C ASN A 198 2.34 -25.56 17.75
N ALA A 199 1.80 -26.14 16.68
CA ALA A 199 1.47 -27.57 16.70
C ALA A 199 2.73 -28.43 16.84
N ILE A 200 3.80 -28.07 16.14
CA ILE A 200 5.05 -28.83 16.21
C ILE A 200 5.61 -28.82 17.63
N LEU A 201 5.62 -27.65 18.26
CA LEU A 201 6.11 -27.57 19.64
C LEU A 201 5.19 -28.32 20.60
N ALA A 202 3.87 -28.25 20.38
CA ALA A 202 2.95 -29.01 21.21
C ALA A 202 3.17 -30.51 21.08
N ASP A 203 3.67 -30.96 19.94
CA ASP A 203 3.96 -32.38 19.77
C ASP A 203 5.38 -32.76 20.19
N VAL A 204 6.30 -31.81 20.22
CA VAL A 204 7.71 -32.10 20.52
C VAL A 204 8.03 -31.96 22.00
N ASN A 205 7.53 -30.90 22.65
CA ASN A 205 7.83 -30.68 24.06
C ASN A 205 7.48 -31.85 24.98
N PRO A 206 6.34 -32.53 24.84
CA PRO A 206 6.11 -33.71 25.70
C PRO A 206 7.14 -34.81 25.53
N ARG A 207 7.80 -34.89 24.38
CA ARG A 207 8.80 -35.91 24.10
C ARG A 207 10.23 -35.43 24.35
N MET A 208 10.40 -34.46 25.22
CA MET A 208 11.73 -33.90 25.47
C MET A 208 12.63 -34.82 26.31
N PRO A 209 12.12 -35.55 27.32
CA PRO A 209 12.99 -36.55 27.96
C PRO A 209 13.55 -37.57 26.98
N GLN A 210 12.74 -37.97 26.01
CA GLN A 210 13.22 -38.88 24.99
C GLN A 210 14.29 -38.23 24.11
N ILE A 211 14.15 -36.94 23.83
CA ILE A 211 15.18 -36.21 23.08
C ILE A 211 16.49 -36.18 23.86
N ARG A 212 16.40 -35.90 25.16
CA ARG A 212 17.60 -35.89 26.01
C ARG A 212 18.26 -37.27 26.05
N ARG A 213 17.44 -38.32 26.17
CA ARG A 213 17.96 -39.68 26.13
C ARG A 213 18.67 -39.96 24.80
N ASP A 214 18.05 -39.54 23.70
CA ASP A 214 18.65 -39.77 22.38
C ASP A 214 19.98 -39.04 22.24
N ILE A 215 20.06 -37.80 22.71
CA ILE A 215 21.31 -37.04 22.57
C ILE A 215 22.41 -37.66 23.43
N THR A 216 22.10 -38.00 24.67
CA THR A 216 23.10 -38.61 25.55
C THR A 216 23.56 -39.96 25.00
N GLY A 217 22.62 -40.78 24.52
CA GLY A 217 22.99 -42.04 23.92
C GLY A 217 23.83 -41.87 22.67
N LEU A 218 23.52 -40.84 21.87
CA LEU A 218 24.29 -40.57 20.67
C LEU A 218 25.74 -40.22 21.03
N ALA A 219 25.92 -39.39 22.06
CA ALA A 219 27.26 -39.05 22.51
C ALA A 219 28.02 -40.29 22.97
N ASN A 220 27.37 -41.11 23.80
CA ASN A 220 28.02 -42.32 24.31
C ASN A 220 28.36 -43.30 23.19
N LEU A 221 27.45 -43.47 22.24
CA LEU A 221 27.69 -44.38 21.12
C LEU A 221 28.80 -43.87 20.22
N GLY A 222 28.87 -42.56 20.01
CA GLY A 222 29.99 -42.00 19.28
C GLY A 222 31.31 -42.27 19.97
N GLU A 223 31.35 -42.11 21.29
CA GLU A 223 32.57 -42.41 22.03
C GLU A 223 32.97 -43.87 21.87
N VAL A 224 31.99 -44.78 22.00
CA VAL A 224 32.30 -46.21 21.90
C VAL A 224 32.78 -46.57 20.51
N TYR A 225 32.12 -46.04 19.47
CA TYR A 225 32.54 -46.31 18.10
C TYR A 225 33.92 -45.74 17.81
N ALA A 226 34.20 -44.53 18.30
CA ALA A 226 35.51 -43.94 18.10
C ALA A 226 36.60 -44.72 18.84
N ASP A 227 36.26 -45.35 19.96
CA ASP A 227 37.23 -46.19 20.64
C ASP A 227 37.44 -47.51 19.91
N ALA A 228 36.40 -48.06 19.29
CA ALA A 228 36.48 -49.37 18.67
C ALA A 228 36.79 -49.33 17.17
N SER A 229 36.90 -48.14 16.58
CA SER A 229 37.04 -48.02 15.13
C SER A 229 38.40 -48.40 14.55
N PRO A 230 39.55 -48.02 15.14
CA PRO A 230 40.83 -48.39 14.49
C PRO A 230 41.02 -49.87 14.31
N ASP A 231 40.65 -50.67 15.32
CA ASP A 231 40.72 -52.11 15.20
C ASP A 231 39.79 -52.62 14.11
N LEU A 232 38.57 -52.06 14.05
CA LEU A 232 37.62 -52.47 13.04
C LEU A 232 38.16 -52.20 11.64
N PHE A 233 38.78 -51.04 11.43
CA PHE A 233 39.25 -50.71 10.09
C PHE A 233 40.52 -51.46 9.70
N ASP A 234 41.42 -51.73 10.65
CA ASP A 234 42.54 -52.60 10.33
C ASP A 234 42.06 -54.01 9.99
N GLY A 235 41.10 -54.53 10.75
CA GLY A 235 40.50 -55.80 10.42
C GLY A 235 39.81 -55.78 9.08
N LEU A 236 39.20 -54.66 8.72
CA LEU A 236 38.54 -54.54 7.42
C LEU A 236 39.56 -54.52 6.29
N ASP A 237 40.72 -53.90 6.51
CA ASP A 237 41.79 -53.93 5.50
C ASP A 237 42.26 -55.36 5.25
N ASN A 238 42.60 -56.07 6.33
CA ASN A 238 43.08 -57.44 6.14
C ASN A 238 41.97 -58.37 5.65
N ALA A 239 40.73 -58.08 6.03
CA ALA A 239 39.59 -58.82 5.51
C ALA A 239 39.35 -58.53 4.04
N VAL A 240 39.68 -57.31 3.59
CA VAL A 240 39.65 -57.00 2.16
C VAL A 240 40.67 -57.84 1.43
N THR A 241 41.87 -57.97 2.01
CA THR A 241 42.89 -58.83 1.40
C THR A 241 42.41 -60.27 1.26
N THR A 242 41.92 -60.86 2.36
CA THR A 242 41.48 -62.26 2.28
C THR A 242 40.20 -62.42 1.47
N ALA A 243 39.37 -61.38 1.38
CA ALA A 243 38.17 -61.45 0.56
C ALA A 243 38.52 -61.39 -0.92
N ARG A 244 39.53 -60.60 -1.27
CA ARG A 244 40.07 -60.64 -2.63
C ARG A 244 40.59 -62.02 -2.96
N THR A 245 41.31 -62.64 -2.01
CA THR A 245 41.79 -64.00 -2.21
C THR A 245 40.64 -64.97 -2.43
N LEU A 246 39.59 -64.87 -1.62
CA LEU A 246 38.45 -65.76 -1.74
C LEU A 246 37.72 -65.54 -3.07
N ASN A 247 37.60 -64.29 -3.51
CA ASN A 247 36.94 -64.00 -4.78
C ASN A 247 37.74 -64.54 -5.96
N GLU A 248 39.08 -64.46 -5.90
CA GLU A 248 39.89 -64.96 -7.00
C GLU A 248 39.80 -66.48 -7.16
N GLN A 249 39.35 -67.20 -6.13
CA GLN A 249 39.27 -68.66 -6.17
C GLN A 249 37.88 -69.14 -5.77
N ARG A 250 36.84 -68.53 -6.34
CA ARG A 250 35.47 -68.95 -6.03
C ARG A 250 35.21 -70.37 -6.52
N GLY A 251 35.70 -70.71 -7.72
CA GLY A 251 35.51 -72.05 -8.24
C GLY A 251 36.17 -73.11 -7.38
N ASN A 252 37.38 -72.83 -6.90
CA ASN A 252 38.06 -73.76 -6.02
C ASN A 252 37.27 -73.98 -4.73
N LEU A 253 36.74 -72.90 -4.16
CA LEU A 253 35.95 -73.02 -2.93
C LEU A 253 34.69 -73.85 -3.16
N ASP A 254 33.98 -73.60 -4.26
CA ASP A 254 32.76 -74.36 -4.54
C ASP A 254 33.07 -75.84 -4.79
N GLN A 255 34.14 -76.13 -5.54
CA GLN A 255 34.53 -77.52 -5.76
C GLN A 255 34.93 -78.18 -4.45
N ALA A 256 35.62 -77.45 -3.57
CA ALA A 256 35.97 -77.98 -2.27
C ALA A 256 34.74 -78.29 -1.44
N LEU A 257 33.72 -77.43 -1.50
CA LEU A 257 32.49 -77.70 -0.76
C LEU A 257 31.78 -78.94 -1.29
N VAL A 258 31.70 -79.08 -2.62
CA VAL A 258 31.03 -80.26 -3.19
C VAL A 258 31.80 -81.54 -2.84
N ALA A 259 33.13 -81.49 -2.94
CA ALA A 259 33.94 -82.64 -2.57
C ALA A 259 33.82 -82.96 -1.10
N ALA A 260 33.69 -81.92 -0.26
CA ALA A 260 33.47 -82.14 1.16
C ALA A 260 32.13 -82.82 1.41
N VAL A 261 31.09 -82.43 0.68
CA VAL A 261 29.79 -83.10 0.81
C VAL A 261 29.95 -84.58 0.49
N GLY A 262 30.55 -84.89 -0.65
CA GLY A 262 30.66 -86.28 -1.06
C GLY A 262 31.50 -87.11 -0.11
N PHE A 263 32.68 -86.59 0.26
CA PHE A 263 33.56 -87.31 1.17
C PHE A 263 32.94 -87.48 2.55
N GLY A 264 32.27 -86.44 3.05
CA GLY A 264 31.60 -86.55 4.33
C GLY A 264 30.52 -87.62 4.33
N ASN A 265 29.69 -87.64 3.29
CA ASN A 265 28.65 -88.67 3.21
C ASN A 265 29.26 -90.06 3.15
N THR A 266 30.27 -90.25 2.30
CA THR A 266 30.86 -91.58 2.14
C THR A 266 31.54 -92.05 3.43
N GLY A 267 32.39 -91.20 4.01
CA GLY A 267 33.08 -91.56 5.22
C GLY A 267 32.13 -91.75 6.40
N GLY A 268 31.07 -90.93 6.46
CA GLY A 268 30.10 -91.10 7.52
C GLY A 268 29.35 -92.40 7.43
N ASP A 269 28.96 -92.80 6.22
CA ASP A 269 28.32 -94.09 6.04
C ASP A 269 29.26 -95.23 6.44
N ILE A 270 30.52 -95.14 6.00
CA ILE A 270 31.49 -96.20 6.32
C ILE A 270 31.71 -96.30 7.82
N PHE A 271 31.89 -95.16 8.49
CA PHE A 271 32.15 -95.19 9.92
C PHE A 271 30.92 -95.62 10.71
N GLU A 272 29.72 -95.19 10.30
CA GLU A 272 28.51 -95.66 10.96
C GLU A 272 28.37 -97.17 10.84
N ARG A 273 28.68 -97.73 9.68
CA ARG A 273 28.54 -99.17 9.53
C ARG A 273 29.65 -99.93 10.26
N GLY A 274 30.87 -99.41 10.29
CA GLY A 274 31.99 -100.18 10.81
C GLY A 274 32.74 -99.61 11.99
N GLY A 275 32.09 -98.75 12.78
CA GLY A 275 32.69 -98.22 13.97
C GLY A 275 32.41 -99.02 15.23
N PRO A 276 31.14 -99.35 15.48
CA PRO A 276 30.85 -100.25 16.61
C PRO A 276 31.57 -101.58 16.50
N TYR A 277 31.70 -102.12 15.29
CA TYR A 277 32.43 -103.38 15.10
C TYR A 277 33.88 -103.23 15.57
N LEU A 278 34.55 -102.15 15.15
CA LEU A 278 35.94 -101.95 15.55
C LEU A 278 36.05 -101.72 17.05
N VAL A 279 35.13 -100.95 17.64
CA VAL A 279 35.20 -100.66 19.07
C VAL A 279 35.04 -101.94 19.89
N ARG A 280 34.03 -102.75 19.55
CA ARG A 280 33.81 -103.96 20.33
C ARG A 280 34.86 -105.02 20.03
N GLY A 281 35.44 -105.03 18.83
CA GLY A 281 36.55 -105.92 18.58
C GLY A 281 37.77 -105.56 19.40
N ALA A 282 38.09 -104.28 19.48
CA ALA A 282 39.20 -103.85 20.32
C ALA A 282 38.91 -104.05 21.80
N GLN A 283 37.63 -104.06 22.18
CA GLN A 283 37.27 -104.36 23.57
C GLN A 283 37.44 -105.85 23.87
N ASP A 284 37.03 -106.71 22.93
CA ASP A 284 37.13 -108.15 23.12
C ASP A 284 38.53 -108.70 22.91
N LEU A 285 39.43 -107.93 22.29
CA LEU A 285 40.78 -108.40 22.06
C LEU A 285 41.69 -108.25 23.28
N LEU A 286 41.25 -107.54 24.32
CA LEU A 286 42.11 -107.36 25.49
C LEU A 286 42.50 -108.67 26.17
N PRO A 287 41.59 -109.59 26.52
CA PRO A 287 42.03 -110.83 27.16
C PRO A 287 42.92 -111.69 26.27
N THR A 288 42.59 -111.79 24.97
CA THR A 288 43.40 -112.59 24.08
C THR A 288 44.77 -111.96 23.83
N SER A 289 44.82 -110.63 23.75
CA SER A 289 46.13 -109.97 23.64
C SER A 289 46.98 -110.20 24.87
N ALA A 290 46.38 -110.13 26.06
CA ALA A 290 47.12 -110.42 27.28
C ALA A 290 47.59 -111.88 27.30
N LEU A 291 46.74 -112.81 26.86
CA LEU A 291 47.12 -114.21 26.82
C LEU A 291 48.27 -114.46 25.86
N LEU A 292 48.21 -113.86 24.66
CA LEU A 292 49.30 -114.01 23.70
C LEU A 292 50.58 -113.39 24.20
N ASP A 293 50.48 -112.24 24.89
CA ASP A 293 51.66 -111.60 25.46
C ASP A 293 52.27 -112.44 26.57
N GLU A 294 51.43 -113.14 27.34
CA GLU A 294 51.93 -113.93 28.46
C GLU A 294 52.82 -115.07 27.99
N TYR A 295 52.48 -115.69 26.85
CA TYR A 295 53.18 -116.86 26.34
C TYR A 295 54.06 -116.53 25.14
N SER A 296 54.56 -115.30 25.08
CA SER A 296 55.61 -114.97 24.12
C SER A 296 56.89 -115.75 24.31
N PRO A 297 57.43 -115.97 25.53
CA PRO A 297 58.72 -116.65 25.64
C PRO A 297 58.74 -118.07 25.08
N ALA A 298 57.58 -118.69 24.88
CA ALA A 298 57.50 -120.03 24.31
C ALA A 298 57.15 -120.02 22.83
N LEU A 299 57.34 -118.89 22.15
CA LEU A 299 56.94 -118.75 20.75
C LEU A 299 58.08 -119.05 19.79
N PHE A 300 59.22 -118.37 19.96
CA PHE A 300 60.35 -118.61 19.07
C PHE A 300 60.89 -120.02 19.22
N CYS A 301 61.04 -120.49 20.46
CA CYS A 301 61.63 -121.81 20.70
C CYS A 301 60.72 -122.92 20.18
N THR A 302 59.40 -122.77 20.34
CA THR A 302 58.48 -123.79 19.85
C THR A 302 58.56 -123.91 18.33
N ILE A 303 58.53 -122.78 17.63
CA ILE A 303 58.59 -122.79 16.17
C ILE A 303 59.93 -123.35 15.69
N ARG A 304 61.02 -122.93 16.34
CA ARG A 304 62.34 -123.43 15.99
C ARG A 304 62.43 -124.95 16.18
N ASN A 305 61.91 -125.45 17.31
CA ASN A 305 62.00 -126.87 17.60
C ASN A 305 61.13 -127.68 16.66
N TYR A 306 59.94 -127.18 16.31
CA TYR A 306 59.11 -127.88 15.34
C TYR A 306 59.73 -127.86 13.95
N HIS A 307 60.38 -126.76 13.60
CA HIS A 307 61.10 -126.72 12.33
C HIS A 307 62.24 -127.73 12.30
N ASP A 308 62.97 -127.83 13.41
CA ASP A 308 64.06 -128.81 13.49
C ASP A 308 63.54 -130.24 13.42
N ALA A 309 62.42 -130.50 14.10
CA ALA A 309 61.89 -131.87 14.17
C ALA A 309 61.06 -132.26 12.95
N ALA A 310 60.67 -131.31 12.11
CA ALA A 310 59.88 -131.65 10.92
C ALA A 310 60.62 -132.60 9.97
N PRO A 311 61.89 -132.37 9.58
CA PRO A 311 62.56 -133.37 8.75
C PRO A 311 62.74 -134.72 9.44
N LYS A 312 62.99 -134.70 10.75
CA LYS A 312 63.18 -135.96 11.48
C LYS A 312 61.91 -136.79 11.50
N LEU A 313 60.75 -136.14 11.72
CA LEU A 313 59.50 -136.88 11.67
C LEU A 313 59.06 -137.21 10.25
N ALA A 314 59.51 -136.45 9.25
CA ALA A 314 59.19 -136.77 7.87
C ALA A 314 60.00 -137.94 7.34
N GLY A 315 61.24 -138.07 7.79
CA GLY A 315 62.07 -139.20 7.36
C GLY A 315 61.49 -140.53 7.79
N ALA A 316 60.85 -140.59 8.95
CA ALA A 316 60.24 -141.83 9.40
C ALA A 316 59.14 -142.29 8.44
N LEU A 317 58.29 -141.36 8.00
CA LEU A 317 57.21 -141.73 7.10
C LEU A 317 57.68 -141.96 5.68
N GLY A 318 58.71 -141.24 5.23
CA GLY A 318 59.10 -141.29 3.84
C GLY A 318 60.30 -142.16 3.49
N GLY A 319 61.01 -142.67 4.50
CA GLY A 319 62.20 -143.46 4.22
C GLY A 319 61.88 -144.73 3.46
N ASN A 320 60.87 -145.47 3.91
CA ASN A 320 60.42 -146.63 3.15
C ASN A 320 59.58 -146.22 1.94
N GLY A 321 58.85 -145.12 2.05
CA GLY A 321 57.94 -144.69 1.01
C GLY A 321 56.61 -145.41 0.99
N TYR A 322 56.40 -146.37 1.90
CA TYR A 322 55.15 -147.11 1.94
C TYR A 322 54.66 -147.41 3.35
N SER A 323 55.34 -146.93 4.39
CA SER A 323 54.98 -147.31 5.74
C SER A 323 55.60 -146.30 6.71
N LEU A 324 55.54 -146.65 8.00
CA LEU A 324 56.12 -145.86 9.07
C LEU A 324 57.00 -146.76 9.93
N LEU A 325 58.23 -146.32 10.18
CA LEU A 325 59.22 -147.14 10.86
C LEU A 325 59.16 -146.87 12.36
N THR A 326 58.82 -147.89 13.14
CA THR A 326 58.64 -147.75 14.58
C THR A 326 59.47 -148.79 15.32
N ASN A 327 60.00 -148.40 16.47
CA ASN A 327 60.70 -149.30 17.38
C ASN A 327 59.73 -149.69 18.50
N SER A 328 59.43 -150.98 18.61
CA SER A 328 58.41 -151.47 19.51
C SER A 328 59.04 -152.34 20.59
N LEU A 329 58.76 -152.01 21.85
CA LEU A 329 59.13 -152.82 22.99
C LEU A 329 57.93 -152.92 23.93
N VAL A 330 57.67 -154.12 24.46
CA VAL A 330 56.53 -154.32 25.33
C VAL A 330 56.78 -153.60 26.65
N VAL A 331 55.70 -153.08 27.24
CA VAL A 331 55.77 -152.26 28.45
C VAL A 331 54.47 -152.45 29.23
N GLY A 332 54.44 -151.96 30.47
CA GLY A 332 53.24 -151.97 31.27
C GLY A 332 52.46 -150.67 31.14
N VAL A 333 51.14 -150.78 31.17
CA VAL A 333 50.23 -149.64 30.99
C VAL A 333 49.73 -149.19 32.36
N GLY A 334 49.55 -147.89 32.50
CA GLY A 334 49.02 -147.34 33.72
C GLY A 334 47.55 -147.66 33.93
N ASN A 335 47.08 -147.35 35.12
CA ASN A 335 45.70 -147.65 35.47
C ASN A 335 44.74 -146.78 34.65
N PRO A 336 43.59 -147.31 34.26
CA PRO A 336 42.64 -146.53 33.44
C PRO A 336 42.15 -145.29 34.19
N TYR A 337 41.71 -144.32 33.42
CA TYR A 337 41.17 -143.09 34.00
C TYR A 337 39.88 -143.38 34.75
N VAL A 338 39.79 -142.90 35.99
CA VAL A 338 38.60 -143.13 36.80
C VAL A 338 37.51 -142.13 36.40
N TYR A 339 36.27 -142.46 36.75
CA TYR A 339 35.13 -141.70 36.25
C TYR A 339 35.12 -140.26 36.75
N PRO A 340 34.92 -139.96 38.06
CA PRO A 340 34.74 -138.57 38.44
C PRO A 340 36.04 -137.77 38.51
N ASP A 341 37.13 -138.35 39.01
CA ASP A 341 38.36 -137.55 39.13
C ASP A 341 39.17 -137.29 37.88
N ASN A 342 39.12 -138.21 36.93
CA ASN A 342 39.92 -138.07 35.72
C ASN A 342 39.24 -137.35 34.58
N LEU A 343 38.04 -136.85 34.79
CA LEU A 343 37.31 -136.10 33.76
C LEU A 343 38.11 -134.85 33.42
N PRO A 344 38.10 -134.47 32.14
CA PRO A 344 38.89 -133.37 31.56
C PRO A 344 38.67 -131.98 32.07
N ARG A 345 39.76 -131.25 32.24
CA ARG A 345 39.77 -129.86 32.67
C ARG A 345 40.54 -129.06 31.61
N VAL A 346 40.30 -127.76 31.56
CA VAL A 346 40.91 -126.88 30.58
C VAL A 346 41.58 -125.75 31.36
N ASN A 347 42.10 -126.07 32.54
CA ASN A 347 42.71 -125.07 33.42
C ASN A 347 44.23 -125.06 33.32
N ALA A 348 44.80 -125.56 32.23
CA ALA A 348 46.25 -125.59 32.08
C ALA A 348 46.81 -124.19 31.93
N LYS A 349 48.02 -123.98 32.48
CA LYS A 349 48.67 -122.69 32.47
C LYS A 349 50.17 -122.90 32.60
N GLY A 350 50.93 -121.80 32.55
CA GLY A 350 52.35 -121.83 32.86
C GLY A 350 53.19 -122.54 31.82
N GLY A 351 54.37 -122.98 32.26
CA GLY A 351 55.30 -123.69 31.43
C GLY A 351 56.38 -124.34 32.25
N PRO A 352 57.49 -124.75 31.61
CA PRO A 352 58.60 -125.34 32.36
C PRO A 352 59.14 -124.40 33.42
N GLU A 353 59.42 -124.96 34.60
CA GLU A 353 59.96 -124.23 35.75
C GLU A 353 59.02 -123.13 36.23
N GLY A 354 57.72 -123.28 35.97
CA GLY A 354 56.72 -122.36 36.46
C GLY A 354 56.40 -121.19 35.56
N ARG A 355 57.19 -120.97 34.51
CA ARG A 355 57.00 -119.85 33.60
C ARG A 355 56.99 -120.37 32.17
N PRO A 356 56.32 -119.68 31.26
CA PRO A 356 56.27 -120.15 29.86
C PRO A 356 57.66 -120.19 29.24
N GLY A 357 57.89 -121.20 28.41
CA GLY A 357 59.18 -121.38 27.78
C GLY A 357 59.25 -122.73 27.11
N CYS A 358 60.47 -123.12 26.74
CA CYS A 358 60.73 -124.43 26.19
C CYS A 358 61.94 -125.04 26.88
N TRP A 359 61.99 -126.37 26.89
CA TRP A 359 63.20 -127.05 27.33
C TRP A 359 64.30 -126.86 26.30
N GLN A 360 65.55 -126.92 26.77
CA GLN A 360 66.67 -126.88 25.85
C GLN A 360 66.60 -128.08 24.91
N PRO A 361 67.03 -127.93 23.66
CA PRO A 361 66.87 -129.01 22.67
C PRO A 361 67.36 -130.35 23.17
N ILE A 362 66.48 -131.35 23.11
CA ILE A 362 66.75 -132.67 23.65
C ILE A 362 67.75 -133.40 22.77
N THR A 363 69.00 -133.45 23.19
CA THR A 363 70.01 -134.28 22.55
C THR A 363 70.00 -135.65 23.23
N ARG A 364 71.00 -136.48 22.95
CA ARG A 364 71.13 -137.72 23.69
C ARG A 364 71.92 -137.54 24.97
N ASP A 365 72.52 -136.37 25.18
CA ASP A 365 73.11 -136.05 26.46
C ASP A 365 72.04 -135.87 27.53
N LEU A 366 70.92 -135.23 27.17
CA LEU A 366 69.75 -135.09 28.04
C LEU A 366 68.54 -135.65 27.32
N TRP A 367 68.34 -136.95 27.40
CA TRP A 367 67.31 -137.60 26.59
C TRP A 367 65.90 -137.46 27.15
N PRO A 368 65.59 -137.86 28.38
CA PRO A 368 64.18 -137.89 28.79
C PRO A 368 63.65 -136.47 28.99
N PHE A 369 62.60 -136.13 28.26
CA PHE A 369 61.94 -134.85 28.47
C PHE A 369 61.37 -134.80 29.89
N PRO A 370 61.61 -133.74 30.64
CA PRO A 370 60.98 -133.62 31.96
C PRO A 370 59.48 -133.53 31.80
N TYR A 371 58.76 -134.50 32.37
CA TYR A 371 57.31 -134.49 32.31
C TYR A 371 56.77 -133.24 32.99
N LEU A 372 55.86 -132.55 32.30
CA LEU A 372 55.29 -131.30 32.79
C LEU A 372 53.88 -131.57 33.31
N VAL A 373 53.65 -131.20 34.57
CA VAL A 373 52.38 -131.44 35.25
C VAL A 373 51.58 -130.15 35.25
N MET A 374 50.34 -130.22 34.76
CA MET A 374 49.49 -129.04 34.63
C MET A 374 48.05 -129.47 34.88
N ASP A 375 47.20 -128.47 35.13
CA ASP A 375 45.79 -128.73 35.43
C ASP A 375 45.10 -129.30 34.21
N THR A 376 44.89 -130.61 34.23
CA THR A 376 44.30 -131.34 33.13
C THR A 376 43.27 -132.37 33.58
N GLY A 377 43.26 -132.72 34.85
CA GLY A 377 42.42 -133.80 35.32
C GLY A 377 43.03 -135.17 35.12
N ALA A 378 44.26 -135.24 34.60
CA ALA A 378 44.94 -136.51 34.39
C ALA A 378 46.44 -136.28 34.41
N SER A 379 47.17 -137.28 34.92
CA SER A 379 48.61 -137.19 35.02
C SER A 379 49.18 -138.59 35.01
N ILE A 380 50.49 -138.69 34.73
CA ILE A 380 51.19 -139.96 34.81
C ILE A 380 52.41 -139.78 35.71
N ALA A 381 52.40 -138.70 36.50
CA ALA A 381 53.47 -138.47 37.46
C ALA A 381 53.65 -139.57 38.50
N PRO A 382 52.62 -140.16 39.11
CA PRO A 382 52.86 -141.12 40.19
C PRO A 382 53.34 -142.50 39.75
N TYR A 383 53.70 -142.68 38.48
CA TYR A 383 54.18 -143.98 38.02
C TYR A 383 55.71 -144.05 38.12
N ASN A 384 56.20 -143.98 39.35
CA ASN A 384 57.63 -144.00 39.61
C ASN A 384 58.15 -145.40 39.91
N HIS A 385 57.29 -146.41 39.99
CA HIS A 385 57.67 -147.70 40.52
C HIS A 385 56.84 -148.79 39.84
N PHE A 386 57.26 -150.03 40.02
CA PHE A 386 56.54 -151.20 39.54
C PHE A 386 55.45 -151.64 40.51
N GLU A 387 54.19 -151.57 40.06
CA GLU A 387 53.05 -152.04 40.85
C GLU A 387 52.08 -152.80 39.98
N LEU A 388 51.36 -153.71 40.62
CA LEU A 388 50.33 -154.48 39.95
C LEU A 388 49.17 -153.57 39.58
N GLY A 389 48.53 -153.87 38.46
CA GLY A 389 47.37 -153.11 38.04
C GLY A 389 46.25 -153.19 39.05
N GLN A 390 45.75 -152.04 39.50
CA GLN A 390 44.75 -152.03 40.56
C GLN A 390 43.46 -152.73 40.12
N PRO A 391 42.87 -152.45 38.95
CA PRO A 391 41.84 -153.40 38.48
C PRO A 391 42.48 -154.57 37.73
N MET A 392 43.13 -155.45 38.50
CA MET A 392 43.95 -156.50 37.93
C MET A 392 43.13 -157.45 37.05
N PHE A 393 41.97 -157.87 37.54
CA PHE A 393 41.07 -158.74 36.79
C PHE A 393 39.72 -158.06 36.69
N ALA A 394 39.15 -158.07 35.48
CA ALA A 394 37.88 -157.41 35.23
C ALA A 394 36.98 -158.33 34.41
N GLU A 395 35.68 -158.21 34.63
CA GLU A 395 34.69 -158.96 33.88
C GLU A 395 33.67 -158.00 33.29
N TYR A 396 33.24 -158.27 32.06
CA TYR A 396 32.33 -157.40 31.34
C TYR A 396 30.96 -158.04 31.13
N VAL A 397 30.56 -158.91 32.06
CA VAL A 397 29.23 -159.49 32.08
C VAL A 397 28.41 -158.93 33.23
N TRP A 398 28.92 -159.02 34.46
CA TRP A 398 28.29 -158.42 35.62
C TRP A 398 29.09 -157.24 36.17
N GLY A 399 30.09 -156.77 35.43
CA GLY A 399 30.86 -155.62 35.84
C GLY A 399 31.65 -155.80 37.12
N ARG A 400 31.98 -157.04 37.46
CA ARG A 400 32.69 -157.33 38.70
C ARG A 400 34.19 -157.41 38.42
N GLN A 401 34.97 -156.60 39.13
CA GLN A 401 36.41 -156.54 38.93
C GLN A 401 37.12 -156.51 40.26
N VAL A 402 38.24 -157.24 40.34
CA VAL A 402 39.02 -157.30 41.57
C VAL A 402 39.89 -156.05 41.68
N GLY A 403 40.23 -155.69 42.92
CA GLY A 403 41.00 -154.49 43.18
C GLY A 403 40.14 -153.24 43.23
N GLU A 404 40.75 -152.16 43.70
CA GLU A 404 40.06 -150.91 43.93
C GLU A 404 40.59 -149.86 42.96
N ASN A 405 39.68 -149.20 42.24
CA ASN A 405 40.05 -148.07 41.40
C ASN A 405 40.62 -146.96 42.27
N THR A 406 41.66 -146.30 41.76
CA THR A 406 42.33 -145.28 42.56
C THR A 406 42.96 -144.25 41.65
N ILE A 407 43.25 -143.09 42.24
CA ILE A 407 44.08 -142.07 41.62
C ILE A 407 45.46 -142.03 42.24
N ASN A 408 45.78 -142.97 43.13
CA ASN A 408 47.03 -142.99 43.87
C ASN A 408 47.68 -144.36 43.68
N PRO A 409 48.29 -144.61 42.52
CA PRO A 409 48.97 -145.88 42.32
C PRO A 409 50.28 -145.95 43.10
N SER B 2 -6.58 88.44 -21.05
CA SER B 2 -6.71 87.55 -19.90
C SER B 2 -6.38 86.11 -20.29
N ILE B 3 -6.02 85.91 -21.56
CA ILE B 3 -5.67 84.58 -22.03
C ILE B 3 -4.37 84.09 -21.39
N LYS B 4 -3.44 85.01 -21.08
CA LYS B 4 -2.19 84.62 -20.45
C LYS B 4 -2.42 84.04 -19.06
N GLY B 5 -3.26 84.71 -18.25
CA GLY B 5 -3.56 84.20 -16.93
C GLY B 5 -4.33 82.89 -16.96
N THR B 6 -5.27 82.76 -17.91
CA THR B 6 -5.98 81.50 -18.08
C THR B 6 -5.04 80.38 -18.46
N LEU B 7 -4.08 80.65 -19.35
CA LEU B 7 -3.09 79.65 -19.72
C LEU B 7 -2.24 79.26 -18.53
N PHE B 8 -1.83 80.25 -17.72
CA PHE B 8 -1.03 79.96 -16.53
C PHE B 8 -1.79 79.06 -15.56
N LYS B 9 -3.05 79.41 -15.26
CA LYS B 9 -3.85 78.62 -14.33
C LYS B 9 -4.09 77.21 -14.87
N LEU B 10 -4.44 77.11 -16.16
CA LEU B 10 -4.69 75.81 -16.76
C LEU B 10 -3.44 74.95 -16.76
N GLY B 11 -2.28 75.55 -17.05
CA GLY B 11 -1.04 74.81 -17.03
C GLY B 11 -0.70 74.28 -15.65
N ILE B 12 -0.84 75.12 -14.62
CA ILE B 12 -0.56 74.66 -13.26
C ILE B 12 -1.51 73.54 -12.85
N PHE B 13 -2.81 73.73 -13.10
CA PHE B 13 -3.79 72.72 -12.72
C PHE B 13 -3.56 71.41 -13.48
N SER B 14 -3.26 71.50 -14.77
CA SER B 14 -2.99 70.32 -15.58
C SER B 14 -1.74 69.60 -15.10
N LEU B 15 -0.70 70.36 -14.75
CA LEU B 15 0.51 69.75 -14.22
C LEU B 15 0.23 68.97 -12.95
N VAL B 16 -0.51 69.58 -12.01
CA VAL B 16 -0.80 68.90 -10.75
C VAL B 16 -1.64 67.64 -10.98
N LEU B 17 -2.67 67.73 -11.83
CA LEU B 17 -3.55 66.59 -11.98
C LEU B 17 -2.93 65.50 -12.85
N LEU B 18 -2.03 65.86 -13.77
CA LEU B 18 -1.32 64.81 -14.48
C LEU B 18 -0.25 64.20 -13.60
N THR B 19 0.30 64.96 -12.65
CA THR B 19 1.17 64.38 -11.65
C THR B 19 0.43 63.32 -10.86
N PHE B 20 -0.85 63.58 -10.56
CA PHE B 20 -1.65 62.59 -9.84
C PHE B 20 -1.91 61.35 -10.69
N THR B 21 -2.20 61.54 -11.97
CA THR B 21 -2.42 60.39 -12.86
C THR B 21 -1.14 59.56 -13.02
N ALA B 22 0.00 60.24 -13.20
CA ALA B 22 1.28 59.55 -13.29
C ALA B 22 1.60 58.81 -11.99
N LEU B 23 1.28 59.42 -10.85
CA LEU B 23 1.50 58.77 -9.56
C LEU B 23 0.65 57.51 -9.44
N ILE B 24 -0.60 57.56 -9.91
CA ILE B 24 -1.44 56.37 -9.90
C ILE B 24 -0.84 55.28 -10.78
N PHE B 25 -0.35 55.66 -11.96
CA PHE B 25 0.27 54.67 -12.84
C PHE B 25 1.52 54.06 -12.21
N VAL B 26 2.34 54.88 -11.55
CA VAL B 26 3.55 54.38 -10.90
C VAL B 26 3.19 53.44 -9.74
N VAL B 27 2.18 53.81 -8.95
CA VAL B 27 1.84 53.02 -7.77
C VAL B 27 1.25 51.68 -8.17
N PHE B 28 0.31 51.67 -9.12
CA PHE B 28 -0.38 50.44 -9.47
C PHE B 28 0.30 49.67 -10.60
N GLY B 29 1.35 50.22 -11.20
CA GLY B 29 2.09 49.53 -12.23
C GLY B 29 3.41 48.97 -11.77
N GLN B 30 3.80 49.24 -10.52
CA GLN B 30 5.05 48.76 -9.93
C GLN B 30 6.26 49.19 -10.76
N ILE B 31 6.43 50.51 -10.86
CA ILE B 31 7.50 51.10 -11.64
C ILE B 31 8.66 51.43 -10.72
N ARG B 32 9.86 50.99 -11.07
CA ARG B 32 11.07 51.31 -10.33
C ARG B 32 12.04 52.07 -11.22
N PHE B 33 12.84 52.94 -10.60
CA PHE B 33 13.75 53.83 -11.29
C PHE B 33 15.20 53.62 -10.83
N ASN B 34 15.60 52.37 -10.67
CA ASN B 34 16.94 52.05 -10.22
C ASN B 34 17.69 51.30 -11.32
N ARG B 35 19.01 51.48 -11.35
CA ARG B 35 19.85 50.77 -12.30
C ARG B 35 19.97 49.31 -11.89
N THR B 36 19.79 48.41 -12.85
CA THR B 36 19.71 46.98 -12.58
C THR B 36 20.64 46.21 -13.52
N THR B 37 21.03 45.02 -13.08
CA THR B 37 21.81 44.08 -13.85
C THR B 37 20.99 42.83 -14.11
N GLU B 38 21.10 42.29 -15.31
CA GLU B 38 20.26 41.19 -15.78
C GLU B 38 20.99 39.86 -15.58
N TYR B 39 20.36 38.95 -14.86
CA TYR B 39 20.86 37.60 -14.62
C TYR B 39 19.86 36.59 -15.13
N SER B 40 20.29 35.33 -15.16
CA SER B 40 19.46 34.23 -15.62
C SER B 40 19.57 33.06 -14.65
N ALA B 41 18.52 32.25 -14.61
CA ALA B 41 18.48 31.08 -13.75
C ALA B 41 17.70 29.98 -14.46
N ILE B 42 17.98 28.73 -14.10
CA ILE B 42 17.35 27.57 -14.71
C ILE B 42 16.61 26.80 -13.64
N PHE B 43 15.34 26.50 -13.89
CA PHE B 43 14.47 25.79 -12.97
C PHE B 43 13.90 24.55 -13.64
N LYS B 44 13.72 23.49 -12.85
CA LYS B 44 12.95 22.36 -13.34
C LYS B 44 11.48 22.70 -13.44
N ASN B 45 11.02 23.60 -12.56
CA ASN B 45 9.65 24.05 -12.49
C ASN B 45 9.64 25.43 -11.89
N VAL B 46 9.02 26.40 -12.55
CA VAL B 46 8.99 27.77 -12.02
C VAL B 46 7.83 28.04 -11.05
N SER B 47 6.94 27.06 -10.90
CA SER B 47 5.81 27.13 -10.00
C SER B 47 4.87 28.32 -10.18
N GLY B 48 4.55 28.66 -11.42
CA GLY B 48 3.65 29.77 -11.66
C GLY B 48 4.24 31.16 -11.60
N LEU B 49 5.56 31.27 -11.62
CA LEU B 49 6.20 32.58 -11.61
C LEU B 49 5.86 33.30 -12.91
N ARG B 50 5.64 34.61 -12.81
CA ARG B 50 5.30 35.43 -13.96
C ARG B 50 6.29 36.58 -14.10
N ASP B 51 6.18 37.30 -15.21
CA ASP B 51 6.99 38.48 -15.42
C ASP B 51 6.46 39.63 -14.58
N GLY B 52 7.38 40.47 -14.10
CA GLY B 52 7.02 41.59 -13.26
C GLY B 52 6.93 41.27 -11.77
N GLN B 53 7.04 40.01 -11.39
CA GLN B 53 7.06 39.65 -9.99
C GLN B 53 8.43 39.91 -9.39
N PHE B 54 8.46 40.12 -8.08
CA PHE B 54 9.63 40.64 -7.42
C PHE B 54 10.73 39.59 -7.27
N VAL B 55 11.97 40.06 -7.32
CA VAL B 55 13.16 39.30 -6.99
C VAL B 55 13.73 39.92 -5.71
N ARG B 56 13.77 39.13 -4.64
CA ARG B 56 14.19 39.59 -3.33
C ARG B 56 15.42 38.81 -2.90
N ALA B 57 16.41 39.52 -2.38
CA ALA B 57 17.63 38.91 -1.87
C ALA B 57 17.50 38.80 -0.35
N ALA B 58 17.43 37.57 0.14
CA ALA B 58 17.19 37.28 1.56
C ALA B 58 15.89 37.94 2.03
N GLY B 59 14.90 37.97 1.15
CA GLY B 59 13.61 38.54 1.45
C GLY B 59 13.47 40.02 1.19
N VAL B 60 14.56 40.72 0.85
CA VAL B 60 14.55 42.16 0.60
C VAL B 60 14.53 42.38 -0.90
N GLU B 61 13.53 43.13 -1.38
CA GLU B 61 13.34 43.34 -2.81
C GLU B 61 14.54 44.03 -3.44
N VAL B 62 15.06 43.45 -4.52
CA VAL B 62 16.25 43.98 -5.18
C VAL B 62 16.05 44.08 -6.69
N GLY B 63 14.98 43.48 -7.20
CA GLY B 63 14.74 43.57 -8.63
C GLY B 63 13.42 42.97 -9.04
N LYS B 64 13.28 42.73 -10.34
CA LYS B 64 12.06 42.17 -10.92
C LYS B 64 12.41 41.01 -11.84
N VAL B 65 11.37 40.26 -12.20
CA VAL B 65 11.50 39.17 -13.15
C VAL B 65 11.21 39.71 -14.55
N LYS B 66 12.20 39.65 -15.42
CA LYS B 66 12.02 40.15 -16.79
C LYS B 66 11.15 39.21 -17.60
N SER B 67 11.52 37.94 -17.68
CA SER B 67 10.79 37.01 -18.53
C SER B 67 11.05 35.59 -18.07
N VAL B 68 10.19 34.68 -18.52
CA VAL B 68 10.36 33.24 -18.33
C VAL B 68 10.16 32.58 -19.69
N ASP B 69 11.06 31.68 -20.06
CA ASP B 69 10.95 30.95 -21.31
C ASP B 69 11.26 29.47 -21.05
N LEU B 70 11.05 28.66 -22.07
CA LEU B 70 11.27 27.22 -21.97
C LEU B 70 12.57 26.83 -22.67
N ILE B 71 13.37 25.98 -22.02
CA ILE B 71 14.61 25.49 -22.56
C ILE B 71 14.68 23.98 -22.40
N ASN B 72 15.56 23.36 -23.19
CA ASN B 72 15.73 21.91 -23.27
C ASN B 72 14.43 21.22 -23.70
N GLY B 73 13.75 21.80 -24.68
CA GLY B 73 12.53 21.21 -25.19
C GLY B 73 11.35 21.30 -24.25
N GLY B 74 11.31 22.30 -23.39
CA GLY B 74 10.27 22.43 -22.40
C GLY B 74 10.52 21.68 -21.11
N GLU B 75 11.59 20.89 -21.02
CA GLU B 75 11.90 20.18 -19.80
C GLU B 75 12.36 21.11 -18.69
N GLN B 76 12.89 22.27 -19.02
CA GLN B 76 13.31 23.25 -18.03
C GLN B 76 12.79 24.62 -18.40
N ALA B 77 12.74 25.51 -17.42
CA ALA B 77 12.34 26.89 -17.64
C ALA B 77 13.47 27.81 -17.24
N GLU B 78 13.84 28.71 -18.14
CA GLU B 78 14.85 29.72 -17.88
C GLU B 78 14.18 31.03 -17.50
N VAL B 79 14.54 31.55 -16.33
CA VAL B 79 14.00 32.80 -15.81
C VAL B 79 15.06 33.87 -15.93
N LYS B 80 14.76 34.92 -16.67
CA LYS B 80 15.62 36.08 -16.82
C LYS B 80 15.09 37.18 -15.90
N PHE B 81 15.93 37.66 -15.00
CA PHE B 81 15.49 38.59 -13.96
C PHE B 81 16.53 39.68 -13.79
N THR B 82 16.19 40.69 -12.99
CA THR B 82 17.07 41.81 -12.71
C THR B 82 17.35 41.90 -11.21
N VAL B 83 18.54 42.38 -10.88
CA VAL B 83 18.98 42.59 -9.51
C VAL B 83 19.60 43.97 -9.43
N GLU B 84 19.37 44.67 -8.31
CA GLU B 84 19.94 45.99 -8.11
C GLU B 84 21.44 45.98 -8.33
N ARG B 85 21.93 46.94 -9.12
CA ARG B 85 23.32 46.94 -9.55
C ARG B 85 24.29 47.02 -8.39
N SER B 86 23.88 47.60 -7.27
CA SER B 86 24.74 47.67 -6.09
C SER B 86 24.93 46.31 -5.42
N LEU B 87 24.12 45.32 -5.75
CA LEU B 87 24.18 44.03 -5.09
C LEU B 87 24.87 43.01 -5.98
N PRO B 88 26.06 42.54 -5.62
CA PRO B 88 26.71 41.49 -6.41
C PRO B 88 26.25 40.09 -6.03
N LEU B 89 26.19 39.23 -7.04
CA LEU B 89 25.93 37.82 -6.83
C LEU B 89 27.25 37.05 -6.84
N PHE B 90 27.20 35.82 -6.32
CA PHE B 90 28.40 35.03 -6.13
C PHE B 90 28.21 33.65 -6.73
N GLN B 91 29.32 32.90 -6.83
CA GLN B 91 29.30 31.59 -7.48
C GLN B 91 28.47 30.57 -6.73
N GLU B 92 28.16 30.81 -5.46
CA GLU B 92 27.29 29.92 -4.69
C GLU B 92 25.94 30.55 -4.37
N THR B 93 25.62 31.69 -4.99
CA THR B 93 24.30 32.27 -4.85
C THR B 93 23.26 31.34 -5.46
N THR B 94 22.20 31.06 -4.72
CA THR B 94 21.17 30.14 -5.15
C THR B 94 19.83 30.85 -5.21
N ALA B 95 18.94 30.34 -6.07
CA ALA B 95 17.65 30.94 -6.32
C ALA B 95 16.54 29.95 -6.01
N ALA B 96 15.46 30.45 -5.41
CA ALA B 96 14.28 29.67 -5.10
C ALA B 96 13.06 30.47 -5.50
N ILE B 97 11.92 29.81 -5.58
CA ILE B 97 10.66 30.47 -5.89
C ILE B 97 9.73 30.25 -4.72
N ARG B 98 9.30 31.34 -4.09
CA ARG B 98 8.57 31.29 -2.84
C ARG B 98 7.16 31.85 -3.00
N TYR B 99 6.24 31.30 -2.21
CA TYR B 99 4.88 31.83 -2.16
C TYR B 99 4.87 33.26 -1.65
N GLN B 100 4.12 34.11 -2.33
CA GLN B 100 3.80 35.42 -1.77
C GLN B 100 2.56 35.37 -0.89
N ASP B 101 1.59 34.52 -1.25
CA ASP B 101 0.37 34.34 -0.48
C ASP B 101 -0.22 32.98 -0.84
N LEU B 102 -1.43 32.73 -0.35
CA LEU B 102 -2.11 31.46 -0.59
C LEU B 102 -3.08 31.52 -1.77
N ILE B 103 -3.08 32.61 -2.55
CA ILE B 103 -3.97 32.73 -3.70
C ILE B 103 -3.23 32.65 -5.03
N GLY B 104 -1.94 32.34 -5.01
CA GLY B 104 -1.22 32.05 -6.23
C GLY B 104 -0.11 33.00 -6.64
N ASN B 105 0.23 33.96 -5.79
CA ASN B 105 1.30 34.91 -6.11
C ASN B 105 2.64 34.35 -5.66
N ARG B 106 3.68 34.59 -6.47
CA ARG B 106 5.01 34.04 -6.25
C ARG B 106 6.03 35.16 -6.29
N TYR B 107 7.25 34.83 -5.86
CA TYR B 107 8.39 35.72 -6.05
C TYR B 107 9.67 34.90 -6.09
N LEU B 108 10.75 35.53 -6.56
CA LEU B 108 12.04 34.89 -6.62
C LEU B 108 12.86 35.30 -5.40
N GLU B 109 13.57 34.33 -4.82
CA GLU B 109 14.32 34.52 -3.59
C GLU B 109 15.78 34.14 -3.85
N LEU B 110 16.71 35.00 -3.45
CA LEU B 110 18.13 34.78 -3.66
C LEU B 110 18.83 34.61 -2.31
N LYS B 111 19.66 33.58 -2.20
CA LYS B 111 20.50 33.36 -1.03
C LYS B 111 21.96 33.48 -1.44
N ARG B 112 22.74 34.18 -0.61
CA ARG B 112 24.11 34.54 -0.99
C ARG B 112 25.00 33.33 -1.18
N GLY B 113 24.89 32.34 -0.30
CA GLY B 113 25.79 31.21 -0.35
C GLY B 113 27.00 31.40 0.55
N ASP B 114 28.12 30.80 0.19
CA ASP B 114 29.32 30.88 1.03
C ASP B 114 30.54 31.40 0.29
N SER B 115 30.70 31.06 -0.99
CA SER B 115 31.87 31.48 -1.74
C SER B 115 31.88 32.98 -1.97
N ASP B 116 33.07 33.56 -2.02
CA ASP B 116 33.25 34.97 -2.27
C ASP B 116 33.57 35.29 -3.72
N GLN B 117 33.61 34.29 -4.60
CA GLN B 117 33.90 34.53 -6.00
C GLN B 117 32.70 35.18 -6.67
N ILE B 118 32.87 36.42 -7.12
CA ILE B 118 31.77 37.19 -7.68
C ILE B 118 31.32 36.57 -8.99
N LEU B 119 30.03 36.28 -9.09
CA LEU B 119 29.45 35.80 -10.34
C LEU B 119 29.43 36.95 -11.34
N PRO B 120 30.06 36.82 -12.51
CA PRO B 120 30.08 37.93 -13.45
C PRO B 120 28.68 38.26 -13.93
N PRO B 121 28.40 39.53 -14.18
CA PRO B 121 27.05 39.93 -14.62
C PRO B 121 26.65 39.26 -15.91
N GLY B 122 25.36 38.90 -16.00
CA GLY B 122 24.83 38.22 -17.15
C GLY B 122 24.94 36.72 -17.12
N SER B 123 25.51 36.15 -16.06
CA SER B 123 25.70 34.71 -15.98
C SER B 123 24.37 34.00 -15.74
N THR B 124 24.43 32.68 -15.62
CA THR B 124 23.27 31.84 -15.41
C THR B 124 23.48 30.98 -14.18
N ILE B 125 22.51 30.97 -13.28
CA ILE B 125 22.51 30.05 -12.13
C ILE B 125 22.03 28.70 -12.61
N PRO B 126 22.82 27.64 -12.46
CA PRO B 126 22.41 26.33 -12.99
C PRO B 126 21.25 25.74 -12.19
N VAL B 127 20.67 24.67 -12.76
CA VAL B 127 19.58 23.97 -12.10
C VAL B 127 20.03 23.21 -10.87
N GLU B 128 21.34 23.10 -10.64
CA GLU B 128 21.86 22.39 -9.48
C GLU B 128 21.54 23.10 -8.17
N ARG B 129 21.31 24.40 -8.20
CA ARG B 129 21.01 25.16 -7.00
C ARG B 129 19.82 26.08 -7.22
N THR B 130 18.76 25.54 -7.82
CA THR B 130 17.48 26.21 -7.93
C THR B 130 16.38 25.24 -7.53
N GLU B 131 15.41 25.71 -6.74
CA GLU B 131 14.35 24.85 -6.25
C GLU B 131 12.99 25.50 -6.44
N PRO B 132 11.95 24.70 -6.65
CA PRO B 132 10.60 25.25 -6.88
C PRO B 132 9.85 25.58 -5.60
N ALA B 133 8.58 25.93 -5.75
CA ALA B 133 7.69 26.27 -4.64
C ALA B 133 7.00 25.00 -4.14
N LEU B 134 5.93 25.18 -3.35
CA LEU B 134 5.35 24.09 -2.57
C LEU B 134 4.84 22.95 -3.47
N ASP B 135 4.15 23.29 -4.56
CA ASP B 135 3.43 22.31 -5.39
C ASP B 135 2.38 21.58 -4.55
N LEU B 136 1.37 22.36 -4.13
CA LEU B 136 0.34 21.89 -3.22
C LEU B 136 -0.36 20.62 -3.70
N ASP B 137 -0.51 20.45 -5.01
CA ASP B 137 -1.17 19.25 -5.52
C ASP B 137 -0.39 17.99 -5.16
N ALA B 138 0.95 18.06 -5.28
CA ALA B 138 1.77 16.92 -4.89
C ALA B 138 1.65 16.63 -3.39
N LEU B 139 1.59 17.68 -2.58
CA LEU B 139 1.41 17.51 -1.14
C LEU B 139 0.09 16.81 -0.83
N VAL B 140 -0.99 17.23 -1.49
CA VAL B 140 -2.29 16.63 -1.22
C VAL B 140 -2.32 15.18 -1.73
N GLY B 141 -1.74 14.94 -2.91
CA GLY B 141 -1.75 13.60 -3.47
C GLY B 141 -0.85 12.63 -2.74
N GLY B 142 0.17 13.12 -2.05
CA GLY B 142 1.01 12.25 -1.24
C GLY B 142 0.35 11.75 0.03
N PHE B 143 -0.76 12.37 0.43
CA PHE B 143 -1.52 11.94 1.58
C PHE B 143 -2.45 10.76 1.29
N ARG B 144 -2.67 10.44 0.01
CA ARG B 144 -3.59 9.34 -0.32
C ARG B 144 -3.13 8.00 0.23
N PRO B 145 -1.88 7.55 0.07
CA PRO B 145 -1.51 6.27 0.70
C PRO B 145 -1.53 6.32 2.22
N LEU B 146 -1.13 7.45 2.81
CA LEU B 146 -1.11 7.56 4.27
C LEU B 146 -2.51 7.44 4.85
N PHE B 147 -3.49 8.12 4.24
CA PHE B 147 -4.87 8.01 4.73
C PHE B 147 -5.49 6.67 4.36
N ARG B 148 -5.06 6.07 3.25
CA ARG B 148 -5.58 4.78 2.86
C ARG B 148 -5.08 3.67 3.77
N SER B 149 -3.90 3.85 4.39
CA SER B 149 -3.38 2.86 5.32
C SER B 149 -4.03 2.94 6.69
N LEU B 150 -4.87 3.94 6.95
CA LEU B 150 -5.49 4.13 8.25
C LEU B 150 -6.90 3.55 8.33
N GLU B 151 -7.17 2.48 7.56
CA GLU B 151 -8.48 1.86 7.57
C GLU B 151 -8.80 1.34 8.97
N PRO B 152 -9.97 1.64 9.52
CA PRO B 152 -10.26 1.28 10.92
C PRO B 152 -10.23 -0.21 11.19
N GLU B 153 -10.64 -1.05 10.25
CA GLU B 153 -10.71 -2.49 10.51
C GLU B 153 -9.33 -3.07 10.77
N LYS B 154 -8.38 -2.78 9.88
CA LYS B 154 -7.02 -3.31 10.05
C LYS B 154 -6.36 -2.75 11.29
N VAL B 155 -6.55 -1.45 11.56
CA VAL B 155 -5.94 -0.85 12.74
C VAL B 155 -6.48 -1.49 14.01
N ASN B 156 -7.80 -1.65 14.10
CA ASN B 156 -8.40 -2.25 15.29
C ASN B 156 -7.97 -3.71 15.46
N THR B 157 -7.96 -4.47 14.36
CA THR B 157 -7.57 -5.89 14.45
C THR B 157 -6.11 -6.03 14.89
N ILE B 158 -5.23 -5.23 14.30
CA ILE B 158 -3.81 -5.28 14.67
C ILE B 158 -3.63 -4.87 16.12
N ALA B 159 -4.34 -3.83 16.56
CA ALA B 159 -4.21 -3.36 17.93
C ALA B 159 -4.65 -4.43 18.93
N THR B 160 -5.83 -5.02 18.71
CA THR B 160 -6.32 -6.04 19.63
C THR B 160 -5.42 -7.26 19.63
N SER B 161 -4.93 -7.66 18.45
CA SER B 161 -4.04 -8.81 18.37
C SER B 161 -2.73 -8.56 19.10
N LEU B 162 -2.15 -7.36 18.96
CA LEU B 162 -0.93 -7.04 19.68
C LEU B 162 -1.16 -7.05 21.18
N ILE B 163 -2.29 -6.51 21.64
CA ILE B 163 -2.62 -6.57 23.06
C ILE B 163 -2.68 -8.02 23.53
N THR B 164 -3.37 -8.87 22.77
CA THR B 164 -3.52 -10.27 23.17
C THR B 164 -2.17 -10.99 23.20
N ILE B 165 -1.32 -10.74 22.21
CA ILE B 165 -0.06 -11.48 22.10
C ILE B 165 0.93 -11.05 23.17
N PHE B 166 1.11 -9.73 23.34
CA PHE B 166 2.24 -9.24 24.13
C PHE B 166 1.88 -8.79 25.54
N GLN B 167 0.66 -9.06 26.02
CA GLN B 167 0.29 -8.66 27.37
C GLN B 167 0.93 -9.59 28.39
N GLY B 168 1.79 -9.03 29.24
CA GLY B 168 2.44 -9.81 30.28
C GLY B 168 3.39 -10.88 29.78
N GLN B 169 3.86 -10.78 28.55
CA GLN B 169 4.78 -11.74 27.97
C GLN B 169 6.22 -11.24 27.96
N GLY B 170 6.51 -10.18 28.71
CA GLY B 170 7.88 -9.70 28.77
C GLY B 170 8.82 -10.69 29.40
N GLY B 171 8.38 -11.35 30.48
CA GLY B 171 9.21 -12.35 31.12
C GLY B 171 9.42 -13.57 30.24
N THR B 172 8.39 -14.00 29.53
CA THR B 172 8.51 -15.13 28.62
C THR B 172 9.51 -14.83 27.50
N ILE B 173 9.44 -13.63 26.92
CA ILE B 173 10.37 -13.27 25.85
C ILE B 173 11.78 -13.10 26.40
N ASN B 174 11.91 -12.56 27.62
CA ASN B 174 13.24 -12.48 28.25
C ASN B 174 13.84 -13.87 28.44
N ASP B 175 13.04 -14.82 28.90
CA ASP B 175 13.53 -16.19 29.05
C ASP B 175 13.91 -16.79 27.70
N ILE B 176 13.10 -16.55 26.67
CA ILE B 176 13.42 -17.04 25.33
C ILE B 176 14.77 -16.48 24.88
N LEU B 177 14.97 -15.18 25.05
CA LEU B 177 16.22 -14.54 24.62
C LEU B 177 17.41 -15.09 25.38
N ASP B 178 17.29 -15.23 26.71
CA ASP B 178 18.42 -15.73 27.50
C ASP B 178 18.77 -17.16 27.13
N GLN B 179 17.76 -18.04 27.07
CA GLN B 179 18.01 -19.44 26.77
C GLN B 179 18.56 -19.62 25.35
N THR B 180 18.01 -18.89 24.37
CA THR B 180 18.51 -19.04 23.02
C THR B 180 19.90 -18.43 22.86
N ALA B 181 20.21 -17.36 23.60
CA ALA B 181 21.56 -16.80 23.59
C ALA B 181 22.56 -17.82 24.11
N GLN B 182 22.26 -18.44 25.26
CA GLN B 182 23.18 -19.40 25.84
C GLN B 182 23.35 -20.62 24.94
N LEU B 183 22.24 -21.16 24.42
CA LEU B 183 22.30 -22.34 23.58
C LEU B 183 23.08 -22.06 22.29
N THR B 184 22.79 -20.94 21.64
CA THR B 184 23.46 -20.62 20.38
C THR B 184 24.92 -20.27 20.59
N ALA B 185 25.27 -19.62 21.70
CA ALA B 185 26.67 -19.37 21.99
C ALA B 185 27.42 -20.68 22.22
N SER B 186 26.81 -21.61 22.95
CA SER B 186 27.44 -22.91 23.15
C SER B 186 27.62 -23.66 21.84
N LEU B 187 26.61 -23.60 20.96
CA LEU B 187 26.73 -24.26 19.66
C LEU B 187 27.80 -23.61 18.79
N ALA B 188 27.87 -22.28 18.80
CA ALA B 188 28.85 -21.57 17.97
C ALA B 188 30.26 -21.70 18.51
N ASP B 189 30.43 -22.00 19.80
CA ASP B 189 31.76 -22.31 20.31
C ASP B 189 32.34 -23.58 19.72
N ARG B 190 31.53 -24.40 19.06
CA ARG B 190 31.98 -25.61 18.37
C ARG B 190 31.89 -25.44 16.85
N ASP B 191 32.23 -24.25 16.36
CA ASP B 191 32.13 -23.96 14.92
C ASP B 191 33.08 -24.85 14.13
N GLN B 192 34.33 -24.94 14.56
CA GLN B 192 35.30 -25.79 13.87
C GLN B 192 34.89 -27.26 13.93
N ALA B 193 34.39 -27.70 15.08
CA ALA B 193 33.95 -29.09 15.21
C ALA B 193 32.79 -29.38 14.27
N ILE B 194 31.83 -28.46 14.16
CA ILE B 194 30.69 -28.64 13.26
C ILE B 194 31.17 -28.69 11.82
N GLY B 195 32.10 -27.81 11.45
CA GLY B 195 32.64 -27.82 10.09
C GLY B 195 33.35 -29.12 9.77
N GLU B 196 34.16 -29.63 10.71
CA GLU B 196 34.84 -30.90 10.50
C GLU B 196 33.85 -32.06 10.41
N VAL B 197 32.79 -32.03 11.22
CA VAL B 197 31.75 -33.04 11.14
C VAL B 197 31.12 -33.04 9.75
N ILE B 198 30.77 -31.84 9.25
CA ILE B 198 30.15 -31.74 7.94
C ILE B 198 31.09 -32.28 6.86
N LYS B 199 32.37 -31.89 6.92
CA LYS B 199 33.33 -32.29 5.91
C LYS B 199 33.54 -33.80 5.91
N ASN B 200 33.80 -34.39 7.08
CA ASN B 200 34.09 -35.82 7.14
C ASN B 200 32.85 -36.65 6.84
N LEU B 201 31.68 -36.21 7.31
CA LEU B 201 30.45 -36.92 6.98
C LEU B 201 30.17 -36.84 5.48
N ASN B 202 30.46 -35.70 4.85
CA ASN B 202 30.34 -35.59 3.40
C ASN B 202 31.25 -36.57 2.70
N THR B 203 32.50 -36.68 3.17
CA THR B 203 33.44 -37.63 2.56
C THR B 203 32.91 -39.06 2.65
N VAL B 204 32.51 -39.48 3.84
CA VAL B 204 32.03 -40.84 4.04
C VAL B 204 30.76 -41.08 3.21
N LEU B 205 29.87 -40.09 3.17
CA LEU B 205 28.61 -40.26 2.46
C LEU B 205 28.82 -40.34 0.96
N ASP B 206 29.74 -39.53 0.40
CA ASP B 206 29.98 -39.65 -1.04
C ASP B 206 30.68 -40.95 -1.37
N THR B 207 31.55 -41.45 -0.48
CA THR B 207 32.13 -42.77 -0.69
C THR B 207 31.06 -43.85 -0.71
N THR B 208 30.09 -43.76 0.19
CA THR B 208 29.00 -44.73 0.22
C THR B 208 28.10 -44.59 -1.01
N VAL B 209 27.84 -43.37 -1.44
CA VAL B 209 26.98 -43.13 -2.60
C VAL B 209 27.63 -43.66 -3.87
N ARG B 210 28.96 -43.56 -3.97
CA ARG B 210 29.66 -44.08 -5.14
C ARG B 210 29.39 -45.56 -5.34
N HIS B 211 29.27 -46.31 -4.24
CA HIS B 211 28.94 -47.73 -4.29
C HIS B 211 27.51 -48.01 -3.81
N GLN B 212 26.59 -47.07 -4.07
CA GLN B 212 25.23 -47.19 -3.56
C GLN B 212 24.53 -48.47 -4.04
N LYS B 213 24.78 -48.86 -5.30
CA LYS B 213 24.19 -50.09 -5.81
C LYS B 213 24.68 -51.31 -5.03
N GLN B 214 25.99 -51.40 -4.82
CA GLN B 214 26.56 -52.51 -4.07
C GLN B 214 26.16 -52.44 -2.60
N PHE B 215 26.15 -51.24 -2.02
CA PHE B 215 25.72 -51.08 -0.63
C PHE B 215 24.26 -51.49 -0.44
N ASP B 216 23.43 -51.27 -1.45
CA ASP B 216 22.03 -51.69 -1.37
C ASP B 216 21.90 -53.21 -1.53
N GLU B 217 22.64 -53.79 -2.48
CA GLU B 217 22.53 -55.22 -2.72
C GLU B 217 23.10 -56.05 -1.58
N THR B 218 24.16 -55.56 -0.91
CA THR B 218 24.82 -56.37 0.11
C THR B 218 23.94 -56.57 1.33
N LEU B 219 23.06 -55.62 1.64
CA LEU B 219 22.14 -55.81 2.77
C LEU B 219 21.21 -56.99 2.51
N VAL B 220 20.60 -57.03 1.33
CA VAL B 220 19.69 -58.12 0.99
C VAL B 220 20.44 -59.44 0.92
N ASN B 221 21.64 -59.44 0.31
CA ASN B 221 22.40 -60.68 0.20
C ASN B 221 22.82 -61.20 1.57
N PHE B 222 23.25 -60.30 2.46
CA PHE B 222 23.63 -60.69 3.80
C PHE B 222 22.43 -61.22 4.58
N GLU B 223 21.28 -60.57 4.43
CA GLU B 223 20.07 -61.05 5.09
C GLU B 223 19.70 -62.44 4.60
N THR B 224 19.76 -62.68 3.30
CA THR B 224 19.45 -64.00 2.76
C THR B 224 20.42 -65.06 3.28
N LEU B 225 21.72 -64.75 3.26
CA LEU B 225 22.71 -65.70 3.73
C LEU B 225 22.53 -66.03 5.21
N ILE B 226 22.32 -64.99 6.03
CA ILE B 226 22.19 -65.20 7.47
C ILE B 226 20.90 -65.93 7.81
N THR B 227 19.81 -65.63 7.11
CA THR B 227 18.57 -66.37 7.33
C THR B 227 18.73 -67.83 6.95
N GLY B 228 19.38 -68.10 5.81
CA GLY B 228 19.61 -69.47 5.40
C GLY B 228 20.47 -70.24 6.38
N LEU B 229 21.47 -69.58 6.96
CA LEU B 229 22.30 -70.22 7.98
C LEU B 229 21.53 -70.41 9.29
N LYS B 230 20.69 -69.44 9.66
CA LYS B 230 19.92 -69.56 10.90
C LYS B 230 18.90 -70.69 10.81
N ASN B 231 18.32 -70.91 9.64
CA ASN B 231 17.36 -72.00 9.48
C ASN B 231 17.98 -73.38 9.65
N ARG B 232 19.32 -73.49 9.63
CA ARG B 232 20.02 -74.74 9.86
C ARG B 232 21.09 -74.59 10.95
N ALA B 233 20.97 -73.55 11.77
CA ALA B 233 21.96 -73.27 12.82
C ALA B 233 22.25 -74.47 13.70
N ASP B 234 21.21 -75.14 14.20
CA ASP B 234 21.44 -76.25 15.12
C ASP B 234 22.21 -77.40 14.46
N PRO B 235 21.84 -77.90 13.26
CA PRO B 235 22.73 -78.87 12.61
C PRO B 235 24.12 -78.32 12.32
N ILE B 236 24.25 -77.05 11.97
CA ILE B 236 25.56 -76.47 11.68
C ILE B 236 26.42 -76.46 12.94
N ALA B 237 25.87 -76.01 14.06
CA ALA B 237 26.61 -75.98 15.31
C ALA B 237 26.98 -77.38 15.77
N THR B 238 26.03 -78.33 15.64
CA THR B 238 26.32 -79.71 15.99
C THR B 238 27.46 -80.26 15.13
N SER B 239 27.44 -79.96 13.84
CA SER B 239 28.48 -80.44 12.93
C SER B 239 29.84 -79.83 13.25
N VAL B 240 29.88 -78.54 13.58
CA VAL B 240 31.14 -77.90 13.93
C VAL B 240 31.71 -78.53 15.20
N ALA B 241 30.86 -78.73 16.21
CA ALA B 241 31.32 -79.36 17.44
C ALA B 241 31.82 -80.78 17.19
N ASP B 242 31.11 -81.53 16.35
CA ASP B 242 31.53 -82.89 16.04
C ASP B 242 32.87 -82.90 15.28
N ILE B 243 33.07 -81.94 14.38
CA ILE B 243 34.34 -81.84 13.66
C ILE B 243 35.47 -81.59 14.64
N SER B 244 35.27 -80.64 15.56
CA SER B 244 36.31 -80.37 16.56
C SER B 244 36.59 -81.59 17.42
N ASP B 245 35.53 -82.29 17.85
CA ASP B 245 35.71 -83.46 18.70
C ASP B 245 36.44 -84.58 17.97
N ALA B 246 36.12 -84.79 16.68
CA ALA B 246 36.78 -85.83 15.91
C ALA B 246 38.24 -85.50 15.66
N ALA B 247 38.54 -84.22 15.40
CA ALA B 247 39.95 -83.82 15.26
C ALA B 247 40.71 -84.08 16.55
N GLY B 248 40.12 -83.73 17.69
CA GLY B 248 40.77 -84.00 18.97
C GLY B 248 40.95 -85.48 19.22
N SER B 249 39.95 -86.29 18.88
CA SER B 249 40.03 -87.73 19.09
C SER B 249 41.11 -88.36 18.24
N LEU B 250 41.21 -87.94 16.97
CA LEU B 250 42.27 -88.46 16.12
C LEU B 250 43.65 -88.02 16.60
N ALA B 251 43.76 -86.77 17.06
CA ALA B 251 45.04 -86.30 17.62
C ALA B 251 45.43 -87.12 18.84
N ASP B 252 44.47 -87.43 19.70
CA ASP B 252 44.77 -88.25 20.88
C ASP B 252 45.13 -89.68 20.50
N LEU B 253 44.41 -90.27 19.56
CA LEU B 253 44.71 -91.64 19.13
C LEU B 253 46.05 -91.74 18.41
N LEU B 254 46.50 -90.65 17.78
CA LEU B 254 47.81 -90.68 17.13
C LEU B 254 48.94 -90.35 18.09
N SER B 255 48.74 -89.41 19.01
CA SER B 255 49.81 -89.00 19.91
C SER B 255 50.27 -90.13 20.81
N ASP B 256 49.36 -91.02 21.21
CA ASP B 256 49.70 -92.09 22.14
C ASP B 256 50.09 -93.39 21.46
N ASN B 257 49.59 -93.64 20.24
CA ASN B 257 49.82 -94.91 19.56
C ASN B 257 50.89 -94.83 18.48
N ARG B 258 51.49 -93.67 18.25
CA ARG B 258 52.47 -93.55 17.16
C ARG B 258 53.72 -94.41 17.37
N PRO B 259 54.42 -94.36 18.52
CA PRO B 259 55.58 -95.25 18.68
C PRO B 259 55.22 -96.73 18.60
N LEU B 260 54.08 -97.10 19.17
CA LEU B 260 53.64 -98.50 19.12
C LEU B 260 53.27 -98.93 17.70
N LEU B 261 52.67 -98.03 16.91
CA LEU B 261 52.42 -98.33 15.51
C LEU B 261 53.71 -98.41 14.70
N LYS B 262 54.69 -97.56 15.00
CA LYS B 262 55.99 -97.67 14.35
C LYS B 262 56.65 -99.01 14.62
N ASP B 263 56.69 -99.40 15.90
CA ASP B 263 57.24 -100.71 16.25
C ASP B 263 56.44 -101.85 15.64
N THR B 264 55.11 -101.71 15.60
CA THR B 264 54.28 -102.74 15.00
C THR B 264 54.58 -102.89 13.52
N ILE B 265 54.79 -101.79 12.81
CA ILE B 265 55.10 -101.89 11.38
C ILE B 265 56.48 -102.50 11.17
N GLY B 266 57.45 -102.14 12.00
CA GLY B 266 58.77 -102.78 11.90
C GLY B 266 58.70 -104.28 12.13
N TYR B 267 58.03 -104.69 13.21
CA TYR B 267 57.87 -106.12 13.49
C TYR B 267 57.08 -106.81 12.39
N LEU B 268 56.09 -106.12 11.81
CA LEU B 268 55.34 -106.70 10.71
C LEU B 268 56.21 -106.91 9.49
N ASP B 269 57.13 -105.99 9.23
CA ASP B 269 58.07 -106.18 8.13
C ASP B 269 58.94 -107.41 8.37
N VAL B 270 59.45 -107.55 9.60
CA VAL B 270 60.29 -108.69 9.92
C VAL B 270 59.51 -110.00 9.79
N ILE B 271 58.25 -110.03 10.23
CA ILE B 271 57.45 -111.25 10.11
C ILE B 271 57.14 -111.55 8.65
N GLN B 272 56.87 -110.50 7.85
CA GLN B 272 56.36 -110.72 6.50
C GLN B 272 57.45 -111.13 5.52
N ALA B 273 58.68 -110.65 5.70
CA ALA B 273 59.72 -110.91 4.70
C ALA B 273 59.92 -112.39 4.39
N PRO B 274 60.07 -113.30 5.36
CA PRO B 274 60.19 -114.72 5.00
C PRO B 274 58.96 -115.28 4.32
N LEU B 275 57.77 -114.80 4.68
CA LEU B 275 56.54 -115.28 4.04
C LEU B 275 56.52 -114.91 2.56
N VAL B 276 57.00 -113.72 2.24
CA VAL B 276 57.09 -113.29 0.84
C VAL B 276 58.17 -114.07 0.11
N GLU B 277 59.30 -114.32 0.78
CA GLU B 277 60.38 -115.07 0.16
C GLU B 277 59.95 -116.49 -0.19
N GLN B 278 59.16 -117.13 0.68
CA GLN B 278 58.77 -118.52 0.52
C GLN B 278 57.27 -118.67 0.32
N LYS B 279 56.67 -117.76 -0.47
CA LYS B 279 55.22 -117.77 -0.66
C LYS B 279 54.73 -119.00 -1.41
N GLN B 280 55.55 -119.51 -2.33
CA GLN B 280 55.17 -120.72 -3.05
C GLN B 280 55.03 -121.91 -2.10
N GLU B 281 55.92 -122.00 -1.11
CA GLU B 281 55.81 -123.06 -0.10
C GLU B 281 54.51 -122.95 0.69
N VAL B 282 54.14 -121.71 1.07
CA VAL B 282 52.89 -121.51 1.81
C VAL B 282 51.69 -121.93 0.97
N SER B 283 51.68 -121.53 -0.30
CA SER B 283 50.58 -121.93 -1.19
C SER B 283 50.53 -123.44 -1.34
N ASP B 284 51.69 -124.09 -1.49
CA ASP B 284 51.72 -125.53 -1.68
C ASP B 284 51.22 -126.28 -0.45
N ILE B 285 51.63 -125.84 0.75
CA ILE B 285 51.17 -126.53 1.95
C ILE B 285 49.68 -126.30 2.16
N LEU B 286 49.17 -125.10 1.83
CA LEU B 286 47.74 -124.85 1.97
C LEU B 286 46.94 -125.71 1.01
N VAL B 287 47.44 -125.92 -0.21
CA VAL B 287 46.77 -126.82 -1.14
C VAL B 287 46.84 -128.26 -0.64
N GLN B 288 47.98 -128.65 -0.07
CA GLN B 288 48.22 -130.05 0.27
C GLN B 288 47.48 -130.50 1.52
N MET B 289 47.35 -129.62 2.53
CA MET B 289 46.88 -130.04 3.84
C MET B 289 45.49 -130.65 3.87
N PRO B 290 44.45 -130.13 3.20
CA PRO B 290 43.12 -130.74 3.32
C PRO B 290 43.04 -132.21 2.94
N GLN B 291 43.78 -132.63 1.91
CA GLN B 291 43.76 -134.04 1.53
C GLN B 291 44.38 -134.92 2.61
N ALA B 292 45.49 -134.47 3.20
CA ALA B 292 46.08 -135.20 4.32
C ALA B 292 45.13 -135.26 5.50
N LEU B 293 44.43 -134.16 5.77
CA LEU B 293 43.46 -134.14 6.88
C LEU B 293 42.33 -135.13 6.64
N LYS B 294 41.81 -135.19 5.42
CA LYS B 294 40.77 -136.16 5.11
C LYS B 294 41.28 -137.59 5.26
N ILE B 295 42.44 -137.90 4.71
CA ILE B 295 42.96 -139.26 4.80
C ILE B 295 43.11 -139.72 6.24
N ILE B 296 43.78 -138.87 7.01
CA ILE B 296 44.06 -139.15 8.39
C ILE B 296 42.80 -139.34 9.21
N GLY B 297 41.76 -138.54 8.96
CA GLY B 297 40.56 -138.67 9.73
C GLY B 297 39.96 -140.04 9.55
N ARG B 298 39.87 -140.50 8.32
CA ARG B 298 39.31 -141.81 8.09
C ARG B 298 40.18 -142.91 8.68
N ALA B 299 41.49 -142.74 8.63
CA ALA B 299 42.37 -143.73 9.24
C ALA B 299 42.24 -143.83 10.76
N GLY B 300 42.05 -142.70 11.44
CA GLY B 300 42.01 -142.69 12.90
C GLY B 300 40.97 -143.26 13.87
N GLY B 301 39.74 -142.80 13.79
CA GLY B 301 38.67 -143.17 14.72
C GLY B 301 37.30 -143.46 14.16
N ILE B 302 37.19 -143.80 12.88
CA ILE B 302 35.88 -144.11 12.31
C ILE B 302 35.32 -145.43 12.83
N TYR B 303 36.17 -146.45 12.96
CA TYR B 303 35.68 -147.78 13.29
C TYR B 303 35.31 -147.93 14.75
N GLY B 304 35.92 -147.16 15.64
CA GLY B 304 35.66 -147.32 17.05
C GLY B 304 36.57 -146.40 17.86
N ASP B 305 36.75 -146.76 19.12
CA ASP B 305 37.61 -145.99 20.00
C ASP B 305 39.10 -146.27 19.78
N PHE B 306 39.46 -146.92 18.68
CA PHE B 306 40.82 -147.36 18.43
C PHE B 306 41.34 -146.82 17.11
N PHE B 307 42.65 -146.58 17.08
CA PHE B 307 43.33 -146.27 15.82
C PHE B 307 43.35 -147.50 14.92
N ASN B 308 43.69 -147.29 13.66
CA ASN B 308 43.84 -148.37 12.69
C ASN B 308 45.31 -148.45 12.29
N PHE B 309 45.99 -149.51 12.71
CA PHE B 309 47.37 -149.77 12.34
C PHE B 309 47.44 -151.00 11.45
N TYR B 310 48.32 -150.96 10.46
CA TYR B 310 48.53 -152.09 9.55
C TYR B 310 50.02 -152.41 9.56
N ALA B 311 50.36 -153.66 9.90
CA ALA B 311 51.74 -154.11 9.97
C ALA B 311 52.07 -154.86 8.68
N CYS B 312 52.78 -154.19 7.77
CA CYS B 312 53.14 -154.83 6.51
C CYS B 312 54.37 -155.70 6.65
N ASP B 313 55.32 -155.29 7.49
CA ASP B 313 56.54 -156.05 7.72
C ASP B 313 56.84 -156.03 9.22
N LEU B 314 56.80 -157.21 9.84
CA LEU B 314 57.11 -157.35 11.25
C LEU B 314 58.42 -158.13 11.37
N THR B 315 59.39 -157.55 12.07
CA THR B 315 60.71 -158.14 12.25
C THR B 315 61.12 -158.00 13.71
N LEU B 316 61.78 -159.04 14.23
CA LEU B 316 62.15 -159.10 15.63
C LEU B 316 63.61 -158.70 15.80
N LYS B 317 63.88 -157.86 16.80
CA LYS B 317 65.23 -157.46 17.15
C LYS B 317 65.58 -158.07 18.51
N LEU B 318 66.66 -158.84 18.55
CA LEU B 318 67.06 -159.52 19.77
C LEU B 318 68.53 -159.87 19.69
N ASN B 319 69.12 -160.13 20.86
CA ASN B 319 70.52 -160.51 20.95
C ASN B 319 70.67 -161.90 21.56
N VAL B 327 72.66 -158.66 18.82
CA VAL B 327 71.95 -157.46 18.37
C VAL B 327 71.46 -157.72 16.94
N ARG B 328 71.36 -158.99 16.59
CA ARG B 328 70.90 -159.38 15.27
C ARG B 328 69.45 -158.97 15.04
N THR B 329 69.11 -158.75 13.78
CA THR B 329 67.74 -158.42 13.38
C THR B 329 67.17 -159.59 12.61
N VAL B 330 66.05 -160.13 13.09
CA VAL B 330 65.40 -161.30 12.50
C VAL B 330 64.11 -160.83 11.83
N ARG B 331 63.95 -161.18 10.56
CA ARG B 331 62.80 -160.77 9.77
C ARG B 331 61.78 -161.90 9.70
N ILE B 332 60.55 -161.60 10.11
CA ILE B 332 59.51 -162.61 10.14
C ILE B 332 58.59 -162.47 8.92
N THR B 333 57.92 -161.32 8.78
CA THR B 333 56.99 -161.13 7.67
C THR B 333 57.26 -159.83 6.95
N THR B 334 57.05 -159.87 5.63
CA THR B 334 57.12 -158.70 4.76
C THR B 334 56.02 -158.83 3.72
N GLN B 335 55.61 -157.69 3.18
CA GLN B 335 54.61 -157.66 2.10
C GLN B 335 55.22 -157.04 0.85
N PRO B 336 55.47 -157.82 -0.20
CA PRO B 336 56.12 -157.28 -1.41
C PRO B 336 55.23 -156.28 -2.15
N SER B 337 53.99 -156.67 -2.44
CA SER B 337 53.07 -155.85 -3.21
C SER B 337 51.72 -155.82 -2.54
N GLY B 338 50.98 -154.74 -2.79
CA GLY B 338 49.68 -154.56 -2.20
C GLY B 338 49.46 -153.13 -1.76
N ARG B 339 48.85 -152.94 -0.58
CA ARG B 339 48.61 -151.59 -0.08
C ARG B 339 49.90 -150.89 0.29
N CYS B 340 50.98 -151.62 0.55
CA CYS B 340 52.26 -151.04 0.93
C CYS B 340 53.28 -151.38 -0.15
N THR B 341 53.32 -150.53 -1.18
CA THR B 341 54.36 -150.52 -2.19
C THR B 341 54.87 -149.09 -2.32
N PRO B 342 56.16 -148.90 -2.57
CA PRO B 342 56.72 -147.55 -2.63
C PRO B 342 55.99 -146.68 -3.64
N LYS B 343 55.65 -145.47 -3.22
CA LYS B 343 54.80 -144.59 -4.03
C LYS B 343 54.91 -143.14 -3.59
N MET C 1 -28.60 74.40 -37.45
CA MET C 1 -27.93 74.61 -38.72
C MET C 1 -28.65 73.88 -39.85
N ARG C 2 -28.33 74.26 -41.09
CA ARG C 2 -28.92 73.58 -42.25
C ARG C 2 -28.48 72.13 -42.34
N THR C 3 -27.18 71.88 -42.11
CA THR C 3 -26.67 70.52 -42.19
C THR C 3 -27.26 69.62 -41.11
N LEU C 4 -27.36 70.14 -39.88
CA LEU C 4 -27.91 69.34 -38.78
C LEU C 4 -29.37 68.98 -39.03
N GLN C 5 -30.15 69.94 -39.52
CA GLN C 5 -31.59 69.75 -39.73
C GLN C 5 -31.92 69.26 -41.14
N GLY C 6 -30.91 68.85 -41.91
CA GLY C 6 -31.17 68.36 -43.25
C GLY C 6 -31.90 67.03 -43.24
N SER C 7 -32.47 66.69 -44.40
CA SER C 7 -33.27 65.47 -44.55
C SER C 7 -32.38 64.27 -44.90
N ASP C 8 -31.36 64.05 -44.07
CA ASP C 8 -30.50 62.86 -44.20
C ASP C 8 -30.26 62.20 -42.84
N ARG C 9 -31.09 62.53 -41.84
CA ARG C 9 -30.81 62.07 -40.49
C ARG C 9 -31.13 60.59 -40.30
N PHE C 10 -32.07 60.04 -41.08
CA PHE C 10 -32.46 58.65 -40.91
C PHE C 10 -31.33 57.71 -41.29
N ARG C 11 -30.75 57.91 -42.49
CA ARG C 11 -29.64 57.07 -42.93
C ARG C 11 -28.42 57.25 -42.05
N LYS C 12 -28.16 58.50 -41.63
CA LYS C 12 -27.05 58.76 -40.71
C LYS C 12 -27.25 58.02 -39.40
N GLY C 13 -28.48 58.00 -38.88
CA GLY C 13 -28.75 57.29 -37.65
C GLY C 13 -28.58 55.79 -37.80
N LEU C 14 -29.08 55.22 -38.90
CA LEU C 14 -28.89 53.80 -39.17
C LEU C 14 -27.40 53.45 -39.22
N MET C 15 -26.63 54.20 -40.01
CA MET C 15 -25.21 53.91 -40.14
C MET C 15 -24.49 54.07 -38.81
N GLY C 16 -24.80 55.13 -38.07
CA GLY C 16 -24.12 55.35 -36.80
C GLY C 16 -24.44 54.29 -35.75
N VAL C 17 -25.72 53.89 -35.65
CA VAL C 17 -26.06 52.87 -34.66
C VAL C 17 -25.46 51.52 -35.06
N ILE C 18 -25.40 51.23 -36.36
CA ILE C 18 -24.75 50.00 -36.80
C ILE C 18 -23.26 50.03 -36.46
N VAL C 19 -22.61 51.16 -36.68
CA VAL C 19 -21.18 51.28 -36.37
C VAL C 19 -20.94 51.13 -34.87
N VAL C 20 -21.78 51.76 -34.04
CA VAL C 20 -21.61 51.67 -32.59
C VAL C 20 -21.82 50.23 -32.12
N ALA C 21 -22.85 49.55 -32.63
CA ALA C 21 -23.06 48.16 -32.26
C ALA C 21 -21.90 47.27 -32.69
N LEU C 22 -21.37 47.50 -33.90
CA LEU C 22 -20.23 46.73 -34.36
C LEU C 22 -18.99 46.99 -33.49
N ILE C 23 -18.77 48.25 -33.10
CA ILE C 23 -17.62 48.58 -32.24
C ILE C 23 -17.76 47.87 -30.90
N ILE C 24 -18.94 47.91 -30.30
CA ILE C 24 -19.16 47.25 -29.01
C ILE C 24 -18.96 45.75 -29.13
N GLY C 25 -19.47 45.15 -30.21
CA GLY C 25 -19.30 43.72 -30.41
C GLY C 25 -17.85 43.32 -30.63
N VAL C 26 -17.11 44.11 -31.42
CA VAL C 26 -15.72 43.75 -31.68
C VAL C 26 -14.89 43.96 -30.43
N GLY C 27 -15.11 45.06 -29.72
CA GLY C 27 -14.36 45.33 -28.51
C GLY C 27 -14.57 44.28 -27.45
N SER C 28 -15.79 43.75 -27.36
CA SER C 28 -16.07 42.70 -26.38
C SER C 28 -15.32 41.42 -26.72
N THR C 29 -15.25 41.07 -28.00
CA THR C 29 -14.65 39.82 -28.46
C THR C 29 -13.36 40.05 -29.26
N LEU C 30 -12.65 41.14 -28.99
CA LEU C 30 -11.40 41.40 -29.68
C LEU C 30 -10.31 40.40 -29.31
N THR C 31 -10.30 39.93 -28.06
CA THR C 31 -9.32 38.91 -27.67
C THR C 31 -9.70 37.54 -28.21
N SER C 32 -10.99 37.26 -28.35
CA SER C 32 -11.47 35.93 -28.70
C SER C 32 -11.69 35.75 -30.20
N VAL C 33 -11.45 36.77 -31.01
CA VAL C 33 -11.70 36.65 -32.45
C VAL C 33 -10.69 35.67 -33.06
N PRO C 34 -11.13 34.73 -33.90
CA PRO C 34 -10.18 33.78 -34.49
C PRO C 34 -9.34 34.37 -35.62
N MET C 35 -9.88 35.39 -36.30
CA MET C 35 -9.14 35.98 -37.42
C MET C 35 -7.86 36.65 -36.96
N LEU C 36 -7.90 37.36 -35.83
CA LEU C 36 -6.74 38.09 -35.35
C LEU C 36 -5.91 37.31 -34.34
N PHE C 37 -6.51 36.38 -33.61
CA PHE C 37 -5.83 35.57 -32.60
C PHE C 37 -6.22 34.11 -32.80
N ALA C 38 -5.45 33.40 -33.64
CA ALA C 38 -5.70 31.99 -33.91
C ALA C 38 -4.49 31.19 -33.45
N VAL C 39 -4.75 30.20 -32.59
CA VAL C 39 -3.71 29.27 -32.15
C VAL C 39 -4.27 27.86 -32.31
N PRO C 40 -3.44 26.86 -32.59
CA PRO C 40 -3.93 25.48 -32.64
C PRO C 40 -4.49 25.04 -31.29
N THR C 41 -5.57 24.27 -31.33
CA THR C 41 -6.23 23.76 -30.14
C THR C 41 -5.94 22.27 -30.02
N TYR C 42 -5.31 21.87 -28.93
CA TYR C 42 -5.01 20.48 -28.66
C TYR C 42 -6.02 19.91 -27.68
N TYR C 43 -6.05 18.58 -27.57
CA TYR C 43 -7.04 17.91 -26.75
C TYR C 43 -6.38 16.86 -25.87
N GLY C 44 -7.04 16.56 -24.76
CA GLY C 44 -6.60 15.51 -23.87
C GLY C 44 -7.79 14.75 -23.31
N GLN C 45 -7.55 13.48 -23.00
CA GLN C 45 -8.57 12.61 -22.43
C GLN C 45 -8.32 12.44 -20.94
N PHE C 46 -9.33 12.72 -20.13
CA PHE C 46 -9.21 12.63 -18.69
C PHE C 46 -10.35 11.78 -18.13
N ALA C 47 -10.10 11.19 -16.95
CA ALA C 47 -11.16 10.46 -16.27
C ALA C 47 -12.18 11.38 -15.61
N ASP C 48 -11.77 12.60 -15.27
CA ASP C 48 -12.64 13.55 -14.60
C ASP C 48 -12.06 14.94 -14.79
N THR C 49 -12.95 15.94 -14.81
CA THR C 49 -12.48 17.32 -14.88
C THR C 49 -11.82 17.74 -13.57
N GLY C 50 -12.29 17.23 -12.44
CA GLY C 50 -11.72 17.57 -11.15
C GLY C 50 -11.88 19.03 -10.77
N GLY C 51 -13.06 19.59 -11.02
CA GLY C 51 -13.30 20.99 -10.73
C GLY C 51 -12.72 21.97 -11.72
N LEU C 52 -12.21 21.48 -12.85
CA LEU C 52 -11.63 22.36 -13.85
C LEU C 52 -12.71 23.17 -14.55
N ASN C 53 -12.43 24.44 -14.79
CA ASN C 53 -13.33 25.34 -15.48
C ASN C 53 -12.77 25.69 -16.86
N ILE C 54 -13.57 26.40 -17.64
CA ILE C 54 -13.14 26.93 -18.93
C ILE C 54 -12.45 28.27 -18.68
N GLY C 55 -11.22 28.39 -19.16
CA GLY C 55 -10.39 29.54 -18.86
C GLY C 55 -9.32 29.30 -17.83
N ASP C 56 -9.23 28.09 -17.28
CA ASP C 56 -8.18 27.78 -16.34
C ASP C 56 -6.83 27.68 -17.05
N LYS C 57 -5.76 27.89 -16.28
CA LYS C 57 -4.43 27.96 -16.86
C LYS C 57 -3.93 26.58 -17.27
N VAL C 58 -3.15 26.55 -18.34
CA VAL C 58 -2.49 25.34 -18.79
C VAL C 58 -1.03 25.73 -18.68
N ARG C 59 -0.22 24.88 -18.07
CA ARG C 59 1.18 25.22 -17.88
C ARG C 59 2.15 24.18 -18.36
N ILE C 60 3.37 24.62 -18.64
CA ILE C 60 4.45 23.75 -19.02
C ILE C 60 5.61 24.18 -18.15
N ALA C 61 6.15 23.23 -17.39
CA ALA C 61 7.28 23.46 -16.49
C ALA C 61 7.02 24.60 -15.52
N GLY C 62 5.76 24.80 -15.15
CA GLY C 62 5.37 25.78 -14.17
C GLY C 62 5.01 27.15 -14.70
N MET C 63 5.26 27.42 -15.98
CA MET C 63 4.97 28.73 -16.56
C MET C 63 3.79 28.62 -17.52
N ASP C 64 2.92 29.63 -17.48
CA ASP C 64 1.69 29.60 -18.26
C ASP C 64 1.97 29.54 -19.76
N VAL C 65 1.29 28.65 -20.45
CA VAL C 65 1.37 28.58 -21.90
C VAL C 65 0.03 28.70 -22.59
N GLY C 66 -1.08 28.48 -21.90
CA GLY C 66 -2.37 28.62 -22.55
C GLY C 66 -3.52 28.54 -21.56
N ASN C 67 -4.71 28.36 -22.10
CA ASN C 67 -5.94 28.29 -21.31
C ASN C 67 -6.71 27.02 -21.69
N VAL C 68 -7.72 26.72 -20.87
CA VAL C 68 -8.65 25.64 -21.16
C VAL C 68 -9.80 26.19 -21.98
N LYS C 69 -10.09 25.55 -23.11
CA LYS C 69 -11.08 26.07 -24.05
C LYS C 69 -12.42 25.32 -24.01
N SER C 70 -12.39 24.00 -23.89
CA SER C 70 -13.64 23.25 -23.91
C SER C 70 -13.52 22.01 -23.03
N MET C 71 -14.67 21.54 -22.55
CA MET C 71 -14.77 20.29 -21.81
C MET C 71 -16.03 19.56 -22.24
N GLU C 72 -15.86 18.40 -22.86
CA GLU C 72 -16.99 17.62 -23.38
C GLU C 72 -16.91 16.20 -22.84
N ILE C 73 -18.06 15.53 -22.81
CA ILE C 73 -18.15 14.15 -22.38
C ILE C 73 -18.17 13.25 -23.59
N ASP C 74 -17.17 12.36 -23.70
CA ASP C 74 -17.10 11.37 -24.78
C ASP C 74 -17.00 10.00 -24.13
N GLY C 75 -18.09 9.24 -24.18
CA GLY C 75 -18.11 7.93 -23.58
C GLY C 75 -17.88 8.00 -22.08
N ASP C 76 -16.88 7.26 -21.60
CA ASP C 76 -16.50 7.26 -20.20
C ASP C 76 -15.34 8.22 -19.92
N LYS C 77 -15.06 9.14 -20.84
CA LYS C 77 -13.95 10.06 -20.69
C LYS C 77 -14.45 11.50 -20.87
N VAL C 78 -13.63 12.43 -20.41
CA VAL C 78 -13.83 13.86 -20.65
C VAL C 78 -12.73 14.33 -21.58
N VAL C 79 -13.12 14.85 -22.73
CA VAL C 79 -12.17 15.45 -23.67
C VAL C 79 -12.08 16.94 -23.34
N ILE C 80 -10.88 17.37 -22.94
CA ILE C 80 -10.62 18.76 -22.58
C ILE C 80 -9.74 19.34 -23.67
N GLY C 81 -10.24 20.40 -24.31
CA GLY C 81 -9.50 21.10 -25.34
C GLY C 81 -8.90 22.38 -24.78
N TYR C 82 -7.62 22.59 -25.08
CA TYR C 82 -6.82 23.68 -24.54
C TYR C 82 -5.94 24.23 -25.65
N THR C 83 -5.20 25.29 -25.32
CA THR C 83 -4.26 25.91 -26.25
C THR C 83 -2.88 25.97 -25.61
N LEU C 84 -1.85 25.91 -26.44
CA LEU C 84 -0.48 25.99 -25.98
C LEU C 84 0.20 27.31 -26.33
N GLY C 85 -0.53 28.25 -26.92
CA GLY C 85 0.05 29.54 -27.27
C GLY C 85 1.14 29.47 -28.31
N GLY C 86 0.96 28.63 -29.33
CA GLY C 86 1.93 28.50 -30.39
C GLY C 86 3.11 27.60 -30.09
N ARG C 87 3.15 26.99 -28.90
CA ARG C 87 4.25 26.11 -28.54
C ARG C 87 3.99 24.69 -29.02
N THR C 88 5.04 23.87 -28.98
CA THR C 88 5.00 22.51 -29.48
C THR C 88 5.36 21.55 -28.36
N ILE C 89 4.55 20.50 -28.20
CA ILE C 89 4.83 19.44 -27.23
C ILE C 89 4.87 18.11 -27.98
N GLY C 90 5.55 17.14 -27.38
CA GLY C 90 5.63 15.83 -27.97
C GLY C 90 4.35 15.04 -27.83
N THR C 91 4.21 14.02 -28.68
CA THR C 91 3.03 13.15 -28.61
C THR C 91 3.05 12.28 -27.35
N GLU C 92 4.19 12.15 -26.69
CA GLU C 92 4.31 11.41 -25.45
C GLU C 92 4.24 12.29 -24.23
N SER C 93 3.79 13.54 -24.38
CA SER C 93 3.67 14.44 -23.25
C SER C 93 2.60 13.97 -22.28
N ARG C 94 2.78 14.32 -21.02
CA ARG C 94 1.86 13.90 -19.96
C ARG C 94 1.14 15.12 -19.39
N ALA C 95 -0.18 15.07 -19.37
CA ALA C 95 -1.01 16.12 -18.81
C ALA C 95 -1.49 15.72 -17.41
N ALA C 96 -1.74 16.72 -16.59
CA ALA C 96 -2.19 16.46 -15.22
C ALA C 96 -3.03 17.62 -14.73
N ILE C 97 -4.29 17.35 -14.40
CA ILE C 97 -5.13 18.32 -13.70
C ILE C 97 -4.69 18.36 -12.24
N ARG C 98 -4.40 19.55 -11.74
CA ARG C 98 -3.82 19.68 -10.40
C ARG C 98 -4.46 20.86 -9.67
N THR C 99 -4.53 20.72 -8.35
CA THR C 99 -5.04 21.77 -7.48
C THR C 99 -3.97 22.84 -7.32
N ASP C 100 -4.30 24.08 -7.64
CA ASP C 100 -3.33 25.16 -7.58
C ASP C 100 -3.24 25.80 -6.20
N THR C 101 -4.39 26.15 -5.62
CA THR C 101 -4.45 26.83 -4.34
C THR C 101 -5.40 26.10 -3.41
N ILE C 102 -5.38 26.49 -2.13
CA ILE C 102 -6.23 25.85 -1.14
C ILE C 102 -7.69 26.23 -1.30
N LEU C 103 -7.98 27.32 -2.01
CA LEU C 103 -9.36 27.76 -2.19
C LEU C 103 -10.05 27.07 -3.36
N GLY C 104 -9.36 26.19 -4.08
CA GLY C 104 -10.00 25.35 -5.08
C GLY C 104 -9.63 25.62 -6.52
N ARG C 105 -8.64 26.47 -6.79
CA ARG C 105 -8.25 26.74 -8.17
C ARG C 105 -7.54 25.53 -8.76
N LYS C 106 -7.86 25.22 -10.01
CA LYS C 106 -7.30 24.07 -10.72
C LYS C 106 -6.58 24.55 -11.97
N ASN C 107 -5.58 23.78 -12.40
CA ASN C 107 -4.88 24.08 -13.64
C ASN C 107 -4.29 22.81 -14.22
N ILE C 108 -3.97 22.85 -15.50
CA ILE C 108 -3.39 21.71 -16.21
C ILE C 108 -1.89 21.92 -16.33
N GLU C 109 -1.12 20.88 -16.00
CA GLU C 109 0.33 20.88 -16.15
C GLU C 109 0.73 19.88 -17.22
N ILE C 110 1.62 20.31 -18.11
CA ILE C 110 2.08 19.49 -19.23
C ILE C 110 3.57 19.23 -19.05
N GLU C 111 3.97 17.96 -19.11
CA GLU C 111 5.36 17.58 -19.15
C GLU C 111 5.68 17.02 -20.54
N PRO C 112 6.40 17.76 -21.38
CA PRO C 112 6.67 17.27 -22.74
C PRO C 112 7.62 16.10 -22.75
N ARG C 113 7.33 15.13 -23.61
CA ARG C 113 8.17 13.96 -23.79
C ARG C 113 8.11 13.52 -25.24
N GLY C 114 9.16 12.83 -25.69
CA GLY C 114 9.20 12.27 -27.02
C GLY C 114 9.73 13.23 -28.06
N SER C 115 10.06 12.67 -29.22
CA SER C 115 10.59 13.43 -30.34
C SER C 115 9.55 13.79 -31.40
N GLU C 116 8.49 13.00 -31.52
CA GLU C 116 7.42 13.31 -32.46
C GLU C 116 6.67 14.56 -32.01
N THR C 117 6.18 15.31 -32.99
CA THR C 117 5.48 16.57 -32.73
C THR C 117 3.97 16.33 -32.74
N LEU C 118 3.28 16.86 -31.73
CA LEU C 118 1.84 16.72 -31.61
C LEU C 118 1.17 17.69 -32.58
N LYS C 119 0.50 17.15 -33.59
CA LYS C 119 -0.16 17.96 -34.60
C LYS C 119 -1.37 18.69 -33.99
N PRO C 120 -1.81 19.78 -34.63
CA PRO C 120 -3.02 20.45 -34.15
C PRO C 120 -4.22 19.52 -34.18
N ARG C 121 -5.13 19.73 -33.22
CA ARG C 121 -6.29 18.88 -32.97
C ARG C 121 -5.89 17.47 -32.58
N GLY C 122 -4.67 17.29 -32.09
CA GLY C 122 -4.24 16.00 -31.59
C GLY C 122 -4.75 15.74 -30.17
N VAL C 123 -4.87 14.47 -29.83
CA VAL C 123 -5.47 14.04 -28.58
C VAL C 123 -4.44 13.23 -27.80
N LEU C 124 -4.17 13.65 -26.56
CA LEU C 124 -3.35 12.86 -25.66
C LEU C 124 -4.16 11.69 -25.11
N PRO C 125 -3.59 10.49 -25.08
CA PRO C 125 -4.33 9.33 -24.58
C PRO C 125 -4.64 9.46 -23.10
N VAL C 126 -5.68 8.71 -22.68
CA VAL C 126 -6.09 8.73 -21.28
C VAL C 126 -5.00 8.17 -20.38
N GLY C 127 -4.15 7.28 -20.91
CA GLY C 127 -3.08 6.72 -20.11
C GLY C 127 -1.95 7.68 -19.81
N GLN C 128 -1.91 8.82 -20.50
CA GLN C 128 -0.89 9.84 -20.27
C GLN C 128 -1.41 11.01 -19.45
N THR C 129 -2.62 10.91 -18.91
CA THR C 129 -3.24 11.98 -18.13
C THR C 129 -3.65 11.45 -16.76
N SER C 130 -3.68 12.36 -15.79
CA SER C 130 -4.03 12.01 -14.43
C SER C 130 -4.98 13.06 -13.87
N ALA C 131 -5.81 12.64 -12.90
CA ALA C 131 -6.76 13.47 -12.20
C ALA C 131 -6.27 13.79 -10.79
N PRO C 132 -6.62 14.95 -10.23
CA PRO C 132 -6.12 15.31 -8.91
C PRO C 132 -6.78 14.49 -7.81
N TYR C 133 -6.07 14.41 -6.69
CA TYR C 133 -6.63 13.89 -5.44
C TYR C 133 -7.23 15.06 -4.68
N GLN C 134 -8.55 15.11 -4.62
CA GLN C 134 -9.25 16.28 -4.11
C GLN C 134 -9.00 16.47 -2.62
N ILE C 135 -9.02 17.73 -2.19
CA ILE C 135 -8.84 18.03 -0.77
C ILE C 135 -10.04 17.52 0.04
N TYR C 136 -11.24 17.62 -0.53
CA TYR C 136 -12.41 17.07 0.17
C TYR C 136 -12.34 15.55 0.25
N ASP C 137 -11.77 14.90 -0.77
CA ASP C 137 -11.54 13.45 -0.69
C ASP C 137 -10.57 13.12 0.44
N ALA C 138 -9.52 13.93 0.61
CA ALA C 138 -8.56 13.70 1.68
C ALA C 138 -9.22 13.84 3.04
N PHE C 139 -9.97 14.93 3.24
CA PHE C 139 -10.67 15.14 4.52
C PHE C 139 -11.67 14.02 4.78
N LEU C 140 -12.39 13.60 3.74
CA LEU C 140 -13.33 12.49 3.89
C LEU C 140 -12.61 11.23 4.34
N ASP C 141 -11.47 10.92 3.72
CA ASP C 141 -10.73 9.72 4.08
C ASP C 141 -10.28 9.77 5.54
N VAL C 142 -9.69 10.89 5.96
CA VAL C 142 -9.19 10.99 7.33
C VAL C 142 -10.34 10.84 8.32
N THR C 143 -11.42 11.58 8.11
CA THR C 143 -12.50 11.59 9.10
C THR C 143 -13.22 10.26 9.15
N ARG C 144 -13.53 9.66 7.99
CA ARG C 144 -14.22 8.37 7.99
C ARG C 144 -13.35 7.27 8.57
N ASN C 145 -12.04 7.31 8.33
CA ASN C 145 -11.17 6.29 8.89
C ASN C 145 -11.00 6.47 10.40
N ALA C 146 -10.82 7.72 10.85
CA ALA C 146 -10.62 7.98 12.27
C ALA C 146 -11.89 7.77 13.08
N ALA C 147 -13.06 7.90 12.45
CA ALA C 147 -14.31 7.68 13.19
C ALA C 147 -14.47 6.23 13.61
N GLY C 148 -13.93 5.29 12.85
CA GLY C 148 -14.00 3.89 13.18
C GLY C 148 -12.88 3.36 14.06
N TRP C 149 -11.92 4.20 14.43
CA TRP C 149 -10.82 3.76 15.26
C TRP C 149 -11.29 3.44 16.67
N ASP C 150 -10.79 2.33 17.21
CA ASP C 150 -10.95 2.01 18.62
C ASP C 150 -9.72 2.57 19.33
N THR C 151 -9.82 3.84 19.74
CA THR C 151 -8.66 4.54 20.26
C THR C 151 -8.15 3.96 21.56
N GLN C 152 -9.05 3.37 22.37
CA GLN C 152 -8.61 2.70 23.59
C GLN C 152 -7.70 1.51 23.26
N ALA C 153 -8.09 0.70 22.27
CA ALA C 153 -7.26 -0.42 21.86
C ALA C 153 -5.93 0.05 21.28
N VAL C 154 -5.96 1.12 20.49
CA VAL C 154 -4.73 1.65 19.90
C VAL C 154 -3.77 2.11 20.98
N ARG C 155 -4.28 2.86 21.96
CA ARG C 155 -3.43 3.35 23.04
C ARG C 155 -2.88 2.19 23.88
N GLN C 156 -3.72 1.19 24.16
CA GLN C 156 -3.26 0.03 24.91
C GLN C 156 -2.18 -0.73 24.15
N SER C 157 -2.33 -0.86 22.83
CA SER C 157 -1.34 -1.58 22.04
C SER C 157 -0.01 -0.83 22.00
N LEU C 158 -0.06 0.50 21.85
CA LEU C 158 1.17 1.28 21.88
C LEU C 158 1.87 1.15 23.24
N ASN C 159 1.09 1.21 24.32
CA ASN C 159 1.67 1.04 25.66
C ASN C 159 2.26 -0.35 25.84
N VAL C 160 1.57 -1.38 25.33
CA VAL C 160 2.04 -2.75 25.46
C VAL C 160 3.35 -2.95 24.71
N LEU C 161 3.42 -2.43 23.48
CA LEU C 161 4.67 -2.51 22.72
C LEU C 161 5.80 -1.77 23.43
N SER C 162 5.50 -0.59 23.99
CA SER C 162 6.52 0.15 24.73
C SER C 162 7.03 -0.66 25.92
N GLU C 163 6.11 -1.26 26.68
CA GLU C 163 6.51 -2.07 27.84
C GLU C 163 7.34 -3.28 27.41
N THR C 164 6.92 -3.95 26.33
CA THR C 164 7.64 -5.12 25.87
C THR C 164 9.06 -4.77 25.43
N VAL C 165 9.21 -3.66 24.69
CA VAL C 165 10.54 -3.26 24.25
C VAL C 165 11.39 -2.82 25.44
N ASP C 166 10.80 -2.14 26.42
CA ASP C 166 11.55 -1.75 27.60
C ASP C 166 12.04 -2.96 28.37
N GLN C 167 11.19 -3.98 28.51
CA GLN C 167 11.55 -5.15 29.31
C GLN C 167 12.55 -6.05 28.59
N THR C 168 12.37 -6.28 27.28
CA THR C 168 13.17 -7.25 26.56
C THR C 168 14.43 -6.67 25.93
N SER C 169 14.65 -5.36 26.05
CA SER C 169 15.85 -4.77 25.45
C SER C 169 17.15 -5.26 26.07
N PRO C 170 17.34 -5.29 27.40
CA PRO C 170 18.67 -5.68 27.94
C PRO C 170 19.09 -7.09 27.61
N HIS C 171 18.15 -7.97 27.26
CA HIS C 171 18.45 -9.36 26.96
C HIS C 171 18.50 -9.65 25.46
N LEU C 172 18.49 -8.62 24.62
CA LEU C 172 18.39 -8.79 23.18
C LEU C 172 19.74 -8.87 22.49
N SER C 173 20.73 -8.12 22.96
CA SER C 173 22.03 -8.09 22.28
C SER C 173 22.73 -9.44 22.34
N ALA C 174 22.68 -10.11 23.50
CA ALA C 174 23.31 -11.42 23.61
C ALA C 174 22.62 -12.45 22.71
N ALA C 175 21.29 -12.41 22.65
CA ALA C 175 20.56 -13.30 21.76
C ALA C 175 20.92 -13.03 20.31
N LEU C 176 21.01 -11.76 19.92
CA LEU C 176 21.38 -11.42 18.55
C LEU C 176 22.77 -11.93 18.22
N ASP C 177 23.73 -11.74 19.13
CA ASP C 177 25.09 -12.19 18.88
C ASP C 177 25.16 -13.71 18.75
N GLY C 178 24.51 -14.42 19.68
CA GLY C 178 24.54 -15.88 19.62
C GLY C 178 23.86 -16.43 18.39
N VAL C 179 22.70 -15.89 18.03
CA VAL C 179 21.98 -16.35 16.85
C VAL C 179 22.78 -16.04 15.59
N ALA C 180 23.43 -14.86 15.53
CA ALA C 180 24.25 -14.53 14.39
C ALA C 180 25.42 -15.50 14.24
N ARG C 181 26.10 -15.81 15.34
CA ARG C 181 27.24 -16.72 15.28
C ARG C 181 26.80 -18.12 14.86
N PHE C 182 25.75 -18.66 15.49
CA PHE C 182 25.32 -20.01 15.15
C PHE C 182 24.75 -20.08 13.73
N SER C 183 24.08 -19.02 13.27
CA SER C 183 23.55 -19.01 11.92
C SER C 183 24.66 -18.90 10.88
N GLU C 184 25.72 -18.15 11.19
CA GLU C 184 26.87 -18.08 10.30
C GLU C 184 27.70 -19.35 10.34
N THR C 185 27.55 -20.17 11.39
CA THR C 185 28.21 -21.48 11.38
C THR C 185 27.74 -22.32 10.19
N ILE C 186 26.44 -22.30 9.91
CA ILE C 186 25.89 -23.07 8.81
C ILE C 186 25.87 -22.25 7.51
N GLY C 187 25.71 -20.93 7.63
CA GLY C 187 25.52 -20.06 6.47
C GLY C 187 26.73 -19.93 5.59
N LYS C 188 27.93 -20.16 6.11
CA LYS C 188 29.13 -20.15 5.30
C LYS C 188 29.49 -21.53 4.79
N ARG C 189 28.62 -22.51 4.97
CA ARG C 189 28.81 -23.87 4.48
C ARG C 189 27.56 -24.36 3.76
N ASP C 190 26.90 -23.46 3.02
CA ASP C 190 25.61 -23.78 2.41
C ASP C 190 25.75 -24.90 1.38
N GLU C 191 26.76 -24.81 0.50
CA GLU C 191 26.95 -25.83 -0.50
C GLU C 191 27.29 -27.17 0.13
N ASP C 192 28.17 -27.16 1.15
CA ASP C 192 28.52 -28.38 1.85
C ASP C 192 27.30 -28.98 2.55
N VAL C 193 26.48 -28.14 3.19
CA VAL C 193 25.29 -28.64 3.87
C VAL C 193 24.31 -29.26 2.87
N LYS C 194 24.10 -28.62 1.72
CA LYS C 194 23.17 -29.15 0.74
C LYS C 194 23.68 -30.45 0.13
N LYS C 195 24.99 -30.53 -0.16
CA LYS C 195 25.57 -31.77 -0.66
C LYS C 195 25.45 -32.88 0.37
N LEU C 196 25.68 -32.55 1.64
CA LEU C 196 25.51 -33.50 2.72
C LEU C 196 24.07 -34.00 2.80
N LEU C 197 23.11 -33.09 2.66
CA LEU C 197 21.71 -33.49 2.71
C LEU C 197 21.34 -34.40 1.55
N ALA C 198 21.87 -34.12 0.35
CA ALA C 198 21.58 -34.97 -0.81
C ALA C 198 22.16 -36.38 -0.64
N SER C 199 23.44 -36.46 -0.25
CA SER C 199 24.06 -37.77 -0.05
C SER C 199 23.38 -38.53 1.09
N ALA C 200 23.02 -37.81 2.17
CA ALA C 200 22.30 -38.44 3.27
C ALA C 200 20.94 -38.93 2.82
N ASN C 201 20.28 -38.19 1.91
CA ASN C 201 19.01 -38.65 1.37
C ASN C 201 19.20 -39.98 0.63
N LYS C 202 20.24 -40.07 -0.19
CA LYS C 202 20.49 -41.32 -0.91
C LYS C 202 20.74 -42.48 0.05
N VAL C 203 21.66 -42.30 1.00
CA VAL C 203 22.04 -43.39 1.89
C VAL C 203 20.89 -43.76 2.82
N ALA C 204 20.18 -42.77 3.35
CA ALA C 204 19.06 -43.04 4.24
C ALA C 204 17.91 -43.70 3.51
N THR C 205 17.67 -43.35 2.24
CA THR C 205 16.67 -44.05 1.45
C THR C 205 17.06 -45.51 1.27
N VAL C 206 18.34 -45.77 1.00
CA VAL C 206 18.80 -47.15 0.88
C VAL C 206 18.56 -47.91 2.18
N LEU C 207 18.88 -47.28 3.33
CA LEU C 207 18.69 -47.94 4.61
C LEU C 207 17.21 -48.19 4.90
N GLY C 208 16.35 -47.19 4.66
CA GLY C 208 14.94 -47.33 4.96
C GLY C 208 14.23 -48.35 4.10
N ASP C 209 14.60 -48.42 2.82
CA ASP C 209 13.98 -49.41 1.94
C ASP C 209 14.32 -50.83 2.37
N ARG C 210 15.48 -51.03 2.99
CA ARG C 210 15.95 -52.36 3.40
C ARG C 210 15.97 -52.52 4.91
N SER C 211 15.19 -51.72 5.64
CA SER C 211 15.23 -51.75 7.10
C SER C 211 14.72 -53.08 7.66
N THR C 212 13.64 -53.62 7.07
CA THR C 212 13.14 -54.91 7.51
C THR C 212 14.19 -55.99 7.31
N GLN C 213 14.88 -55.97 6.17
CA GLN C 213 15.98 -56.90 5.94
C GLN C 213 17.09 -56.72 6.97
N VAL C 214 17.39 -55.47 7.34
CA VAL C 214 18.43 -55.20 8.33
C VAL C 214 18.07 -55.84 9.67
N ASN C 215 16.83 -55.59 10.13
CA ASN C 215 16.42 -56.13 11.43
C ASN C 215 16.38 -57.64 11.41
N GLN C 216 15.87 -58.23 10.32
CA GLN C 216 15.79 -59.67 10.22
C GLN C 216 17.18 -60.30 10.19
N LEU C 217 18.12 -59.69 9.46
CA LEU C 217 19.49 -60.19 9.43
C LEU C 217 20.13 -60.10 10.80
N LEU C 218 19.89 -59.01 11.53
CA LEU C 218 20.47 -58.87 12.86
C LEU C 218 19.95 -59.93 13.82
N VAL C 219 18.63 -60.14 13.85
CA VAL C 219 18.07 -61.11 14.78
C VAL C 219 18.46 -62.53 14.40
N ASN C 220 18.51 -62.84 13.11
CA ASN C 220 18.92 -64.17 12.68
C ASN C 220 20.40 -64.40 12.96
N ALA C 221 21.23 -63.37 12.83
CA ALA C 221 22.63 -63.47 13.20
C ALA C 221 22.78 -63.75 14.69
N GLN C 222 21.97 -63.08 15.52
CA GLN C 222 21.99 -63.35 16.95
C GLN C 222 21.62 -64.81 17.24
N THR C 223 20.57 -65.30 16.58
CA THR C 223 20.14 -66.68 16.80
C THR C 223 21.22 -67.67 16.37
N LEU C 224 21.83 -67.44 15.20
CA LEU C 224 22.86 -68.34 14.70
C LEU C 224 24.09 -68.32 15.61
N LEU C 225 24.51 -67.13 16.04
CA LEU C 225 25.67 -67.03 16.92
C LEU C 225 25.42 -67.71 18.25
N ALA C 226 24.20 -67.55 18.80
CA ALA C 226 23.87 -68.23 20.05
C ALA C 226 23.90 -69.76 19.87
N ALA C 227 23.33 -70.24 18.77
CA ALA C 227 23.31 -71.68 18.50
C ALA C 227 24.73 -72.24 18.37
N VAL C 228 25.62 -71.48 17.71
CA VAL C 228 27.00 -71.93 17.59
C VAL C 228 27.70 -71.87 18.95
N ASN C 229 27.42 -70.84 19.74
CA ASN C 229 28.13 -70.61 21.00
C ASN C 229 27.70 -71.56 22.10
N GLU C 230 26.50 -72.15 22.02
CA GLU C 230 26.04 -73.04 23.08
C GLU C 230 27.00 -74.21 23.28
N ARG C 231 27.58 -74.72 22.20
CA ARG C 231 28.65 -75.70 22.26
C ARG C 231 30.02 -75.03 22.22
N GLY C 232 30.23 -74.07 23.11
CA GLY C 232 31.42 -73.24 23.03
C GLY C 232 32.69 -73.87 23.56
N ARG C 233 32.59 -75.00 24.25
CA ARG C 233 33.80 -75.65 24.76
C ARG C 233 34.58 -76.32 23.63
N SER C 234 33.89 -77.04 22.76
CA SER C 234 34.55 -77.72 21.65
C SER C 234 34.86 -76.80 20.48
N VAL C 235 34.01 -75.79 20.24
CA VAL C 235 34.26 -74.85 19.15
C VAL C 235 35.51 -74.02 19.44
N SER C 236 35.72 -73.66 20.71
CA SER C 236 36.88 -72.84 21.07
C SER C 236 38.21 -73.57 20.84
N LEU C 237 38.19 -74.89 20.75
CA LEU C 237 39.38 -75.69 20.51
C LEU C 237 39.48 -76.19 19.07
N LEU C 238 38.64 -75.68 18.16
CA LEU C 238 38.60 -76.19 16.80
C LEU C 238 39.93 -75.99 16.09
N LEU C 239 40.46 -74.76 16.11
CA LEU C 239 41.70 -74.47 15.41
C LEU C 239 42.88 -75.21 16.04
N GLU C 240 42.95 -75.23 17.37
CA GLU C 240 44.02 -75.93 18.05
C GLU C 240 43.99 -77.43 17.73
N ARG C 241 42.80 -78.02 17.76
CA ARG C 241 42.70 -79.46 17.49
C ARG C 241 43.00 -79.79 16.03
N VAL C 242 42.58 -78.93 15.09
CA VAL C 242 42.87 -79.23 13.69
C VAL C 242 44.36 -79.09 13.42
N SER C 243 45.02 -78.10 14.04
CA SER C 243 46.47 -77.98 13.89
C SER C 243 47.17 -79.18 14.53
N SER C 244 46.69 -79.62 15.70
CA SER C 244 47.31 -80.76 16.37
C SER C 244 47.16 -82.04 15.55
N VAL C 245 45.98 -82.29 15.01
CA VAL C 245 45.79 -83.50 14.22
C VAL C 245 46.58 -83.42 12.91
N SER C 246 46.71 -82.22 12.33
CA SER C 246 47.55 -82.06 11.15
C SER C 246 48.99 -82.42 11.46
N ARG C 247 49.52 -81.92 12.58
CA ARG C 247 50.89 -82.24 12.95
C ARG C 247 51.05 -83.72 13.25
N GLN C 248 50.07 -84.34 13.90
CA GLN C 248 50.16 -85.77 14.20
C GLN C 248 50.16 -86.61 12.94
N VAL C 249 49.29 -86.29 11.97
CA VAL C 249 49.27 -87.04 10.72
C VAL C 249 50.58 -86.84 9.95
N GLU C 250 51.08 -85.61 9.91
CA GLU C 250 52.35 -85.34 9.24
C GLU C 250 53.48 -86.14 9.88
N GLY C 251 53.53 -86.17 11.21
CA GLY C 251 54.57 -86.94 11.88
C GLY C 251 54.43 -88.43 11.67
N PHE C 252 53.19 -88.93 11.67
CA PHE C 252 52.96 -90.36 11.45
C PHE C 252 53.42 -90.78 10.06
N VAL C 253 53.10 -89.97 9.04
CA VAL C 253 53.50 -90.32 7.68
C VAL C 253 55.01 -90.17 7.51
N ASP C 254 55.59 -89.14 8.12
CA ASP C 254 57.01 -88.87 7.93
C ASP C 254 57.89 -89.89 8.64
N GLU C 255 57.44 -90.42 9.77
CA GLU C 255 58.25 -91.33 10.57
C GLU C 255 58.18 -92.77 10.11
N ASN C 256 57.37 -93.08 9.10
CA ASN C 256 57.20 -94.45 8.60
C ASN C 256 57.45 -94.49 7.10
N PRO C 257 58.72 -94.34 6.67
CA PRO C 257 59.03 -94.45 5.24
C PRO C 257 58.80 -95.86 4.70
N ASN C 258 58.77 -96.88 5.54
CA ASN C 258 58.65 -98.26 5.10
C ASN C 258 57.23 -98.79 5.18
N LEU C 259 56.25 -97.92 5.37
CA LEU C 259 54.86 -98.37 5.43
C LEU C 259 54.41 -98.95 4.09
N ASN C 260 54.84 -98.35 2.98
CA ASN C 260 54.43 -98.85 1.68
C ASN C 260 55.05 -100.21 1.37
N HIS C 261 56.31 -100.41 1.78
CA HIS C 261 56.94 -101.71 1.59
C HIS C 261 56.22 -102.81 2.36
N VAL C 262 55.86 -102.52 3.62
CA VAL C 262 55.10 -103.47 4.42
C VAL C 262 53.74 -103.72 3.79
N LEU C 263 53.11 -102.68 3.26
CA LEU C 263 51.82 -102.85 2.61
C LEU C 263 51.92 -103.70 1.35
N GLU C 264 53.02 -103.56 0.60
CA GLU C 264 53.16 -104.36 -0.62
C GLU C 264 53.46 -105.82 -0.32
N GLN C 265 54.31 -106.09 0.67
CA GLN C 265 54.55 -107.48 1.03
C GLN C 265 53.32 -108.11 1.68
N LEU C 266 52.57 -107.33 2.47
CA LEU C 266 51.27 -107.78 2.92
C LEU C 266 50.33 -108.00 1.74
N ARG C 267 50.47 -107.23 0.67
CA ARG C 267 49.65 -107.43 -0.52
C ARG C 267 49.91 -108.79 -1.14
N THR C 268 51.19 -109.14 -1.32
CA THR C 268 51.47 -110.44 -1.96
C THR C 268 51.11 -111.60 -1.03
N VAL C 269 51.37 -111.45 0.28
CA VAL C 269 50.98 -112.50 1.23
C VAL C 269 49.47 -112.67 1.24
N SER C 270 48.72 -111.57 1.28
CA SER C 270 47.27 -111.63 1.27
C SER C 270 46.73 -112.15 -0.05
N ASP C 271 47.43 -111.88 -1.16
CA ASP C 271 47.01 -112.43 -2.44
C ASP C 271 47.13 -113.95 -2.44
N VAL C 272 48.28 -114.48 -1.99
CA VAL C 272 48.45 -115.93 -1.97
C VAL C 272 47.53 -116.56 -0.93
N LEU C 273 47.14 -115.81 0.10
CA LEU C 273 46.19 -116.33 1.09
C LEU C 273 44.77 -116.32 0.56
N ASN C 274 44.39 -115.27 -0.19
CA ASN C 274 43.06 -115.13 -0.76
C ASN C 274 42.84 -116.13 -1.89
N GLU C 275 43.87 -116.42 -2.68
CA GLU C 275 43.76 -117.50 -3.65
C GLU C 275 43.51 -118.84 -2.97
N ARG C 276 43.97 -118.98 -1.72
CA ARG C 276 43.82 -120.20 -0.95
C ARG C 276 42.76 -120.08 0.15
N LYS C 277 41.83 -119.13 0.01
CA LYS C 277 40.78 -118.97 1.01
C LYS C 277 39.89 -120.21 1.09
N GLN C 278 39.58 -120.82 -0.06
CA GLN C 278 38.78 -122.04 -0.05
C GLN C 278 39.54 -123.19 0.60
N ASP C 279 40.86 -123.21 0.46
CA ASP C 279 41.64 -124.26 1.11
C ASP C 279 41.69 -124.06 2.62
N LEU C 280 41.75 -122.81 3.08
CA LEU C 280 41.63 -122.55 4.50
C LEU C 280 40.26 -122.98 5.03
N ALA C 281 39.20 -122.68 4.27
CA ALA C 281 37.87 -123.11 4.66
C ALA C 281 37.77 -124.63 4.71
N ASP C 282 38.39 -125.30 3.74
CA ASP C 282 38.40 -126.77 3.73
C ASP C 282 39.15 -127.32 4.94
N ILE C 283 40.29 -126.71 5.29
CA ILE C 283 41.04 -127.15 6.47
C ILE C 283 40.17 -127.02 7.71
N LEU C 284 39.53 -125.87 7.89
CA LEU C 284 38.70 -125.65 9.07
C LEU C 284 37.50 -126.58 9.09
N THR C 285 36.88 -126.83 7.94
CA THR C 285 35.72 -127.71 7.89
C THR C 285 36.08 -129.15 8.20
N VAL C 286 37.11 -129.69 7.53
CA VAL C 286 37.39 -131.11 7.67
C VAL C 286 38.14 -131.40 8.97
N ALA C 287 38.92 -130.45 9.49
CA ALA C 287 39.61 -130.65 10.75
C ALA C 287 38.70 -130.49 11.95
N GLY C 288 37.46 -130.07 11.74
CA GLY C 288 36.49 -129.99 12.81
C GLY C 288 35.50 -131.14 12.84
N LYS C 289 35.54 -132.01 11.84
CA LYS C 289 34.60 -133.14 11.77
C LYS C 289 35.26 -134.48 12.04
N PHE C 290 36.54 -134.49 12.42
CA PHE C 290 37.15 -135.73 12.92
C PHE C 290 38.00 -135.54 14.17
N ILE C 291 38.22 -134.30 14.63
CA ILE C 291 39.10 -134.08 15.77
C ILE C 291 38.54 -134.76 17.02
N THR C 292 37.21 -134.71 17.20
CA THR C 292 36.59 -135.39 18.33
C THR C 292 36.71 -136.90 18.21
N SER C 293 36.65 -137.42 16.98
CA SER C 293 36.74 -138.86 16.79
C SER C 293 38.17 -139.37 17.01
N LEU C 294 39.15 -138.66 16.46
CA LEU C 294 40.54 -139.08 16.59
C LEU C 294 41.15 -138.91 17.96
N ALA C 295 40.56 -138.05 18.78
CA ALA C 295 41.04 -137.84 20.13
C ALA C 295 40.33 -138.79 21.09
N GLU C 296 39.37 -139.55 20.59
CA GLU C 296 38.63 -140.54 21.37
C GLU C 296 39.51 -141.69 21.81
N ALA C 297 40.43 -142.10 20.94
CA ALA C 297 41.32 -143.22 21.20
C ALA C 297 42.20 -142.93 22.39
N LEU C 298 42.69 -141.70 22.50
CA LEU C 298 43.53 -141.31 23.62
C LEU C 298 42.84 -141.32 24.97
N ALA C 299 41.54 -141.09 24.99
CA ALA C 299 40.71 -140.97 26.20
C ALA C 299 40.56 -142.14 27.19
N SER C 300 40.48 -143.37 26.72
CA SER C 300 40.23 -144.51 27.60
C SER C 300 41.22 -144.74 28.73
N GLY C 301 42.50 -144.50 28.51
CA GLY C 301 43.54 -144.71 29.52
C GLY C 301 44.75 -143.85 29.19
N PRO C 302 45.86 -143.99 29.94
CA PRO C 302 47.04 -143.18 29.57
C PRO C 302 47.91 -143.82 28.46
N TYR C 303 47.34 -143.89 27.24
CA TYR C 303 47.92 -144.48 26.04
C TYR C 303 46.93 -144.22 24.92
N PHE C 304 46.89 -145.07 23.90
CA PHE C 304 45.89 -144.99 22.83
C PHE C 304 45.62 -146.39 22.30
N LYS C 305 44.35 -146.68 22.04
CA LYS C 305 44.01 -147.98 21.49
C LYS C 305 44.43 -148.07 20.03
N VAL C 306 44.85 -149.27 19.62
CA VAL C 306 45.24 -149.55 18.24
C VAL C 306 44.69 -150.91 17.84
N MET C 307 44.19 -151.00 16.61
CA MET C 307 43.72 -152.26 16.05
C MET C 307 44.74 -152.74 15.04
N LEU C 308 45.36 -153.89 15.33
CA LEU C 308 46.39 -154.47 14.47
C LEU C 308 45.72 -155.57 13.64
N VAL C 309 45.48 -155.29 12.36
CA VAL C 309 44.85 -156.26 11.48
C VAL C 309 45.79 -157.40 11.12
N ASN C 310 47.07 -157.28 11.43
CA ASN C 310 48.03 -158.35 11.19
C ASN C 310 48.60 -158.90 12.49
N ARG D 42 -38.83 22.47 -19.78
CA ARG D 42 -37.63 21.64 -19.64
C ARG D 42 -37.98 20.16 -19.73
N LYS D 43 -39.22 19.81 -19.41
CA LYS D 43 -39.65 18.43 -19.38
C LYS D 43 -39.71 17.86 -20.80
N LEU D 44 -39.66 16.52 -20.87
CA LEU D 44 -39.62 15.70 -22.09
C LEU D 44 -38.27 15.79 -22.77
N THR D 45 -37.38 16.66 -22.26
CA THR D 45 -36.02 16.78 -22.76
C THR D 45 -34.99 16.31 -21.75
N ASN D 46 -35.41 15.91 -20.55
CA ASN D 46 -34.46 15.47 -19.53
C ASN D 46 -35.13 14.40 -18.67
N THR D 47 -34.28 13.58 -18.06
CA THR D 47 -34.70 12.46 -17.22
C THR D 47 -34.67 12.90 -15.75
N THR D 48 -35.75 12.61 -15.03
CA THR D 48 -35.88 12.98 -13.63
C THR D 48 -35.67 11.76 -12.74
N VAL D 49 -34.85 11.93 -11.69
CA VAL D 49 -34.50 10.87 -10.77
C VAL D 49 -34.73 11.35 -9.34
N THR D 50 -35.28 10.48 -8.51
CA THR D 50 -35.49 10.73 -7.09
C THR D 50 -34.45 9.95 -6.29
N ALA D 51 -33.79 10.63 -5.36
CA ALA D 51 -32.78 10.01 -4.52
C ALA D 51 -33.03 10.35 -3.06
N TYR D 52 -32.71 9.41 -2.18
CA TYR D 52 -32.88 9.60 -0.74
C TYR D 52 -31.51 9.72 -0.08
N PHE D 53 -31.37 10.72 0.78
CA PHE D 53 -30.12 10.95 1.49
C PHE D 53 -30.36 11.00 2.98
N PRO D 54 -29.40 10.53 3.79
CA PRO D 54 -29.53 10.72 5.24
C PRO D 54 -29.52 12.19 5.64
N GLU D 55 -28.79 13.03 4.92
CA GLU D 55 -28.70 14.44 5.22
C GLU D 55 -28.44 15.19 3.92
N VAL D 56 -29.05 16.36 3.78
CA VAL D 56 -28.89 17.22 2.60
C VAL D 56 -28.58 18.62 3.13
N LEU D 57 -27.30 18.96 3.23
CA LEU D 57 -26.85 20.23 3.77
C LEU D 57 -26.22 21.06 2.66
N ALA D 58 -26.55 22.36 2.66
CA ALA D 58 -26.03 23.34 1.70
C ALA D 58 -26.33 22.96 0.25
N LEU D 59 -27.35 22.14 0.05
CA LEU D 59 -27.82 21.76 -1.28
C LEU D 59 -29.21 22.35 -1.47
N TYR D 60 -29.40 23.09 -2.55
CA TYR D 60 -30.62 23.84 -2.79
C TYR D 60 -31.15 23.50 -4.18
N PRO D 61 -32.45 23.66 -4.40
CA PRO D 61 -33.00 23.49 -5.75
C PRO D 61 -32.34 24.44 -6.74
N GLY D 62 -32.05 23.92 -7.93
CA GLY D 62 -31.30 24.67 -8.92
C GLY D 62 -29.81 24.40 -8.93
N ASP D 63 -29.29 23.68 -7.94
CA ASP D 63 -27.88 23.32 -7.95
C ASP D 63 -27.60 22.31 -9.05
N LYS D 64 -26.35 22.28 -9.51
CA LYS D 64 -25.99 21.54 -10.71
C LYS D 64 -25.86 20.05 -10.43
N VAL D 65 -26.15 19.25 -11.45
CA VAL D 65 -25.91 17.82 -11.45
C VAL D 65 -24.79 17.53 -12.43
N LEU D 66 -23.80 16.75 -11.99
CA LEU D 66 -22.58 16.54 -12.77
C LEU D 66 -22.44 15.09 -13.16
N ILE D 67 -21.82 14.88 -14.32
CA ILE D 67 -21.29 13.58 -14.73
C ILE D 67 -19.82 13.81 -15.09
N MET D 68 -18.93 13.16 -14.34
CA MET D 68 -17.47 13.33 -14.50
C MET D 68 -17.08 14.80 -14.41
N GLY D 69 -17.79 15.57 -13.60
CA GLY D 69 -17.51 16.98 -13.43
C GLY D 69 -18.15 17.91 -14.45
N VAL D 70 -18.88 17.38 -15.42
CA VAL D 70 -19.50 18.18 -16.46
C VAL D 70 -20.99 18.31 -16.15
N ARG D 71 -21.50 19.54 -16.20
CA ARG D 71 -22.91 19.79 -15.92
C ARG D 71 -23.79 19.07 -16.93
N VAL D 72 -24.80 18.35 -16.43
CA VAL D 72 -25.71 17.61 -17.29
C VAL D 72 -27.16 17.91 -16.90
N GLY D 73 -27.36 18.60 -15.80
CA GLY D 73 -28.70 18.86 -15.33
C GLY D 73 -28.72 19.73 -14.09
N SER D 74 -29.83 19.65 -13.37
CA SER D 74 -30.04 20.48 -12.18
C SER D 74 -30.89 19.71 -11.18
N ILE D 75 -31.17 20.34 -10.05
CA ILE D 75 -31.92 19.74 -8.95
C ILE D 75 -33.28 20.43 -8.85
N ASP D 76 -34.35 19.63 -8.90
CA ASP D 76 -35.69 20.20 -8.91
C ASP D 76 -36.15 20.58 -7.50
N SER D 77 -36.21 19.62 -6.58
CA SER D 77 -36.79 19.88 -5.28
C SER D 77 -36.12 19.03 -4.21
N ILE D 78 -36.27 19.48 -2.95
CA ILE D 78 -35.73 18.78 -1.78
C ILE D 78 -36.78 18.87 -0.68
N GLU D 79 -37.31 17.73 -0.26
CA GLU D 79 -38.31 17.72 0.81
C GLU D 79 -38.03 16.60 1.79
N THR D 80 -38.40 16.82 3.05
CA THR D 80 -38.22 15.82 4.08
C THR D 80 -39.14 14.62 3.84
N ALA D 81 -38.59 13.41 4.01
CA ALA D 81 -39.36 12.17 3.90
C ALA D 81 -39.03 11.33 5.12
N GLY D 82 -39.78 11.54 6.20
CA GLY D 82 -39.51 10.83 7.44
C GLY D 82 -38.16 11.22 7.99
N ASP D 83 -37.31 10.22 8.22
CA ASP D 83 -35.95 10.45 8.69
C ASP D 83 -34.96 10.62 7.54
N LYS D 84 -35.43 10.63 6.29
CA LYS D 84 -34.58 10.81 5.13
C LYS D 84 -34.92 12.14 4.45
N MET D 85 -34.14 12.47 3.43
CA MET D 85 -34.39 13.64 2.60
C MET D 85 -34.55 13.18 1.16
N LYS D 86 -35.69 13.51 0.56
CA LYS D 86 -36.01 13.14 -0.81
C LYS D 86 -35.63 14.29 -1.72
N VAL D 87 -34.69 14.05 -2.63
CA VAL D 87 -34.20 15.04 -3.56
C VAL D 87 -34.57 14.57 -4.96
N VAL D 88 -35.38 15.37 -5.65
CA VAL D 88 -35.73 15.12 -7.04
C VAL D 88 -34.87 16.03 -7.91
N PHE D 89 -34.12 15.43 -8.83
CA PHE D 89 -33.26 16.18 -9.74
C PHE D 89 -33.48 15.66 -11.15
N HIS D 90 -32.86 16.31 -12.12
CA HIS D 90 -32.97 15.89 -13.51
C HIS D 90 -31.65 16.12 -14.22
N PHE D 91 -31.41 15.32 -15.25
CA PHE D 91 -30.24 15.49 -16.12
C PHE D 91 -30.68 15.36 -17.57
N ASN D 92 -29.97 16.06 -18.45
CA ASN D 92 -30.36 16.14 -19.85
C ASN D 92 -30.41 14.76 -20.49
N ASN D 93 -31.43 14.55 -21.33
CA ASN D 93 -31.66 13.24 -21.93
C ASN D 93 -30.61 12.88 -22.98
N LYS D 94 -29.73 13.81 -23.36
CA LYS D 94 -28.63 13.48 -24.25
C LYS D 94 -27.71 12.45 -23.64
N TYR D 95 -27.45 12.57 -22.34
CA TYR D 95 -26.52 11.70 -21.64
C TYR D 95 -27.24 10.50 -21.06
N LYS D 96 -26.57 9.35 -21.10
CA LYS D 96 -27.10 8.11 -20.54
C LYS D 96 -26.34 7.79 -19.26
N VAL D 97 -27.06 7.24 -18.28
CA VAL D 97 -26.50 6.95 -16.96
C VAL D 97 -26.79 5.49 -16.64
N PRO D 98 -25.82 4.73 -16.10
CA PRO D 98 -26.07 3.31 -15.80
C PRO D 98 -27.17 3.15 -14.74
N GLU D 99 -27.90 2.04 -14.86
CA GLU D 99 -29.02 1.79 -13.96
C GLU D 99 -28.57 1.65 -12.51
N ASN D 100 -27.35 1.18 -12.28
CA ASN D 100 -26.81 1.00 -10.93
C ASN D 100 -25.93 2.17 -10.51
N ALA D 101 -26.26 3.38 -10.95
CA ALA D 101 -25.46 4.55 -10.63
C ALA D 101 -25.62 4.95 -9.17
N THR D 102 -24.64 5.71 -8.68
CA THR D 102 -24.62 6.23 -7.32
C THR D 102 -24.62 7.74 -7.38
N ALA D 103 -25.61 8.36 -6.75
CA ALA D 103 -25.72 9.82 -6.70
C ALA D 103 -25.05 10.31 -5.44
N SER D 104 -23.88 10.93 -5.58
CA SER D 104 -23.10 11.39 -4.44
C SER D 104 -23.09 12.91 -4.42
N ILE D 105 -23.37 13.49 -3.26
CA ILE D 105 -23.31 14.93 -3.08
C ILE D 105 -21.86 15.33 -2.84
N LEU D 106 -21.39 16.32 -3.59
CA LEU D 106 -20.00 16.76 -3.54
C LEU D 106 -19.94 18.24 -3.15
N ASN D 107 -18.96 18.56 -2.31
CA ASN D 107 -18.61 19.94 -1.98
C ASN D 107 -17.30 20.25 -2.66
N PRO D 108 -17.31 20.93 -3.82
CA PRO D 108 -16.09 21.04 -4.64
C PRO D 108 -14.92 21.72 -3.95
N SER D 109 -15.16 22.72 -3.11
CA SER D 109 -14.06 23.46 -2.50
C SER D 109 -14.52 23.98 -1.15
N LEU D 110 -13.72 24.90 -0.58
CA LEU D 110 -14.04 25.46 0.73
C LEU D 110 -15.37 26.20 0.70
N VAL D 111 -15.53 27.12 -0.25
CA VAL D 111 -16.79 27.83 -0.47
C VAL D 111 -17.19 27.56 -1.91
N ALA D 112 -18.24 26.77 -2.10
CA ALA D 112 -18.71 26.40 -3.42
C ALA D 112 -20.19 26.06 -3.34
N SER D 113 -20.77 25.76 -4.49
CA SER D 113 -22.14 25.27 -4.57
C SER D 113 -22.09 23.75 -4.69
N ARG D 114 -22.67 23.07 -3.71
CA ARG D 114 -22.62 21.61 -3.70
C ARG D 114 -23.41 21.04 -4.87
N VAL D 115 -22.91 19.93 -5.41
CA VAL D 115 -23.48 19.32 -6.61
C VAL D 115 -23.84 17.88 -6.31
N ILE D 116 -24.57 17.28 -7.24
CA ILE D 116 -24.86 15.84 -7.20
C ILE D 116 -24.22 15.22 -8.43
N GLN D 117 -23.31 14.28 -8.21
CA GLN D 117 -22.61 13.61 -9.29
C GLN D 117 -23.03 12.15 -9.35
N LEU D 118 -23.36 11.69 -10.55
CA LEU D 118 -23.63 10.28 -10.81
C LEU D 118 -22.30 9.59 -11.04
N SER D 119 -21.81 8.89 -10.01
CA SER D 119 -20.40 8.52 -9.95
C SER D 119 -19.92 7.61 -11.08
N PRO D 120 -20.57 6.50 -11.41
CA PRO D 120 -20.02 5.63 -12.46
C PRO D 120 -20.39 6.13 -13.85
N PRO D 121 -19.41 6.48 -14.68
CA PRO D 121 -19.72 6.89 -16.05
C PRO D 121 -20.27 5.75 -16.86
N TYR D 122 -21.14 6.09 -17.82
CA TYR D 122 -21.82 5.08 -18.62
C TYR D 122 -20.88 4.47 -19.63
N THR D 123 -20.82 3.13 -19.66
CA THR D 123 -20.00 2.40 -20.62
C THR D 123 -20.81 1.38 -21.39
N GLY D 124 -22.13 1.42 -21.31
CA GLY D 124 -23.01 0.48 -21.97
C GLY D 124 -23.89 -0.23 -20.96
N GLY D 125 -24.64 -1.20 -21.46
CA GLY D 125 -25.54 -1.99 -20.63
C GLY D 125 -26.83 -1.27 -20.34
N PRO D 126 -27.60 -1.80 -19.38
CA PRO D 126 -28.86 -1.15 -18.99
C PRO D 126 -28.62 0.26 -18.46
N THR D 127 -29.55 1.16 -18.77
CA THR D 127 -29.42 2.57 -18.43
C THR D 127 -30.47 2.97 -17.40
N LEU D 128 -30.18 4.05 -16.68
CA LEU D 128 -31.08 4.57 -15.67
C LEU D 128 -32.31 5.16 -16.35
N ARG D 129 -33.46 4.51 -16.15
CA ARG D 129 -34.70 4.95 -16.79
C ARG D 129 -35.34 6.09 -16.01
N ASP D 130 -36.25 6.79 -16.67
CA ASP D 130 -36.94 7.91 -16.06
C ASP D 130 -37.86 7.42 -14.95
N GLY D 131 -37.94 8.21 -13.88
CA GLY D 131 -38.76 7.84 -12.74
C GLY D 131 -38.11 6.89 -11.76
N ALA D 132 -36.80 6.66 -11.88
CA ALA D 132 -36.11 5.74 -10.99
C ALA D 132 -35.97 6.35 -9.59
N VAL D 133 -35.81 5.47 -8.60
CA VAL D 133 -35.68 5.84 -7.21
C VAL D 133 -34.36 5.29 -6.69
N LEU D 134 -33.54 6.16 -6.10
CA LEU D 134 -32.28 5.77 -5.48
C LEU D 134 -32.43 5.87 -3.97
N ASP D 135 -32.18 4.76 -3.27
CA ASP D 135 -32.35 4.73 -1.83
C ASP D 135 -31.04 5.15 -1.15
N VAL D 136 -31.03 5.09 0.19
CA VAL D 136 -29.88 5.54 0.95
C VAL D 136 -28.65 4.65 0.72
N ASP D 137 -28.86 3.40 0.31
CA ASP D 137 -27.73 2.50 0.13
C ASP D 137 -26.82 2.93 -1.00
N ARG D 138 -27.37 3.55 -2.05
CA ARG D 138 -26.60 3.96 -3.22
C ARG D 138 -26.49 5.48 -3.34
N THR D 139 -26.34 6.16 -2.20
CA THR D 139 -26.12 7.60 -2.18
C THR D 139 -25.00 7.92 -1.19
N GLN D 140 -24.34 9.05 -1.41
CA GLN D 140 -23.23 9.48 -0.58
C GLN D 140 -23.38 10.97 -0.26
N VAL D 141 -22.78 11.37 0.85
CA VAL D 141 -22.87 12.74 1.33
C VAL D 141 -21.45 13.23 1.65
N PRO D 142 -21.24 14.55 1.64
CA PRO D 142 -19.91 15.08 1.97
C PRO D 142 -19.55 14.83 3.42
N ILE D 143 -18.29 15.11 3.74
CA ILE D 143 -17.77 14.78 5.06
C ILE D 143 -18.18 15.80 6.12
N GLU D 144 -18.45 17.05 5.72
CA GLU D 144 -18.78 18.16 6.60
C GLU D 144 -17.58 18.58 7.46
N TYR D 145 -17.60 19.81 7.96
CA TYR D 145 -16.47 20.39 8.68
C TYR D 145 -16.53 20.15 10.18
N ASP D 146 -17.73 20.10 10.75
CA ASP D 146 -17.87 19.80 12.16
C ASP D 146 -17.47 18.37 12.47
N GLU D 147 -17.71 17.43 11.56
CA GLU D 147 -17.23 16.08 11.73
C GLU D 147 -15.70 16.03 11.76
N VAL D 148 -15.06 16.81 10.89
CA VAL D 148 -13.61 16.88 10.88
C VAL D 148 -13.10 17.43 12.21
N ARG D 149 -13.72 18.50 12.70
CA ARG D 149 -13.31 19.07 13.98
C ARG D 149 -13.50 18.07 15.13
N ASN D 150 -14.64 17.38 15.14
CA ASN D 150 -14.93 16.40 16.19
C ASN D 150 -13.91 15.27 16.18
N GLN D 151 -13.58 14.75 15.00
CA GLN D 151 -12.63 13.64 14.93
C GLN D 151 -11.22 14.08 15.29
N VAL D 152 -10.82 15.28 14.87
CA VAL D 152 -9.51 15.80 15.24
C VAL D 152 -9.40 15.93 16.76
N THR D 153 -10.43 16.52 17.38
CA THR D 153 -10.42 16.68 18.83
C THR D 153 -10.41 15.32 19.54
N ARG D 154 -11.22 14.38 19.05
CA ARG D 154 -11.31 13.06 19.68
C ARG D 154 -9.98 12.32 19.60
N LEU D 155 -9.32 12.34 18.44
CA LEU D 155 -8.04 11.64 18.32
C LEU D 155 -6.94 12.32 19.12
N LEU D 156 -6.93 13.66 19.14
CA LEU D 156 -5.92 14.36 19.92
C LEU D 156 -6.14 14.20 21.42
N ALA D 157 -7.36 13.94 21.86
CA ALA D 157 -7.61 13.72 23.28
C ALA D 157 -7.34 12.27 23.68
N ASP D 158 -7.76 11.31 22.85
CA ASP D 158 -7.60 9.91 23.22
C ASP D 158 -6.16 9.45 23.10
N LEU D 159 -5.45 9.89 22.06
CA LEU D 159 -4.10 9.42 21.79
C LEU D 159 -3.04 10.47 22.13
N GLY D 160 -3.37 11.43 22.98
CA GLY D 160 -2.45 12.48 23.33
C GLY D 160 -1.88 12.32 24.72
N PRO D 161 -1.02 13.24 25.13
CA PRO D 161 -0.45 13.17 26.49
C PRO D 161 -1.50 13.34 27.57
N THR D 162 -1.24 12.69 28.70
CA THR D 162 -2.08 12.72 29.88
C THR D 162 -1.20 12.96 31.09
N PRO D 163 -1.79 13.36 32.24
CA PRO D 163 -0.97 13.52 33.45
C PRO D 163 -0.23 12.25 33.85
N GLU D 164 -0.85 11.09 33.67
CA GLU D 164 -0.17 9.82 33.99
C GLU D 164 0.87 9.45 32.95
N GLN D 165 0.68 9.87 31.69
CA GLN D 165 1.59 9.53 30.59
C GLN D 165 1.97 10.83 29.90
N PRO D 166 2.95 11.57 30.46
CA PRO D 166 3.23 12.93 29.97
C PRO D 166 3.66 13.00 28.52
N LYS D 167 4.20 11.92 27.96
CA LYS D 167 4.71 11.94 26.59
C LYS D 167 3.70 11.45 25.58
N GLY D 168 2.62 10.81 26.01
CA GLY D 168 1.65 10.24 25.11
C GLY D 168 2.08 8.87 24.65
N PRO D 169 1.14 8.06 24.16
CA PRO D 169 1.50 6.72 23.68
C PRO D 169 2.53 6.73 22.55
N PHE D 170 2.41 7.66 21.62
CA PHE D 170 3.36 7.72 20.51
C PHE D 170 4.73 8.21 20.96
N GLY D 171 4.77 9.22 21.84
CA GLY D 171 6.04 9.64 22.39
C GLY D 171 6.72 8.53 23.18
N ASP D 172 5.94 7.80 23.98
CA ASP D 172 6.49 6.71 24.76
C ASP D 172 7.02 5.58 23.86
N ILE D 173 6.28 5.23 22.81
CA ILE D 173 6.74 4.15 21.94
C ILE D 173 7.97 4.58 21.16
N ILE D 174 8.03 5.84 20.73
CA ILE D 174 9.23 6.34 20.04
C ILE D 174 10.43 6.30 20.97
N GLU D 175 10.25 6.77 22.21
CA GLU D 175 11.35 6.76 23.17
C GLU D 175 11.81 5.33 23.49
N SER D 176 10.86 4.41 23.68
CA SER D 176 11.23 3.03 24.01
C SER D 176 11.95 2.36 22.85
N PHE D 177 11.48 2.57 21.61
CA PHE D 177 12.14 1.95 20.47
C PHE D 177 13.49 2.59 20.18
N ALA D 178 13.65 3.87 20.49
CA ALA D 178 14.95 4.52 20.29
C ALA D 178 15.96 4.10 21.35
N ASP D 179 15.52 3.95 22.60
CA ASP D 179 16.43 3.56 23.66
C ASP D 179 16.76 2.06 23.61
N GLY D 180 15.78 1.23 23.26
CA GLY D 180 15.96 -0.21 23.30
C GLY D 180 16.69 -0.80 22.13
N PHE D 181 16.85 -0.05 21.03
CA PHE D 181 17.57 -0.52 19.86
C PHE D 181 18.78 0.36 19.55
N ALA D 182 19.22 1.17 20.50
CA ALA D 182 20.37 2.03 20.28
C ALA D 182 21.66 1.20 20.30
N GLY D 183 22.37 1.20 19.17
CA GLY D 183 23.59 0.43 19.04
C GLY D 183 23.40 -0.99 18.56
N LYS D 184 22.16 -1.43 18.36
CA LYS D 184 21.88 -2.79 17.92
C LYS D 184 21.54 -2.88 16.44
N GLY D 185 21.72 -1.79 15.68
CA GLY D 185 21.42 -1.83 14.26
C GLY D 185 22.33 -2.79 13.50
N GLU D 186 23.63 -2.70 13.75
CA GLU D 186 24.57 -3.59 13.07
C GLU D 186 24.40 -5.03 13.54
N GLN D 187 24.20 -5.23 14.85
CA GLN D 187 23.97 -6.58 15.36
C GLN D 187 22.72 -7.20 14.77
N LEU D 188 21.63 -6.42 14.69
CA LEU D 188 20.39 -6.94 14.10
C LEU D 188 20.58 -7.23 12.62
N ASN D 189 21.31 -6.36 11.91
CA ASN D 189 21.56 -6.60 10.48
C ASN D 189 22.34 -7.90 10.28
N ARG D 190 23.40 -8.10 11.07
CA ARG D 190 24.20 -9.32 10.94
C ARG D 190 23.37 -10.56 11.29
N THR D 191 22.57 -10.47 12.36
CA THR D 191 21.73 -11.61 12.75
C THR D 191 20.72 -11.95 11.67
N LEU D 192 20.09 -10.92 11.08
CA LEU D 192 19.10 -11.17 10.04
C LEU D 192 19.74 -11.76 8.78
N ARG D 193 20.91 -11.26 8.39
CA ARG D 193 21.60 -11.83 7.23
C ARG D 193 21.99 -13.28 7.47
N GLY D 194 22.53 -13.57 8.65
CA GLY D 194 22.91 -14.94 8.96
C GLY D 194 21.71 -15.87 9.00
N LEU D 195 20.62 -15.43 9.62
CA LEU D 195 19.42 -16.24 9.67
C LEU D 195 18.86 -16.49 8.28
N SER D 196 18.85 -15.46 7.42
CA SER D 196 18.34 -15.63 6.07
C SER D 196 19.21 -16.62 5.29
N ASP D 197 20.53 -16.50 5.40
CA ASP D 197 21.42 -17.41 4.68
C ASP D 197 21.23 -18.85 5.15
N ALA D 198 21.25 -19.06 6.47
CA ALA D 198 21.12 -20.41 7.02
C ALA D 198 19.78 -21.03 6.67
N LEU D 199 18.69 -20.27 6.82
CA LEU D 199 17.37 -20.82 6.55
C LEU D 199 17.14 -21.03 5.06
N THR D 200 17.74 -20.19 4.21
CA THR D 200 17.67 -20.43 2.77
C THR D 200 18.40 -21.71 2.39
N ALA D 201 19.58 -21.93 3.00
CA ALA D 201 20.32 -23.16 2.74
C ALA D 201 19.53 -24.37 3.20
N LEU D 202 18.87 -24.29 4.36
CA LEU D 202 18.05 -25.40 4.83
C LEU D 202 16.84 -25.61 3.94
N ASN D 203 16.21 -24.53 3.47
CA ASN D 203 15.02 -24.63 2.64
C ASN D 203 15.34 -25.22 1.27
N GLU D 204 16.52 -24.92 0.72
CA GLU D 204 16.90 -25.52 -0.55
C GLU D 204 17.11 -27.02 -0.42
N GLY D 205 17.58 -27.50 0.73
CA GLY D 205 17.73 -28.92 0.98
C GLY D 205 16.63 -29.50 1.84
N ARG D 206 15.49 -28.79 1.92
CA ARG D 206 14.39 -29.21 2.79
C ARG D 206 13.80 -30.54 2.34
N GLY D 207 13.61 -30.73 1.03
CA GLY D 207 13.06 -31.98 0.54
C GLY D 207 13.96 -33.17 0.85
N ASP D 208 15.27 -33.01 0.66
CA ASP D 208 16.21 -34.05 1.01
C ASP D 208 16.18 -34.35 2.50
N PHE D 209 16.14 -33.31 3.33
CA PHE D 209 16.12 -33.50 4.77
C PHE D 209 14.89 -34.27 5.22
N PHE D 210 13.72 -33.93 4.68
CA PHE D 210 12.53 -34.64 5.12
C PHE D 210 12.41 -36.03 4.51
N ALA D 211 13.02 -36.27 3.36
CA ALA D 211 13.17 -37.65 2.89
C ALA D 211 14.04 -38.45 3.84
N VAL D 212 15.13 -37.84 4.32
CA VAL D 212 15.96 -38.49 5.34
C VAL D 212 15.13 -38.79 6.59
N VAL D 213 14.31 -37.84 7.01
CA VAL D 213 13.49 -38.03 8.21
C VAL D 213 12.54 -39.21 8.03
N LYS D 214 11.85 -39.26 6.88
CA LYS D 214 10.91 -40.37 6.64
C LYS D 214 11.63 -41.71 6.56
N SER D 215 12.84 -41.72 5.99
CA SER D 215 13.56 -42.98 5.89
C SER D 215 14.09 -43.44 7.23
N LEU D 216 14.66 -42.53 8.02
CA LEU D 216 15.10 -42.91 9.36
C LEU D 216 13.92 -43.30 10.23
N ALA D 217 12.75 -42.72 9.97
CA ALA D 217 11.53 -43.12 10.67
C ALA D 217 11.21 -44.59 10.38
N LEU D 218 11.26 -44.98 9.11
CA LEU D 218 11.03 -46.39 8.79
C LEU D 218 12.10 -47.28 9.43
N PHE D 219 13.36 -46.83 9.39
CA PHE D 219 14.46 -47.60 9.97
C PHE D 219 14.22 -47.87 11.46
N VAL D 220 13.94 -46.81 12.23
CA VAL D 220 13.75 -46.97 13.67
C VAL D 220 12.47 -47.74 13.97
N ASN D 221 11.41 -47.51 13.18
CA ASN D 221 10.16 -48.24 13.42
C ASN D 221 10.34 -49.73 13.17
N ALA D 222 11.27 -50.11 12.31
CA ALA D 222 11.50 -51.53 12.08
C ALA D 222 12.52 -52.14 13.03
N LEU D 223 13.45 -51.35 13.57
CA LEU D 223 14.53 -51.90 14.39
C LEU D 223 14.41 -51.65 15.89
N HIS D 224 13.41 -50.89 16.35
CA HIS D 224 13.41 -50.47 17.75
C HIS D 224 13.01 -51.56 18.72
N ARG D 225 12.18 -52.51 18.30
CA ARG D 225 11.65 -53.49 19.26
C ARG D 225 12.71 -54.50 19.69
N SER D 226 13.65 -54.83 18.82
CA SER D 226 14.61 -55.90 19.08
C SER D 226 15.93 -55.33 19.62
N ASP D 227 15.83 -54.60 20.73
CA ASP D 227 17.04 -54.02 21.32
C ASP D 227 17.80 -55.03 22.17
N GLN D 228 17.09 -55.80 22.99
CA GLN D 228 17.72 -56.90 23.72
C GLN D 228 18.33 -57.90 22.76
N GLN D 229 17.70 -58.10 21.60
CA GLN D 229 18.27 -58.94 20.56
C GLN D 229 19.61 -58.39 20.07
N PHE D 230 19.71 -57.06 19.94
CA PHE D 230 20.97 -56.46 19.49
C PHE D 230 22.06 -56.60 20.55
N VAL D 231 21.71 -56.40 21.82
CA VAL D 231 22.68 -56.60 22.89
C VAL D 231 23.17 -58.05 22.91
N ALA D 232 22.24 -59.00 22.80
CA ALA D 232 22.62 -60.41 22.74
C ALA D 232 23.47 -60.69 21.52
N LEU D 233 23.18 -60.05 20.39
CA LEU D 233 23.97 -60.25 19.18
C LEU D 233 25.40 -59.77 19.38
N ASN D 234 25.57 -58.59 20.00
CA ASN D 234 26.91 -58.10 20.27
C ASN D 234 27.68 -59.03 21.20
N ASN D 235 27.03 -59.50 22.26
CA ASN D 235 27.70 -60.40 23.20
C ASN D 235 28.05 -61.73 22.54
N ASP D 236 27.14 -62.29 21.73
CA ASP D 236 27.40 -63.54 21.05
C ASP D 236 28.51 -63.40 20.02
N LEU D 237 28.54 -62.27 19.31
CA LEU D 237 29.62 -62.02 18.36
C LEU D 237 30.96 -61.93 19.07
N ALA D 238 31.01 -61.23 20.21
CA ALA D 238 32.24 -61.15 20.98
C ALA D 238 32.70 -62.53 21.44
N GLN D 239 31.77 -63.36 21.94
CA GLN D 239 32.13 -64.69 22.40
C GLN D 239 32.61 -65.57 21.24
N PHE D 240 31.92 -65.49 20.10
CA PHE D 240 32.28 -66.30 18.94
C PHE D 240 33.66 -65.93 18.42
N THR D 241 33.97 -64.63 18.37
CA THR D 241 35.30 -64.22 17.97
C THR D 241 36.36 -64.56 19.03
N ASN D 242 35.99 -64.55 20.30
CA ASN D 242 36.89 -65.03 21.35
C ASN D 242 37.19 -66.51 21.19
N SER D 243 36.26 -67.28 20.63
CA SER D 243 36.47 -68.71 20.46
C SER D 243 37.65 -69.04 19.55
N PHE D 244 38.10 -68.09 18.72
CA PHE D 244 39.18 -68.34 17.77
C PHE D 244 40.42 -67.48 18.04
N THR D 245 40.43 -66.70 19.12
CA THR D 245 41.58 -65.86 19.46
C THR D 245 42.06 -66.15 20.86
N ASN D 246 42.03 -67.41 21.28
CA ASN D 246 42.48 -67.74 22.62
C ASN D 246 44.00 -67.65 22.74
N THR D 247 44.72 -67.87 21.65
CA THR D 247 46.16 -67.69 21.60
C THR D 247 46.53 -66.72 20.48
N ASP D 248 47.82 -66.45 20.34
CA ASP D 248 48.28 -65.42 19.41
C ASP D 248 48.18 -65.86 17.96
N GLN D 249 48.45 -67.13 17.67
CA GLN D 249 48.60 -67.62 16.30
C GLN D 249 47.68 -68.81 16.04
N GLU D 250 46.41 -68.67 16.39
CA GLU D 250 45.43 -69.73 16.12
C GLU D 250 45.26 -69.95 14.62
N LEU D 251 44.78 -68.92 13.92
CA LEU D 251 44.38 -69.07 12.52
C LEU D 251 45.59 -69.30 11.62
N ALA D 252 46.70 -68.62 11.88
CA ALA D 252 47.89 -68.78 11.05
C ALA D 252 48.42 -70.21 11.11
N ASN D 253 48.61 -70.73 12.33
CA ASN D 253 49.07 -72.11 12.48
C ASN D 253 48.06 -73.09 11.92
N ALA D 254 46.76 -72.81 12.12
CA ALA D 254 45.72 -73.68 11.58
C ALA D 254 45.81 -73.78 10.06
N LEU D 255 45.95 -72.63 9.39
CA LEU D 255 46.02 -72.61 7.93
C LEU D 255 47.27 -73.31 7.43
N GLN D 256 48.43 -73.01 8.03
CA GLN D 256 49.67 -73.62 7.55
C GLN D 256 49.68 -75.13 7.78
N ASP D 257 49.26 -75.58 8.97
CA ASP D 257 49.21 -77.00 9.24
C ASP D 257 48.17 -77.70 8.37
N LEU D 258 47.05 -77.03 8.08
CA LEU D 258 46.06 -77.62 7.18
C LEU D 258 46.63 -77.79 5.78
N ASN D 259 47.36 -76.80 5.29
CA ASN D 259 47.99 -76.91 3.97
C ASN D 259 48.98 -78.07 3.95
N ARG D 260 49.83 -78.15 4.98
CA ARG D 260 50.82 -79.22 5.03
C ARG D 260 50.16 -80.59 5.11
N VAL D 261 49.12 -80.74 5.93
CA VAL D 261 48.48 -82.04 6.06
C VAL D 261 47.70 -82.40 4.82
N LEU D 262 47.16 -81.41 4.09
CA LEU D 262 46.51 -81.72 2.81
C LEU D 262 47.53 -82.26 1.82
N LYS D 263 48.69 -81.63 1.72
CA LYS D 263 49.74 -82.14 0.84
C LYS D 263 50.19 -83.54 1.25
N THR D 264 50.41 -83.74 2.56
CA THR D 264 50.85 -85.04 3.05
C THR D 264 49.81 -86.13 2.80
N THR D 265 48.54 -85.82 3.04
CA THR D 265 47.48 -86.78 2.80
C THR D 265 47.37 -87.12 1.32
N ARG D 266 47.51 -86.11 0.45
CA ARG D 266 47.43 -86.37 -0.99
C ARG D 266 48.56 -87.29 -1.45
N GLU D 267 49.78 -87.03 -0.99
CA GLU D 267 50.91 -87.90 -1.36
C GLU D 267 50.73 -89.30 -0.80
N PHE D 268 50.32 -89.42 0.47
CA PHE D 268 50.13 -90.72 1.09
C PHE D 268 49.06 -91.52 0.37
N LEU D 269 47.96 -90.87 -0.01
CA LEU D 269 46.90 -91.56 -0.75
C LEU D 269 47.41 -92.01 -2.11
N ASP D 270 48.00 -91.09 -2.89
CA ASP D 270 48.46 -91.45 -4.22
C ASP D 270 49.50 -92.56 -4.19
N ARG D 271 50.23 -92.69 -3.08
CA ARG D 271 51.23 -93.75 -2.98
C ARG D 271 50.63 -95.08 -2.51
N ASN D 272 49.84 -95.05 -1.43
CA ASN D 272 49.47 -96.26 -0.70
C ASN D 272 48.03 -96.72 -0.89
N GLY D 273 47.14 -95.92 -1.49
CA GLY D 273 45.74 -96.26 -1.48
C GLY D 273 45.39 -97.51 -2.27
N GLY D 274 45.98 -97.67 -3.46
CA GLY D 274 45.65 -98.83 -4.28
C GLY D 274 46.03 -100.14 -3.61
N VAL D 275 47.13 -100.15 -2.88
CA VAL D 275 47.55 -101.37 -2.22
C VAL D 275 46.81 -101.53 -0.90
N LEU D 276 46.50 -100.44 -0.20
CA LEU D 276 45.77 -100.57 1.05
C LEU D 276 44.38 -101.11 0.78
N THR D 277 43.72 -100.59 -0.27
CA THR D 277 42.42 -101.10 -0.69
C THR D 277 42.51 -102.56 -1.12
N HIS D 278 43.58 -102.92 -1.85
CA HIS D 278 43.72 -104.31 -2.28
C HIS D 278 43.88 -105.24 -1.08
N ASP D 279 44.69 -104.84 -0.10
CA ASP D 279 44.89 -105.65 1.10
C ASP D 279 43.59 -105.79 1.89
N ILE D 280 42.83 -104.70 2.03
CA ILE D 280 41.57 -104.76 2.76
C ILE D 280 40.58 -105.68 2.05
N ASP D 281 40.52 -105.60 0.72
CA ASP D 281 39.62 -106.48 -0.03
C ASP D 281 40.03 -107.94 0.13
N ASN D 282 41.33 -108.24 0.07
CA ASN D 282 41.80 -109.61 0.24
C ASN D 282 41.52 -110.12 1.65
N LEU D 283 41.73 -109.28 2.67
CA LEU D 283 41.41 -109.66 4.04
C LEU D 283 39.92 -109.94 4.20
N GLU D 284 39.07 -109.10 3.61
CA GLU D 284 37.63 -109.31 3.68
C GLU D 284 37.26 -110.64 3.04
N GLN D 285 37.84 -110.93 1.86
CA GLN D 285 37.51 -112.16 1.17
C GLN D 285 37.92 -113.39 1.97
N VAL D 286 39.14 -113.37 2.53
CA VAL D 286 39.60 -114.57 3.25
C VAL D 286 38.83 -114.74 4.56
N THR D 287 38.59 -113.66 5.30
CA THR D 287 37.86 -113.78 6.56
C THR D 287 36.41 -114.19 6.33
N THR D 288 35.78 -113.69 5.27
CA THR D 288 34.43 -114.15 4.93
C THR D 288 34.45 -115.62 4.52
N ALA D 289 35.50 -116.06 3.83
CA ALA D 289 35.59 -117.46 3.44
C ALA D 289 35.74 -118.37 4.64
N ILE D 290 36.52 -117.96 5.65
CA ILE D 290 36.72 -118.83 6.81
C ILE D 290 35.62 -118.69 7.85
N LEU D 291 34.67 -117.76 7.68
CA LEU D 291 33.58 -117.59 8.62
C LEU D 291 32.24 -118.01 8.04
N GLN D 292 32.25 -118.85 7.02
CA GLN D 292 31.03 -119.47 6.53
C GLN D 292 30.54 -120.47 7.57
N PRO D 293 29.24 -120.88 7.49
CA PRO D 293 28.68 -121.80 8.51
C PRO D 293 29.54 -123.02 8.83
N GLU D 294 29.87 -123.81 7.81
CA GLU D 294 30.68 -125.01 8.05
C GLU D 294 32.08 -124.68 8.57
N PRO D 295 32.84 -123.74 7.99
CA PRO D 295 34.10 -123.33 8.64
C PRO D 295 33.91 -122.76 10.03
N ARG D 296 32.80 -122.05 10.27
CA ARG D 296 32.54 -121.52 11.61
C ARG D 296 32.44 -122.64 12.63
N ASP D 297 31.61 -123.65 12.35
CA ASP D 297 31.49 -124.74 13.31
C ASP D 297 32.74 -125.60 13.36
N GLY D 298 33.50 -125.67 12.26
CA GLY D 298 34.77 -126.37 12.31
C GLY D 298 35.76 -125.70 13.23
N LEU D 299 35.87 -124.37 13.15
CA LEU D 299 36.73 -123.63 14.07
C LEU D 299 36.23 -123.77 15.50
N GLU D 300 34.90 -123.75 15.69
CA GLU D 300 34.33 -123.93 17.03
C GLU D 300 34.72 -125.28 17.61
N THR D 301 34.51 -126.37 16.87
CA THR D 301 34.85 -127.69 17.37
C THR D 301 36.35 -127.87 17.55
N GLY D 302 37.16 -127.23 16.70
CA GLY D 302 38.59 -127.29 16.91
C GLY D 302 39.02 -126.64 18.21
N LEU D 303 38.56 -125.40 18.45
CA LEU D 303 38.88 -124.74 19.71
C LEU D 303 38.28 -125.47 20.91
N HIS D 304 37.19 -126.20 20.69
CA HIS D 304 36.55 -126.93 21.77
C HIS D 304 37.32 -128.19 22.14
N ALA D 305 37.72 -128.98 21.14
CA ALA D 305 38.21 -130.33 21.39
C ALA D 305 39.70 -130.50 21.14
N TYR D 306 40.44 -129.44 20.81
CA TYR D 306 41.88 -129.63 20.65
C TYR D 306 42.68 -129.62 21.96
N PRO D 307 42.39 -128.74 22.93
CA PRO D 307 43.19 -128.80 24.18
C PRO D 307 43.12 -130.14 24.86
N ASN D 308 41.96 -130.80 24.83
CA ASN D 308 41.86 -132.14 25.39
C ASN D 308 42.71 -133.13 24.61
N LEU D 309 42.72 -133.01 23.28
CA LEU D 309 43.59 -133.87 22.47
C LEU D 309 45.06 -133.65 22.83
N ALA D 310 45.46 -132.39 23.00
CA ALA D 310 46.85 -132.08 23.33
C ALA D 310 47.22 -132.66 24.69
N ALA D 311 46.33 -132.49 25.67
CA ALA D 311 46.57 -133.03 27.00
C ALA D 311 46.67 -134.56 26.98
N ASN D 312 45.75 -135.22 26.27
CA ASN D 312 45.76 -136.68 26.22
C ASN D 312 47.01 -137.20 25.54
N VAL D 313 47.44 -136.57 24.43
CA VAL D 313 48.65 -137.04 23.76
C VAL D 313 49.88 -136.69 24.57
N LEU D 314 49.83 -135.66 25.41
CA LEU D 314 50.95 -135.44 26.34
C LEU D 314 50.94 -136.43 27.49
N ASN D 315 49.82 -137.11 27.74
CA ASN D 315 49.77 -138.12 28.79
C ASN D 315 50.08 -139.53 28.30
N ILE D 316 50.33 -139.72 27.00
CA ILE D 316 50.70 -141.04 26.48
C ILE D 316 52.20 -141.18 26.28
N ASN D 317 52.98 -140.17 26.65
CA ASN D 317 54.42 -140.16 26.43
C ASN D 317 55.12 -140.53 27.73
N SER D 318 55.74 -141.71 27.75
CA SER D 318 56.47 -142.17 28.93
C SER D 318 57.91 -141.67 28.83
N PRO D 319 58.35 -140.78 29.73
CA PRO D 319 59.72 -140.24 29.61
C PRO D 319 60.81 -141.29 29.69
N ASN D 320 60.65 -142.31 30.53
CA ASN D 320 61.71 -143.27 30.76
C ASN D 320 61.95 -144.18 29.57
N GLN D 321 60.89 -144.53 28.85
CA GLN D 321 61.02 -145.40 27.69
C GLN D 321 60.93 -144.65 26.36
N GLY D 322 60.61 -143.36 26.39
CA GLY D 322 60.46 -142.58 25.18
C GLY D 322 59.28 -142.98 24.32
N GLY D 323 58.93 -142.12 23.37
CA GLY D 323 57.88 -142.49 22.45
C GLY D 323 56.49 -142.50 23.09
N ILE D 324 55.61 -143.26 22.45
CA ILE D 324 54.20 -143.31 22.83
C ILE D 324 53.84 -144.76 23.13
N ILE D 325 52.75 -144.93 23.88
CA ILE D 325 52.31 -146.23 24.37
C ILE D 325 50.93 -146.52 23.81
N GLY D 326 50.75 -147.72 23.27
CA GLY D 326 49.47 -148.12 22.73
C GLY D 326 49.18 -149.58 23.02
N LEU D 327 47.93 -149.93 23.32
CA LEU D 327 47.72 -151.33 23.59
C LEU D 327 46.82 -151.98 22.54
N PRO D 328 47.10 -153.23 22.18
CA PRO D 328 46.38 -153.87 21.06
C PRO D 328 45.00 -154.41 21.42
N VAL D 329 43.97 -153.57 21.33
CA VAL D 329 42.60 -154.05 21.55
C VAL D 329 42.24 -155.11 20.51
N LEU D 330 41.27 -155.94 20.86
CA LEU D 330 40.81 -157.04 19.99
C LEU D 330 39.30 -156.97 19.84
N PRO D 331 38.80 -156.13 18.93
CA PRO D 331 37.35 -156.08 18.68
C PRO D 331 36.88 -157.26 17.86
N GLY D 332 35.61 -157.25 17.48
CA GLY D 332 35.05 -158.31 16.66
C GLY D 332 34.85 -159.62 17.40
N PHE D 375 30.22 -161.54 19.05
CA PHE D 375 30.48 -160.77 20.26
C PHE D 375 31.43 -159.61 19.97
N ASN D 376 31.28 -158.51 20.70
CA ASN D 376 32.13 -157.36 20.48
C ASN D 376 33.57 -157.62 20.94
N TYR D 377 33.72 -158.18 22.13
CA TYR D 377 35.05 -158.48 22.67
C TYR D 377 34.92 -159.53 23.76
N LEU D 378 36.04 -159.84 24.40
CA LEU D 378 36.07 -160.90 25.40
C LEU D 378 35.40 -160.44 26.69
N PRO D 379 34.67 -161.33 27.37
CA PRO D 379 34.01 -160.94 28.62
C PRO D 379 34.96 -160.56 29.73
N PHE D 380 36.21 -161.00 29.69
CA PHE D 380 37.16 -160.80 30.77
C PHE D 380 38.36 -159.99 30.28
N GLY D 381 39.01 -159.31 31.21
CA GLY D 381 40.19 -158.53 30.90
C GLY D 381 41.15 -158.56 32.06
N MET D 382 42.41 -158.22 31.78
CA MET D 382 43.46 -158.28 32.78
C MET D 382 44.43 -157.13 32.59
N ASN D 383 44.92 -156.59 33.70
CA ASN D 383 45.93 -155.53 33.72
C ASN D 383 46.95 -155.95 34.76
N LEU D 384 47.98 -156.68 34.32
CA LEU D 384 48.90 -157.34 35.24
C LEU D 384 49.67 -156.33 36.09
N ALA D 385 50.32 -155.37 35.46
CA ALA D 385 51.19 -154.46 36.19
C ALA D 385 51.40 -153.19 35.38
N SER D 386 51.77 -152.12 36.09
CA SER D 386 52.08 -150.83 35.49
C SER D 386 53.54 -150.52 35.78
N THR D 387 54.37 -150.50 34.75
CA THR D 387 55.78 -150.23 34.93
C THR D 387 56.03 -148.73 35.09
N ALA D 388 57.24 -148.39 35.50
CA ALA D 388 57.58 -147.00 35.83
C ALA D 388 57.65 -146.17 34.56
N MET D 389 56.65 -145.32 34.34
CA MET D 389 56.70 -144.40 33.22
C MET D 389 57.65 -143.24 33.49
N THR D 390 57.63 -142.69 34.71
CA THR D 390 58.48 -141.55 35.07
C THR D 390 59.32 -141.91 36.30
N LEU D 391 60.17 -140.97 36.69
CA LEU D 391 61.01 -141.07 37.87
C LEU D 391 60.86 -139.79 38.69
N PRO D 392 61.14 -139.85 39.99
CA PRO D 392 60.98 -138.64 40.83
C PRO D 392 61.82 -137.46 40.37
N LYS D 393 63.03 -137.70 39.84
CA LYS D 393 63.91 -136.62 39.43
C LYS D 393 63.51 -135.98 38.11
N GLN D 394 62.55 -136.56 37.39
CA GLN D 394 62.16 -136.05 36.08
C GLN D 394 60.94 -135.14 36.10
N ILE D 395 60.15 -135.18 37.17
CA ILE D 395 58.87 -134.47 37.17
C ILE D 395 59.11 -132.97 37.30
N ALA D 396 58.48 -132.21 36.42
CA ALA D 396 58.46 -130.76 36.47
C ALA D 396 57.02 -130.29 36.47
N TYR D 397 56.77 -129.16 37.12
CA TYR D 397 55.41 -128.66 37.31
C TYR D 397 55.21 -127.38 36.52
N SER D 398 54.09 -127.30 35.81
CA SER D 398 53.80 -126.12 35.01
C SER D 398 53.61 -124.89 35.88
N GLU D 399 52.98 -125.07 37.04
CA GLU D 399 52.77 -123.99 38.01
C GLU D 399 53.40 -124.40 39.33
N LYS D 400 53.93 -123.42 40.05
CA LYS D 400 54.57 -123.71 41.33
C LYS D 400 53.56 -123.95 42.45
N ARG D 401 52.27 -123.74 42.20
CA ARG D 401 51.24 -124.10 43.17
C ARG D 401 50.86 -125.57 43.11
N LEU D 402 51.26 -126.29 42.07
CA LEU D 402 50.96 -127.71 41.93
C LEU D 402 52.02 -128.60 42.55
N GLN D 403 53.15 -128.06 42.97
CA GLN D 403 54.24 -128.88 43.49
C GLN D 403 53.94 -129.27 44.93
N PRO D 404 53.96 -130.57 45.26
CA PRO D 404 53.63 -130.99 46.61
C PRO D 404 54.67 -130.51 47.61
N PRO D 405 54.27 -130.23 48.84
CA PRO D 405 55.24 -129.89 49.88
C PRO D 405 55.87 -131.15 50.44
N PRO D 406 56.86 -131.03 51.34
CA PRO D 406 57.45 -132.24 51.93
C PRO D 406 56.42 -133.11 52.63
N GLY D 407 56.55 -134.42 52.44
CA GLY D 407 55.63 -135.38 53.01
C GLY D 407 54.43 -135.72 52.16
N TYR D 408 54.32 -135.13 50.97
CA TYR D 408 53.17 -135.37 50.09
C TYR D 408 53.67 -135.66 48.68
N LYS D 409 52.92 -136.48 47.94
CA LYS D 409 53.32 -136.90 46.61
C LYS D 409 52.17 -136.70 45.63
N ASP D 410 52.54 -136.61 44.36
CA ASP D 410 51.58 -136.32 43.30
C ASP D 410 50.78 -137.57 42.94
N THR D 411 49.58 -137.35 42.43
CA THR D 411 48.65 -138.41 42.04
C THR D 411 48.29 -138.27 40.57
N THR D 412 47.47 -139.20 40.08
CA THR D 412 47.08 -139.16 38.68
C THR D 412 46.20 -137.95 38.37
N VAL D 413 45.65 -137.30 39.38
CA VAL D 413 44.90 -136.06 39.22
C VAL D 413 45.80 -134.93 39.72
N PRO D 414 46.29 -134.05 38.85
CA PRO D 414 47.18 -132.97 39.31
C PRO D 414 46.47 -132.07 40.32
N GLY D 415 47.22 -131.64 41.33
CA GLY D 415 46.69 -130.80 42.37
C GLY D 415 46.19 -131.52 43.60
N ILE D 416 45.98 -132.83 43.52
CA ILE D 416 45.60 -133.65 44.66
C ILE D 416 46.84 -134.37 45.15
N TRP D 417 47.23 -134.12 46.40
CA TRP D 417 48.48 -134.60 46.95
C TRP D 417 48.21 -135.66 48.00
N SER D 418 48.74 -136.86 47.80
CA SER D 418 48.61 -137.95 48.75
C SER D 418 49.67 -137.81 49.84
N ARG D 419 49.80 -138.85 50.66
CA ARG D 419 50.88 -138.99 51.62
C ARG D 419 51.83 -140.07 51.11
N ASP D 420 53.13 -139.82 51.20
CA ASP D 420 54.12 -140.79 50.70
C ASP D 420 54.67 -141.60 51.87
N THR D 421 54.13 -142.81 52.05
CA THR D 421 54.60 -143.77 53.02
C THR D 421 54.71 -145.13 52.36
N LEU D 422 55.09 -146.14 53.14
CA LEU D 422 55.26 -147.48 52.56
C LEU D 422 53.92 -148.14 52.24
N PHE D 423 52.89 -147.86 53.03
CA PHE D 423 51.58 -148.47 52.85
C PHE D 423 50.60 -147.58 52.10
N SER D 424 51.08 -146.49 51.52
CA SER D 424 50.24 -145.46 50.94
C SER D 424 49.88 -145.72 49.48
N HIS D 425 49.91 -146.98 49.03
CA HIS D 425 49.63 -147.30 47.64
C HIS D 425 48.20 -147.81 47.51
N GLY D 426 47.42 -147.16 46.65
CA GLY D 426 46.04 -147.53 46.43
C GLY D 426 45.11 -147.02 47.51
N ASN D 427 45.03 -145.69 47.64
CA ASN D 427 44.15 -144.97 48.58
C ASN D 427 44.01 -145.67 49.93
N HIS D 428 45.15 -145.85 50.59
CA HIS D 428 45.19 -146.53 51.88
C HIS D 428 45.80 -145.71 53.00
N GLU D 429 46.18 -144.46 52.75
CA GLU D 429 46.76 -143.62 53.78
C GLU D 429 45.94 -142.34 53.92
N PRO D 430 45.23 -142.14 55.02
CA PRO D 430 44.35 -140.98 55.13
C PRO D 430 45.10 -139.70 55.45
N GLY D 431 44.57 -138.59 54.94
CA GLY D 431 45.12 -137.29 55.24
C GLY D 431 45.64 -136.53 54.04
N TRP D 432 45.09 -136.79 52.87
CA TRP D 432 45.53 -136.10 51.66
C TRP D 432 45.12 -134.64 51.70
N ILE D 433 45.78 -133.82 50.87
CA ILE D 433 45.46 -132.42 50.72
C ILE D 433 45.32 -132.10 49.24
N VAL D 434 44.92 -130.87 48.94
CA VAL D 434 44.65 -130.43 47.58
C VAL D 434 45.36 -129.10 47.35
N ALA D 435 45.79 -128.88 46.11
CA ALA D 435 46.41 -127.62 45.73
C ALA D 435 45.38 -126.50 45.74
N PRO D 436 45.81 -125.25 45.97
CA PRO D 436 44.88 -124.12 45.91
C PRO D 436 44.30 -123.96 44.51
N GLY D 437 43.07 -123.48 44.46
CA GLY D 437 42.38 -123.23 43.19
C GLY D 437 42.07 -124.47 42.38
N MET D 438 41.67 -125.56 43.02
CA MET D 438 41.33 -126.81 42.36
C MET D 438 39.85 -127.12 42.45
N GLN D 439 39.00 -126.09 42.42
CA GLN D 439 37.57 -126.30 42.57
C GLN D 439 36.97 -126.89 41.30
N GLY D 440 36.02 -127.81 41.48
CA GLY D 440 35.28 -128.38 40.37
C GLY D 440 35.61 -129.81 40.03
N VAL D 441 36.48 -130.48 40.79
CA VAL D 441 36.81 -131.88 40.52
C VAL D 441 36.00 -132.75 41.49
N GLN D 442 34.83 -133.17 41.03
CA GLN D 442 34.04 -134.14 41.78
C GLN D 442 34.78 -135.47 41.78
N VAL D 443 34.73 -136.17 42.92
CA VAL D 443 35.51 -137.39 43.11
C VAL D 443 34.57 -138.55 43.37
N GLN D 444 35.15 -139.75 43.37
CA GLN D 444 34.42 -140.96 43.72
C GLN D 444 34.36 -141.12 45.23
N PRO D 445 33.41 -141.92 45.73
CA PRO D 445 33.34 -142.14 47.19
C PRO D 445 34.61 -142.77 47.76
N ALA D 446 35.40 -143.46 46.95
CA ALA D 446 36.61 -144.11 47.46
C ALA D 446 37.66 -143.08 47.87
N THR D 447 37.93 -142.11 47.01
CA THR D 447 38.99 -141.14 47.29
C THR D 447 38.54 -139.99 48.17
N ALA D 448 37.24 -139.83 48.39
CA ALA D 448 36.75 -138.76 49.25
C ALA D 448 37.00 -139.05 50.73
N ASN D 449 37.05 -140.35 51.10
CA ASN D 449 37.29 -140.69 52.50
C ASN D 449 38.69 -140.28 52.94
N MET D 450 39.69 -140.49 52.08
CA MET D 450 41.08 -140.18 52.41
C MET D 450 41.40 -138.71 52.25
N LEU D 451 40.49 -137.91 51.71
CA LEU D 451 40.79 -136.56 51.26
C LEU D 451 40.54 -135.48 52.30
N THR D 452 40.14 -135.85 53.54
CA THR D 452 39.86 -134.95 54.67
C THR D 452 38.66 -134.04 54.40
N PRO D 453 37.96 -133.61 55.45
CA PRO D 453 36.79 -132.74 55.21
C PRO D 453 37.13 -131.39 54.60
N GLU D 454 38.22 -130.75 55.05
CA GLU D 454 38.56 -129.43 54.54
C GLU D 454 38.83 -129.48 53.04
N SER D 455 39.65 -130.45 52.61
CA SER D 455 39.98 -130.54 51.19
C SER D 455 38.80 -131.05 50.37
N LEU D 456 38.00 -131.96 50.93
CA LEU D 456 36.79 -132.39 50.24
C LEU D 456 35.84 -131.22 50.00
N ALA D 457 35.76 -130.31 50.97
CA ALA D 457 34.98 -129.08 50.77
C ALA D 457 35.63 -128.20 49.71
N GLU D 458 36.94 -127.98 49.81
CA GLU D 458 37.64 -127.10 48.88
C GLU D 458 37.51 -127.57 47.43
N LEU D 459 37.36 -128.88 47.23
CA LEU D 459 37.12 -129.39 45.88
C LEU D 459 35.83 -128.82 45.32
N LEU D 460 34.82 -128.62 46.15
CA LEU D 460 33.53 -128.08 45.74
C LEU D 460 33.30 -126.66 46.21
N GLY D 461 33.65 -126.34 47.45
CA GLY D 461 33.39 -125.03 48.03
C GLY D 461 34.40 -123.99 47.59
N GLY D 462 34.27 -122.82 48.19
CA GLY D 462 35.08 -121.67 47.83
C GLY D 462 36.49 -121.64 48.40
N PRO D 463 36.63 -121.54 49.72
CA PRO D 463 37.94 -121.25 50.31
C PRO D 463 38.96 -122.35 50.05
N ASP D 464 40.21 -121.93 49.87
CA ASP D 464 41.32 -122.85 49.68
C ASP D 464 41.93 -123.25 51.01
N ILE D 465 42.26 -124.54 51.13
CA ILE D 465 42.75 -125.08 52.39
C ILE D 465 44.10 -124.47 52.74
N VAL D 466 44.46 -124.56 54.02
CA VAL D 466 45.76 -124.15 54.51
C VAL D 466 46.56 -125.43 54.81
N PRO D 467 47.56 -125.77 54.00
CA PRO D 467 48.34 -126.98 54.23
C PRO D 467 49.09 -126.91 55.55
N PRO D 468 49.22 -128.04 56.27
CA PRO D 468 49.90 -128.08 57.56
C PRO D 468 51.42 -128.17 57.43
N CYS E 33 12.95 58.75 -5.40
CA CYS E 33 12.98 58.36 -6.82
C CYS E 33 13.91 57.18 -7.04
N GLY E 34 15.18 57.37 -6.71
CA GLY E 34 16.14 56.29 -6.85
C GLY E 34 15.88 55.13 -5.90
N GLN E 35 15.45 55.43 -4.69
CA GLN E 35 15.21 54.41 -3.66
C GLN E 35 13.75 54.00 -3.59
N TRP E 36 12.92 54.44 -4.53
CA TRP E 36 11.49 54.12 -4.51
C TRP E 36 11.26 52.62 -4.58
N ARG E 37 10.73 52.04 -3.51
CA ARG E 37 10.45 50.62 -3.46
C ARG E 37 8.96 50.29 -3.52
N GLY E 38 8.10 51.29 -3.54
CA GLY E 38 6.67 51.07 -3.66
C GLY E 38 5.90 51.86 -2.62
N ILE E 39 4.57 51.87 -2.81
CA ILE E 39 3.70 52.52 -1.86
C ILE E 39 3.61 51.70 -0.57
N ALA E 40 3.94 50.41 -0.62
CA ALA E 40 3.92 49.57 0.57
C ALA E 40 5.16 49.72 1.42
N ASN E 41 6.22 50.31 0.88
CA ASN E 41 7.51 50.40 1.56
C ASN E 41 7.87 51.84 1.94
N VAL E 42 6.89 52.72 2.02
CA VAL E 42 7.12 54.11 2.44
C VAL E 42 6.60 54.27 3.87
N PRO E 43 7.36 54.92 4.75
CA PRO E 43 6.88 55.13 6.13
C PRO E 43 5.59 55.94 6.15
N LEU E 44 4.68 55.55 7.05
CA LEU E 44 3.38 56.18 7.14
C LEU E 44 3.23 56.90 8.48
N PRO E 45 2.53 58.02 8.51
CA PRO E 45 2.36 58.75 9.76
C PRO E 45 1.37 58.06 10.69
N GLY E 46 1.51 58.36 11.98
CA GLY E 46 0.58 57.86 12.98
C GLY E 46 0.89 56.45 13.44
N GLY E 47 0.19 56.05 14.50
CA GLY E 47 0.35 54.73 15.06
C GLY E 47 1.45 54.68 16.11
N PRO E 48 1.50 53.57 16.85
CA PRO E 48 2.56 53.39 17.85
C PRO E 48 3.94 53.41 17.21
N GLY E 49 4.90 53.98 17.95
CA GLY E 49 6.25 54.14 17.46
C GLY E 49 6.52 55.42 16.73
N THR E 50 5.49 56.20 16.41
CA THR E 50 5.65 57.47 15.71
C THR E 50 5.53 58.67 16.63
N GLU E 51 5.06 58.49 17.86
CA GLU E 51 4.95 59.59 18.80
C GLU E 51 6.31 59.92 19.41
N SER E 52 6.39 61.11 20.00
CA SER E 52 7.63 61.55 20.62
C SER E 52 7.97 60.66 21.82
N GLY E 53 9.24 60.31 21.95
CA GLY E 53 9.70 59.39 22.96
C GLY E 53 9.90 57.97 22.49
N SER E 54 9.53 57.67 21.24
CA SER E 54 9.74 56.34 20.68
C SER E 54 11.23 56.06 20.51
N MET E 55 11.60 54.80 20.68
CA MET E 55 12.99 54.40 20.52
C MET E 55 13.19 53.69 19.18
N THR E 56 14.38 53.87 18.62
CA THR E 56 14.75 53.31 17.32
C THR E 56 15.75 52.19 17.53
N LEU E 57 15.45 51.01 17.00
CA LEU E 57 16.29 49.84 17.13
C LEU E 57 16.60 49.28 15.75
N TYR E 58 17.72 48.58 15.64
CA TYR E 58 18.11 47.90 14.42
C TYR E 58 18.13 46.41 14.65
N VAL E 59 17.47 45.66 13.78
CA VAL E 59 17.37 44.21 13.91
C VAL E 59 18.00 43.59 12.66
N GLN E 60 19.08 42.84 12.85
CA GLN E 60 19.74 42.16 11.75
C GLN E 60 19.11 40.77 11.60
N MET E 61 18.11 40.69 10.75
CA MET E 61 17.44 39.42 10.50
C MET E 61 18.26 38.58 9.52
N PRO E 62 18.29 37.25 9.70
CA PRO E 62 18.86 36.40 8.65
C PRO E 62 18.12 36.52 7.32
N GLU E 63 16.81 36.67 7.39
CA GLU E 63 15.97 36.90 6.22
C GLU E 63 14.67 37.52 6.71
N THR E 64 13.93 38.13 5.78
CA THR E 64 12.72 38.84 6.14
C THR E 64 11.43 38.14 5.70
N LEU E 65 11.53 37.08 4.90
CA LEU E 65 10.35 36.34 4.43
C LEU E 65 9.36 37.26 3.72
N ALA E 66 9.89 38.17 2.89
CA ALA E 66 9.10 39.13 2.10
C ALA E 66 8.32 40.09 2.98
N LEU E 67 8.81 40.36 4.19
CA LEU E 67 8.16 41.31 5.07
C LEU E 67 8.22 42.71 4.48
N ASN E 68 7.09 43.41 4.54
CA ASN E 68 7.01 44.78 4.04
C ASN E 68 7.29 45.76 5.17
N ALA E 69 7.63 46.99 4.78
CA ALA E 69 7.72 48.07 5.74
C ALA E 69 6.33 48.40 6.27
N ASN E 70 6.30 49.18 7.37
CA ASN E 70 5.08 49.55 8.08
C ASN E 70 4.38 48.35 8.69
N SER E 71 5.07 47.22 8.82
CA SER E 71 4.52 46.08 9.54
C SER E 71 4.53 46.35 11.03
N ARG E 72 3.88 45.47 11.78
CA ARG E 72 3.66 45.68 13.20
C ARG E 72 4.73 45.00 14.04
N VAL E 73 5.30 45.76 14.97
CA VAL E 73 6.15 45.21 16.01
C VAL E 73 5.27 44.85 17.19
N ARG E 74 5.45 43.65 17.72
CA ARG E 74 4.57 43.10 18.75
C ARG E 74 5.40 42.65 19.93
N VAL E 75 5.02 43.12 21.12
CA VAL E 75 5.56 42.62 22.38
C VAL E 75 4.40 41.98 23.14
N ARG E 76 4.58 40.71 23.51
CA ARG E 76 3.51 39.91 24.13
C ARG E 76 2.26 39.91 23.27
N ASP E 77 2.47 39.80 21.95
CA ASP E 77 1.42 39.80 20.93
C ASP E 77 0.67 41.12 20.86
N VAL E 78 1.15 42.16 21.51
CA VAL E 78 0.51 43.48 21.51
C VAL E 78 1.25 44.38 20.54
N PHE E 79 0.49 44.98 19.62
CA PHE E 79 1.02 45.89 18.61
C PHE E 79 1.50 47.17 19.27
N VAL E 80 2.83 47.34 19.34
CA VAL E 80 3.43 48.42 20.12
C VAL E 80 4.47 49.17 19.29
N GLY E 81 4.59 48.84 18.01
CA GLY E 81 5.62 49.50 17.23
C GLY E 81 5.45 49.24 15.75
N ARG E 82 6.39 49.78 14.97
CA ARG E 82 6.34 49.71 13.52
C ARG E 82 7.76 49.58 12.98
N VAL E 83 7.91 48.82 11.89
CA VAL E 83 9.19 48.71 11.19
C VAL E 83 9.25 49.78 10.10
N ARG E 84 10.32 50.58 10.13
CA ARG E 84 10.43 51.74 9.27
C ARG E 84 11.07 51.39 7.92
N LYS E 85 12.28 50.85 7.94
CA LYS E 85 13.04 50.57 6.73
C LYS E 85 13.56 49.14 6.78
N ILE E 86 13.67 48.51 5.61
CA ILE E 86 14.16 47.13 5.52
C ILE E 86 15.37 47.07 4.59
N GLU E 87 16.20 48.12 4.62
CA GLU E 87 17.37 48.16 3.77
C GLU E 87 18.29 46.97 4.03
N LEU E 88 18.90 46.47 2.95
CA LEU E 88 19.82 45.34 3.01
C LEU E 88 21.25 45.86 2.98
N ILE E 89 21.99 45.60 4.04
CA ILE E 89 23.36 46.09 4.19
C ILE E 89 24.31 44.90 4.13
N ASN E 90 25.16 44.89 3.11
CA ASN E 90 26.20 43.86 2.94
C ASN E 90 25.59 42.45 2.96
N TRP E 91 24.50 42.29 2.21
CA TRP E 91 23.80 41.03 1.95
C TRP E 91 23.05 40.48 3.15
N VAL E 92 23.04 41.17 4.29
CA VAL E 92 22.26 40.75 5.45
C VAL E 92 21.17 41.79 5.71
N PRO E 93 19.89 41.39 5.69
CA PRO E 93 18.81 42.36 5.90
C PRO E 93 18.89 43.04 7.25
N THR E 94 18.65 44.35 7.26
CA THR E 94 18.59 45.15 8.49
C THR E 94 17.25 45.87 8.54
N LEU E 95 16.57 45.76 9.68
CA LEU E 95 15.28 46.39 9.90
C LEU E 95 15.44 47.55 10.89
N THR E 96 14.84 48.68 10.56
CA THR E 96 14.75 49.82 11.48
C THR E 96 13.36 49.78 12.11
N VAL E 97 13.32 49.71 13.44
CA VAL E 97 12.10 49.47 14.18
C VAL E 97 11.88 50.63 15.15
N ASP E 98 10.68 51.19 15.14
CA ASP E 98 10.27 52.24 16.05
C ASP E 98 9.34 51.63 17.09
N VAL E 99 9.69 51.78 18.37
CA VAL E 99 8.92 51.23 19.48
C VAL E 99 8.38 52.36 20.31
N GLU E 100 7.10 52.25 20.70
CA GLU E 100 6.45 53.31 21.47
C GLU E 100 7.10 53.45 22.85
N PRO E 101 7.08 54.66 23.42
CA PRO E 101 7.75 54.87 24.70
C PRO E 101 7.08 54.14 25.84
N GLY E 102 7.88 53.81 26.85
CA GLY E 102 7.39 53.13 28.04
C GLY E 102 7.56 51.64 28.07
N ILE E 103 8.32 51.06 27.13
CA ILE E 103 8.52 49.62 27.06
C ILE E 103 9.96 49.30 27.40
N LYS E 104 10.15 48.36 28.32
CA LYS E 104 11.47 47.93 28.74
C LYS E 104 11.80 46.62 28.03
N LEU E 105 12.94 46.59 27.33
CA LEU E 105 13.39 45.41 26.62
C LEU E 105 14.81 45.09 27.04
N PRO E 106 15.07 43.86 27.48
CA PRO E 106 16.46 43.49 27.82
C PRO E 106 17.34 43.50 26.61
N LYS E 107 18.64 43.71 26.85
CA LYS E 107 19.60 43.80 25.74
C LYS E 107 19.71 42.49 24.97
N ASN E 108 19.33 41.36 25.58
CA ASN E 108 19.32 40.07 24.90
C ASN E 108 17.92 39.66 24.45
N THR E 109 17.10 40.63 24.06
CA THR E 109 15.75 40.34 23.59
C THR E 109 15.80 39.53 22.30
N LEU E 110 14.83 38.63 22.14
CA LEU E 110 14.75 37.81 20.93
C LEU E 110 13.79 38.45 19.94
N ALA E 111 14.25 38.60 18.70
CA ALA E 111 13.43 39.12 17.61
C ALA E 111 13.08 37.98 16.66
N LYS E 112 11.81 37.89 16.28
CA LYS E 112 11.37 36.79 15.44
C LYS E 112 10.30 37.28 14.47
N ILE E 113 10.53 37.09 13.18
CA ILE E 113 9.55 37.46 12.18
C ILE E 113 8.53 36.34 12.05
N GLY E 114 7.25 36.67 12.23
CA GLY E 114 6.21 35.67 12.20
C GLY E 114 5.00 36.13 11.41
N GLN E 115 4.00 35.24 11.36
CA GLN E 115 2.78 35.43 10.59
C GLN E 115 1.64 35.75 11.54
N THR E 116 0.90 36.83 11.25
CA THR E 116 -0.22 37.20 12.11
C THR E 116 -1.43 36.29 11.89
N SER E 117 -1.74 35.97 10.64
CA SER E 117 -2.87 35.10 10.33
C SER E 117 -2.60 34.39 9.01
N LEU E 118 -3.32 33.29 8.79
CA LEU E 118 -3.06 32.45 7.61
C LEU E 118 -3.29 33.21 6.32
N LEU E 119 -4.41 33.93 6.22
CA LEU E 119 -4.72 34.76 5.06
C LEU E 119 -4.44 36.23 5.32
N GLY E 120 -3.41 36.53 6.10
CA GLY E 120 -3.17 37.90 6.50
C GLY E 120 -1.73 38.36 6.52
N SER E 121 -1.41 39.18 7.52
CA SER E 121 -0.19 39.95 7.54
C SER E 121 0.95 39.19 8.23
N GLN E 122 2.08 39.87 8.37
CA GLN E 122 3.24 39.41 9.13
C GLN E 122 3.59 40.46 10.17
N HIS E 123 4.51 40.10 11.06
CA HIS E 123 4.86 40.99 12.16
C HIS E 123 6.24 40.60 12.68
N VAL E 124 6.77 41.46 13.54
CA VAL E 124 8.07 41.24 14.18
C VAL E 124 7.84 41.18 15.69
N GLU E 125 8.08 40.01 16.29
CA GLU E 125 7.95 39.82 17.72
C GLU E 125 9.25 40.19 18.41
N LEU E 126 9.16 41.05 19.41
CA LEU E 126 10.29 41.40 20.27
C LEU E 126 9.98 40.89 21.67
N ASN E 127 10.43 39.68 21.98
CA ASN E 127 10.04 39.04 23.22
C ASN E 127 11.25 38.77 24.11
N PRO E 128 11.16 39.08 25.40
CA PRO E 128 12.28 38.84 26.29
C PRO E 128 12.58 37.36 26.38
N PRO E 129 13.84 36.99 26.58
CA PRO E 129 14.20 35.58 26.70
C PRO E 129 13.87 35.08 28.12
N GLU E 130 14.16 33.79 28.35
CA GLU E 130 13.91 33.20 29.66
C GLU E 130 14.84 33.74 30.73
N ASP E 131 15.95 34.35 30.34
CA ASP E 131 16.91 34.94 31.30
C ASP E 131 17.19 36.36 30.86
N PRO E 132 16.27 37.30 31.11
CA PRO E 132 16.51 38.70 30.74
C PRO E 132 17.69 39.28 31.50
N SER E 133 18.42 40.16 30.83
CA SER E 133 19.56 40.83 31.43
C SER E 133 19.13 42.15 32.07
N SER E 134 19.98 42.64 32.97
CA SER E 134 19.69 43.90 33.65
C SER E 134 19.81 45.08 32.69
N GLU E 135 20.79 45.04 31.78
CA GLU E 135 20.95 46.10 30.80
C GLU E 135 19.80 46.08 29.79
N LEU E 136 19.33 47.27 29.42
CA LEU E 136 18.19 47.43 28.55
C LEU E 136 18.62 48.00 27.20
N LEU E 137 17.83 47.72 26.17
CA LEU E 137 18.07 48.27 24.85
C LEU E 137 17.80 49.77 24.85
N ARG E 138 18.81 50.55 24.50
CA ARG E 138 18.67 52.00 24.43
C ARG E 138 18.34 52.40 22.99
N ASP E 139 18.22 53.71 22.76
CA ASP E 139 17.93 54.22 21.43
C ASP E 139 19.15 54.05 20.54
N GLY E 140 18.95 53.45 19.36
CA GLY E 140 20.02 53.20 18.44
C GLY E 140 20.72 51.87 18.60
N ASP E 141 20.38 51.09 19.62
CA ASP E 141 21.02 49.79 19.82
C ASP E 141 20.56 48.80 18.75
N THR E 142 21.32 47.73 18.61
CA THR E 142 21.11 46.74 17.55
C THR E 142 20.86 45.37 18.16
N ILE E 143 19.91 44.64 17.59
CA ILE E 143 19.65 43.25 17.94
C ILE E 143 20.41 42.38 16.93
N PRO E 144 21.45 41.66 17.35
CA PRO E 144 22.31 40.97 16.38
C PRO E 144 21.66 39.81 15.65
N LEU E 145 22.41 39.20 14.73
CA LEU E 145 21.91 38.05 13.98
C LEU E 145 21.70 36.83 14.87
N ALA E 146 22.44 36.74 15.98
CA ALA E 146 22.31 35.59 16.87
C ALA E 146 20.95 35.56 17.55
N GLN E 147 20.37 36.71 17.84
CA GLN E 147 19.09 36.80 18.53
C GLN E 147 17.90 36.94 17.58
N SER E 148 18.13 36.90 16.27
CA SER E 148 17.09 37.10 15.28
C SER E 148 16.76 35.79 14.59
N SER E 149 15.46 35.53 14.42
CA SER E 149 15.01 34.30 13.77
C SER E 149 13.65 34.54 13.14
N ALA E 150 13.18 33.54 12.41
CA ALA E 150 11.88 33.63 11.75
C ALA E 150 11.12 32.32 11.92
N TYR E 151 9.82 32.42 12.20
CA TYR E 151 8.99 31.25 12.26
C TYR E 151 8.89 30.60 10.88
N PRO E 152 8.76 29.28 10.82
CA PRO E 152 8.50 28.64 9.52
C PRO E 152 7.17 29.10 8.96
N THR E 153 7.15 29.34 7.65
CA THR E 153 5.91 29.70 6.99
C THR E 153 5.06 28.46 6.76
N ILE E 154 3.80 28.68 6.40
CA ILE E 154 2.94 27.55 6.07
C ILE E 154 3.46 26.84 4.83
N GLU E 155 4.01 27.60 3.88
CA GLU E 155 4.57 27.00 2.67
C GLU E 155 5.77 26.12 3.00
N ARG E 156 6.67 26.59 3.88
CA ARG E 156 7.85 25.81 4.23
C ARG E 156 7.46 24.55 5.01
N THR E 157 6.51 24.66 5.93
CA THR E 157 6.04 23.51 6.68
C THR E 157 5.42 22.47 5.76
N LEU E 158 4.54 22.91 4.87
CA LEU E 158 3.91 21.98 3.93
C LEU E 158 4.92 21.41 2.95
N ALA E 159 5.97 22.17 2.62
CA ALA E 159 7.01 21.66 1.73
C ALA E 159 7.81 20.55 2.42
N GLY E 160 8.13 20.73 3.70
CA GLY E 160 8.78 19.65 4.44
C GLY E 160 7.92 18.42 4.55
N ILE E 161 6.63 18.60 4.86
CA ILE E 161 5.72 17.46 4.94
C ILE E 161 5.61 16.76 3.60
N SER E 162 5.55 17.53 2.51
CA SER E 162 5.44 16.95 1.17
C SER E 162 6.71 16.22 0.79
N GLY E 163 7.88 16.75 1.18
CA GLY E 163 9.12 16.03 0.96
C GLY E 163 9.14 14.70 1.67
N ILE E 164 8.67 14.66 2.92
CA ILE E 164 8.57 13.39 3.64
C ILE E 164 7.61 12.45 2.93
N LEU E 165 6.47 12.97 2.49
CA LEU E 165 5.44 12.11 1.90
C LEU E 165 5.87 11.54 0.55
N THR E 166 6.55 12.34 -0.27
CA THR E 166 6.89 11.91 -1.62
C THR E 166 8.23 11.19 -1.70
N GLY E 167 9.18 11.52 -0.84
CA GLY E 167 10.46 10.87 -0.83
C GLY E 167 10.68 9.85 0.27
N GLY E 168 9.62 9.47 1.00
CA GLY E 168 9.75 8.59 2.14
C GLY E 168 9.18 7.20 1.98
N GLY E 169 8.76 6.80 0.78
CA GLY E 169 8.20 5.48 0.59
C GLY E 169 6.89 5.24 1.33
N ILE E 170 6.04 6.27 1.39
CA ILE E 170 4.75 6.12 2.08
C ILE E 170 3.87 5.03 1.47
N PRO E 171 3.77 4.86 0.14
CA PRO E 171 2.91 3.79 -0.39
C PRO E 171 3.27 2.39 0.10
N ASN E 172 4.48 2.19 0.64
CA ASN E 172 4.82 0.89 1.21
C ASN E 172 4.04 0.61 2.48
N ILE E 173 3.74 1.64 3.28
CA ILE E 173 3.22 1.45 4.63
C ILE E 173 1.95 0.61 4.60
N GLU E 174 0.99 0.99 3.76
CA GLU E 174 -0.26 0.25 3.67
C GLU E 174 0.00 -1.22 3.36
N VAL E 175 0.90 -1.48 2.40
CA VAL E 175 1.24 -2.86 2.06
C VAL E 175 1.71 -3.59 3.30
N ILE E 176 2.66 -2.98 4.03
CA ILE E 176 3.16 -3.58 5.26
C ILE E 176 1.99 -3.89 6.19
N GLN E 177 1.12 -2.88 6.40
CA GLN E 177 0.00 -3.06 7.31
C GLN E 177 -0.87 -4.21 6.85
N THR E 178 -1.15 -4.29 5.55
CA THR E 178 -1.97 -5.37 5.02
C THR E 178 -1.37 -6.71 5.42
N GLU E 179 -0.06 -6.86 5.20
CA GLU E 179 0.59 -8.12 5.52
C GLU E 179 0.54 -8.39 7.01
N VAL E 180 0.72 -7.35 7.83
CA VAL E 180 0.60 -7.53 9.26
C VAL E 180 -0.80 -8.00 9.61
N PHE E 181 -1.81 -7.40 8.96
CA PHE E 181 -3.19 -7.82 9.19
C PHE E 181 -3.38 -9.29 8.84
N ASN E 182 -2.60 -9.80 7.88
CA ASN E 182 -2.72 -11.20 7.51
C ASN E 182 -2.06 -12.12 8.54
N ILE E 183 -1.02 -11.63 9.22
CA ILE E 183 -0.35 -12.46 10.22
C ILE E 183 -1.25 -12.66 11.44
N LEU E 184 -1.88 -11.59 11.91
CA LEU E 184 -2.57 -11.57 13.18
C LEU E 184 -4.07 -11.80 13.07
N ASN E 185 -4.59 -12.07 11.88
CA ASN E 185 -6.04 -12.19 11.71
C ASN E 185 -6.51 -13.51 12.29
N GLY E 186 -7.14 -13.45 13.46
CA GLY E 186 -7.69 -14.64 14.07
C GLY E 186 -6.65 -15.61 14.61
N ARG E 187 -5.47 -15.11 14.98
CA ARG E 187 -4.40 -15.98 15.45
C ARG E 187 -3.67 -15.44 16.67
N ALA E 188 -4.19 -14.41 17.34
CA ALA E 188 -3.47 -13.79 18.46
C ALA E 188 -3.28 -14.77 19.61
N ASP E 189 -4.32 -15.52 19.97
CA ASP E 189 -4.20 -16.51 21.02
C ASP E 189 -3.19 -17.60 20.65
N GLN E 190 -3.23 -18.04 19.40
CA GLN E 190 -2.29 -19.06 18.95
C GLN E 190 -0.86 -18.55 18.93
N ILE E 191 -0.66 -17.27 18.58
CA ILE E 191 0.69 -16.71 18.62
C ILE E 191 1.18 -16.59 20.07
N ARG E 192 0.30 -16.21 20.99
CA ARG E 192 0.70 -16.14 22.40
C ARG E 192 1.08 -17.52 22.93
N GLU E 193 0.28 -18.54 22.64
CA GLU E 193 0.60 -19.87 23.12
C GLU E 193 1.82 -20.43 22.41
N PHE E 194 2.08 -20.01 21.17
CA PHE E 194 3.33 -20.37 20.51
C PHE E 194 4.52 -19.73 21.21
N LEU E 195 4.37 -18.50 21.67
CA LEU E 195 5.44 -17.88 22.45
C LEU E 195 5.72 -18.66 23.72
N ASN E 196 4.66 -19.10 24.41
CA ASN E 196 4.84 -19.89 25.63
C ASN E 196 5.53 -21.22 25.32
N GLN E 197 5.08 -21.91 24.27
CA GLN E 197 5.68 -23.19 23.91
C GLN E 197 7.11 -23.03 23.41
N LEU E 198 7.42 -21.91 22.75
CA LEU E 198 8.79 -21.62 22.35
C LEU E 198 9.68 -21.40 23.57
N ASP E 199 9.15 -20.71 24.59
CA ASP E 199 9.89 -20.57 25.84
C ASP E 199 10.19 -21.93 26.45
N THR E 200 9.20 -22.81 26.50
CA THR E 200 9.40 -24.15 27.04
C THR E 200 10.45 -24.92 26.24
N PHE E 201 10.31 -24.92 24.91
CA PHE E 201 11.21 -25.67 24.05
C PHE E 201 12.64 -25.16 24.15
N THR E 202 12.82 -23.83 24.14
CA THR E 202 14.15 -23.26 24.23
C THR E 202 14.79 -23.54 25.59
N ASP E 203 14.00 -23.49 26.67
CA ASP E 203 14.55 -23.84 27.99
C ASP E 203 15.01 -25.29 28.02
N GLU E 204 14.17 -26.20 27.49
CA GLU E 204 14.51 -27.61 27.53
C GLU E 204 15.72 -27.93 26.64
N LEU E 205 15.87 -27.22 25.52
CA LEU E 205 17.07 -27.40 24.70
C LEU E 205 18.30 -26.83 25.39
N ASN E 206 18.17 -25.65 26.00
CA ASN E 206 19.31 -25.03 26.69
C ASN E 206 19.78 -25.88 27.86
N GLN E 207 18.87 -26.63 28.49
CA GLN E 207 19.29 -27.54 29.55
C GLN E 207 20.15 -28.69 29.05
N GLN E 208 20.21 -28.92 27.74
CA GLN E 208 20.98 -30.01 27.16
C GLN E 208 22.15 -29.52 26.33
N ARG E 209 22.61 -28.29 26.55
CA ARG E 209 23.69 -27.74 25.72
C ARG E 209 25.00 -28.50 25.95
N GLU E 210 25.28 -28.90 27.18
CA GLU E 210 26.50 -29.67 27.45
C GLU E 210 26.45 -31.03 26.75
N GLU E 211 25.30 -31.71 26.78
CA GLU E 211 25.19 -32.99 26.10
C GLU E 211 25.26 -32.83 24.59
N ILE E 212 24.70 -31.75 24.05
CA ILE E 212 24.82 -31.50 22.61
C ILE E 212 26.27 -31.25 22.23
N THR E 213 26.99 -30.48 23.05
CA THR E 213 28.41 -30.23 22.80
C THR E 213 29.21 -31.54 22.85
N ARG E 214 28.94 -32.38 23.84
CA ARG E 214 29.64 -33.65 23.96
C ARG E 214 29.33 -34.56 22.78
N ALA E 215 28.08 -34.58 22.33
CA ALA E 215 27.73 -35.36 21.15
C ALA E 215 28.42 -34.83 19.90
N ILE E 216 28.54 -33.51 19.77
CA ILE E 216 29.25 -32.92 18.65
C ILE E 216 30.71 -33.36 18.66
N ASP E 217 31.35 -33.29 19.83
CA ASP E 217 32.75 -33.70 19.93
C ASP E 217 32.92 -35.18 19.61
N SER E 218 32.04 -36.03 20.13
CA SER E 218 32.13 -37.46 19.90
C SER E 218 31.94 -37.81 18.44
N THR E 219 30.93 -37.20 17.79
CA THR E 219 30.70 -37.42 16.38
C THR E 219 31.87 -36.92 15.55
N ASN E 220 32.47 -35.79 15.96
CA ASN E 220 33.63 -35.26 15.26
C ASN E 220 34.79 -36.25 15.31
N ARG E 221 35.05 -36.81 16.49
CA ARG E 221 36.16 -37.77 16.61
C ARG E 221 35.91 -39.01 15.78
N LEU E 222 34.70 -39.57 15.86
CA LEU E 222 34.38 -40.78 15.08
C LEU E 222 34.46 -40.51 13.58
N LEU E 223 33.92 -39.38 13.14
CA LEU E 223 33.93 -39.05 11.72
C LEU E 223 35.33 -38.75 11.22
N ASN E 224 36.19 -38.15 12.07
CA ASN E 224 37.58 -37.97 11.68
C ASN E 224 38.27 -39.31 11.47
N ILE E 225 38.05 -40.27 12.38
CA ILE E 225 38.68 -41.58 12.24
C ILE E 225 38.18 -42.28 10.97
N VAL E 226 36.87 -42.18 10.71
CA VAL E 226 36.35 -42.84 9.51
C VAL E 226 36.82 -42.11 8.25
N SER E 227 36.93 -40.78 8.31
CA SER E 227 37.40 -40.04 7.15
C SER E 227 38.85 -40.40 6.82
N GLN E 228 39.68 -40.59 7.85
CA GLN E 228 41.06 -41.00 7.58
C GLN E 228 41.17 -42.48 7.25
N ARG E 229 40.08 -43.25 7.38
CA ARG E 229 40.07 -44.64 6.93
C ARG E 229 39.18 -44.83 5.70
N ASN E 230 38.73 -43.73 5.10
CA ASN E 230 37.95 -43.74 3.85
C ASN E 230 38.54 -44.67 2.79
N ASP E 231 39.86 -44.82 2.74
CA ASP E 231 40.47 -45.73 1.77
C ASP E 231 40.03 -47.18 2.04
N THR E 232 40.13 -47.61 3.30
CA THR E 232 39.66 -48.94 3.68
C THR E 232 38.16 -49.06 3.45
N LEU E 233 37.43 -47.99 3.70
CA LEU E 233 35.98 -48.00 3.46
C LEU E 233 35.68 -48.29 1.99
N ASP E 234 36.39 -47.61 1.08
CA ASP E 234 36.21 -47.83 -0.35
C ASP E 234 36.61 -49.25 -0.74
N ARG E 235 37.71 -49.75 -0.19
CA ARG E 235 38.13 -51.11 -0.51
C ARG E 235 37.08 -52.13 -0.07
N VAL E 236 36.51 -51.94 1.12
CA VAL E 236 35.45 -52.84 1.60
C VAL E 236 34.26 -52.77 0.65
N LEU E 237 33.80 -51.55 0.36
CA LEU E 237 32.62 -51.39 -0.49
C LEU E 237 32.85 -51.85 -1.92
N THR E 238 34.10 -52.08 -2.33
CA THR E 238 34.36 -52.63 -3.65
C THR E 238 34.50 -54.16 -3.63
N GLU E 239 35.14 -54.71 -2.60
CA GLU E 239 35.50 -56.13 -2.64
C GLU E 239 34.60 -57.04 -1.82
N PHE E 240 33.88 -56.53 -0.82
CA PHE E 240 33.03 -57.40 -0.01
C PHE E 240 31.66 -57.73 -0.62
N PRO E 241 30.93 -56.80 -1.24
CA PRO E 241 29.59 -57.14 -1.78
C PRO E 241 29.60 -58.32 -2.74
N PRO E 242 30.58 -58.46 -3.65
CA PRO E 242 30.60 -59.68 -4.47
C PRO E 242 30.76 -60.95 -3.65
N LEU E 243 31.61 -60.93 -2.62
CA LEU E 243 31.80 -62.10 -1.78
C LEU E 243 30.51 -62.45 -1.04
N ILE E 244 29.83 -61.44 -0.50
CA ILE E 244 28.58 -61.68 0.24
C ILE E 244 27.50 -62.21 -0.69
N GLN E 245 27.42 -61.65 -1.92
CA GLN E 245 26.45 -62.16 -2.89
C GLN E 245 26.73 -63.61 -3.24
N HIS E 246 28.01 -63.96 -3.47
CA HIS E 246 28.34 -65.34 -3.78
C HIS E 246 28.00 -66.26 -2.62
N PHE E 247 28.31 -65.85 -1.39
CA PHE E 247 28.00 -66.67 -0.22
C PHE E 247 26.51 -66.88 -0.08
N ALA E 248 25.72 -65.83 -0.32
CA ALA E 248 24.27 -65.98 -0.31
C ALA E 248 23.79 -66.91 -1.40
N GLU E 249 24.47 -66.92 -2.54
CA GLU E 249 24.08 -67.83 -3.63
C GLU E 249 24.33 -69.29 -3.26
N THR E 250 25.41 -69.57 -2.51
CA THR E 250 25.80 -70.94 -2.22
C THR E 250 25.72 -71.26 -0.73
N ARG E 251 24.78 -70.65 -0.02
CA ARG E 251 24.60 -70.93 1.40
C ARG E 251 24.19 -72.39 1.62
N ASP E 252 23.29 -72.90 0.77
CA ASP E 252 22.83 -74.29 0.92
C ASP E 252 23.99 -75.27 0.75
N LEU E 253 24.87 -75.02 -0.22
CA LEU E 253 26.01 -75.90 -0.42
C LEU E 253 26.96 -75.87 0.77
N PHE E 254 27.20 -74.69 1.33
CA PHE E 254 28.04 -74.58 2.52
C PHE E 254 27.43 -75.35 3.69
N ALA E 255 26.13 -75.19 3.90
CA ALA E 255 25.46 -75.92 4.97
C ALA E 255 25.54 -77.43 4.75
N ASP E 256 25.37 -77.87 3.51
CA ASP E 256 25.47 -79.29 3.21
C ASP E 256 26.88 -79.82 3.47
N ALA E 257 27.90 -79.04 3.11
CA ALA E 257 29.27 -79.45 3.35
C ALA E 257 29.55 -79.56 4.85
N VAL E 258 29.12 -78.57 5.62
CA VAL E 258 29.34 -78.60 7.06
C VAL E 258 28.62 -79.79 7.70
N THR E 259 27.36 -80.03 7.28
CA THR E 259 26.59 -81.13 7.86
C THR E 259 27.16 -82.48 7.47
N ALA E 260 27.66 -82.63 6.24
CA ALA E 260 28.27 -83.89 5.84
C ALA E 260 29.57 -84.15 6.60
N LEU E 261 30.40 -83.12 6.75
CA LEU E 261 31.60 -83.27 7.55
C LEU E 261 31.26 -83.61 8.99
N GLY E 262 30.21 -83.00 9.53
CA GLY E 262 29.77 -83.33 10.88
C GLY E 262 29.25 -84.75 11.01
N ARG E 263 28.52 -85.23 9.99
CA ARG E 263 28.04 -86.61 10.00
C ARG E 263 29.21 -87.58 10.00
N LEU E 264 30.24 -87.32 9.17
CA LEU E 264 31.44 -88.15 9.21
C LEU E 264 32.12 -88.06 10.57
N SER E 265 32.25 -86.84 11.10
CA SER E 265 33.08 -86.63 12.27
C SER E 265 32.44 -87.15 13.55
N ALA E 266 31.10 -87.20 13.60
CA ALA E 266 30.44 -87.76 14.78
C ALA E 266 30.79 -89.24 14.95
N ALA E 267 30.62 -90.02 13.89
CA ALA E 267 30.96 -91.44 13.93
C ALA E 267 32.46 -91.62 14.11
N ALA E 268 33.27 -90.81 13.43
CA ALA E 268 34.72 -90.90 13.60
C ALA E 268 35.14 -90.64 15.04
N ASP E 269 34.54 -89.62 15.67
CA ASP E 269 34.88 -89.29 17.05
C ASP E 269 34.45 -90.39 18.01
N GLU E 270 33.24 -90.92 17.84
CA GLU E 270 32.80 -91.99 18.74
C GLU E 270 33.67 -93.23 18.57
N THR E 271 34.07 -93.56 17.34
CA THR E 271 34.93 -94.71 17.12
C THR E 271 36.32 -94.49 17.72
N LEU E 272 36.91 -93.32 17.49
CA LEU E 272 38.26 -93.05 17.96
C LEU E 272 38.33 -92.79 19.46
N SER E 273 37.22 -92.46 20.09
CA SER E 273 37.21 -92.30 21.54
C SER E 273 36.84 -93.59 22.25
N GLY E 274 36.04 -94.45 21.62
CA GLY E 274 35.73 -95.73 22.19
C GLY E 274 36.83 -96.77 22.04
N SER E 275 37.85 -96.47 21.25
CA SER E 275 38.93 -97.41 20.98
C SER E 275 40.31 -96.84 21.29
N ASN E 276 40.39 -95.65 21.90
CA ASN E 276 41.68 -95.03 22.14
C ASN E 276 42.51 -95.85 23.12
N ALA E 277 41.90 -96.37 24.17
CA ALA E 277 42.64 -97.07 25.22
C ALA E 277 42.77 -98.57 24.94
N ASN E 278 41.71 -99.19 24.39
CA ASN E 278 41.79 -100.61 24.06
C ASN E 278 42.82 -100.87 22.97
N LEU E 279 42.91 -100.00 21.97
CA LEU E 279 43.92 -100.15 20.94
C LEU E 279 45.32 -100.01 21.51
N HIS E 280 45.53 -99.04 22.41
CA HIS E 280 46.83 -98.86 23.04
C HIS E 280 47.22 -100.10 23.85
N THR E 281 46.27 -100.63 24.63
CA THR E 281 46.54 -101.82 25.43
C THR E 281 46.85 -103.02 24.54
N ASN E 282 46.08 -103.21 23.47
CA ASN E 282 46.32 -104.32 22.56
C ASN E 282 47.66 -104.21 21.86
N LEU E 283 48.04 -103.01 21.43
CA LEU E 283 49.35 -102.83 20.81
C LEU E 283 50.48 -103.12 21.80
N GLN E 284 50.37 -102.58 23.02
CA GLN E 284 51.41 -102.80 24.01
C GLN E 284 51.52 -104.27 24.38
N ASN E 285 50.40 -104.99 24.39
CA ASN E 285 50.44 -106.41 24.67
C ASN E 285 51.04 -107.20 23.51
N LEU E 286 50.63 -106.86 22.28
CA LEU E 286 51.10 -107.59 21.11
C LEU E 286 52.55 -107.28 20.74
N GLN E 287 53.16 -106.27 21.35
CA GLN E 287 54.57 -105.99 21.04
C GLN E 287 55.46 -107.21 21.20
N ARG E 288 55.36 -107.91 22.33
CA ARG E 288 56.20 -109.09 22.56
C ARG E 288 55.90 -110.23 21.59
N PRO E 289 54.63 -110.65 21.36
CA PRO E 289 54.40 -111.69 20.35
C PRO E 289 54.87 -111.30 18.96
N LEU E 290 54.73 -110.03 18.58
CA LEU E 290 55.21 -109.60 17.26
C LEU E 290 56.72 -109.74 17.15
N LYS E 291 57.46 -109.35 18.20
CA LYS E 291 58.91 -109.49 18.16
C LYS E 291 59.32 -110.95 18.12
N GLN E 292 58.65 -111.81 18.90
CA GLN E 292 59.03 -113.21 18.93
C GLN E 292 58.64 -113.93 17.65
N LEU E 293 57.58 -113.48 16.98
CA LEU E 293 57.24 -114.03 15.67
C LEU E 293 58.16 -113.50 14.58
N GLY E 294 58.67 -112.28 14.74
CA GLY E 294 59.70 -111.80 13.84
C GLY E 294 60.99 -112.59 13.97
N ARG E 295 61.35 -112.96 15.20
CA ARG E 295 62.50 -113.82 15.40
C ARG E 295 62.28 -115.21 14.79
N ALA E 296 61.08 -115.76 14.95
CA ALA E 296 60.76 -117.10 14.48
C ALA E 296 60.17 -117.10 13.08
N ALA E 297 60.17 -115.95 12.40
CA ALA E 297 59.61 -115.88 11.04
C ALA E 297 60.32 -116.78 10.03
N PRO E 298 61.66 -116.84 9.97
CA PRO E 298 62.28 -117.72 8.96
C PRO E 298 61.91 -119.20 9.11
N TYR E 299 61.69 -119.68 10.33
CA TYR E 299 61.37 -121.08 10.56
C TYR E 299 59.87 -121.35 10.53
N LEU E 300 59.04 -120.33 10.31
CA LEU E 300 57.59 -120.50 10.38
C LEU E 300 57.09 -121.44 9.31
N VAL E 301 57.56 -121.28 8.07
CA VAL E 301 57.09 -122.10 6.97
C VAL E 301 57.56 -123.54 7.15
N GLY E 302 58.80 -123.73 7.60
CA GLY E 302 59.28 -125.07 7.89
C GLY E 302 58.56 -125.70 9.06
N ALA E 303 58.23 -124.90 10.07
CA ALA E 303 57.51 -125.40 11.23
C ALA E 303 56.09 -125.81 10.90
N LEU E 304 55.45 -125.08 9.99
CA LEU E 304 54.08 -125.36 9.59
C LEU E 304 53.87 -126.80 9.18
N LYS E 305 54.90 -127.44 8.64
CA LYS E 305 54.76 -128.84 8.25
C LYS E 305 54.39 -129.74 9.41
N LEU E 306 54.63 -129.29 10.65
CA LEU E 306 54.45 -130.17 11.80
C LEU E 306 53.61 -129.54 12.90
N ILE E 307 53.63 -128.21 13.03
CA ILE E 307 53.11 -127.56 14.23
C ILE E 307 51.60 -127.75 14.38
N LEU E 308 50.91 -128.14 13.32
CA LEU E 308 49.47 -128.39 13.41
C LEU E 308 49.16 -129.85 13.71
N THR E 309 49.66 -130.77 12.88
CA THR E 309 49.41 -132.19 13.09
C THR E 309 50.19 -132.73 14.28
N VAL E 310 51.47 -132.38 14.37
CA VAL E 310 52.49 -132.81 15.34
C VAL E 310 52.97 -134.23 15.03
N PRO E 311 52.49 -135.36 15.62
CA PRO E 311 53.18 -136.63 15.34
C PRO E 311 53.17 -137.03 13.88
N PHE E 312 52.20 -136.55 13.11
CA PHE E 312 52.16 -136.75 11.66
C PHE E 312 52.85 -135.57 10.98
N ASN E 313 53.51 -135.86 9.86
CA ASN E 313 54.07 -134.84 8.99
C ASN E 313 53.28 -134.83 7.68
N ILE E 314 52.82 -133.65 7.29
CA ILE E 314 51.91 -133.50 6.16
C ILE E 314 52.52 -134.00 4.86
N ASP E 315 53.86 -134.01 4.75
CA ASP E 315 54.51 -134.29 3.48
C ASP E 315 54.27 -135.72 3.03
N ASN E 316 54.34 -136.69 3.94
CA ASN E 316 54.33 -138.11 3.58
C ASN E 316 53.08 -138.84 4.05
N ILE E 317 52.03 -138.12 4.44
CA ILE E 317 50.77 -138.77 4.82
C ILE E 317 50.15 -139.58 3.68
N PRO E 318 50.05 -139.07 2.44
CA PRO E 318 49.28 -139.81 1.42
C PRO E 318 49.80 -141.21 1.11
N LYS E 319 51.07 -141.51 1.39
CA LYS E 319 51.61 -142.83 1.11
C LYS E 319 51.67 -143.73 2.33
N ALA E 320 51.92 -143.17 3.52
CA ALA E 320 51.94 -144.00 4.72
C ALA E 320 50.53 -144.48 5.09
N ILE E 321 49.54 -143.60 5.01
CA ILE E 321 48.17 -143.90 5.37
C ILE E 321 47.41 -144.17 4.08
N ARG E 322 47.12 -145.44 3.79
CA ARG E 322 46.39 -145.80 2.58
C ARG E 322 44.89 -145.89 2.84
N GLY E 323 44.33 -144.82 3.39
CA GLY E 323 42.92 -144.75 3.66
C GLY E 323 42.54 -145.10 5.08
N ASP E 324 41.99 -146.29 5.27
CA ASP E 324 41.47 -146.66 6.59
C ASP E 324 42.59 -146.96 7.58
N TYR E 325 43.62 -147.68 7.14
CA TYR E 325 44.62 -148.23 8.05
C TYR E 325 45.98 -147.59 7.80
N ILE E 326 46.63 -147.17 8.90
CA ILE E 326 47.98 -146.64 8.83
C ILE E 326 48.96 -147.80 8.66
N ASN E 327 49.85 -147.68 7.68
CA ASN E 327 50.92 -148.65 7.52
C ASN E 327 52.00 -148.42 8.58
N VAL E 328 52.58 -149.50 9.07
CA VAL E 328 53.60 -149.38 10.09
C VAL E 328 54.51 -150.61 10.05
N SER E 329 55.77 -150.40 10.40
CA SER E 329 56.73 -151.50 10.42
C SER E 329 56.99 -151.86 11.88
N LEU E 330 56.70 -153.11 12.23
CA LEU E 330 56.87 -153.55 13.59
C LEU E 330 58.25 -154.13 13.89
N LYS E 331 59.11 -153.31 14.47
CA LYS E 331 60.45 -153.75 14.84
C LYS E 331 60.43 -154.05 16.34
N LEU E 332 59.97 -155.26 16.68
CA LEU E 332 59.91 -155.67 18.08
C LEU E 332 61.30 -155.65 18.69
N ASP E 333 61.44 -154.96 19.81
CA ASP E 333 62.71 -154.82 20.49
C ASP E 333 62.70 -155.71 21.73
N LEU E 334 63.58 -156.71 21.75
CA LEU E 334 63.74 -157.60 22.89
C LEU E 334 65.17 -157.55 23.42
N THR E 335 65.91 -156.51 23.07
CA THR E 335 67.28 -156.33 23.55
C THR E 335 67.26 -156.07 25.05
N LEU E 336 68.36 -156.42 25.72
CA LEU E 336 68.43 -156.28 27.18
C LEU E 336 68.30 -154.83 27.62
N SER E 337 68.77 -153.88 26.81
CA SER E 337 68.63 -152.48 27.16
C SER E 337 67.17 -152.06 27.15
N SER E 338 66.43 -152.47 26.12
CA SER E 338 65.01 -152.13 26.05
C SER E 338 64.22 -152.84 27.14
N VAL E 339 64.60 -154.08 27.47
CA VAL E 339 63.95 -154.80 28.56
C VAL E 339 64.22 -154.10 29.89
N ASP E 340 65.43 -153.56 30.07
CA ASP E 340 65.73 -152.81 31.28
C ASP E 340 64.89 -151.55 31.37
N ASN E 341 64.87 -150.76 30.29
CA ASN E 341 64.13 -149.50 30.34
C ASN E 341 62.63 -149.71 30.47
N ALA E 342 62.09 -150.76 29.86
CA ALA E 342 60.66 -150.98 29.88
C ALA E 342 60.16 -151.39 31.26
N PHE E 343 60.84 -152.36 31.89
CA PHE E 343 60.33 -152.96 33.12
C PHE E 343 61.10 -152.51 34.36
N LEU E 344 62.42 -152.69 34.37
CA LEU E 344 63.21 -152.61 35.59
C LEU E 344 63.67 -151.19 35.91
N SER E 345 63.04 -150.17 35.33
CA SER E 345 63.35 -148.80 35.71
C SER E 345 62.61 -148.45 36.99
N GLY E 346 63.28 -147.70 37.87
CA GLY E 346 62.69 -147.34 39.13
C GLY E 346 62.68 -148.44 40.17
N THR E 347 63.41 -149.53 39.95
CA THR E 347 63.50 -150.63 40.91
C THR E 347 64.96 -150.80 41.31
N GLY E 348 65.22 -151.84 42.10
CA GLY E 348 66.56 -152.18 42.53
C GLY E 348 67.33 -153.09 41.59
N VAL E 349 66.71 -153.48 40.47
CA VAL E 349 67.36 -154.39 39.52
C VAL E 349 67.54 -153.68 38.19
N SER E 350 67.76 -152.36 38.24
CA SER E 350 67.90 -151.58 37.01
C SER E 350 69.14 -152.00 36.22
N GLY E 351 70.25 -152.22 36.90
CA GLY E 351 71.47 -152.60 36.21
C GLY E 351 71.72 -154.09 36.18
N MET E 352 70.66 -154.88 36.43
CA MET E 352 70.83 -156.33 36.47
C MET E 352 71.23 -156.88 35.11
N LEU E 353 70.62 -156.37 34.04
CA LEU E 353 70.90 -156.84 32.69
C LEU E 353 71.38 -155.75 31.75
N ARG E 354 71.16 -154.48 32.06
CA ARG E 354 71.76 -153.40 31.28
C ARG E 354 73.28 -153.47 31.31
N ALA E 355 73.86 -153.67 32.49
CA ALA E 355 75.31 -153.83 32.59
C ALA E 355 75.76 -155.18 32.06
N LEU E 356 74.89 -156.20 32.10
CA LEU E 356 75.20 -157.48 31.49
C LEU E 356 75.38 -157.34 29.99
N GLU E 357 74.50 -156.57 29.35
CA GLU E 357 74.60 -156.35 27.91
C GLU E 357 75.73 -155.38 27.57
N GLN E 358 75.94 -154.35 28.41
CA GLN E 358 76.99 -153.38 28.13
C GLN E 358 78.38 -153.98 28.29
N ALA E 359 78.54 -154.94 29.21
CA ALA E 359 79.81 -155.64 29.34
C ALA E 359 80.13 -156.47 28.11
N TRP E 360 79.14 -156.77 27.28
CA TRP E 360 79.36 -157.46 26.02
C TRP E 360 79.82 -156.46 24.96
N GLY E 361 79.77 -156.85 23.68
CA GLY E 361 80.26 -155.99 22.63
C GLY E 361 79.43 -154.75 22.36
N ARG E 362 78.22 -154.67 22.92
CA ARG E 362 77.36 -153.52 22.68
C ARG E 362 77.98 -152.24 23.24
N ASP E 363 77.76 -151.14 22.53
CA ASP E 363 78.30 -149.83 22.88
C ASP E 363 77.18 -148.90 23.34
N PRO E 364 77.42 -148.05 24.34
CA PRO E 364 76.35 -147.18 24.85
C PRO E 364 75.77 -146.22 23.82
N ALA E 365 76.49 -145.92 22.74
CA ALA E 365 76.00 -144.96 21.76
C ALA E 365 74.72 -145.46 21.07
N THR E 366 74.68 -146.75 20.74
CA THR E 366 73.55 -147.32 20.03
C THR E 366 72.46 -147.86 20.95
N MET E 367 72.62 -147.73 22.26
CA MET E 367 71.64 -148.21 23.22
C MET E 367 70.69 -147.08 23.61
N ILE E 368 69.49 -147.47 24.02
CA ILE E 368 68.55 -146.48 24.55
C ILE E 368 69.15 -145.86 25.82
N PRO E 369 69.04 -144.55 26.03
CA PRO E 369 69.80 -143.91 27.11
C PRO E 369 69.49 -144.49 28.47
N ASP E 370 70.53 -144.59 29.30
CA ASP E 370 70.43 -145.12 30.65
C ASP E 370 69.94 -144.00 31.56
N VAL E 371 68.65 -144.02 31.90
CA VAL E 371 68.01 -142.94 32.62
C VAL E 371 68.59 -142.70 34.00
N ARG E 372 69.40 -143.63 34.52
CA ARG E 372 69.96 -143.48 35.85
C ARG E 372 70.98 -142.35 35.92
N PHE E 373 71.61 -141.99 34.81
CA PHE E 373 72.74 -141.07 34.84
C PHE E 373 72.64 -139.91 33.86
N THR E 374 71.90 -140.04 32.76
CA THR E 374 71.86 -138.95 31.78
C THR E 374 71.09 -137.76 32.34
N PRO E 375 71.73 -136.60 32.49
CA PRO E 375 71.08 -135.46 33.16
C PRO E 375 70.10 -134.73 32.24
N ASN E 376 68.82 -134.94 32.46
CA ASN E 376 67.78 -134.34 31.64
C ASN E 376 67.63 -132.87 32.00
N PRO E 377 66.97 -132.06 31.16
CA PRO E 377 66.96 -130.59 31.38
C PRO E 377 66.42 -130.14 32.73
N HIS E 378 65.88 -131.02 33.56
CA HIS E 378 65.38 -130.62 34.85
C HIS E 378 66.47 -130.63 35.92
N ASP E 379 67.16 -131.75 36.10
CA ASP E 379 68.14 -131.90 37.16
C ASP E 379 69.57 -131.63 36.71
N ALA E 380 69.77 -131.19 35.46
CA ALA E 380 71.10 -131.05 34.91
C ALA E 380 71.91 -130.01 35.68
N PRO E 381 73.23 -130.22 35.81
CA PRO E 381 74.06 -129.22 36.49
C PRO E 381 74.04 -127.87 35.80
N GLY E 382 74.11 -126.82 36.62
CA GLY E 382 73.97 -125.47 36.12
C GLY E 382 72.55 -124.94 36.14
N GLY E 383 71.66 -125.58 36.90
CA GLY E 383 70.28 -125.17 36.96
C GLY E 383 69.47 -125.82 35.86
N PRO E 384 68.14 -125.66 35.92
CA PRO E 384 67.29 -126.19 34.85
C PRO E 384 67.62 -125.54 33.51
N LEU E 385 67.56 -126.33 32.46
CA LEU E 385 67.99 -125.90 31.12
C LEU E 385 66.75 -125.58 30.29
N VAL E 386 66.34 -124.31 30.34
CA VAL E 386 65.22 -123.81 29.57
C VAL E 386 65.67 -122.58 28.78
N GLU E 387 64.98 -122.31 27.68
CA GLU E 387 65.22 -121.13 26.86
C GLU E 387 63.98 -120.24 26.92
N ARG E 388 64.17 -118.99 27.34
CA ARG E 388 63.09 -118.04 27.51
C ARG E 388 63.28 -116.88 26.54
N GLY E 389 62.29 -116.63 25.69
CA GLY E 389 62.38 -115.54 24.75
C GLY E 389 61.88 -114.24 25.33
N GLU E 390 62.80 -113.39 25.78
CA GLU E 390 62.44 -112.11 26.37
C GLU E 390 63.19 -110.96 25.71
N MET F 1 -62.73 70.75 -12.09
CA MET F 1 -61.42 71.30 -12.41
C MET F 1 -60.48 70.19 -12.84
N LEU F 2 -59.69 70.46 -13.89
CA LEU F 2 -58.66 69.55 -14.41
C LEU F 2 -59.36 68.28 -14.90
N LEU F 3 -58.93 67.09 -14.50
CA LEU F 3 -59.52 65.82 -14.89
C LEU F 3 -59.53 65.66 -16.42
N THR F 4 -58.33 65.74 -16.99
CA THR F 4 -58.15 65.65 -18.44
C THR F 4 -58.16 64.21 -18.94
N ARG F 5 -58.19 63.22 -18.04
CA ARG F 5 -58.26 61.79 -18.32
C ARG F 5 -57.00 61.23 -18.96
N PHE F 6 -56.01 62.08 -19.28
CA PHE F 6 -54.68 61.62 -19.61
C PHE F 6 -53.78 61.63 -18.38
N ILE F 7 -53.87 62.69 -17.56
CA ILE F 7 -53.28 62.67 -16.24
C ILE F 7 -53.86 61.54 -15.41
N LYS F 8 -55.16 61.29 -15.57
CA LYS F 8 -55.80 60.16 -14.89
C LYS F 8 -55.21 58.83 -15.36
N MET F 9 -54.97 58.69 -16.66
CA MET F 9 -54.36 57.48 -17.20
C MET F 9 -52.96 57.28 -16.65
N GLN F 10 -52.16 58.35 -16.60
CA GLN F 10 -50.83 58.26 -16.00
C GLN F 10 -50.92 57.87 -14.54
N LEU F 11 -51.89 58.43 -13.81
CA LEU F 11 -52.04 58.13 -12.40
C LEU F 11 -52.39 56.66 -12.19
N VAL F 12 -53.32 56.12 -12.98
CA VAL F 12 -53.73 54.73 -12.78
C VAL F 12 -52.63 53.76 -13.19
N ILE F 13 -51.90 54.04 -14.26
CA ILE F 13 -50.81 53.15 -14.65
C ILE F 13 -49.68 53.21 -13.61
N PHE F 14 -49.42 54.40 -13.06
CA PHE F 14 -48.43 54.52 -12.00
C PHE F 14 -48.85 53.76 -10.75
N LEU F 15 -50.15 53.82 -10.41
CA LEU F 15 -50.63 53.08 -9.24
C LEU F 15 -50.54 51.58 -9.45
N THR F 16 -50.84 51.10 -10.66
CA THR F 16 -50.69 49.68 -10.97
C THR F 16 -49.24 49.26 -10.83
N LEU F 17 -48.32 50.05 -11.39
CA LEU F 17 -46.89 49.76 -11.25
C LEU F 17 -46.47 49.76 -9.79
N THR F 18 -46.99 50.72 -9.01
CA THR F 18 -46.69 50.80 -7.58
C THR F 18 -47.10 49.53 -6.86
N LEU F 19 -48.35 49.10 -7.06
CA LEU F 19 -48.84 47.91 -6.37
C LEU F 19 -48.05 46.68 -6.78
N VAL F 20 -47.78 46.52 -8.07
CA VAL F 20 -47.03 45.35 -8.54
C VAL F 20 -45.64 45.34 -7.91
N ALA F 21 -44.94 46.48 -7.97
CA ALA F 21 -43.59 46.54 -7.43
C ALA F 21 -43.58 46.28 -5.93
N LEU F 22 -44.51 46.89 -5.20
CA LEU F 22 -44.54 46.73 -3.75
C LEU F 22 -44.80 45.28 -3.36
N VAL F 23 -45.80 44.64 -4.01
CA VAL F 23 -46.13 43.27 -3.66
C VAL F 23 -44.97 42.33 -4.02
N VAL F 24 -44.38 42.49 -5.21
CA VAL F 24 -43.29 41.62 -5.62
C VAL F 24 -42.09 41.78 -4.69
N LEU F 25 -41.74 43.02 -4.35
CA LEU F 25 -40.61 43.26 -3.46
C LEU F 25 -40.89 42.69 -2.06
N ALA F 26 -42.12 42.84 -1.58
CA ALA F 26 -42.43 42.38 -0.23
C ALA F 26 -42.45 40.87 -0.14
N LEU F 27 -42.91 40.18 -1.19
CA LEU F 27 -43.08 38.74 -1.11
C LEU F 27 -41.85 37.98 -1.62
N PHE F 28 -41.45 38.22 -2.87
CA PHE F 28 -40.47 37.37 -3.52
C PHE F 28 -39.03 37.77 -3.25
N TYR F 29 -38.78 38.95 -2.71
CA TYR F 29 -37.42 39.41 -2.47
C TYR F 29 -37.12 39.70 -1.01
N LEU F 30 -37.98 40.45 -0.32
CA LEU F 30 -37.75 40.76 1.08
C LEU F 30 -38.29 39.69 2.03
N ARG F 31 -39.29 38.91 1.59
CA ARG F 31 -39.95 37.90 2.42
C ARG F 31 -40.48 38.50 3.71
N LEU F 32 -41.37 39.49 3.55
CA LEU F 32 -42.00 40.12 4.70
C LEU F 32 -42.82 39.17 5.57
N PRO F 33 -43.62 38.22 5.03
CA PRO F 33 -44.29 37.27 5.93
C PRO F 33 -43.33 36.49 6.81
N THR F 34 -42.17 36.10 6.27
CA THR F 34 -41.18 35.40 7.09
C THR F 34 -40.59 36.32 8.15
N TRP F 35 -40.28 37.56 7.79
CA TRP F 35 -39.70 38.49 8.75
C TRP F 35 -40.68 38.80 9.88
N ALA F 36 -41.95 39.00 9.55
CA ALA F 36 -42.95 39.31 10.57
C ALA F 36 -43.31 38.07 11.38
N GLY F 37 -43.46 36.93 10.71
CA GLY F 37 -43.81 35.70 11.40
C GLY F 37 -45.17 35.16 11.00
N LEU F 38 -45.57 35.41 9.76
CA LEU F 38 -46.87 34.95 9.28
C LEU F 38 -46.78 33.48 8.88
N GLY F 39 -47.69 32.66 9.42
CA GLY F 39 -47.67 31.25 9.13
C GLY F 39 -46.55 30.49 9.80
N MET F 40 -46.03 31.00 10.91
CA MET F 40 -44.93 30.35 11.62
C MET F 40 -45.23 30.36 13.11
N TYR F 41 -44.76 29.32 13.80
CA TYR F 41 -44.92 29.19 15.24
C TYR F 41 -43.56 29.27 15.94
N LYS F 42 -43.59 29.69 17.20
CA LYS F 42 -42.38 29.94 17.97
C LYS F 42 -41.93 28.68 18.68
N LEU F 43 -40.62 28.44 18.67
CA LEU F 43 -40.02 27.29 19.33
C LEU F 43 -38.72 27.72 20.01
N ASN F 44 -38.47 27.19 21.20
CA ASN F 44 -37.30 27.56 21.98
C ASN F 44 -36.35 26.38 22.11
N ALA F 45 -35.14 26.67 22.56
CA ALA F 45 -34.11 25.67 22.75
C ALA F 45 -33.12 26.17 23.80
N ASP F 46 -32.62 25.23 24.61
CA ASP F 46 -31.62 25.53 25.62
C ASP F 46 -30.32 24.82 25.24
N LEU F 47 -29.22 25.58 25.21
CA LEU F 47 -27.94 25.04 24.80
C LEU F 47 -26.92 25.19 25.93
N PRO F 48 -25.99 24.24 26.07
CA PRO F 48 -24.87 24.47 27.01
C PRO F 48 -24.02 25.65 26.63
N ASN F 49 -23.87 25.91 25.33
CA ASN F 49 -23.10 27.01 24.81
C ASN F 49 -23.73 27.42 23.49
N SER F 50 -23.53 28.68 23.10
CA SER F 50 -24.13 29.17 21.87
C SER F 50 -23.56 28.44 20.65
N GLY F 51 -22.26 28.20 20.64
CA GLY F 51 -21.63 27.64 19.46
C GLY F 51 -21.49 28.63 18.33
N GLY F 52 -21.56 29.93 18.62
CA GLY F 52 -21.51 30.96 17.62
C GLY F 52 -22.83 31.29 16.96
N LEU F 53 -23.93 30.67 17.38
CA LEU F 53 -25.23 30.92 16.79
C LEU F 53 -25.64 32.38 17.02
N TYR F 54 -26.28 32.96 16.02
CA TYR F 54 -26.69 34.36 16.05
C TYR F 54 -28.13 34.47 15.58
N ALA F 55 -28.74 35.62 15.85
CA ALA F 55 -30.07 35.90 15.33
C ALA F 55 -30.02 36.00 13.81
N THR F 56 -31.15 35.67 13.17
CA THR F 56 -31.35 35.57 11.73
C THR F 56 -30.63 34.36 11.12
N ALA F 57 -29.99 33.52 11.93
CA ALA F 57 -29.40 32.30 11.41
C ALA F 57 -30.49 31.30 11.03
N ASN F 58 -30.10 30.33 10.22
CA ASN F 58 -31.06 29.36 9.70
C ASN F 58 -31.35 28.26 10.71
N VAL F 59 -32.61 27.86 10.77
CA VAL F 59 -33.04 26.64 11.42
C VAL F 59 -33.28 25.61 10.34
N THR F 60 -32.68 24.43 10.49
CA THR F 60 -32.75 23.39 9.48
C THR F 60 -33.21 22.09 10.10
N TYR F 61 -33.78 21.24 9.26
CA TYR F 61 -34.03 19.85 9.57
C TYR F 61 -33.20 19.02 8.59
N ARG F 62 -32.24 18.27 9.13
CA ARG F 62 -31.33 17.44 8.33
C ARG F 62 -30.68 18.24 7.19
N GLY F 63 -30.50 19.54 7.40
CA GLY F 63 -29.82 20.40 6.47
C GLY F 63 -30.74 21.31 5.66
N THR F 64 -32.04 21.03 5.60
CA THR F 64 -32.94 21.86 4.79
C THR F 64 -33.58 22.93 5.66
N THR F 65 -33.65 24.15 5.13
CA THR F 65 -34.14 25.27 5.93
C THR F 65 -35.64 25.14 6.18
N ILE F 66 -36.04 25.27 7.44
CA ILE F 66 -37.43 25.15 7.85
C ILE F 66 -37.81 26.32 8.75
N GLY F 67 -36.90 27.28 8.91
CA GLY F 67 -37.17 28.41 9.76
C GLY F 67 -35.94 29.28 9.93
N LYS F 68 -36.06 30.25 10.82
CA LYS F 68 -34.97 31.17 11.11
C LYS F 68 -34.90 31.43 12.62
N VAL F 69 -33.68 31.69 13.09
CA VAL F 69 -33.46 31.99 14.50
C VAL F 69 -33.88 33.43 14.77
N THR F 70 -34.74 33.62 15.76
CA THR F 70 -35.23 34.95 16.10
C THR F 70 -34.32 35.66 17.10
N SER F 71 -33.87 34.96 18.13
CA SER F 71 -33.03 35.59 19.15
C SER F 71 -32.17 34.55 19.83
N VAL F 72 -30.96 34.95 20.21
CA VAL F 72 -30.05 34.16 21.01
C VAL F 72 -29.62 35.01 22.20
N GLU F 73 -29.81 34.49 23.41
CA GLU F 73 -29.52 35.25 24.62
C GLU F 73 -28.75 34.37 25.59
N PRO F 74 -27.97 34.97 26.49
CA PRO F 74 -27.30 34.17 27.52
C PRO F 74 -28.24 33.82 28.66
N SER F 75 -27.89 32.73 29.34
CA SER F 75 -28.63 32.28 30.51
C SER F 75 -27.64 31.75 31.53
N GLU F 76 -28.14 31.32 32.68
CA GLU F 76 -27.27 30.77 33.72
C GLU F 76 -26.78 29.38 33.35
N SER F 77 -27.57 28.61 32.61
CA SER F 77 -27.21 27.24 32.23
C SER F 77 -26.71 27.14 30.80
N GLY F 78 -26.44 28.26 30.14
CA GLY F 78 -26.00 28.23 28.76
C GLY F 78 -26.56 29.36 27.93
N ALA F 79 -27.24 29.02 26.84
CA ALA F 79 -27.86 29.99 25.95
C ALA F 79 -29.29 29.60 25.67
N ARG F 80 -30.14 30.61 25.52
CA ARG F 80 -31.55 30.46 25.19
C ARG F 80 -31.76 30.93 23.76
N VAL F 81 -32.32 30.06 22.92
CA VAL F 81 -32.53 30.36 21.51
C VAL F 81 -34.03 30.31 21.24
N GLU F 82 -34.55 31.40 20.66
CA GLU F 82 -35.92 31.45 20.20
C GLU F 82 -35.93 31.56 18.69
N MET F 83 -36.79 30.76 18.04
CA MET F 83 -36.82 30.66 16.59
C MET F 83 -38.26 30.56 16.14
N ASN F 84 -38.48 30.85 14.86
CA ASN F 84 -39.79 30.71 14.22
C ASN F 84 -39.69 29.65 13.13
N ILE F 85 -40.65 28.72 13.13
CA ILE F 85 -40.65 27.60 12.20
C ILE F 85 -41.98 27.60 11.45
N TYR F 86 -41.92 27.44 10.14
CA TYR F 86 -43.13 27.38 9.32
C TYR F 86 -44.03 26.24 9.78
N ASP F 87 -45.32 26.53 9.87
CA ASP F 87 -46.29 25.54 10.37
C ASP F 87 -46.42 24.33 9.45
N ARG F 88 -45.94 24.41 8.22
CA ARG F 88 -45.95 23.24 7.35
C ARG F 88 -44.95 22.18 7.78
N TYR F 89 -43.95 22.55 8.57
CA TYR F 89 -42.92 21.63 9.04
C TYR F 89 -43.20 21.25 10.49
N LYS F 90 -43.43 19.95 10.73
CA LYS F 90 -43.61 19.41 12.06
C LYS F 90 -42.39 18.58 12.43
N ILE F 91 -41.82 18.85 13.61
CA ILE F 91 -40.63 18.13 14.04
C ILE F 91 -41.01 17.15 15.15
N PRO F 92 -40.37 15.98 15.21
CA PRO F 92 -40.70 15.02 16.27
C PRO F 92 -40.28 15.53 17.64
N ALA F 93 -40.93 14.98 18.67
CA ALA F 93 -40.70 15.41 20.04
C ALA F 93 -39.40 14.87 20.63
N ASP F 94 -38.71 13.97 19.94
CA ASP F 94 -37.45 13.41 20.42
C ASP F 94 -36.24 14.02 19.73
N ALA F 95 -36.41 15.12 19.00
CA ALA F 95 -35.33 15.73 18.25
C ALA F 95 -34.40 16.51 19.16
N THR F 96 -33.16 16.68 18.70
CA THR F 96 -32.14 17.43 19.41
C THR F 96 -31.67 18.59 18.54
N ALA F 97 -31.28 19.68 19.20
CA ALA F 97 -30.85 20.90 18.53
C ALA F 97 -29.33 20.96 18.53
N ASN F 98 -28.73 20.86 17.36
CA ASN F 98 -27.28 20.84 17.19
C ASN F 98 -26.86 22.10 16.44
N VAL F 99 -26.03 22.92 17.07
CA VAL F 99 -25.47 24.08 16.39
C VAL F 99 -24.36 23.59 15.46
N HIS F 100 -24.41 24.03 14.21
CA HIS F 100 -23.44 23.60 13.20
C HIS F 100 -22.91 24.81 12.44
N SER F 101 -21.80 24.59 11.75
CA SER F 101 -21.19 25.57 10.87
C SER F 101 -21.07 24.98 9.47
N VAL F 102 -21.48 25.75 8.46
CA VAL F 102 -21.54 25.23 7.10
C VAL F 102 -20.14 24.92 6.58
N SER F 103 -19.20 25.83 6.79
CA SER F 103 -17.84 25.68 6.28
C SER F 103 -16.87 26.27 7.29
N ALA F 104 -15.58 26.23 6.94
CA ALA F 104 -14.55 26.77 7.84
C ALA F 104 -14.62 28.28 7.94
N VAL F 105 -15.24 28.96 6.97
CA VAL F 105 -15.37 30.40 7.03
C VAL F 105 -16.36 30.82 8.11
N GLY F 106 -17.51 30.14 8.19
CA GLY F 106 -18.52 30.47 9.17
C GLY F 106 -19.91 30.01 8.80
N GLU F 107 -20.88 30.93 8.83
CA GLU F 107 -22.28 30.67 8.49
C GLU F 107 -22.89 29.60 9.42
N GLN F 108 -23.00 29.99 10.69
CA GLN F 108 -23.61 29.11 11.68
C GLN F 108 -25.09 28.91 11.40
N PHE F 109 -25.62 27.79 11.90
CA PHE F 109 -27.05 27.50 11.85
C PHE F 109 -27.35 26.47 12.93
N ILE F 110 -28.63 26.15 13.09
CA ILE F 110 -29.06 25.18 14.10
C ILE F 110 -29.91 24.12 13.42
N ASP F 111 -29.57 22.85 13.65
CA ASP F 111 -30.21 21.73 12.98
C ASP F 111 -30.96 20.90 14.01
N LEU F 112 -32.21 20.58 13.71
CA LEU F 112 -33.05 19.74 14.55
C LEU F 112 -33.02 18.32 13.98
N THR F 113 -32.40 17.41 14.72
CA THR F 113 -32.18 16.05 14.25
C THR F 113 -32.98 15.06 15.10
N SER F 114 -33.78 14.23 14.43
CA SER F 114 -34.56 13.19 15.09
C SER F 114 -34.29 11.87 14.38
N ASP F 115 -33.71 10.92 15.13
CA ASP F 115 -33.40 9.61 14.55
C ASP F 115 -34.68 8.85 14.19
N SER F 116 -35.69 8.90 15.06
CA SER F 116 -36.94 8.21 14.78
C SER F 116 -37.68 8.85 13.61
N GLY F 117 -37.71 10.18 13.56
CA GLY F 117 -38.43 10.88 12.51
C GLY F 117 -39.91 10.63 12.51
N GLY F 118 -40.51 10.50 13.68
CA GLY F 118 -41.94 10.24 13.76
C GLY F 118 -42.39 10.25 15.20
N GLY F 119 -43.70 10.07 15.38
CA GLY F 119 -44.29 10.06 16.70
C GLY F 119 -44.92 11.38 17.07
N ALA F 120 -44.91 11.72 18.36
CA ALA F 120 -45.45 13.00 18.81
C ALA F 120 -44.58 14.15 18.31
N TYR F 121 -45.20 15.32 18.15
CA TYR F 121 -44.53 16.49 17.64
C TYR F 121 -44.55 17.60 18.70
N PHE F 122 -43.56 18.50 18.59
CA PHE F 122 -43.51 19.65 19.48
C PHE F 122 -44.67 20.59 19.24
N GLN F 123 -45.07 21.30 20.29
CA GLN F 123 -46.11 22.30 20.22
C GLN F 123 -45.51 23.70 20.29
N PRO F 124 -46.18 24.71 19.75
CA PRO F 124 -45.62 26.07 19.78
C PRO F 124 -45.38 26.55 21.20
N GLY F 125 -44.26 27.27 21.38
CA GLY F 125 -43.86 27.75 22.69
C GLY F 125 -43.09 26.78 23.54
N ASP F 126 -42.81 25.59 23.05
CA ASP F 126 -42.08 24.59 23.82
C ASP F 126 -40.58 24.85 23.75
N THR F 127 -39.80 23.97 24.38
CA THR F 127 -38.36 24.07 24.44
C THR F 127 -37.74 22.71 24.14
N ILE F 128 -36.59 22.74 23.47
CA ILE F 128 -35.80 21.53 23.21
C ILE F 128 -34.63 21.54 24.17
N THR F 129 -34.68 20.66 25.19
CA THR F 129 -33.63 20.63 26.20
C THR F 129 -32.36 19.95 25.70
N LYS F 130 -32.49 18.95 24.83
CA LYS F 130 -31.33 18.26 24.29
C LYS F 130 -30.59 19.15 23.31
N ALA F 131 -29.28 19.24 23.45
CA ALA F 131 -28.49 20.14 22.63
C ALA F 131 -27.10 19.57 22.40
N THR F 132 -26.46 20.05 21.33
CA THR F 132 -25.09 19.69 20.98
C THR F 132 -24.41 20.93 20.39
N VAL F 133 -23.10 21.04 20.63
CA VAL F 133 -22.32 22.18 20.16
C VAL F 133 -21.03 21.65 19.54
N PRO F 134 -20.48 22.30 18.51
CA PRO F 134 -19.27 21.77 17.85
C PRO F 134 -18.07 21.69 18.79
N ALA F 135 -17.02 21.03 18.29
CA ALA F 135 -15.86 20.70 19.10
C ALA F 135 -14.95 21.90 19.37
N GLU F 136 -15.09 22.98 18.58
CA GLU F 136 -14.35 24.24 18.74
C GLU F 136 -12.91 24.10 18.27
N VAL F 137 -12.32 25.19 17.80
CA VAL F 137 -11.05 25.14 17.08
C VAL F 137 -9.86 25.36 18.01
N GLY F 138 -9.97 26.32 18.94
CA GLY F 138 -8.87 26.66 19.82
C GLY F 138 -8.36 25.51 20.66
N PRO F 139 -9.27 24.79 21.34
CA PRO F 139 -8.83 23.57 22.03
C PRO F 139 -8.20 22.54 21.12
N ALA F 140 -8.68 22.41 19.88
CA ALA F 140 -8.08 21.46 18.94
C ALA F 140 -6.65 21.87 18.58
N LEU F 141 -6.44 23.17 18.31
CA LEU F 141 -5.09 23.64 18.03
C LEU F 141 -4.16 23.43 19.22
N ASP F 142 -4.64 23.73 20.43
CA ASP F 142 -3.83 23.52 21.62
C ASP F 142 -3.48 22.04 21.78
N ALA F 143 -4.45 21.16 21.58
CA ALA F 143 -4.21 19.72 21.72
C ALA F 143 -3.21 19.23 20.69
N ALA F 144 -3.33 19.71 19.44
CA ALA F 144 -2.39 19.30 18.40
C ALA F 144 -0.98 19.77 18.73
N GLU F 145 -0.84 21.03 19.15
CA GLU F 145 0.48 21.56 19.48
C GLU F 145 1.10 20.81 20.66
N LYS F 146 0.31 20.53 21.69
CA LYS F 146 0.86 19.85 22.86
C LYS F 146 1.16 18.39 22.58
N GLY F 147 0.37 17.75 21.71
CA GLY F 147 0.67 16.37 21.34
C GLY F 147 1.92 16.26 20.50
N LEU F 148 2.12 17.20 19.58
CA LEU F 148 3.33 17.15 18.74
C LEU F 148 4.57 17.62 19.50
N ALA F 149 4.40 18.51 20.48
CA ALA F 149 5.56 19.08 21.16
C ALA F 149 6.21 18.12 22.13
N VAL F 150 5.51 17.08 22.58
CA VAL F 150 6.06 16.15 23.57
C VAL F 150 6.83 15.00 22.92
N LEU F 151 6.72 14.82 21.62
CA LEU F 151 7.46 13.76 20.95
C LEU F 151 8.95 14.08 20.98
N PRO F 152 9.80 13.14 21.39
CA PRO F 152 11.25 13.39 21.38
C PRO F 152 11.81 13.28 19.97
N LYS F 153 12.18 14.43 19.39
CA LYS F 153 12.58 14.45 17.98
C LYS F 153 13.98 13.89 17.78
N GLU F 154 14.89 14.12 18.74
CA GLU F 154 16.21 13.50 18.66
C GLU F 154 16.10 11.98 18.72
N LYS F 155 15.19 11.48 19.56
CA LYS F 155 14.91 10.04 19.58
C LYS F 155 14.34 9.58 18.25
N ILE F 156 13.53 10.42 17.59
CA ILE F 156 13.01 10.07 16.27
C ILE F 156 14.16 9.88 15.28
N GLY F 157 15.09 10.83 15.26
CA GLY F 157 16.24 10.72 14.36
C GLY F 157 17.10 9.51 14.66
N THR F 158 17.37 9.27 15.94
CA THR F 158 18.18 8.11 16.34
C THR F 158 17.51 6.81 15.94
N LEU F 159 16.20 6.69 16.20
CA LEU F 159 15.47 5.48 15.86
C LEU F 159 15.46 5.26 14.36
N LEU F 160 15.29 6.32 13.58
CA LEU F 160 15.30 6.18 12.12
C LEU F 160 16.67 5.76 11.62
N ASP F 161 17.74 6.31 12.20
CA ASP F 161 19.09 5.89 11.82
C ASP F 161 19.31 4.42 12.13
N GLU F 162 18.88 3.98 13.32
CA GLU F 162 19.06 2.57 13.70
C GLU F 162 18.24 1.66 12.80
N ALA F 163 17.01 2.05 12.46
CA ALA F 163 16.19 1.24 11.58
C ALA F 163 16.78 1.17 10.18
N ALA F 164 17.35 2.28 9.69
CA ALA F 164 18.00 2.26 8.39
C ALA F 164 19.24 1.36 8.41
N THR F 165 20.01 1.40 9.50
CA THR F 165 21.17 0.50 9.61
C THR F 165 20.74 -0.95 9.64
N ALA F 166 19.67 -1.26 10.39
CA ALA F 166 19.22 -2.64 10.50
C ALA F 166 18.51 -3.13 9.24
N PHE F 167 17.82 -2.23 8.53
CA PHE F 167 17.06 -2.63 7.35
C PHE F 167 17.50 -1.87 6.11
N GLY F 168 18.80 -1.74 5.89
CA GLY F 168 19.32 -1.02 4.74
C GLY F 168 18.89 -1.57 3.41
N GLY F 169 19.37 -2.77 3.07
CA GLY F 169 19.00 -3.40 1.82
C GLY F 169 18.62 -4.85 2.00
N LEU F 170 18.04 -5.17 3.15
CA LEU F 170 17.69 -6.54 3.50
C LEU F 170 16.35 -6.98 2.91
N GLY F 171 15.82 -6.26 1.93
CA GLY F 171 14.55 -6.61 1.33
C GLY F 171 14.48 -8.03 0.81
N PRO F 172 15.28 -8.35 -0.21
CA PRO F 172 15.32 -9.74 -0.70
C PRO F 172 15.74 -10.74 0.35
N SER F 173 16.70 -10.38 1.22
CA SER F 173 17.17 -11.33 2.22
C SER F 173 16.08 -11.64 3.24
N LEU F 174 15.37 -10.62 3.71
CA LEU F 174 14.27 -10.86 4.64
C LEU F 174 13.11 -11.59 3.96
N GLN F 175 12.87 -11.30 2.68
CA GLN F 175 11.85 -12.04 1.94
C GLN F 175 12.19 -13.53 1.88
N ARG F 176 13.46 -13.83 1.58
CA ARG F 176 13.90 -15.23 1.56
C ARG F 176 13.80 -15.84 2.95
N LEU F 177 14.15 -15.08 3.99
CA LEU F 177 14.06 -15.57 5.36
C LEU F 177 12.62 -15.97 5.71
N VAL F 178 11.66 -15.10 5.41
CA VAL F 178 10.27 -15.38 5.75
C VAL F 178 9.74 -16.56 4.92
N ASP F 179 10.04 -16.58 3.62
CA ASP F 179 9.57 -17.68 2.79
C ASP F 179 10.16 -19.02 3.23
N SER F 180 11.46 -19.03 3.55
CA SER F 180 12.09 -20.25 4.04
C SER F 180 11.49 -20.68 5.37
N THR F 181 11.26 -19.73 6.27
CA THR F 181 10.67 -20.07 7.56
C THR F 181 9.29 -20.71 7.40
N GLN F 182 8.44 -20.11 6.57
CA GLN F 182 7.10 -20.66 6.41
C GLN F 182 7.13 -22.02 5.72
N ALA F 183 7.99 -22.18 4.70
CA ALA F 183 8.07 -23.46 4.01
C ALA F 183 8.58 -24.56 4.93
N ILE F 184 9.62 -24.27 5.71
CA ILE F 184 10.17 -25.28 6.62
C ILE F 184 9.16 -25.63 7.71
N ALA F 185 8.46 -24.62 8.27
CA ALA F 185 7.48 -24.91 9.30
C ALA F 185 6.34 -25.77 8.77
N GLY F 186 5.82 -25.43 7.58
CA GLY F 186 4.76 -26.22 7.00
C GLY F 186 5.17 -27.65 6.70
N ASP F 187 6.37 -27.83 6.13
CA ASP F 187 6.86 -29.16 5.82
C ASP F 187 7.13 -29.96 7.09
N PHE F 188 7.63 -29.30 8.14
CA PHE F 188 7.88 -29.98 9.40
C PHE F 188 6.59 -30.45 10.05
N ARG F 189 5.53 -29.62 9.99
CA ARG F 189 4.23 -30.08 10.49
C ARG F 189 3.69 -31.22 9.64
N ALA F 190 3.90 -31.16 8.32
CA ALA F 190 3.41 -32.23 7.45
C ALA F 190 4.05 -33.57 7.75
N ASN F 191 5.27 -33.57 8.28
CA ASN F 191 6.01 -34.80 8.59
C ASN F 191 6.26 -34.93 10.08
N ILE F 192 5.24 -34.64 10.90
CA ILE F 192 5.43 -34.70 12.34
C ILE F 192 5.39 -36.13 12.85
N ASP F 193 4.67 -37.03 12.16
CA ASP F 193 4.67 -38.44 12.56
C ASP F 193 6.05 -39.09 12.39
N PRO F 194 6.76 -38.93 11.27
CA PRO F 194 8.14 -39.46 11.22
C PRO F 194 9.06 -38.86 12.28
N VAL F 195 8.91 -37.57 12.59
CA VAL F 195 9.75 -36.94 13.60
C VAL F 195 9.47 -37.55 14.97
N ASN F 196 8.20 -37.75 15.29
CA ASN F 196 7.84 -38.37 16.56
C ASN F 196 8.34 -39.80 16.62
N ASP F 197 8.23 -40.54 15.52
CA ASP F 197 8.73 -41.92 15.49
C ASP F 197 10.23 -41.96 15.71
N ILE F 198 10.98 -41.06 15.07
CA ILE F 198 12.43 -41.01 15.25
C ILE F 198 12.76 -40.71 16.71
N ILE F 199 12.12 -39.69 17.28
CA ILE F 199 12.40 -39.29 18.66
C ILE F 199 12.10 -40.43 19.62
N GLU F 200 10.97 -41.11 19.43
CA GLU F 200 10.60 -42.20 20.33
C GLU F 200 11.53 -43.40 20.19
N ASN F 201 11.77 -43.85 18.95
CA ASN F 201 12.41 -45.13 18.70
C ASN F 201 13.91 -45.04 18.47
N SER F 202 14.51 -43.86 18.53
CA SER F 202 15.96 -43.76 18.40
C SER F 202 16.65 -44.24 19.67
N GLY F 203 16.09 -43.91 20.83
CA GLY F 203 16.70 -44.23 22.11
C GLY F 203 16.95 -45.70 22.38
N PRO F 204 15.96 -46.58 22.14
CA PRO F 204 16.19 -48.01 22.39
C PRO F 204 17.37 -48.60 21.63
N ILE F 205 17.46 -48.37 20.31
CA ILE F 205 18.54 -48.96 19.53
C ILE F 205 19.89 -48.38 19.93
N ILE F 206 19.95 -47.07 20.12
CA ILE F 206 21.21 -46.43 20.47
C ILE F 206 21.69 -46.90 21.84
N ASP F 207 20.79 -46.97 22.81
CA ASP F 207 21.19 -47.45 24.13
C ASP F 207 21.50 -48.94 24.12
N SER F 208 20.87 -49.70 23.23
CA SER F 208 21.25 -51.10 23.06
C SER F 208 22.68 -51.23 22.57
N GLN F 209 23.08 -50.36 21.64
CA GLN F 209 24.45 -50.38 21.16
C GLN F 209 25.43 -49.86 22.22
N VAL F 210 25.01 -48.89 23.02
CA VAL F 210 25.88 -48.33 24.05
C VAL F 210 26.12 -49.35 25.17
N ASN F 211 25.07 -50.07 25.57
CA ASN F 211 25.19 -50.99 26.71
C ASN F 211 26.19 -52.10 26.42
N SER F 212 26.25 -52.58 25.18
CA SER F 212 27.17 -53.63 24.80
C SER F 212 28.44 -53.09 24.16
N GLY F 213 28.89 -51.91 24.61
CA GLY F 213 30.08 -51.31 24.03
C GLY F 213 31.34 -52.14 24.23
N ASP F 214 31.47 -52.76 25.41
CA ASP F 214 32.61 -53.62 25.68
C ASP F 214 32.64 -54.79 24.70
N ALA F 215 31.46 -55.38 24.43
CA ALA F 215 31.39 -56.50 23.51
C ALA F 215 31.80 -56.08 22.09
N ILE F 216 31.35 -54.91 21.64
CA ILE F 216 31.69 -54.49 20.27
C ILE F 216 33.17 -54.15 20.18
N GLN F 217 33.74 -53.55 21.22
CA GLN F 217 35.19 -53.32 21.22
C GLN F 217 35.95 -54.64 21.17
N ARG F 218 35.48 -55.64 21.94
CA ARG F 218 36.16 -56.93 21.97
C ARG F 218 36.10 -57.63 20.62
N TRP F 219 34.93 -57.65 19.98
CA TRP F 219 34.88 -58.33 18.69
C TRP F 219 35.54 -57.51 17.59
N ALA F 220 35.64 -56.18 17.73
CA ALA F 220 36.44 -55.42 16.80
C ALA F 220 37.92 -55.78 16.90
N ALA F 221 38.43 -55.89 18.14
CA ALA F 221 39.82 -56.29 18.32
C ALA F 221 40.06 -57.71 17.81
N ASN F 222 39.12 -58.62 18.08
CA ASN F 222 39.29 -59.99 17.62
C ASN F 222 39.19 -60.10 16.11
N LEU F 223 38.32 -59.30 15.49
CA LEU F 223 38.26 -59.24 14.04
C LEU F 223 39.58 -58.74 13.47
N ASN F 224 40.16 -57.72 14.09
CA ASN F 224 41.48 -57.24 13.67
C ASN F 224 42.51 -58.35 13.74
N THR F 225 42.55 -59.08 14.86
CA THR F 225 43.54 -60.13 15.04
C THR F 225 43.36 -61.26 14.01
N LEU F 226 42.13 -61.76 13.89
CA LEU F 226 41.88 -62.86 12.96
C LEU F 226 42.14 -62.45 11.52
N ALA F 227 41.73 -61.24 11.14
CA ALA F 227 41.96 -60.76 9.78
C ALA F 227 43.45 -60.61 9.50
N ALA F 228 44.20 -60.08 10.46
CA ALA F 228 45.65 -59.97 10.29
C ALA F 228 46.28 -61.34 10.09
N GLN F 229 45.88 -62.32 10.91
CA GLN F 229 46.44 -63.67 10.76
C GLN F 229 46.08 -64.27 9.40
N SER F 230 44.84 -64.05 8.94
CA SER F 230 44.42 -64.60 7.64
C SER F 230 45.14 -63.93 6.49
N ALA F 231 45.35 -62.61 6.57
CA ALA F 231 46.04 -61.89 5.50
C ALA F 231 47.51 -62.24 5.43
N GLN F 232 48.17 -62.38 6.60
CA GLN F 232 49.59 -62.70 6.61
C GLN F 232 49.89 -64.09 6.06
N ASN F 233 48.89 -64.96 5.95
CA ASN F 233 49.03 -66.30 5.41
C ASN F 233 48.21 -66.46 4.14
N ASP F 234 48.27 -65.44 3.27
CA ASP F 234 47.47 -65.45 2.04
C ASP F 234 47.87 -66.59 1.13
N GLU F 235 49.17 -66.80 0.93
CA GLU F 235 49.64 -67.88 0.06
C GLU F 235 49.28 -69.24 0.64
N ALA F 236 49.37 -69.38 1.96
CA ALA F 236 48.97 -70.62 2.61
C ALA F 236 47.48 -70.89 2.39
N LEU F 237 46.65 -69.85 2.48
CA LEU F 237 45.22 -70.00 2.23
C LEU F 237 44.94 -70.42 0.79
N ARG F 238 45.62 -69.78 -0.17
CA ARG F 238 45.43 -70.12 -1.57
C ARG F 238 45.83 -71.57 -1.83
N SER F 239 46.99 -71.99 -1.34
CA SER F 239 47.43 -73.37 -1.52
C SER F 239 46.51 -74.34 -0.79
N GLY F 240 45.97 -73.94 0.36
CA GLY F 240 45.05 -74.80 1.07
C GLY F 240 43.78 -75.05 0.30
N LEU F 241 43.20 -74.01 -0.30
CA LEU F 241 42.03 -74.21 -1.16
C LEU F 241 42.39 -75.07 -2.38
N GLN F 242 43.52 -74.76 -3.01
CA GLN F 242 43.94 -75.46 -4.22
C GLN F 242 44.14 -76.95 -3.97
N GLN F 243 44.64 -77.30 -2.78
CA GLN F 243 44.83 -78.71 -2.45
C GLN F 243 43.58 -79.34 -1.84
N ALA F 244 42.72 -78.55 -1.20
CA ALA F 244 41.50 -79.09 -0.62
C ALA F 244 40.47 -79.46 -1.67
N ALA F 245 40.53 -78.84 -2.84
CA ALA F 245 39.63 -79.25 -3.91
C ALA F 245 39.82 -80.72 -4.32
N PRO F 246 41.06 -81.23 -4.60
CA PRO F 246 41.17 -82.63 -5.03
C PRO F 246 41.42 -83.66 -3.92
N THR F 247 41.90 -83.22 -2.75
CA THR F 247 42.22 -84.20 -1.71
C THR F 247 40.97 -84.83 -1.12
N ALA F 248 39.87 -84.08 -1.01
CA ALA F 248 38.61 -84.67 -0.58
C ALA F 248 38.11 -85.68 -1.60
N ASP F 249 38.34 -85.40 -2.89
CA ASP F 249 38.01 -86.37 -3.93
C ASP F 249 38.84 -87.65 -3.78
N GLN F 250 40.13 -87.49 -3.48
CA GLN F 250 40.99 -88.65 -3.26
C GLN F 250 40.51 -89.49 -2.08
N LEU F 251 40.20 -88.82 -0.96
CA LEU F 251 39.70 -89.53 0.21
C LEU F 251 38.38 -90.23 -0.09
N ASN F 252 37.49 -89.55 -0.81
CA ASN F 252 36.21 -90.14 -1.18
C ASN F 252 36.41 -91.37 -2.07
N ALA F 253 37.34 -91.29 -3.02
CA ALA F 253 37.60 -92.43 -3.90
C ALA F 253 38.14 -93.62 -3.12
N VAL F 254 39.11 -93.36 -2.22
CA VAL F 254 39.68 -94.44 -1.42
C VAL F 254 38.62 -95.08 -0.54
N PHE F 255 37.79 -94.26 0.11
CA PHE F 255 36.75 -94.80 0.98
C PHE F 255 35.70 -95.57 0.19
N SER F 256 35.24 -95.02 -0.94
CA SER F 256 34.25 -95.72 -1.76
C SER F 256 34.81 -97.03 -2.32
N ASP F 257 36.13 -97.12 -2.47
CA ASP F 257 36.73 -98.39 -2.85
C ASP F 257 36.54 -99.43 -1.76
N VAL F 258 36.66 -99.03 -0.49
CA VAL F 258 36.55 -99.95 0.64
C VAL F 258 35.23 -99.74 1.35
N ARG F 259 34.22 -99.26 0.61
CA ARG F 259 32.93 -98.97 1.21
C ARG F 259 32.26 -100.24 1.76
N GLU F 260 32.21 -101.29 0.96
CA GLU F 260 31.53 -102.52 1.34
C GLU F 260 32.50 -103.60 1.80
N SER F 261 33.80 -103.31 1.89
CA SER F 261 34.80 -104.29 2.27
C SER F 261 35.39 -104.06 3.65
N LEU F 262 35.66 -102.80 4.02
CA LEU F 262 36.16 -102.53 5.37
C LEU F 262 35.16 -102.87 6.46
N PRO F 263 33.88 -102.48 6.39
CA PRO F 263 32.94 -102.93 7.44
C PRO F 263 32.84 -104.43 7.57
N GLN F 264 32.87 -105.17 6.45
CA GLN F 264 32.82 -106.62 6.53
C GLN F 264 34.10 -107.18 7.15
N THR F 265 35.25 -106.57 6.83
CA THR F 265 36.50 -106.99 7.46
C THR F 265 36.43 -106.80 8.97
N LEU F 266 35.92 -105.66 9.41
CA LEU F 266 35.84 -105.39 10.84
C LEU F 266 34.83 -106.30 11.53
N ALA F 267 33.70 -106.58 10.87
CA ALA F 267 32.72 -107.51 11.43
C ALA F 267 33.30 -108.91 11.57
N ASN F 268 34.00 -109.39 10.53
CA ASN F 268 34.62 -110.71 10.60
C ASN F 268 35.69 -110.77 11.67
N LEU F 269 36.50 -109.72 11.79
CA LEU F 269 37.50 -109.68 12.86
C LEU F 269 36.85 -109.69 14.23
N GLU F 270 35.73 -108.98 14.38
CA GLU F 270 35.01 -108.99 15.65
C GLU F 270 34.49 -110.38 15.96
N ILE F 271 33.97 -111.09 14.96
CA ILE F 271 33.49 -112.46 15.17
C ILE F 271 34.64 -113.36 15.62
N VAL F 272 35.79 -113.27 14.93
CA VAL F 272 36.93 -114.12 15.26
C VAL F 272 37.43 -113.83 16.66
N ILE F 273 37.52 -112.54 17.02
CA ILE F 273 38.01 -112.16 18.34
C ILE F 273 37.03 -112.60 19.42
N ASP F 274 35.72 -112.53 19.14
CA ASP F 274 34.73 -113.02 20.10
C ASP F 274 34.88 -114.52 20.32
N MET F 275 35.06 -115.27 19.24
CA MET F 275 35.22 -116.72 19.35
C MET F 275 36.49 -117.07 20.12
N LEU F 276 37.57 -116.30 19.92
CA LEU F 276 38.80 -116.54 20.65
C LEU F 276 38.69 -116.12 22.10
N LYS F 277 37.87 -115.10 22.40
CA LYS F 277 37.72 -114.66 23.78
C LYS F 277 36.87 -115.64 24.59
N ARG F 278 35.81 -116.19 23.99
CA ARG F 278 35.01 -117.16 24.71
C ARG F 278 35.78 -118.44 25.01
N TYR F 279 36.77 -118.77 24.18
CA TYR F 279 37.58 -119.96 24.33
C TYR F 279 39.02 -119.62 24.74
N ASN F 280 39.18 -118.65 25.64
CA ASN F 280 40.50 -118.20 26.03
C ASN F 280 41.29 -119.30 26.75
N LYS F 281 40.63 -120.03 27.66
CA LYS F 281 41.30 -121.09 28.40
C LYS F 281 41.78 -122.18 27.48
N ASN F 282 41.00 -122.51 26.45
CA ASN F 282 41.40 -123.52 25.47
C ASN F 282 42.68 -123.11 24.75
N VAL F 283 42.74 -121.85 24.32
CA VAL F 283 43.92 -121.35 23.62
C VAL F 283 45.13 -121.38 24.55
N GLU F 284 44.94 -120.97 25.81
CA GLU F 284 46.06 -120.99 26.75
C GLU F 284 46.57 -122.41 26.99
N GLN F 285 45.65 -123.37 27.11
CA GLN F 285 46.05 -124.75 27.31
C GLN F 285 46.85 -125.28 26.13
N VAL F 286 46.41 -124.96 24.90
CA VAL F 286 47.15 -125.41 23.73
C VAL F 286 48.52 -124.74 23.67
N LEU F 287 48.60 -123.47 24.03
CA LEU F 287 49.88 -122.77 24.01
C LEU F 287 50.84 -123.33 25.06
N VAL F 288 50.31 -123.83 26.17
CA VAL F 288 51.17 -124.48 27.16
C VAL F 288 51.60 -125.86 26.68
N ALA F 289 50.70 -126.58 26.01
CA ALA F 289 51.00 -127.95 25.60
C ALA F 289 51.95 -128.03 24.40
N LEU F 290 51.95 -127.02 23.52
CA LEU F 290 52.77 -127.11 22.31
C LEU F 290 54.28 -127.22 22.57
N PRO F 291 54.91 -126.36 23.39
CA PRO F 291 56.37 -126.54 23.62
C PRO F 291 56.72 -127.89 24.22
N GLN F 292 55.89 -128.38 25.14
CA GLN F 292 56.13 -129.71 25.69
C GLN F 292 55.95 -130.78 24.62
N GLY F 293 55.06 -130.55 23.65
CA GLY F 293 54.95 -131.47 22.54
C GLY F 293 56.19 -131.50 21.68
N ALA F 294 56.79 -130.32 21.43
CA ALA F 294 58.05 -130.28 20.71
C ALA F 294 59.14 -131.02 21.47
N ALA F 295 59.21 -130.82 22.79
CA ALA F 295 60.20 -131.53 23.61
C ALA F 295 59.98 -133.04 23.57
N VAL F 296 58.72 -133.47 23.59
CA VAL F 296 58.41 -134.89 23.50
C VAL F 296 58.85 -135.46 22.15
N ALA F 297 58.60 -134.72 21.07
CA ALA F 297 59.05 -135.19 19.75
C ALA F 297 60.55 -135.30 19.68
N GLN F 298 61.27 -134.30 20.21
CA GLN F 298 62.72 -134.36 20.27
C GLN F 298 63.19 -135.60 21.04
N THR F 299 62.55 -135.89 22.17
CA THR F 299 62.91 -137.06 22.96
C THR F 299 62.64 -138.35 22.20
N GLY F 300 61.50 -138.44 21.53
CA GLY F 300 61.12 -139.65 20.84
C GLY F 300 61.73 -139.86 19.48
N THR F 301 62.51 -138.89 18.99
CA THR F 301 63.17 -139.05 17.69
C THR F 301 64.69 -139.02 17.80
N ILE F 302 65.24 -139.72 18.79
CA ILE F 302 66.70 -139.81 18.91
C ILE F 302 67.29 -140.77 17.91
N PHE F 303 66.51 -141.71 17.40
CA PHE F 303 66.93 -142.60 16.33
C PHE F 303 66.33 -142.04 15.03
N ALA F 304 67.20 -141.73 14.07
CA ALA F 304 66.77 -140.93 12.91
C ALA F 304 65.67 -141.61 12.08
N PRO F 305 65.80 -142.85 11.62
CA PRO F 305 64.74 -143.40 10.75
C PRO F 305 63.60 -144.07 11.48
N GLU F 306 63.73 -144.34 12.78
CA GLU F 306 62.74 -145.09 13.54
C GLU F 306 62.25 -144.26 14.72
N GLY F 307 60.94 -144.21 14.90
CA GLY F 307 60.32 -143.50 16.01
C GLY F 307 59.82 -144.49 17.05
N LEU F 308 60.06 -144.17 18.32
CA LEU F 308 59.70 -145.08 19.41
C LEU F 308 58.20 -145.19 19.56
N LEU F 309 57.70 -146.42 19.63
CA LEU F 309 56.26 -146.67 19.79
C LEU F 309 56.13 -148.02 20.49
N HIS F 310 55.83 -147.97 21.79
CA HIS F 310 55.79 -149.17 22.61
C HIS F 310 54.39 -149.77 22.61
N PHE F 311 54.31 -151.02 23.05
CA PHE F 311 53.05 -151.75 23.15
C PHE F 311 52.82 -152.17 24.58
N GLY F 312 51.63 -151.91 25.11
CA GLY F 312 51.31 -152.25 26.48
C GLY F 312 50.74 -153.65 26.62
N LEU F 313 51.28 -154.38 27.59
CA LEU F 313 50.80 -155.73 27.87
C LEU F 313 49.46 -155.68 28.60
N GLY F 314 48.71 -156.77 28.48
CA GLY F 314 47.39 -156.86 29.06
C GLY F 314 46.28 -156.81 28.04
N ILE F 315 45.32 -157.72 28.14
CA ILE F 315 44.26 -157.87 27.15
C ILE F 315 42.97 -157.32 27.71
N ASN F 316 42.32 -156.43 26.96
CA ASN F 316 41.02 -155.86 27.30
C ASN F 316 41.02 -155.21 28.68
N ALA F 317 42.06 -154.42 28.95
CA ALA F 317 42.08 -153.71 30.23
C ALA F 317 40.96 -152.64 30.22
N PRO F 318 40.99 -151.60 29.38
CA PRO F 318 39.72 -151.01 28.96
C PRO F 318 39.29 -151.57 27.61
N PRO F 319 38.06 -152.09 27.51
CA PRO F 319 37.59 -152.55 26.21
C PRO F 319 37.28 -151.37 25.31
N PRO F 320 37.38 -151.54 24.00
CA PRO F 320 36.97 -150.47 23.08
C PRO F 320 35.47 -150.32 23.05
N CYS F 321 35.00 -149.09 22.85
CA CYS F 321 33.57 -148.82 22.68
C CYS F 321 33.28 -148.64 21.20
N LEU F 322 32.33 -149.43 20.70
CA LEU F 322 31.86 -149.34 19.32
C LEU F 322 30.53 -148.60 19.23
N THR F 323 30.08 -148.00 20.33
CA THR F 323 28.81 -147.28 20.37
C THR F 323 29.01 -145.84 19.92
N GLY F 324 28.20 -145.41 18.96
CA GLY F 324 28.37 -144.10 18.38
C GLY F 324 29.39 -144.02 17.28
N PHE F 325 29.97 -145.15 16.89
CA PHE F 325 30.94 -145.23 15.80
C PHE F 325 30.33 -146.02 14.65
N LEU F 326 31.14 -146.25 13.63
CA LEU F 326 30.67 -146.92 12.43
C LEU F 326 30.31 -148.38 12.75
N PRO F 327 29.24 -148.91 12.15
CA PRO F 327 28.89 -150.31 12.40
C PRO F 327 29.94 -151.27 11.85
N ALA F 328 29.91 -152.50 12.36
CA ALA F 328 30.87 -153.50 11.93
C ALA F 328 30.70 -153.84 10.46
N SER F 329 29.45 -153.94 9.98
CA SER F 329 29.20 -154.27 8.59
C SER F 329 29.63 -153.17 7.63
N GLN F 330 29.88 -151.96 8.13
CA GLN F 330 30.31 -150.86 7.28
C GLN F 330 31.83 -150.70 7.23
N TRP F 331 32.58 -151.58 7.90
CA TRP F 331 34.03 -151.55 7.83
C TRP F 331 34.50 -151.89 6.43
N ARG F 332 35.64 -151.32 6.05
CA ARG F 332 36.20 -151.51 4.71
C ARG F 332 37.37 -152.47 4.77
N SER F 333 37.49 -153.31 3.75
CA SER F 333 38.56 -154.28 3.67
C SER F 333 39.90 -153.56 3.59
N PRO F 334 40.95 -154.09 4.23
CA PRO F 334 42.25 -153.38 4.24
C PRO F 334 42.88 -153.25 2.85
N ALA F 335 42.46 -154.06 1.88
CA ALA F 335 43.03 -153.98 0.54
C ALA F 335 42.65 -152.67 -0.15
N ASP F 336 41.43 -152.18 0.08
CA ASP F 336 40.95 -150.98 -0.59
C ASP F 336 41.69 -149.76 -0.06
N THR F 337 42.61 -149.23 -0.87
CA THR F 337 43.33 -148.01 -0.53
C THR F 337 42.56 -146.75 -0.94
N ARG F 338 41.39 -146.92 -1.54
CA ARG F 338 40.58 -145.78 -1.96
C ARG F 338 40.08 -144.99 -0.76
N THR F 339 40.01 -143.67 -0.92
CA THR F 339 39.59 -142.79 0.17
C THR F 339 38.09 -142.52 0.06
N GLU F 340 37.44 -142.44 1.21
CA GLU F 340 36.01 -142.17 1.30
C GLU F 340 35.76 -140.98 2.20
N PRO F 341 34.66 -140.24 1.99
CA PRO F 341 34.37 -139.08 2.83
C PRO F 341 34.24 -139.47 4.30
N LEU F 342 34.82 -138.66 5.16
CA LEU F 342 34.86 -138.97 6.58
C LEU F 342 33.51 -138.68 7.23
N PRO F 343 32.97 -139.59 8.04
CA PRO F 343 31.67 -139.37 8.65
C PRO F 343 31.73 -138.30 9.74
N SER F 344 30.57 -137.77 10.06
CA SER F 344 30.43 -136.71 11.05
C SER F 344 29.67 -137.21 12.27
N GLY F 345 30.02 -136.64 13.42
CA GLY F 345 29.34 -136.98 14.67
C GLY F 345 29.53 -138.42 15.12
N LEU F 346 30.76 -138.91 15.08
CA LEU F 346 31.10 -140.24 15.57
C LEU F 346 31.99 -140.12 16.80
N TYR F 347 31.49 -140.57 17.94
CA TYR F 347 32.31 -140.67 19.15
C TYR F 347 31.66 -141.67 20.10
N CYS F 348 32.43 -142.03 21.14
CA CYS F 348 32.01 -143.03 22.12
C CYS F 348 30.80 -142.54 22.90
N LYS F 349 29.67 -143.23 22.74
CA LYS F 349 28.38 -142.79 23.26
C LYS F 349 27.94 -143.57 24.50
N ILE F 350 28.88 -143.91 25.38
CA ILE F 350 28.51 -144.64 26.60
C ILE F 350 27.94 -143.64 27.60
N PRO F 351 27.03 -144.07 28.52
CA PRO F 351 26.29 -143.10 29.33
C PRO F 351 27.06 -142.43 30.45
N LYS F 352 28.22 -141.83 30.15
CA LYS F 352 29.06 -141.16 31.15
C LYS F 352 29.27 -142.05 32.39
N ASP F 353 29.92 -143.19 32.17
CA ASP F 353 30.08 -144.17 33.22
C ASP F 353 31.29 -145.03 32.91
N ALA F 354 31.76 -145.75 33.94
CA ALA F 354 32.85 -146.73 33.91
C ALA F 354 34.18 -146.06 33.59
N PRO F 355 35.31 -146.68 33.94
CA PRO F 355 36.60 -146.10 33.55
C PRO F 355 36.81 -146.01 32.05
N ASN F 356 36.07 -146.78 31.25
CA ASN F 356 36.29 -146.81 29.82
C ASN F 356 35.91 -145.49 29.18
N ALA F 357 36.85 -144.92 28.41
CA ALA F 357 36.67 -143.67 27.66
C ALA F 357 36.13 -142.56 28.55
N VAL F 358 36.75 -142.40 29.72
CA VAL F 358 36.32 -141.36 30.66
C VAL F 358 36.54 -139.98 30.06
N ARG F 359 37.70 -139.77 29.45
CA ARG F 359 38.06 -138.46 28.91
C ARG F 359 37.67 -138.30 27.46
N GLY F 360 36.60 -138.95 27.03
CA GLY F 360 36.15 -138.87 25.66
C GLY F 360 35.48 -137.53 25.36
N ALA F 361 34.90 -137.45 24.17
CA ALA F 361 34.29 -136.21 23.72
C ALA F 361 33.14 -135.79 24.60
N ARG F 362 32.33 -136.75 25.06
CA ARG F 362 31.12 -136.44 25.81
C ARG F 362 31.40 -135.72 27.12
N ASN F 363 32.64 -135.74 27.61
CA ASN F 363 32.99 -135.11 28.87
C ASN F 363 33.83 -133.85 28.70
N TYR F 364 34.01 -133.37 27.49
CA TYR F 364 34.76 -132.13 27.29
C TYR F 364 33.97 -130.96 27.87
N PRO F 365 34.60 -130.10 28.66
CA PRO F 365 33.87 -128.95 29.23
C PRO F 365 33.39 -128.00 28.14
N CYS F 366 32.21 -127.40 28.39
CA CYS F 366 31.68 -126.38 27.50
C CYS F 366 32.18 -125.02 27.98
N ALA F 367 32.83 -124.28 27.09
CA ALA F 367 33.40 -122.99 27.48
C ALA F 367 32.32 -121.94 27.69
N ASP F 368 31.35 -121.87 26.77
CA ASP F 368 30.32 -120.84 26.87
C ASP F 368 29.30 -121.16 27.96
N VAL F 369 28.93 -122.43 28.11
CA VAL F 369 27.94 -122.86 29.09
C VAL F 369 28.69 -123.39 30.32
N PRO F 370 28.69 -122.68 31.44
CA PRO F 370 29.40 -123.18 32.62
C PRO F 370 28.74 -124.44 33.18
N GLY F 371 29.56 -125.30 33.77
CA GLY F 371 29.06 -126.49 34.43
C GLY F 371 28.36 -127.48 33.51
N LYS F 372 28.89 -127.68 32.31
CA LYS F 372 28.33 -128.65 31.38
C LYS F 372 29.46 -129.29 30.60
N ARG F 373 29.22 -130.52 30.13
CA ARG F 373 30.18 -131.26 29.33
C ARG F 373 29.45 -131.83 28.11
N ALA F 374 30.01 -131.58 26.93
CA ALA F 374 29.41 -132.08 25.70
C ALA F 374 30.48 -132.23 24.62
N ALA F 375 30.16 -133.02 23.60
CA ALA F 375 31.15 -133.37 22.59
C ALA F 375 31.47 -132.19 21.67
N THR F 376 30.45 -131.48 21.23
CA THR F 376 30.60 -130.38 20.28
C THR F 376 29.89 -129.15 20.80
N PRO F 377 30.34 -127.95 20.41
CA PRO F 377 29.66 -126.73 20.86
C PRO F 377 28.20 -126.66 20.43
N ARG F 378 27.85 -127.30 19.32
CA ARG F 378 26.45 -127.38 18.92
C ARG F 378 25.63 -128.13 19.96
N GLU F 379 26.19 -129.20 20.52
CA GLU F 379 25.53 -129.91 21.60
C GLU F 379 25.66 -129.19 22.94
N CYS F 380 26.70 -128.38 23.10
CA CYS F 380 26.80 -127.54 24.30
C CYS F 380 25.67 -126.51 24.34
N ARG F 381 25.38 -125.88 23.21
CA ARG F 381 24.36 -124.83 23.18
C ARG F 381 22.96 -125.41 23.30
N SER F 382 22.72 -126.57 22.69
CA SER F 382 21.38 -127.16 22.73
C SER F 382 20.99 -127.54 24.15
N ASP F 383 19.72 -127.28 24.49
CA ASP F 383 19.19 -127.62 25.80
C ASP F 383 18.55 -129.00 25.85
N GLU F 384 18.45 -129.70 24.73
CA GLU F 384 17.96 -131.07 24.74
C GLU F 384 18.92 -131.96 25.52
N PRO F 385 18.43 -132.78 26.44
CA PRO F 385 19.35 -133.56 27.30
C PRO F 385 20.19 -134.53 26.49
N TYR F 386 21.42 -134.73 26.95
CA TYR F 386 22.34 -135.66 26.30
C TYR F 386 21.97 -137.08 26.73
N GLN F 387 21.44 -137.86 25.80
CA GLN F 387 21.13 -139.24 26.09
C GLN F 387 22.04 -140.15 25.28
N PRO F 388 22.64 -141.16 25.92
CA PRO F 388 23.59 -142.02 25.22
C PRO F 388 22.92 -142.86 24.15
N LEU F 389 23.71 -143.22 23.13
CA LEU F 389 23.21 -144.11 22.11
C LEU F 389 23.04 -145.53 22.65
N GLY F 390 23.81 -145.89 23.67
CA GLY F 390 23.64 -147.17 24.32
C GLY F 390 24.87 -147.62 25.09
N THR F 391 24.66 -148.37 26.17
CA THR F 391 25.78 -148.98 26.89
C THR F 391 26.47 -149.98 25.99
N ASN F 392 27.80 -149.99 26.02
CA ASN F 392 28.56 -150.86 25.14
C ASN F 392 28.58 -152.28 25.69
N PRO F 393 27.97 -153.25 25.02
CA PRO F 393 27.98 -154.63 25.49
C PRO F 393 29.11 -155.43 24.84
N TRP F 394 29.41 -156.56 25.47
CA TRP F 394 30.40 -157.47 24.91
C TRP F 394 29.80 -158.45 23.92
N TYR F 395 28.46 -158.51 23.81
CA TYR F 395 27.82 -159.52 22.99
C TYR F 395 27.01 -158.89 21.86
N GLY F 396 27.61 -157.93 21.16
CA GLY F 396 27.01 -157.42 19.95
C GLY F 396 25.89 -156.44 20.21
N ASP F 397 25.32 -155.94 19.11
CA ASP F 397 24.32 -154.89 19.13
C ASP F 397 24.74 -153.67 19.95
N PRO F 398 25.86 -153.03 19.62
CA PRO F 398 26.23 -151.81 20.36
C PRO F 398 25.32 -150.64 20.07
N ASP F 399 24.69 -150.61 18.89
CA ASP F 399 23.80 -149.55 18.40
C ASP F 399 24.21 -148.14 18.83
N GLY G 2 -24.59 97.70 -55.14
CA GLY G 2 -25.93 97.16 -54.98
C GLY G 2 -26.34 96.23 -56.09
N VAL G 3 -26.65 94.99 -55.74
CA VAL G 3 -27.01 93.97 -56.72
C VAL G 3 -28.48 93.61 -56.53
N GLN G 4 -29.05 93.04 -57.59
CA GLN G 4 -30.48 92.71 -57.62
C GLN G 4 -30.72 91.29 -57.14
N ILE G 5 -31.76 91.11 -56.35
CA ILE G 5 -32.18 89.81 -55.85
C ILE G 5 -33.44 89.40 -56.61
N ASP G 6 -33.40 88.23 -57.23
CA ASP G 6 -34.53 87.71 -57.99
C ASP G 6 -35.11 86.50 -57.26
N VAL G 7 -36.33 86.65 -56.76
CA VAL G 7 -37.01 85.59 -56.02
C VAL G 7 -38.22 85.15 -56.82
N THR G 8 -38.34 83.84 -57.05
CA THR G 8 -39.39 83.30 -57.90
C THR G 8 -39.92 82.02 -57.28
N GLY G 9 -41.23 81.98 -57.01
CA GLY G 9 -41.86 80.78 -56.52
C GLY G 9 -41.37 80.29 -55.17
N LEU G 10 -40.80 81.19 -54.36
CA LEU G 10 -40.27 80.79 -53.07
C LEU G 10 -41.40 80.33 -52.14
N SER G 11 -41.21 79.18 -51.51
CA SER G 11 -42.18 78.62 -50.58
C SER G 11 -41.47 78.08 -49.36
N LYS G 12 -42.15 78.12 -48.22
CA LYS G 12 -41.61 77.61 -46.98
C LYS G 12 -42.67 76.78 -46.27
N SER G 13 -42.23 75.85 -45.44
CA SER G 13 -43.16 75.00 -44.69
C SER G 13 -42.46 74.44 -43.47
N PHE G 14 -42.92 74.82 -42.28
CA PHE G 14 -42.44 74.24 -41.02
C PHE G 14 -43.40 73.12 -40.64
N GLY G 15 -43.08 71.90 -41.07
CA GLY G 15 -43.98 70.78 -40.86
C GLY G 15 -45.14 70.77 -41.82
N SER G 16 -46.32 70.37 -41.35
CA SER G 16 -47.49 70.33 -42.22
C SER G 16 -48.03 71.72 -42.53
N SER G 17 -47.62 72.74 -41.78
CA SER G 17 -48.04 74.11 -42.03
C SER G 17 -47.09 74.78 -43.02
N LYS G 18 -47.59 75.80 -43.71
CA LYS G 18 -46.81 76.56 -44.66
C LYS G 18 -46.64 77.99 -44.15
N ILE G 19 -45.39 78.46 -44.11
CA ILE G 19 -45.12 79.80 -43.63
C ILE G 19 -45.56 80.85 -44.66
N TRP G 20 -45.14 80.65 -45.91
CA TRP G 20 -45.64 81.45 -47.02
C TRP G 20 -45.39 80.67 -48.31
N GLU G 21 -46.08 81.10 -49.37
CA GLU G 21 -46.11 80.33 -50.61
C GLU G 21 -46.01 81.27 -51.80
N ASP G 22 -45.25 80.83 -52.82
CA ASP G 22 -45.19 81.49 -54.13
C ASP G 22 -44.78 82.96 -54.05
N VAL G 23 -43.86 83.28 -53.13
CA VAL G 23 -43.41 84.65 -53.00
C VAL G 23 -42.49 84.98 -54.18
N THR G 24 -43.02 85.70 -55.16
CA THR G 24 -42.31 86.04 -56.39
C THR G 24 -42.10 87.55 -56.43
N MET G 25 -40.84 87.99 -56.30
CA MET G 25 -40.53 89.40 -56.28
C MET G 25 -39.17 89.61 -56.92
N SER G 26 -38.94 90.82 -57.40
CA SER G 26 -37.66 91.22 -57.98
C SER G 26 -37.17 92.45 -57.23
N ILE G 27 -36.30 92.24 -56.24
CA ILE G 27 -35.79 93.35 -55.45
C ILE G 27 -34.82 94.17 -56.31
N PRO G 28 -35.00 95.49 -56.40
CA PRO G 28 -34.09 96.30 -57.24
C PRO G 28 -32.68 96.38 -56.70
N ALA G 29 -31.82 97.13 -57.38
CA ALA G 29 -30.42 97.26 -57.02
C ALA G 29 -30.18 98.61 -56.39
N GLY G 30 -29.76 98.63 -55.13
CA GLY G 30 -29.44 99.85 -54.43
C GLY G 30 -30.61 100.56 -53.81
N GLU G 31 -31.83 100.09 -54.05
CA GLU G 31 -33.03 100.75 -53.55
C GLU G 31 -33.45 100.11 -52.22
N VAL G 32 -33.69 100.95 -51.22
CA VAL G 32 -34.21 100.48 -49.95
C VAL G 32 -35.59 99.87 -50.18
N SER G 33 -35.81 98.67 -49.65
CA SER G 33 -37.05 97.96 -49.83
C SER G 33 -37.53 97.44 -48.49
N VAL G 34 -38.84 97.28 -48.35
CA VAL G 34 -39.45 96.86 -47.10
C VAL G 34 -40.50 95.79 -47.39
N LEU G 35 -40.46 94.70 -46.62
CA LEU G 35 -41.48 93.66 -46.66
C LEU G 35 -42.25 93.69 -45.34
N LEU G 36 -43.56 93.88 -45.41
CA LEU G 36 -44.40 94.01 -44.23
C LEU G 36 -45.56 93.03 -44.31
N GLY G 37 -46.41 93.07 -43.28
CA GLY G 37 -47.57 92.24 -43.20
C GLY G 37 -48.04 92.12 -41.77
N PRO G 38 -49.15 91.43 -41.54
CA PRO G 38 -49.60 91.19 -40.17
C PRO G 38 -48.61 90.32 -39.41
N SER G 39 -48.64 90.45 -38.09
CA SER G 39 -47.74 89.68 -37.24
C SER G 39 -48.01 88.18 -37.38
N GLY G 40 -46.94 87.40 -37.41
CA GLY G 40 -47.06 85.97 -37.59
C GLY G 40 -47.10 85.50 -39.02
N THR G 41 -46.68 86.33 -39.97
CA THR G 41 -46.67 85.95 -41.38
C THR G 41 -45.33 85.37 -41.83
N GLY G 42 -44.33 85.33 -40.96
CA GLY G 42 -43.05 84.76 -41.31
C GLY G 42 -42.22 85.62 -42.24
N LYS G 43 -41.90 86.84 -41.82
CA LYS G 43 -41.07 87.72 -42.63
C LYS G 43 -39.58 87.54 -42.31
N SER G 44 -39.24 87.28 -41.05
CA SER G 44 -37.85 86.98 -40.71
C SER G 44 -37.40 85.68 -41.34
N VAL G 45 -38.32 84.72 -41.51
CA VAL G 45 -38.00 83.48 -42.22
C VAL G 45 -37.59 83.80 -43.66
N PHE G 46 -38.35 84.67 -44.32
CA PHE G 46 -38.01 85.09 -45.67
C PHE G 46 -36.65 85.80 -45.70
N LEU G 47 -36.42 86.69 -44.73
CA LEU G 47 -35.16 87.43 -44.71
C LEU G 47 -33.97 86.51 -44.54
N LYS G 48 -34.08 85.51 -43.66
CA LYS G 48 -32.99 84.57 -43.45
C LYS G 48 -32.85 83.62 -44.63
N SER G 49 -33.95 83.27 -45.30
CA SER G 49 -33.86 82.44 -46.50
C SER G 49 -33.18 83.18 -47.64
N LEU G 50 -33.26 84.52 -47.67
CA LEU G 50 -32.61 85.27 -48.74
C LEU G 50 -31.09 85.08 -48.74
N ILE G 51 -30.50 84.78 -47.58
CA ILE G 51 -29.05 84.65 -47.49
C ILE G 51 -28.62 83.18 -47.41
N GLY G 52 -29.52 82.28 -47.01
CA GLY G 52 -29.22 80.87 -46.96
C GLY G 52 -29.18 80.26 -45.58
N LEU G 53 -29.55 81.01 -44.54
CA LEU G 53 -29.65 80.45 -43.20
C LEU G 53 -30.72 79.37 -43.14
N LEU G 54 -31.82 79.57 -43.85
CA LEU G 54 -32.88 78.60 -43.98
C LEU G 54 -32.98 78.13 -45.42
N ARG G 55 -33.60 76.97 -45.61
CA ARG G 55 -33.74 76.35 -46.93
C ARG G 55 -35.20 76.28 -47.33
N PRO G 56 -35.68 77.16 -48.21
CA PRO G 56 -37.06 77.06 -48.68
C PRO G 56 -37.31 75.76 -49.44
N GLU G 57 -38.55 75.28 -49.33
CA GLU G 57 -38.89 74.00 -49.95
C GLU G 57 -39.02 74.11 -51.46
N ARG G 58 -39.35 75.29 -51.98
CA ARG G 58 -39.52 75.49 -53.41
C ARG G 58 -38.96 76.85 -53.81
N GLY G 59 -38.79 77.02 -55.12
CA GLY G 59 -38.41 78.30 -55.68
C GLY G 59 -36.91 78.47 -55.87
N SER G 60 -36.52 79.72 -56.06
CA SER G 60 -35.12 80.06 -56.30
C SER G 60 -34.87 81.50 -55.90
N ILE G 61 -33.64 81.78 -55.50
CA ILE G 61 -33.20 83.14 -55.16
C ILE G 61 -31.95 83.38 -56.00
N VAL G 62 -32.13 83.95 -57.19
CA VAL G 62 -31.04 84.08 -58.16
C VAL G 62 -30.34 85.42 -57.89
N ILE G 63 -29.39 85.41 -56.97
CA ILE G 63 -28.52 86.57 -56.76
C ILE G 63 -27.46 86.55 -57.85
N ASP G 64 -27.23 87.69 -58.49
CA ASP G 64 -26.40 87.80 -59.70
C ASP G 64 -27.02 86.85 -60.72
N GLY G 65 -26.30 85.87 -61.25
CA GLY G 65 -26.91 84.87 -62.11
C GLY G 65 -26.96 83.52 -61.44
N THR G 66 -26.39 83.42 -60.25
CA THR G 66 -26.23 82.17 -59.54
C THR G 66 -27.41 81.96 -58.59
N ASP G 67 -28.21 80.93 -58.85
CA ASP G 67 -29.29 80.54 -57.95
C ASP G 67 -28.67 79.98 -56.67
N ILE G 68 -28.70 80.76 -55.59
CA ILE G 68 -28.00 80.37 -54.37
C ILE G 68 -28.67 79.19 -53.67
N LEU G 69 -29.95 78.92 -53.96
CA LEU G 69 -30.58 77.72 -53.42
C LEU G 69 -29.94 76.46 -53.97
N GLN G 70 -29.64 76.44 -55.27
CA GLN G 70 -28.89 75.35 -55.89
C GLN G 70 -27.43 75.78 -56.04
N CYS G 71 -26.72 75.78 -54.92
CA CYS G 71 -25.30 76.11 -54.90
C CYS G 71 -24.63 75.36 -53.76
N SER G 72 -23.36 74.99 -53.98
CA SER G 72 -22.62 74.24 -52.99
C SER G 72 -22.22 75.15 -51.82
N ALA G 73 -21.85 74.50 -50.71
CA ALA G 73 -21.47 75.25 -49.51
C ALA G 73 -20.17 76.01 -49.71
N LYS G 74 -19.25 75.48 -50.52
CA LYS G 74 -17.99 76.17 -50.76
C LYS G 74 -18.20 77.50 -51.48
N GLU G 75 -19.12 77.51 -52.46
CA GLU G 75 -19.42 78.75 -53.18
C GLU G 75 -20.06 79.78 -52.27
N LEU G 76 -20.89 79.33 -51.32
CA LEU G 76 -21.56 80.24 -50.39
C LEU G 76 -20.60 80.96 -49.46
N TYR G 77 -19.32 80.63 -49.49
CA TYR G 77 -18.30 81.38 -48.76
C TYR G 77 -17.94 82.69 -49.46
N GLU G 78 -18.39 82.88 -50.69
CA GLU G 78 -18.16 84.12 -51.43
C GLU G 78 -19.43 84.94 -51.64
N ILE G 79 -20.56 84.29 -51.92
CA ILE G 79 -21.83 84.98 -52.06
C ILE G 79 -22.13 85.80 -50.80
N ARG G 80 -21.97 85.18 -49.63
CA ARG G 80 -22.23 85.85 -48.37
C ARG G 80 -21.21 86.94 -48.06
N THR G 81 -20.16 87.07 -48.88
CA THR G 81 -19.27 88.22 -48.73
C THR G 81 -19.96 89.50 -49.17
N LEU G 82 -20.95 89.39 -50.06
CA LEU G 82 -21.70 90.56 -50.50
C LEU G 82 -22.66 91.07 -49.44
N PHE G 83 -22.98 90.26 -48.44
CA PHE G 83 -24.05 90.56 -47.51
C PHE G 83 -23.54 91.30 -46.28
N GLY G 84 -24.46 92.02 -45.64
CA GLY G 84 -24.29 92.57 -44.31
C GLY G 84 -25.61 92.44 -43.60
N VAL G 85 -25.65 91.78 -42.45
CA VAL G 85 -26.91 91.41 -41.81
C VAL G 85 -26.99 92.09 -40.46
N LEU G 86 -28.07 92.84 -40.25
CA LEU G 86 -28.43 93.39 -38.94
C LEU G 86 -29.57 92.53 -38.40
N PHE G 87 -29.29 91.79 -37.33
CA PHE G 87 -30.29 90.99 -36.66
C PHE G 87 -31.10 91.85 -35.70
N GLN G 88 -32.14 91.25 -35.10
CA GLN G 88 -33.05 92.00 -34.25
C GLN G 88 -32.33 92.59 -33.04
N ASP G 89 -31.47 91.80 -32.41
CA ASP G 89 -30.70 92.27 -31.26
C ASP G 89 -29.25 92.55 -31.61
N GLY G 90 -28.86 92.40 -32.88
CA GLY G 90 -27.51 92.61 -33.33
C GLY G 90 -26.69 91.35 -33.46
N ALA G 91 -27.03 90.32 -32.68
CA ALA G 91 -26.33 89.02 -32.70
C ALA G 91 -24.83 89.18 -32.51
N LEU G 92 -24.44 90.07 -31.60
CA LEU G 92 -23.04 90.29 -31.31
C LEU G 92 -22.48 89.13 -30.51
N PHE G 93 -21.15 89.04 -30.49
CA PHE G 93 -20.46 88.04 -29.68
C PHE G 93 -20.09 88.66 -28.34
N GLY G 94 -20.63 88.10 -27.26
CA GLY G 94 -20.45 88.68 -25.94
C GLY G 94 -19.06 88.51 -25.38
N SER G 95 -18.27 87.57 -25.89
CA SER G 95 -16.94 87.31 -25.38
C SER G 95 -15.91 88.35 -25.82
N MET G 96 -16.23 89.17 -26.83
CA MET G 96 -15.33 90.18 -27.34
C MET G 96 -16.04 91.52 -27.37
N ASN G 97 -15.25 92.60 -27.27
CA ASN G 97 -15.83 93.93 -27.16
C ASN G 97 -16.38 94.39 -28.51
N ILE G 98 -16.83 95.64 -28.55
CA ILE G 98 -17.42 96.18 -29.77
C ILE G 98 -16.36 96.36 -30.85
N TYR G 99 -15.15 96.77 -30.47
CA TYR G 99 -14.07 96.91 -31.44
C TYR G 99 -13.73 95.57 -32.08
N ASP G 100 -13.58 94.53 -31.27
CA ASP G 100 -13.27 93.20 -31.82
C ASP G 100 -14.46 92.64 -32.58
N ASN G 101 -15.68 92.90 -32.13
CA ASN G 101 -16.86 92.48 -32.89
C ASN G 101 -16.86 93.11 -34.27
N THR G 102 -16.54 94.40 -34.36
CA THR G 102 -16.49 95.08 -35.64
C THR G 102 -15.37 94.52 -36.52
N ALA G 103 -14.17 94.38 -35.95
CA ALA G 103 -13.02 93.91 -36.72
C ALA G 103 -13.05 92.43 -37.04
N PHE G 104 -13.98 91.67 -36.45
CA PHE G 104 -14.01 90.22 -36.61
C PHE G 104 -14.07 89.76 -38.06
N PRO G 105 -14.97 90.25 -38.93
CA PRO G 105 -14.95 89.76 -40.31
C PRO G 105 -13.76 90.26 -41.10
N LEU G 106 -13.22 91.43 -40.75
CA LEU G 106 -11.99 91.90 -41.39
C LEU G 106 -10.82 90.98 -41.10
N ARG G 107 -10.71 90.50 -39.86
CA ARG G 107 -9.67 89.53 -39.52
C ARG G 107 -9.97 88.15 -40.09
N GLU G 108 -11.26 87.83 -40.28
CA GLU G 108 -11.60 86.51 -40.79
C GLU G 108 -11.39 86.38 -42.29
N HIS G 109 -11.63 87.44 -43.06
CA HIS G 109 -11.58 87.37 -44.51
C HIS G 109 -10.37 88.05 -45.12
N THR G 110 -10.13 89.32 -44.78
CA THR G 110 -9.08 90.08 -45.44
C THR G 110 -7.70 89.66 -44.93
N LYS G 111 -6.67 90.33 -45.46
CA LYS G 111 -5.29 90.12 -45.04
C LYS G 111 -4.65 91.42 -44.56
N LYS G 112 -5.47 92.43 -44.26
CA LYS G 112 -4.97 93.75 -43.95
C LYS G 112 -4.25 93.78 -42.60
N SER G 113 -3.30 94.70 -42.48
CA SER G 113 -2.57 94.87 -41.24
C SER G 113 -3.48 95.50 -40.18
N GLU G 114 -3.02 95.46 -38.93
CA GLU G 114 -3.84 95.96 -37.83
C GLU G 114 -4.05 97.48 -37.91
N SER G 115 -3.13 98.20 -38.55
CA SER G 115 -3.32 99.63 -38.72
C SER G 115 -4.52 99.91 -39.62
N GLU G 116 -4.60 99.24 -40.76
CA GLU G 116 -5.76 99.38 -41.64
C GLU G 116 -7.04 98.91 -40.95
N ILE G 117 -6.93 97.85 -40.15
CA ILE G 117 -8.10 97.35 -39.41
C ILE G 117 -8.62 98.42 -38.46
N ARG G 118 -7.71 99.06 -37.72
CA ARG G 118 -8.13 100.12 -36.81
C ARG G 118 -8.74 101.28 -37.58
N LYS G 119 -8.13 101.67 -38.69
CA LYS G 119 -8.68 102.77 -39.50
C LYS G 119 -10.11 102.47 -39.93
N ILE G 120 -10.33 101.30 -40.53
CA ILE G 120 -11.66 100.96 -41.05
C ILE G 120 -12.67 100.85 -39.91
N VAL G 121 -12.29 100.21 -38.81
CA VAL G 121 -13.23 99.98 -37.71
C VAL G 121 -13.61 101.30 -37.06
N MET G 122 -12.63 102.18 -36.82
CA MET G 122 -12.94 103.49 -36.25
C MET G 122 -13.82 104.30 -37.19
N GLU G 123 -13.54 104.25 -38.49
CA GLU G 123 -14.36 104.97 -39.45
C GLU G 123 -15.81 104.50 -39.43
N LYS G 124 -16.03 103.18 -39.41
CA LYS G 124 -17.40 102.68 -39.45
C LYS G 124 -18.13 102.88 -38.12
N LEU G 125 -17.40 102.80 -37.00
CA LEU G 125 -18.02 103.10 -35.72
C LEU G 125 -18.42 104.56 -35.66
N ASP G 126 -17.57 105.46 -36.16
CA ASP G 126 -17.97 106.87 -36.21
C ASP G 126 -19.14 107.07 -37.16
N LEU G 127 -19.20 106.24 -38.20
CA LEU G 127 -20.30 106.33 -39.16
C LEU G 127 -21.63 106.05 -38.48
N VAL G 128 -21.67 105.06 -37.59
CA VAL G 128 -22.95 104.63 -37.01
C VAL G 128 -23.17 105.23 -35.62
N GLY G 129 -22.52 106.35 -35.31
CA GLY G 129 -22.75 107.04 -34.07
C GLY G 129 -22.14 106.42 -32.84
N MET G 130 -21.05 105.67 -32.99
CA MET G 130 -20.32 105.09 -31.85
C MET G 130 -18.82 105.36 -31.97
N PRO G 131 -18.40 106.63 -31.95
CA PRO G 131 -16.98 106.90 -32.15
C PRO G 131 -16.10 106.48 -30.99
N ASN G 132 -16.59 106.59 -29.75
CA ASN G 132 -15.77 106.36 -28.56
C ASN G 132 -16.29 105.21 -27.72
N ASP G 133 -17.16 104.36 -28.26
CA ASP G 133 -17.71 103.22 -27.54
C ASP G 133 -17.11 101.90 -28.03
N GLY G 134 -15.85 101.92 -28.46
CA GLY G 134 -15.24 100.70 -28.97
C GLY G 134 -14.98 99.67 -27.89
N HIS G 135 -14.60 100.11 -26.70
CA HIS G 135 -14.16 99.21 -25.64
C HIS G 135 -15.29 98.50 -24.92
N LYS G 136 -16.53 98.93 -25.10
CA LYS G 136 -17.64 98.32 -24.39
C LYS G 136 -17.93 96.92 -24.93
N PHE G 137 -18.63 96.14 -24.12
CA PHE G 137 -19.09 94.81 -24.47
C PHE G 137 -20.57 94.83 -24.80
N PRO G 138 -21.06 93.84 -25.55
CA PRO G 138 -22.49 93.83 -25.91
C PRO G 138 -23.43 93.80 -24.71
N GLY G 139 -23.02 93.19 -23.60
CA GLY G 139 -23.89 93.17 -22.43
C GLY G 139 -24.09 94.55 -21.82
N GLU G 140 -23.08 95.42 -21.93
CA GLU G 140 -23.17 96.74 -21.31
C GLU G 140 -24.06 97.69 -22.10
N ILE G 141 -24.13 97.53 -23.41
CA ILE G 141 -24.83 98.48 -24.26
C ILE G 141 -26.29 98.08 -24.39
N SER G 142 -27.13 99.04 -24.78
CA SER G 142 -28.56 98.84 -24.89
C SER G 142 -28.92 98.31 -26.27
N GLY G 143 -30.23 98.15 -26.52
CA GLY G 143 -30.68 97.57 -27.77
C GLY G 143 -30.36 98.42 -28.98
N GLY G 144 -30.52 99.75 -28.85
CA GLY G 144 -30.17 100.63 -29.95
C GLY G 144 -28.69 100.58 -30.28
N MET G 145 -27.85 100.60 -29.25
CA MET G 145 -26.41 100.48 -29.47
C MET G 145 -26.04 99.10 -30.02
N ARG G 146 -26.78 98.06 -29.63
CA ARG G 146 -26.53 96.73 -30.20
C ARG G 146 -26.85 96.71 -31.69
N LYS G 147 -27.96 97.35 -32.08
CA LYS G 147 -28.28 97.45 -33.50
C LYS G 147 -27.22 98.24 -34.26
N ARG G 148 -26.75 99.34 -33.67
CA ARG G 148 -25.71 100.14 -34.31
C ARG G 148 -24.42 99.34 -34.46
N ALA G 149 -24.06 98.55 -33.44
CA ALA G 149 -22.84 97.74 -33.50
C ALA G 149 -22.97 96.62 -34.53
N GLY G 150 -24.14 95.99 -34.62
CA GLY G 150 -24.36 95.01 -35.66
C GLY G 150 -24.25 95.60 -37.05
N LEU G 151 -24.81 96.80 -37.23
CA LEU G 151 -24.68 97.49 -38.51
C LEU G 151 -23.22 97.80 -38.83
N ALA G 152 -22.47 98.30 -37.83
CA ALA G 152 -21.07 98.62 -38.04
C ALA G 152 -20.26 97.40 -38.42
N ARG G 153 -20.56 96.25 -37.78
CA ARG G 153 -19.91 95.01 -38.18
C ARG G 153 -20.34 94.58 -39.58
N ALA G 154 -21.55 94.94 -40.00
CA ALA G 154 -22.00 94.62 -41.35
C ALA G 154 -21.44 95.56 -42.41
N LEU G 155 -20.89 96.71 -42.04
CA LEU G 155 -20.46 97.71 -43.00
C LEU G 155 -18.95 97.73 -43.24
N VAL G 156 -18.22 96.72 -42.78
CA VAL G 156 -16.75 96.77 -42.89
C VAL G 156 -16.21 96.09 -44.13
N LEU G 157 -16.93 95.13 -44.70
CA LEU G 157 -16.49 94.41 -45.88
C LEU G 157 -17.13 94.93 -47.16
N ASP G 158 -17.61 96.18 -47.16
CA ASP G 158 -18.27 96.83 -48.29
C ASP G 158 -19.39 95.95 -48.84
N PRO G 159 -20.49 95.79 -48.12
CA PRO G 159 -21.56 94.92 -48.59
C PRO G 159 -22.30 95.51 -49.79
N GLU G 160 -22.82 94.62 -50.63
CA GLU G 160 -23.68 94.99 -51.73
C GLU G 160 -25.15 94.69 -51.44
N ILE G 161 -25.43 93.95 -50.37
CA ILE G 161 -26.78 93.71 -49.89
C ILE G 161 -26.74 93.88 -48.37
N ILE G 162 -27.81 94.46 -47.81
CA ILE G 162 -27.96 94.57 -46.37
C ILE G 162 -29.34 94.05 -46.01
N LEU G 163 -29.40 93.20 -44.98
CA LEU G 163 -30.64 92.59 -44.51
C LEU G 163 -30.90 93.05 -43.09
N CYS G 164 -31.94 93.87 -42.90
CA CYS G 164 -32.31 94.37 -41.59
C CYS G 164 -33.54 93.61 -41.09
N ASP G 165 -33.41 92.99 -39.92
CA ASP G 165 -34.47 92.18 -39.32
C ASP G 165 -35.08 92.96 -38.17
N GLU G 166 -36.32 93.43 -38.37
CA GLU G 166 -37.12 94.16 -37.39
C GLU G 166 -36.33 95.27 -36.71
N PRO G 167 -35.94 96.32 -37.44
CA PRO G 167 -35.16 97.40 -36.81
C PRO G 167 -35.94 98.24 -35.83
N ASP G 168 -37.25 98.04 -35.70
CA ASP G 168 -38.06 98.80 -34.76
C ASP G 168 -38.33 98.04 -33.47
N SER G 169 -37.80 96.83 -33.32
CA SER G 169 -38.10 96.02 -32.16
C SER G 169 -37.48 96.61 -30.89
N GLY G 170 -38.29 96.79 -29.87
CA GLY G 170 -37.82 97.33 -28.62
C GLY G 170 -37.41 98.78 -28.66
N LEU G 171 -37.90 99.53 -29.65
CA LEU G 171 -37.54 100.93 -29.82
C LEU G 171 -38.79 101.78 -29.93
N ASP G 172 -38.78 102.92 -29.26
CA ASP G 172 -39.83 103.90 -29.38
C ASP G 172 -39.74 104.60 -30.74
N PRO G 173 -40.80 105.30 -31.17
CA PRO G 173 -40.78 105.91 -32.51
C PRO G 173 -39.62 106.86 -32.77
N VAL G 174 -39.11 107.54 -31.75
CA VAL G 174 -38.01 108.49 -31.97
C VAL G 174 -36.73 107.76 -32.35
N ARG G 175 -36.39 106.70 -31.61
CA ARG G 175 -35.19 105.94 -31.92
C ARG G 175 -35.34 105.18 -33.23
N THR G 176 -36.56 104.73 -33.54
CA THR G 176 -36.83 104.12 -34.83
C THR G 176 -36.61 105.13 -35.96
N ALA G 177 -37.03 106.38 -35.76
CA ALA G 177 -36.79 107.42 -36.76
C ALA G 177 -35.30 107.67 -36.93
N TYR G 178 -34.55 107.69 -35.82
CA TYR G 178 -33.10 107.85 -35.90
C TYR G 178 -32.46 106.73 -36.73
N LEU G 179 -32.85 105.49 -36.45
CA LEU G 179 -32.27 104.36 -37.18
C LEU G 179 -32.68 104.36 -38.64
N SER G 180 -33.92 104.79 -38.94
CA SER G 180 -34.35 104.90 -40.33
C SER G 180 -33.54 105.93 -41.09
N GLN G 181 -33.29 107.09 -40.45
CA GLN G 181 -32.43 108.09 -41.07
C GLN G 181 -31.03 107.55 -41.30
N LEU G 182 -30.50 106.78 -40.35
CA LEU G 182 -29.18 106.18 -40.53
C LEU G 182 -29.17 105.23 -41.72
N LEU G 183 -30.21 104.41 -41.87
CA LEU G 183 -30.26 103.48 -42.99
C LEU G 183 -30.35 104.22 -44.33
N ILE G 184 -31.13 105.30 -44.38
CA ILE G 184 -31.22 106.10 -45.59
C ILE G 184 -29.86 106.70 -45.93
N ASP G 185 -29.16 107.22 -44.91
CA ASP G 185 -27.82 107.77 -45.13
C ASP G 185 -26.86 106.71 -45.65
N ILE G 186 -26.93 105.50 -45.09
CA ILE G 186 -26.04 104.42 -45.50
C ILE G 186 -26.29 104.07 -46.97
N ASN G 187 -27.56 103.95 -47.36
CA ASN G 187 -27.87 103.68 -48.75
C ASN G 187 -27.44 104.83 -49.66
N ALA G 188 -27.50 106.06 -49.16
CA ALA G 188 -26.99 107.20 -49.93
C ALA G 188 -25.50 107.08 -50.16
N GLN G 189 -24.76 106.61 -49.15
CA GLN G 189 -23.30 106.60 -49.24
C GLN G 189 -22.78 105.42 -50.05
N ILE G 190 -23.30 104.21 -49.82
CA ILE G 190 -22.73 103.02 -50.42
C ILE G 190 -23.63 102.36 -51.46
N ASP G 191 -24.88 102.79 -51.59
CA ASP G 191 -25.81 102.29 -52.61
C ASP G 191 -26.00 100.77 -52.51
N ALA G 192 -26.02 100.25 -51.29
CA ALA G 192 -26.28 98.83 -51.10
C ALA G 192 -27.77 98.53 -51.19
N THR G 193 -28.10 97.33 -51.63
CA THR G 193 -29.48 96.88 -51.68
C THR G 193 -29.95 96.60 -50.27
N VAL G 194 -30.61 97.57 -49.64
CA VAL G 194 -31.12 97.40 -48.29
C VAL G 194 -32.50 96.77 -48.35
N LEU G 195 -32.72 95.71 -47.57
CA LEU G 195 -34.04 95.12 -47.43
C LEU G 195 -34.37 94.99 -45.96
N ILE G 196 -35.52 95.53 -45.57
CA ILE G 196 -35.97 95.61 -44.19
C ILE G 196 -37.22 94.77 -44.04
N VAL G 197 -37.32 94.02 -42.94
CA VAL G 197 -38.56 93.33 -42.59
C VAL G 197 -39.08 93.93 -41.30
N THR G 198 -40.32 94.46 -41.35
CA THR G 198 -40.95 95.07 -40.20
C THR G 198 -42.43 95.28 -40.51
N HIS G 199 -43.25 95.29 -39.47
CA HIS G 199 -44.65 95.68 -39.58
C HIS G 199 -44.89 97.09 -39.07
N ASN G 200 -43.85 97.85 -38.81
CA ASN G 200 -43.99 99.26 -38.46
C ASN G 200 -44.58 100.02 -39.65
N ILE G 201 -45.42 101.01 -39.35
CA ILE G 201 -46.11 101.78 -40.38
C ILE G 201 -45.39 103.10 -40.64
N ASN G 202 -44.78 103.67 -39.60
CA ASN G 202 -43.95 104.86 -39.80
C ASN G 202 -42.78 104.56 -40.72
N ILE G 203 -42.14 103.41 -40.53
CA ILE G 203 -41.04 103.01 -41.42
C ILE G 203 -41.54 102.84 -42.85
N ALA G 204 -42.70 102.22 -43.01
CA ALA G 204 -43.25 101.87 -44.32
C ALA G 204 -43.91 103.04 -45.03
N ARG G 205 -43.64 104.28 -44.62
CA ARG G 205 -44.19 105.44 -45.29
C ARG G 205 -43.18 106.54 -45.53
N THR G 206 -41.96 106.41 -45.03
CA THR G 206 -40.93 107.42 -45.19
C THR G 206 -39.63 106.86 -45.75
N VAL G 207 -39.24 105.67 -45.33
CA VAL G 207 -37.97 105.06 -45.74
C VAL G 207 -37.99 104.41 -47.12
N PRO G 208 -38.88 103.47 -47.43
CA PRO G 208 -38.61 102.55 -48.54
C PRO G 208 -38.75 103.19 -49.91
N ASP G 209 -38.07 102.58 -50.87
CA ASP G 209 -38.33 102.82 -52.29
C ASP G 209 -39.28 101.79 -52.88
N ASN G 210 -39.17 100.53 -52.45
CA ASN G 210 -40.08 99.47 -52.84
C ASN G 210 -40.67 98.83 -51.61
N MET G 211 -41.90 98.35 -51.73
CA MET G 211 -42.57 97.70 -50.61
C MET G 211 -43.38 96.52 -51.10
N GLY G 212 -43.43 95.49 -50.27
CA GLY G 212 -44.24 94.33 -50.55
C GLY G 212 -44.90 93.85 -49.27
N MET G 213 -46.05 93.19 -49.43
CA MET G 213 -46.86 92.79 -48.29
C MET G 213 -47.21 91.32 -48.36
N LEU G 214 -47.00 90.61 -47.25
CA LEU G 214 -47.42 89.23 -47.10
C LEU G 214 -48.71 89.16 -46.30
N PHE G 215 -49.68 88.40 -46.80
CA PHE G 215 -50.96 88.26 -46.11
C PHE G 215 -51.55 86.90 -46.41
N ARG G 216 -51.79 86.11 -45.36
CA ARG G 216 -52.40 84.79 -45.44
C ARG G 216 -51.57 83.84 -46.32
N LYS G 217 -50.30 83.72 -45.95
CA LYS G 217 -49.36 82.79 -46.58
C LYS G 217 -49.24 83.04 -48.09
N GLN G 218 -49.21 84.31 -48.47
CA GLN G 218 -49.10 84.73 -49.86
C GLN G 218 -48.44 86.10 -49.89
N LEU G 219 -48.04 86.52 -51.08
CA LEU G 219 -47.55 87.88 -51.32
C LEU G 219 -48.61 88.60 -52.12
N VAL G 220 -49.26 89.60 -51.49
CA VAL G 220 -50.38 90.26 -52.16
C VAL G 220 -49.89 91.13 -53.31
N MET G 221 -48.80 91.88 -53.11
CA MET G 221 -48.23 92.72 -54.15
C MET G 221 -46.87 93.22 -53.71
N PHE G 222 -45.98 93.39 -54.69
CA PHE G 222 -44.70 94.05 -54.51
C PHE G 222 -44.58 95.13 -55.57
N GLY G 223 -44.09 96.30 -55.17
CA GLY G 223 -43.98 97.41 -56.08
C GLY G 223 -43.34 98.62 -55.44
N PRO G 224 -43.19 99.69 -56.21
CA PRO G 224 -42.53 100.89 -55.69
C PRO G 224 -43.39 101.61 -54.66
N ARG G 225 -42.78 102.63 -54.06
CA ARG G 225 -43.44 103.39 -53.00
C ARG G 225 -44.68 104.09 -53.52
N GLU G 226 -44.57 104.73 -54.68
CA GLU G 226 -45.71 105.47 -55.24
C GLU G 226 -46.85 104.54 -55.61
N VAL G 227 -46.54 103.36 -56.14
CA VAL G 227 -47.58 102.42 -56.54
C VAL G 227 -48.31 101.88 -55.32
N LEU G 228 -47.56 101.59 -54.25
CA LEU G 228 -48.18 100.97 -53.08
C LEU G 228 -48.96 101.98 -52.24
N LEU G 229 -48.49 103.23 -52.17
CA LEU G 229 -49.16 104.21 -51.33
C LEU G 229 -50.42 104.77 -51.98
N THR G 230 -50.70 104.45 -53.24
CA THR G 230 -51.92 104.88 -53.92
C THR G 230 -52.71 103.68 -54.43
N SER G 231 -52.58 102.54 -53.77
CA SER G 231 -53.22 101.31 -54.22
C SER G 231 -54.53 101.13 -53.46
N GLU G 232 -55.62 100.94 -54.20
CA GLU G 232 -56.92 100.71 -53.60
C GLU G 232 -57.20 99.22 -53.41
N GLU G 233 -56.24 98.54 -52.80
CA GLU G 233 -56.38 97.15 -52.41
C GLU G 233 -56.82 97.09 -50.95
N PRO G 234 -57.89 96.35 -50.63
CA PRO G 234 -58.42 96.37 -49.26
C PRO G 234 -57.40 96.03 -48.20
N VAL G 235 -56.59 94.99 -48.42
CA VAL G 235 -55.62 94.57 -47.43
C VAL G 235 -54.51 95.60 -47.29
N VAL G 236 -53.97 96.07 -48.41
CA VAL G 236 -52.87 97.03 -48.39
C VAL G 236 -53.33 98.35 -47.80
N LYS G 237 -54.50 98.84 -48.23
CA LYS G 237 -55.01 100.12 -47.75
C LYS G 237 -55.36 100.05 -46.26
N GLN G 238 -55.87 98.90 -45.80
CA GLN G 238 -56.14 98.73 -44.38
C GLN G 238 -54.83 98.72 -43.58
N PHE G 239 -53.84 97.96 -44.03
CA PHE G 239 -52.63 97.81 -43.25
C PHE G 239 -51.81 99.09 -43.19
N LEU G 240 -51.64 99.77 -44.33
CA LEU G 240 -50.79 100.96 -44.37
C LEU G 240 -51.35 102.12 -43.56
N ASN G 241 -52.63 102.07 -43.21
CA ASN G 241 -53.25 103.07 -42.35
C ASN G 241 -53.48 102.57 -40.93
N GLY G 242 -53.24 101.30 -40.67
CA GLY G 242 -53.48 100.73 -39.34
C GLY G 242 -54.94 100.75 -38.95
N ARG G 243 -55.83 100.46 -39.90
CA ARG G 243 -57.26 100.55 -39.67
C ARG G 243 -57.75 99.30 -38.93
N ARG G 244 -59.06 99.21 -38.77
CA ARG G 244 -59.70 98.10 -38.08
C ARG G 244 -60.75 97.39 -38.93
N ILE G 245 -61.23 98.01 -40.00
CA ILE G 245 -62.21 97.40 -40.89
C ILE G 245 -61.46 96.92 -42.13
N GLY G 246 -61.44 95.61 -42.33
CA GLY G 246 -60.75 95.02 -43.45
C GLY G 246 -60.53 93.54 -43.26
N PRO G 247 -59.89 92.89 -44.23
CA PRO G 247 -59.67 91.44 -44.16
C PRO G 247 -58.88 90.99 -42.94
N ILE G 248 -57.91 91.78 -42.49
CA ILE G 248 -57.10 91.39 -41.34
C ILE G 248 -57.97 91.33 -40.10
N GLY G 249 -57.90 90.21 -39.38
CA GLY G 249 -58.73 89.97 -38.22
C GLY G 249 -58.08 90.42 -36.93
N MET G 250 -58.74 90.07 -35.81
CA MET G 250 -58.25 90.43 -34.50
C MET G 250 -57.00 89.65 -34.12
N SER G 251 -56.84 88.46 -34.67
CA SER G 251 -55.68 87.63 -34.38
C SER G 251 -55.41 86.73 -35.58
N GLU G 252 -54.31 85.97 -35.50
CA GLU G 252 -53.90 85.11 -36.61
C GLU G 252 -54.96 84.07 -36.94
N GLU G 253 -55.71 83.61 -35.94
CA GLU G 253 -56.74 82.59 -36.18
C GLU G 253 -57.97 83.15 -36.89
N LYS G 254 -58.23 84.45 -36.78
CA LYS G 254 -59.45 85.04 -37.30
C LYS G 254 -59.28 85.68 -38.67
N ASP G 255 -58.13 85.53 -39.30
CA ASP G 255 -57.91 86.06 -40.64
C ASP G 255 -58.65 85.22 -41.67
N VAL G 281 -49.58 111.33 -50.90
CA VAL G 281 -48.68 110.35 -50.34
C VAL G 281 -47.70 111.04 -49.39
N PRO G 282 -47.06 110.26 -48.51
CA PRO G 282 -46.04 110.83 -47.62
C PRO G 282 -44.84 111.27 -48.47
N PRO G 283 -44.13 112.30 -48.02
CA PRO G 283 -43.00 112.89 -48.74
C PRO G 283 -41.82 111.95 -49.02
N GLN G 284 -41.51 111.07 -48.06
CA GLN G 284 -40.44 110.03 -47.97
C GLN G 284 -39.21 110.62 -47.27
N LEU G 285 -38.46 109.78 -46.58
CA LEU G 285 -37.28 110.23 -45.89
C LEU G 285 -36.21 110.64 -46.89
N GLN G 286 -35.56 111.76 -46.63
CA GLN G 286 -34.53 112.25 -47.51
C GLN G 286 -33.20 112.10 -46.81
N ALA G 287 -32.13 111.99 -47.57
CA ALA G 287 -30.81 111.87 -46.99
C ALA G 287 -30.40 113.18 -46.31
N THR G 288 -29.59 113.06 -45.27
CA THR G 288 -29.15 114.21 -44.52
C THR G 288 -28.38 115.17 -45.42
N PRO G 289 -28.59 116.48 -45.31
CA PRO G 289 -27.81 117.42 -46.11
C PRO G 289 -26.31 117.25 -45.87
N GLY G 290 -25.55 117.31 -46.97
CA GLY G 290 -24.14 117.00 -46.92
C GLY G 290 -23.78 115.57 -47.27
N MET G 291 -24.77 114.71 -47.49
CA MET G 291 -24.62 113.31 -47.91
C MET G 291 -24.74 113.22 -49.43
N PRO G 292 -23.99 112.34 -50.07
CA PRO G 292 -24.06 112.21 -51.53
C PRO G 292 -25.46 111.83 -52.00
N GLU G 293 -25.83 112.35 -53.16
CA GLU G 293 -27.18 112.20 -53.68
C GLU G 293 -27.53 110.72 -53.86
N ARG G 294 -28.75 110.35 -53.46
CA ARG G 294 -29.23 109.00 -53.65
C ARG G 294 -29.55 108.76 -55.11
N LYS G 295 -28.93 107.74 -55.70
CA LYS G 295 -29.20 107.38 -57.09
C LYS G 295 -30.36 106.39 -57.21
N ALA G 296 -30.87 105.89 -56.08
CA ALA G 296 -32.01 104.99 -56.12
C ALA G 296 -33.32 105.71 -56.38
N VAL G 297 -33.40 107.00 -56.01
CA VAL G 297 -34.64 107.77 -56.20
C VAL G 297 -34.91 107.95 -57.70
N ALA G 298 -33.90 108.36 -58.45
CA ALA G 298 -34.08 108.60 -59.88
C ALA G 298 -34.45 107.32 -60.62
N ARG G 299 -33.75 106.21 -60.32
CA ARG G 299 -34.07 104.94 -60.94
C ARG G 299 -35.45 104.45 -60.54
N ARG G 300 -35.84 104.68 -59.28
CA ARG G 300 -37.17 104.31 -58.85
C ARG G 300 -38.24 105.05 -59.62
N LYS G 301 -38.07 106.36 -59.81
CA LYS G 301 -39.05 107.14 -60.58
C LYS G 301 -39.08 106.70 -62.04
N ALA G 302 -37.91 106.40 -62.60
CA ALA G 302 -37.84 105.94 -63.99
C ALA G 302 -38.62 104.65 -64.16
N ARG G 303 -38.50 103.72 -63.20
CA ARG G 303 -39.32 102.51 -63.24
C ARG G 303 -40.80 102.81 -62.98
N VAL G 304 -41.09 103.80 -62.12
CA VAL G 304 -42.48 104.10 -61.76
C VAL G 304 -43.25 104.62 -62.97
N ARG G 305 -42.58 105.38 -63.85
CA ARG G 305 -43.29 105.86 -65.04
C ARG G 305 -43.72 104.70 -65.94
N GLU G 306 -42.81 103.77 -66.20
CA GLU G 306 -43.14 102.60 -67.01
C GLU G 306 -44.20 101.73 -66.32
N ILE G 307 -44.21 101.69 -64.99
CA ILE G 307 -45.24 100.95 -64.28
C ILE G 307 -46.59 101.66 -64.40
N LEU G 308 -46.59 102.99 -64.20
CA LEU G 308 -47.80 103.79 -64.32
C LEU G 308 -48.42 103.71 -65.70
N HIS G 309 -47.63 103.35 -66.71
CA HIS G 309 -48.19 103.04 -68.02
C HIS G 309 -49.38 102.08 -67.96
N THR G 310 -49.48 101.25 -66.91
CA THR G 310 -50.53 100.25 -66.79
C THR G 310 -51.37 100.39 -65.52
N LEU G 311 -51.27 101.50 -64.79
CA LEU G 311 -51.96 101.65 -63.51
C LEU G 311 -53.38 102.18 -63.69
N PRO G 312 -54.24 102.01 -62.70
CA PRO G 312 -55.59 102.57 -62.79
C PRO G 312 -55.54 104.08 -62.85
N PRO G 313 -56.55 104.71 -63.48
CA PRO G 313 -56.49 106.17 -63.71
C PRO G 313 -56.37 107.01 -62.44
N ALA G 314 -57.03 106.62 -61.35
CA ALA G 314 -56.88 107.36 -60.10
C ALA G 314 -55.46 107.26 -59.57
N ALA G 315 -54.90 106.05 -59.58
CA ALA G 315 -53.51 105.87 -59.17
C ALA G 315 -52.56 106.60 -60.13
N GLN G 316 -52.86 106.56 -61.43
CA GLN G 316 -52.04 107.29 -62.40
C GLN G 316 -52.02 108.77 -62.09
N ALA G 317 -53.20 109.36 -61.84
CA ALA G 317 -53.26 110.79 -61.54
C ALA G 317 -52.54 111.12 -60.25
N ALA G 318 -52.72 110.30 -59.21
CA ALA G 318 -52.06 110.55 -57.93
C ALA G 318 -50.54 110.49 -58.07
N ILE G 319 -50.02 109.48 -58.77
CA ILE G 319 -48.58 109.33 -58.92
C ILE G 319 -48.01 110.43 -59.81
N LEU G 320 -48.75 110.81 -60.87
CA LEU G 320 -48.31 111.91 -61.71
C LEU G 320 -48.25 113.22 -60.93
N GLU G 321 -49.22 113.45 -60.05
CA GLU G 321 -49.16 114.63 -59.19
C GLU G 321 -47.95 114.57 -58.27
N GLU G 322 -47.68 113.40 -57.70
CA GLU G 322 -46.54 113.26 -56.79
C GLU G 322 -45.21 113.49 -57.50
N LEU G 323 -45.06 112.95 -58.71
CA LEU G 323 -43.79 113.07 -59.42
C LEU G 323 -43.55 114.48 -59.94
N ASP G 324 -44.61 115.24 -60.18
CA ASP G 324 -44.50 116.57 -60.74
C ASP G 324 -44.43 117.66 -59.67
N ARG G 325 -44.35 117.28 -58.39
CA ARG G 325 -44.21 118.26 -57.32
C ARG G 325 -42.87 118.97 -57.42
N GLY H 2 -65.01 101.86 -11.07
CA GLY H 2 -63.61 102.25 -11.05
C GLY H 2 -63.27 103.16 -9.90
N VAL H 3 -62.01 103.13 -9.47
CA VAL H 3 -61.55 103.90 -8.33
C VAL H 3 -60.27 104.63 -8.71
N GLN H 4 -59.93 105.64 -7.92
CA GLN H 4 -58.80 106.50 -8.17
C GLN H 4 -57.54 105.94 -7.53
N ILE H 5 -56.40 106.18 -8.17
CA ILE H 5 -55.09 105.82 -7.65
C ILE H 5 -54.29 107.09 -7.46
N ASP H 6 -53.81 107.32 -6.24
CA ASP H 6 -53.06 108.52 -5.91
C ASP H 6 -51.61 108.11 -5.64
N VAL H 7 -50.75 108.32 -6.62
CA VAL H 7 -49.31 108.07 -6.47
C VAL H 7 -48.65 109.35 -6.02
N THR H 8 -47.74 109.24 -5.06
CA THR H 8 -47.07 110.41 -4.49
C THR H 8 -45.62 110.08 -4.20
N GLY H 9 -44.70 110.77 -4.88
CA GLY H 9 -43.29 110.65 -4.59
C GLY H 9 -42.70 109.28 -4.78
N LEU H 10 -43.23 108.50 -5.72
CA LEU H 10 -42.75 107.15 -5.96
C LEU H 10 -41.32 107.18 -6.48
N SER H 11 -40.55 106.14 -6.15
CA SER H 11 -39.17 106.04 -6.62
C SER H 11 -38.73 104.58 -6.55
N LYS H 12 -38.09 104.13 -7.62
CA LYS H 12 -37.54 102.78 -7.70
C LYS H 12 -36.05 102.87 -7.99
N SER H 13 -35.30 101.88 -7.53
CA SER H 13 -33.86 101.82 -7.76
C SER H 13 -33.38 100.41 -7.55
N PHE H 14 -32.76 99.83 -8.57
CA PHE H 14 -32.13 98.50 -8.46
C PHE H 14 -30.64 98.71 -8.19
N GLY H 15 -30.30 98.85 -6.92
CA GLY H 15 -28.91 99.08 -6.56
C GLY H 15 -28.55 100.54 -6.75
N SER H 16 -27.46 100.78 -7.47
CA SER H 16 -27.04 102.16 -7.74
C SER H 16 -27.89 102.80 -8.82
N SER H 17 -28.36 102.02 -9.79
CA SER H 17 -29.14 102.57 -10.91
C SER H 17 -30.58 102.81 -10.47
N LYS H 18 -31.09 104.00 -10.75
CA LYS H 18 -32.46 104.37 -10.44
C LYS H 18 -33.32 104.29 -11.71
N ILE H 19 -34.55 103.81 -11.55
CA ILE H 19 -35.42 103.59 -12.69
C ILE H 19 -36.19 104.87 -12.99
N TRP H 20 -37.01 105.32 -12.05
CA TRP H 20 -37.65 106.63 -12.12
C TRP H 20 -37.71 107.21 -10.72
N GLU H 21 -37.71 108.54 -10.64
CA GLU H 21 -37.61 109.24 -9.36
C GLU H 21 -38.72 110.27 -9.24
N ASP H 22 -39.39 110.28 -8.08
CA ASP H 22 -40.37 111.30 -7.72
C ASP H 22 -41.55 111.36 -8.69
N VAL H 23 -42.16 110.20 -8.94
CA VAL H 23 -43.35 110.14 -9.77
C VAL H 23 -44.56 110.50 -8.93
N THR H 24 -45.35 111.47 -9.41
CA THR H 24 -46.58 111.89 -8.74
C THR H 24 -47.71 111.88 -9.75
N MET H 25 -48.80 111.18 -9.43
CA MET H 25 -49.92 111.03 -10.34
C MET H 25 -51.23 111.11 -9.59
N SER H 26 -52.32 111.20 -10.34
CA SER H 26 -53.68 111.00 -9.82
C SER H 26 -54.50 110.44 -10.96
N ILE H 27 -54.59 109.11 -11.02
CA ILE H 27 -55.33 108.44 -12.09
C ILE H 27 -56.82 108.48 -11.73
N PRO H 28 -57.66 109.14 -12.54
CA PRO H 28 -59.07 109.30 -12.17
C PRO H 28 -59.82 107.99 -12.21
N ALA H 29 -61.01 108.01 -11.62
CA ALA H 29 -61.80 106.80 -11.45
C ALA H 29 -62.52 106.45 -12.76
N GLY H 30 -62.23 105.27 -13.28
CA GLY H 30 -62.96 104.74 -14.41
C GLY H 30 -62.47 105.19 -15.77
N GLU H 31 -61.49 106.07 -15.83
CA GLU H 31 -61.03 106.63 -17.09
C GLU H 31 -59.75 105.94 -17.54
N VAL H 32 -59.61 105.74 -18.85
CA VAL H 32 -58.43 105.11 -19.40
C VAL H 32 -57.26 106.08 -19.35
N SER H 33 -56.14 105.64 -18.80
CA SER H 33 -54.93 106.43 -18.70
C SER H 33 -53.77 105.65 -19.29
N VAL H 34 -52.83 106.37 -19.91
CA VAL H 34 -51.70 105.76 -20.58
C VAL H 34 -50.42 106.46 -20.12
N LEU H 35 -49.41 105.66 -19.77
CA LEU H 35 -48.09 106.15 -19.44
C LEU H 35 -47.14 105.88 -20.60
N LEU H 36 -46.40 106.89 -21.02
CA LEU H 36 -45.55 106.84 -22.19
C LEU H 36 -44.12 107.21 -21.82
N GLY H 37 -43.22 106.97 -22.76
CA GLY H 37 -41.84 107.34 -22.61
C GLY H 37 -40.96 106.61 -23.60
N PRO H 38 -39.71 107.04 -23.71
CA PRO H 38 -38.75 106.34 -24.56
C PRO H 38 -38.48 104.95 -24.02
N SER H 39 -38.02 104.08 -24.92
CA SER H 39 -37.69 102.72 -24.53
C SER H 39 -36.61 102.70 -23.46
N GLY H 40 -36.77 101.80 -22.49
CA GLY H 40 -35.84 101.73 -21.39
C GLY H 40 -36.07 102.75 -20.29
N THR H 41 -37.33 103.12 -20.04
CA THR H 41 -37.67 104.05 -18.97
C THR H 41 -38.37 103.37 -17.80
N GLY H 42 -38.46 102.05 -17.81
CA GLY H 42 -39.03 101.30 -16.70
C GLY H 42 -40.51 101.56 -16.44
N LYS H 43 -41.32 101.54 -17.49
CA LYS H 43 -42.76 101.73 -17.32
C LYS H 43 -43.41 100.47 -16.74
N SER H 44 -42.93 99.30 -17.13
CA SER H 44 -43.48 98.05 -16.59
C SER H 44 -43.16 97.92 -15.10
N VAL H 45 -42.02 98.43 -14.66
CA VAL H 45 -41.73 98.46 -13.23
C VAL H 45 -42.75 99.33 -12.50
N PHE H 46 -43.13 100.46 -13.11
CA PHE H 46 -44.17 101.30 -12.53
C PHE H 46 -45.50 100.56 -12.47
N LEU H 47 -45.84 99.83 -13.53
CA LEU H 47 -47.10 99.08 -13.53
C LEU H 47 -47.10 98.02 -12.44
N LYS H 48 -45.99 97.32 -12.26
CA LYS H 48 -45.90 96.31 -11.20
C LYS H 48 -45.97 96.94 -9.82
N SER H 49 -45.34 98.10 -9.64
CA SER H 49 -45.29 98.73 -8.33
C SER H 49 -46.67 99.17 -7.84
N LEU H 50 -47.58 99.51 -8.76
CA LEU H 50 -48.90 99.98 -8.35
C LEU H 50 -49.78 98.90 -7.76
N ILE H 51 -49.40 97.63 -7.90
CA ILE H 51 -50.18 96.52 -7.35
C ILE H 51 -49.46 95.83 -6.20
N GLY H 52 -48.17 96.11 -5.99
CA GLY H 52 -47.44 95.53 -4.89
C GLY H 52 -46.50 94.41 -5.25
N LEU H 53 -46.39 94.05 -6.54
CA LEU H 53 -45.42 93.05 -6.94
C LEU H 53 -43.99 93.52 -6.68
N LEU H 54 -43.71 94.79 -6.96
CA LEU H 54 -42.43 95.39 -6.64
C LEU H 54 -42.61 96.44 -5.56
N ARG H 55 -41.52 96.72 -4.84
CA ARG H 55 -41.55 97.61 -3.68
C ARG H 55 -40.71 98.85 -3.94
N PRO H 56 -41.32 99.99 -4.26
CA PRO H 56 -40.55 101.23 -4.38
C PRO H 56 -39.92 101.61 -3.05
N GLU H 57 -38.74 102.23 -3.14
CA GLU H 57 -38.01 102.62 -1.92
C GLU H 57 -38.80 103.65 -1.11
N ARG H 58 -39.39 104.64 -1.78
CA ARG H 58 -40.17 105.67 -1.11
C ARG H 58 -41.44 105.93 -1.90
N GLY H 59 -42.26 106.83 -1.39
CA GLY H 59 -43.51 107.18 -2.02
C GLY H 59 -44.70 106.51 -1.39
N SER H 60 -45.86 106.69 -2.02
CA SER H 60 -47.10 106.10 -1.55
C SER H 60 -48.03 105.91 -2.72
N ILE H 61 -48.83 104.84 -2.66
CA ILE H 61 -49.82 104.52 -3.70
C ILE H 61 -51.14 104.31 -2.97
N VAL H 62 -51.94 105.36 -2.86
CA VAL H 62 -53.19 105.30 -2.12
C VAL H 62 -54.31 104.86 -3.05
N ILE H 63 -55.04 103.83 -2.65
CA ILE H 63 -56.24 103.38 -3.33
C ILE H 63 -57.37 103.41 -2.32
N ASP H 64 -58.50 104.02 -2.69
CA ASP H 64 -59.52 104.44 -1.74
C ASP H 64 -58.86 105.35 -0.71
N GLY H 65 -58.69 104.87 0.52
CA GLY H 65 -58.02 105.65 1.54
C GLY H 65 -56.90 104.90 2.23
N THR H 66 -56.51 103.75 1.69
CA THR H 66 -55.50 102.89 2.29
C THR H 66 -54.27 102.83 1.40
N ASP H 67 -53.12 103.20 1.95
CA ASP H 67 -51.85 103.13 1.24
C ASP H 67 -51.44 101.67 1.12
N ILE H 68 -51.65 101.08 -0.07
CA ILE H 68 -51.34 99.67 -0.27
C ILE H 68 -49.84 99.38 -0.22
N LEU H 69 -49.00 100.42 -0.26
CA LEU H 69 -47.57 100.20 -0.11
C LEU H 69 -47.21 99.79 1.31
N GLN H 70 -47.94 100.30 2.30
CA GLN H 70 -47.70 99.95 3.70
C GLN H 70 -48.95 99.28 4.24
N CYS H 71 -49.04 97.96 4.05
CA CYS H 71 -50.13 97.17 4.61
C CYS H 71 -49.70 95.71 4.67
N SER H 72 -50.27 94.99 5.63
CA SER H 72 -49.94 93.58 5.80
C SER H 72 -50.40 92.77 4.59
N ALA H 73 -49.66 91.69 4.30
CA ALA H 73 -49.98 90.86 3.14
C ALA H 73 -51.39 90.30 3.23
N LYS H 74 -51.93 90.14 4.44
CA LYS H 74 -53.32 89.74 4.57
C LYS H 74 -54.24 90.79 3.97
N GLU H 75 -53.94 92.07 4.22
CA GLU H 75 -54.78 93.12 3.67
C GLU H 75 -54.49 93.29 2.19
N LEU H 76 -53.26 92.99 1.75
CA LEU H 76 -52.91 93.12 0.35
C LEU H 76 -53.64 92.11 -0.51
N TYR H 77 -53.89 90.90 0.02
CA TYR H 77 -54.61 89.90 -0.75
C TYR H 77 -56.09 90.25 -0.89
N GLU H 78 -56.62 91.15 -0.07
CA GLU H 78 -57.95 91.69 -0.27
C GLU H 78 -57.95 92.93 -1.13
N ILE H 79 -56.89 93.75 -1.04
CA ILE H 79 -56.76 94.90 -1.93
C ILE H 79 -56.65 94.46 -3.38
N ARG H 80 -55.87 93.41 -3.64
CA ARG H 80 -55.69 92.92 -5.00
C ARG H 80 -56.93 92.24 -5.57
N THR H 81 -58.05 92.23 -4.84
CA THR H 81 -59.28 91.69 -5.40
C THR H 81 -59.91 92.67 -6.40
N LEU H 82 -59.63 93.97 -6.25
CA LEU H 82 -60.16 94.96 -7.17
C LEU H 82 -59.44 94.94 -8.51
N PHE H 83 -58.25 94.35 -8.57
CA PHE H 83 -57.38 94.48 -9.73
C PHE H 83 -57.66 93.38 -10.77
N GLY H 84 -57.28 93.70 -12.00
CA GLY H 84 -57.20 92.74 -13.07
C GLY H 84 -56.04 93.11 -13.97
N VAL H 85 -55.10 92.19 -14.17
CA VAL H 85 -53.84 92.51 -14.81
C VAL H 85 -53.72 91.73 -16.12
N LEU H 86 -53.39 92.44 -17.20
CA LEU H 86 -53.06 91.86 -18.48
C LEU H 86 -51.56 92.04 -18.70
N PHE H 87 -50.84 90.93 -18.75
CA PHE H 87 -49.40 90.94 -18.95
C PHE H 87 -49.08 90.93 -20.44
N GLN H 88 -47.79 91.10 -20.76
CA GLN H 88 -47.36 91.24 -22.14
C GLN H 88 -47.65 90.00 -22.98
N ASP H 89 -47.86 88.84 -22.35
CA ASP H 89 -48.15 87.62 -23.09
C ASP H 89 -49.33 86.86 -22.52
N GLY H 90 -50.04 87.44 -21.54
CA GLY H 90 -51.18 86.82 -20.91
C GLY H 90 -50.87 86.14 -19.59
N ALA H 91 -49.66 85.62 -19.43
CA ALA H 91 -49.22 84.93 -18.21
C ALA H 91 -50.15 83.78 -17.85
N LEU H 92 -50.62 83.08 -18.88
CA LEU H 92 -51.50 81.94 -18.67
C LEU H 92 -50.69 80.73 -18.22
N PHE H 93 -51.41 79.73 -17.70
CA PHE H 93 -50.81 78.48 -17.25
C PHE H 93 -51.07 77.41 -18.29
N GLY H 94 -50.01 76.82 -18.83
CA GLY H 94 -50.14 75.87 -19.92
C GLY H 94 -50.69 74.52 -19.52
N SER H 95 -50.82 74.25 -18.22
CA SER H 95 -51.34 72.97 -17.77
C SER H 95 -52.85 72.86 -17.97
N MET H 96 -53.57 73.98 -17.98
CA MET H 96 -55.02 73.99 -18.10
C MET H 96 -55.43 74.89 -19.25
N ASN H 97 -56.63 74.63 -19.76
CA ASN H 97 -57.12 75.28 -20.98
C ASN H 97 -57.57 76.70 -20.67
N ILE H 98 -58.19 77.35 -21.66
CA ILE H 98 -58.66 78.72 -21.48
C ILE H 98 -59.81 78.77 -20.49
N TYR H 99 -60.70 77.77 -20.53
CA TYR H 99 -61.83 77.73 -19.61
C TYR H 99 -61.37 77.68 -18.16
N ASP H 100 -60.41 76.80 -17.85
CA ASP H 100 -59.95 76.66 -16.48
C ASP H 100 -59.11 77.87 -16.05
N ASN H 101 -58.30 78.41 -16.97
CA ASN H 101 -57.58 79.65 -16.68
C ASN H 101 -58.54 80.78 -16.34
N THR H 102 -59.66 80.86 -17.07
CA THR H 102 -60.64 81.91 -16.81
C THR H 102 -61.37 81.68 -15.49
N ALA H 103 -61.74 80.43 -15.20
CA ALA H 103 -62.50 80.12 -14.00
C ALA H 103 -61.64 80.05 -12.74
N PHE H 104 -60.31 80.07 -12.88
CA PHE H 104 -59.41 80.02 -11.72
C PHE H 104 -59.70 81.07 -10.66
N PRO H 105 -59.85 82.37 -10.97
CA PRO H 105 -60.20 83.32 -9.90
C PRO H 105 -61.54 83.03 -9.25
N LEU H 106 -62.51 82.51 -10.03
CA LEU H 106 -63.82 82.18 -9.48
C LEU H 106 -63.78 80.92 -8.63
N ARG H 107 -62.79 80.07 -8.82
CA ARG H 107 -62.62 78.88 -7.99
C ARG H 107 -61.73 79.13 -6.79
N GLU H 108 -60.95 80.22 -6.80
CA GLU H 108 -60.11 80.51 -5.65
C GLU H 108 -60.81 81.37 -4.60
N HIS H 109 -61.64 82.32 -5.01
CA HIS H 109 -62.25 83.27 -4.09
C HIS H 109 -63.73 83.00 -3.86
N THR H 110 -64.53 82.96 -4.93
CA THR H 110 -65.98 82.90 -4.78
C THR H 110 -66.43 81.48 -4.47
N LYS H 111 -67.44 81.37 -3.61
CA LYS H 111 -68.06 80.09 -3.28
C LYS H 111 -69.29 79.84 -4.16
N LYS H 112 -69.05 79.88 -5.47
CA LYS H 112 -70.11 79.68 -6.44
C LYS H 112 -70.18 78.23 -6.88
N SER H 113 -71.21 77.92 -7.66
CA SER H 113 -71.41 76.58 -8.19
C SER H 113 -70.77 76.45 -9.58
N GLU H 114 -70.73 75.21 -10.08
CA GLU H 114 -70.14 74.96 -11.39
C GLU H 114 -70.97 75.56 -12.50
N SER H 115 -72.30 75.54 -12.38
CA SER H 115 -73.15 76.11 -13.42
C SER H 115 -73.02 77.63 -13.48
N GLU H 116 -73.04 78.29 -12.31
CA GLU H 116 -72.87 79.74 -12.29
C GLU H 116 -71.50 80.15 -12.82
N ILE H 117 -70.46 79.41 -12.42
CA ILE H 117 -69.11 79.69 -12.90
C ILE H 117 -69.05 79.51 -14.41
N ARG H 118 -69.68 78.45 -14.94
CA ARG H 118 -69.71 78.25 -16.38
C ARG H 118 -70.39 79.40 -17.09
N LYS H 119 -71.52 79.87 -16.54
CA LYS H 119 -72.24 80.98 -17.16
C LYS H 119 -71.37 82.23 -17.22
N ILE H 120 -70.77 82.62 -16.09
CA ILE H 120 -70.01 83.87 -16.08
C ILE H 120 -68.74 83.74 -16.91
N VAL H 121 -68.10 82.57 -16.89
CA VAL H 121 -66.89 82.37 -17.69
C VAL H 121 -67.21 82.43 -19.18
N MET H 122 -68.31 81.81 -19.61
CA MET H 122 -68.69 81.89 -21.01
C MET H 122 -69.05 83.32 -21.41
N GLU H 123 -69.70 84.05 -20.50
CA GLU H 123 -70.00 85.46 -20.78
C GLU H 123 -68.73 86.27 -20.98
N LYS H 124 -67.76 86.12 -20.08
CA LYS H 124 -66.53 86.90 -20.19
C LYS H 124 -65.64 86.45 -21.34
N LEU H 125 -65.77 85.19 -21.77
CA LEU H 125 -65.07 84.76 -22.98
C LEU H 125 -65.75 85.30 -24.23
N ASP H 126 -67.08 85.47 -24.18
CA ASP H 126 -67.80 86.10 -25.28
C ASP H 126 -67.47 87.58 -25.38
N LEU H 127 -67.22 88.23 -24.23
CA LEU H 127 -66.94 89.66 -24.23
C LEU H 127 -65.65 90.00 -24.97
N VAL H 128 -64.67 89.09 -24.95
CA VAL H 128 -63.35 89.37 -25.50
C VAL H 128 -63.13 88.67 -26.84
N GLY H 129 -64.21 88.26 -27.51
CA GLY H 129 -64.09 87.68 -28.82
C GLY H 129 -63.54 86.27 -28.87
N MET H 130 -63.70 85.49 -27.80
CA MET H 130 -63.29 84.09 -27.76
C MET H 130 -64.45 83.24 -27.26
N PRO H 131 -65.54 83.14 -28.03
CA PRO H 131 -66.70 82.39 -27.53
C PRO H 131 -66.47 80.90 -27.47
N ASN H 132 -65.86 80.31 -28.52
CA ASN H 132 -65.73 78.88 -28.64
C ASN H 132 -64.27 78.43 -28.62
N ASP H 133 -63.40 79.17 -27.95
CA ASP H 133 -62.00 78.82 -27.81
C ASP H 133 -61.62 78.49 -26.37
N GLY H 134 -62.60 78.07 -25.55
CA GLY H 134 -62.34 77.78 -24.16
C GLY H 134 -61.67 76.46 -23.89
N HIS H 135 -61.67 75.54 -24.88
CA HIS H 135 -61.05 74.25 -24.71
C HIS H 135 -59.59 74.20 -25.15
N LYS H 136 -59.11 75.26 -25.82
CA LYS H 136 -57.74 75.28 -26.28
C LYS H 136 -56.80 75.63 -25.13
N PHE H 137 -55.54 75.27 -25.31
CA PHE H 137 -54.51 75.52 -24.31
C PHE H 137 -53.70 76.75 -24.68
N PRO H 138 -53.03 77.39 -23.69
CA PRO H 138 -52.27 78.61 -23.99
C PRO H 138 -51.17 78.42 -25.03
N GLY H 139 -50.62 77.21 -25.17
CA GLY H 139 -49.61 76.98 -26.19
C GLY H 139 -50.15 76.74 -27.58
N GLU H 140 -51.47 76.62 -27.73
CA GLU H 140 -52.09 76.37 -29.02
C GLU H 140 -52.74 77.62 -29.62
N ILE H 141 -52.49 78.79 -29.04
CA ILE H 141 -53.10 80.03 -29.50
C ILE H 141 -52.02 81.08 -29.70
N SER H 142 -52.34 82.08 -30.52
CA SER H 142 -51.41 83.13 -30.88
C SER H 142 -51.30 84.16 -29.75
N GLY H 143 -50.44 85.16 -29.96
CA GLY H 143 -50.21 86.17 -28.93
C GLY H 143 -51.42 87.03 -28.65
N GLY H 144 -52.12 87.45 -29.71
CA GLY H 144 -53.34 88.23 -29.53
C GLY H 144 -54.41 87.45 -28.79
N MET H 145 -54.57 86.16 -29.12
CA MET H 145 -55.52 85.32 -28.39
C MET H 145 -55.10 85.15 -26.94
N ARG H 146 -53.80 85.07 -26.67
CA ARG H 146 -53.33 85.00 -25.30
C ARG H 146 -53.68 86.27 -24.53
N LYS H 147 -53.53 87.44 -25.17
CA LYS H 147 -53.93 88.69 -24.53
C LYS H 147 -55.43 88.72 -24.26
N ARG H 148 -56.24 88.25 -25.22
CA ARG H 148 -57.68 88.18 -25.01
C ARG H 148 -58.03 87.26 -23.84
N ALA H 149 -57.38 86.11 -23.76
CA ALA H 149 -57.66 85.16 -22.67
C ALA H 149 -57.23 85.72 -21.32
N GLY H 150 -56.07 86.38 -21.27
CA GLY H 150 -55.65 87.01 -20.02
C GLY H 150 -56.59 88.10 -19.58
N LEU H 151 -57.07 88.91 -20.52
CA LEU H 151 -58.06 89.94 -20.19
C LEU H 151 -59.36 89.31 -19.67
N ALA H 152 -59.82 88.24 -20.33
CA ALA H 152 -61.02 87.56 -19.89
C ALA H 152 -60.86 87.02 -18.47
N ARG H 153 -59.68 86.46 -18.16
CA ARG H 153 -59.41 86.03 -16.79
C ARG H 153 -59.41 87.20 -15.83
N ALA H 154 -58.91 88.36 -16.27
CA ALA H 154 -58.91 89.54 -15.42
C ALA H 154 -60.29 90.16 -15.22
N LEU H 155 -61.27 89.79 -16.04
CA LEU H 155 -62.59 90.42 -15.96
C LEU H 155 -63.61 89.64 -15.11
N VAL H 156 -63.28 88.42 -14.67
CA VAL H 156 -64.31 87.57 -14.05
C VAL H 156 -64.73 88.10 -12.69
N LEU H 157 -63.79 88.64 -11.91
CA LEU H 157 -64.07 89.06 -10.55
C LEU H 157 -64.55 90.50 -10.44
N ASP H 158 -65.10 91.06 -11.53
CA ASP H 158 -65.60 92.42 -11.61
C ASP H 158 -64.55 93.40 -11.11
N PRO H 159 -63.46 93.60 -11.85
CA PRO H 159 -62.38 94.46 -11.36
C PRO H 159 -62.78 95.93 -11.33
N GLU H 160 -62.14 96.68 -10.44
CA GLU H 160 -62.26 98.13 -10.41
C GLU H 160 -61.08 98.81 -11.07
N ILE H 161 -59.89 98.22 -11.01
CA ILE H 161 -58.70 98.73 -11.67
C ILE H 161 -58.16 97.64 -12.58
N ILE H 162 -57.81 98.01 -13.81
CA ILE H 162 -57.21 97.09 -14.76
C ILE H 162 -55.86 97.66 -15.15
N LEU H 163 -54.84 96.81 -15.13
CA LEU H 163 -53.49 97.16 -15.52
C LEU H 163 -53.15 96.45 -16.83
N CYS H 164 -52.50 97.17 -17.75
CA CYS H 164 -52.16 96.64 -19.06
C CYS H 164 -50.68 96.87 -19.33
N ASP H 165 -49.94 95.79 -19.55
CA ASP H 165 -48.49 95.84 -19.75
C ASP H 165 -48.21 95.63 -21.23
N GLU H 166 -47.88 96.73 -21.94
CA GLU H 166 -47.50 96.74 -23.34
C GLU H 166 -48.50 95.98 -24.22
N PRO H 167 -49.70 96.50 -24.42
CA PRO H 167 -50.67 95.79 -25.28
C PRO H 167 -50.24 95.67 -26.73
N ASP H 168 -49.28 96.47 -27.18
CA ASP H 168 -48.82 96.45 -28.56
C ASP H 168 -47.71 95.45 -28.81
N SER H 169 -47.23 94.75 -27.78
CA SER H 169 -46.11 93.84 -27.94
C SER H 169 -46.48 92.67 -28.84
N GLY H 170 -45.72 92.49 -29.92
CA GLY H 170 -45.96 91.39 -30.83
C GLY H 170 -47.20 91.52 -31.67
N LEU H 171 -47.73 92.74 -31.83
CA LEU H 171 -48.95 92.97 -32.57
C LEU H 171 -48.72 94.07 -33.59
N ASP H 172 -49.15 93.82 -34.84
CA ASP H 172 -49.12 94.83 -35.88
C ASP H 172 -50.17 95.89 -35.59
N PRO H 173 -50.11 97.04 -36.27
CA PRO H 173 -51.07 98.12 -35.96
C PRO H 173 -52.54 97.74 -36.07
N VAL H 174 -52.90 96.80 -36.95
CA VAL H 174 -54.32 96.46 -37.11
C VAL H 174 -54.84 95.71 -35.89
N ARG H 175 -54.10 94.69 -35.44
CA ARG H 175 -54.53 93.95 -34.26
C ARG H 175 -54.41 94.80 -33.00
N THR H 176 -53.45 95.71 -32.97
CA THR H 176 -53.37 96.67 -31.88
C THR H 176 -54.59 97.58 -31.85
N ALA H 177 -55.07 97.99 -33.03
CA ALA H 177 -56.30 98.78 -33.10
C ALA H 177 -57.49 97.97 -32.60
N TYR H 178 -57.56 96.70 -32.98
CA TYR H 178 -58.63 95.83 -32.47
C TYR H 178 -58.61 95.76 -30.95
N LEU H 179 -57.44 95.53 -30.36
CA LEU H 179 -57.34 95.43 -28.91
C LEU H 179 -57.66 96.76 -28.23
N SER H 180 -57.27 97.88 -28.85
CA SER H 180 -57.60 99.19 -28.29
C SER H 180 -59.10 99.44 -28.30
N GLN H 181 -59.77 99.06 -29.38
CA GLN H 181 -61.24 99.16 -29.41
C GLN H 181 -61.86 98.27 -28.33
N LEU H 182 -61.30 97.08 -28.12
CA LEU H 182 -61.81 96.21 -27.07
C LEU H 182 -61.66 96.86 -25.70
N LEU H 183 -60.51 97.49 -25.43
CA LEU H 183 -60.31 98.16 -24.14
C LEU H 183 -61.30 99.30 -23.94
N ILE H 184 -61.53 100.10 -24.99
CA ILE H 184 -62.51 101.18 -24.90
C ILE H 184 -63.90 100.63 -24.63
N ASP H 185 -64.27 99.53 -25.31
CA ASP H 185 -65.58 98.92 -25.06
C ASP H 185 -65.70 98.40 -23.64
N ILE H 186 -64.62 97.80 -23.10
CA ILE H 186 -64.66 97.28 -21.74
C ILE H 186 -64.85 98.42 -20.74
N ASN H 187 -64.13 99.53 -20.94
CA ASN H 187 -64.33 100.68 -20.06
C ASN H 187 -65.74 101.26 -20.21
N ALA H 188 -66.32 101.17 -21.42
CA ALA H 188 -67.71 101.59 -21.59
C ALA H 188 -68.66 100.72 -20.80
N GLN H 189 -68.43 99.40 -20.81
CA GLN H 189 -69.37 98.47 -20.20
C GLN H 189 -69.24 98.46 -18.68
N ILE H 190 -68.07 98.09 -18.17
CA ILE H 190 -67.92 97.86 -16.73
C ILE H 190 -67.40 99.09 -15.98
N ASP H 191 -66.92 100.11 -16.68
CA ASP H 191 -66.44 101.36 -16.08
C ASP H 191 -65.32 101.08 -15.07
N ALA H 192 -64.22 100.53 -15.57
CA ALA H 192 -63.07 100.18 -14.77
C ALA H 192 -61.92 101.13 -15.06
N THR H 193 -61.15 101.44 -14.03
CA THR H 193 -59.99 102.33 -14.17
C THR H 193 -58.89 101.59 -14.91
N VAL H 194 -58.79 101.79 -16.21
CA VAL H 194 -57.80 101.13 -17.03
C VAL H 194 -56.54 101.99 -17.08
N LEU H 195 -55.40 101.39 -16.78
CA LEU H 195 -54.10 102.04 -16.90
C LEU H 195 -53.21 101.18 -17.79
N ILE H 196 -52.57 101.82 -18.77
CA ILE H 196 -51.81 101.13 -19.81
C ILE H 196 -50.40 101.69 -19.82
N VAL H 197 -49.41 100.81 -19.99
CA VAL H 197 -48.03 101.25 -20.22
C VAL H 197 -47.62 100.80 -21.61
N THR H 198 -47.17 101.75 -22.43
CA THR H 198 -46.76 101.47 -23.80
C THR H 198 -45.99 102.66 -24.33
N HIS H 199 -45.25 102.43 -25.42
CA HIS H 199 -44.60 103.49 -26.18
C HIS H 199 -45.21 103.67 -27.56
N ASN H 200 -46.30 102.97 -27.86
CA ASN H 200 -46.99 103.14 -29.13
C ASN H 200 -47.63 104.52 -29.18
N ILE H 201 -47.66 105.09 -30.40
CA ILE H 201 -48.12 106.46 -30.59
C ILE H 201 -49.57 106.48 -31.05
N ASN H 202 -49.96 105.46 -31.82
CA ASN H 202 -51.37 105.35 -32.21
C ASN H 202 -52.26 105.21 -31.00
N ILE H 203 -51.88 104.31 -30.07
CA ILE H 203 -52.62 104.18 -28.81
C ILE H 203 -52.56 105.48 -28.04
N ALA H 204 -51.39 106.11 -27.97
CA ALA H 204 -51.23 107.34 -27.20
C ALA H 204 -52.12 108.47 -27.69
N ARG H 205 -52.42 108.49 -28.99
CA ARG H 205 -53.19 109.58 -29.56
C ARG H 205 -54.61 109.18 -29.91
N THR H 206 -55.01 107.95 -29.65
CA THR H 206 -56.37 107.53 -29.99
C THR H 206 -57.16 107.05 -28.77
N VAL H 207 -56.58 106.21 -27.93
CA VAL H 207 -57.31 105.50 -26.87
C VAL H 207 -57.58 106.31 -25.61
N PRO H 208 -56.58 106.86 -24.92
CA PRO H 208 -56.74 107.17 -23.49
C PRO H 208 -57.44 108.50 -23.24
N ASP H 209 -57.93 108.62 -22.00
CA ASP H 209 -58.46 109.89 -21.51
C ASP H 209 -57.38 110.74 -20.89
N ASN H 210 -56.44 110.12 -20.16
CA ASN H 210 -55.31 110.81 -19.56
C ASN H 210 -54.01 110.20 -20.06
N MET H 211 -52.97 111.03 -20.13
CA MET H 211 -51.66 110.61 -20.60
C MET H 211 -50.58 111.20 -19.71
N GLY H 212 -49.51 110.43 -19.54
CA GLY H 212 -48.36 110.89 -18.80
C GLY H 212 -47.08 110.51 -19.53
N MET H 213 -46.00 111.20 -19.19
CA MET H 213 -44.74 111.08 -19.90
C MET H 213 -43.58 110.91 -18.93
N LEU H 214 -42.78 109.87 -19.14
CA LEU H 214 -41.56 109.64 -18.38
C LEU H 214 -40.35 109.88 -19.28
N PHE H 215 -39.41 110.68 -18.81
CA PHE H 215 -38.21 110.98 -19.59
C PHE H 215 -37.08 111.37 -18.66
N ARG H 216 -35.91 110.73 -18.84
CA ARG H 216 -34.72 110.95 -18.03
C ARG H 216 -34.98 110.67 -16.55
N LYS H 217 -35.59 109.53 -16.28
CA LYS H 217 -35.84 109.04 -14.93
C LYS H 217 -36.69 110.01 -14.11
N GLN H 218 -37.60 110.72 -14.78
CA GLN H 218 -38.49 111.67 -14.13
C GLN H 218 -39.81 111.66 -14.88
N LEU H 219 -40.84 112.21 -14.24
CA LEU H 219 -42.13 112.40 -14.89
C LEU H 219 -42.16 113.79 -15.50
N VAL H 220 -42.39 113.87 -16.81
CA VAL H 220 -42.46 115.16 -17.49
C VAL H 220 -43.76 115.87 -17.14
N MET H 221 -44.89 115.25 -17.46
CA MET H 221 -46.19 115.80 -17.11
C MET H 221 -47.25 114.70 -17.24
N PHE H 222 -48.27 114.81 -16.40
CA PHE H 222 -49.44 113.95 -16.46
C PHE H 222 -50.67 114.83 -16.53
N GLY H 223 -51.62 114.46 -17.39
CA GLY H 223 -52.82 115.25 -17.53
C GLY H 223 -53.77 114.68 -18.56
N PRO H 224 -54.91 115.37 -18.77
CA PRO H 224 -55.92 114.86 -19.68
C PRO H 224 -55.43 114.79 -21.12
N ARG H 225 -56.27 114.18 -21.96
CA ARG H 225 -55.91 113.97 -23.36
C ARG H 225 -55.71 115.30 -24.10
N GLU H 226 -56.61 116.26 -23.88
CA GLU H 226 -56.51 117.53 -24.59
C GLU H 226 -55.34 118.37 -24.12
N VAL H 227 -54.94 118.23 -22.86
CA VAL H 227 -53.84 119.03 -22.33
C VAL H 227 -52.52 118.60 -22.95
N LEU H 228 -52.32 117.30 -23.13
CA LEU H 228 -51.04 116.80 -23.62
C LEU H 228 -50.94 116.84 -25.14
N LEU H 229 -52.05 116.70 -25.85
CA LEU H 229 -52.02 116.71 -27.31
C LEU H 229 -51.88 118.12 -27.87
N THR H 230 -52.04 119.15 -27.06
CA THR H 230 -51.77 120.53 -27.46
C THR H 230 -50.57 121.11 -26.72
N SER H 231 -49.71 120.24 -26.16
CA SER H 231 -48.62 120.68 -25.31
C SER H 231 -47.46 121.22 -26.14
N GLU H 232 -46.85 122.29 -25.65
CA GLU H 232 -45.69 122.89 -26.30
C GLU H 232 -44.38 122.45 -25.65
N GLU H 233 -44.44 121.48 -24.74
CA GLU H 233 -43.23 120.91 -24.17
C GLU H 233 -42.46 120.17 -25.26
N PRO H 234 -41.17 120.45 -25.44
CA PRO H 234 -40.42 119.80 -26.53
C PRO H 234 -40.43 118.28 -26.48
N VAL H 235 -40.29 117.70 -25.29
CA VAL H 235 -40.23 116.25 -25.18
C VAL H 235 -41.55 115.62 -25.56
N VAL H 236 -42.65 116.15 -25.03
CA VAL H 236 -43.98 115.60 -25.29
C VAL H 236 -44.33 115.74 -26.76
N LYS H 237 -44.07 116.91 -27.34
CA LYS H 237 -44.37 117.13 -28.75
C LYS H 237 -43.55 116.22 -29.64
N GLN H 238 -42.25 116.10 -29.36
CA GLN H 238 -41.38 115.24 -30.15
C GLN H 238 -41.82 113.78 -30.07
N PHE H 239 -42.11 113.30 -28.87
CA PHE H 239 -42.47 111.90 -28.73
C PHE H 239 -43.84 111.61 -29.35
N LEU H 240 -44.83 112.47 -29.11
CA LEU H 240 -46.16 112.23 -29.63
C LEU H 240 -46.20 112.38 -31.15
N ASN H 241 -45.30 113.17 -31.73
CA ASN H 241 -45.24 113.27 -33.18
C ASN H 241 -44.18 112.38 -33.80
N GLY H 242 -43.48 111.59 -32.99
CA GLY H 242 -42.49 110.66 -33.52
C GLY H 242 -41.33 111.32 -34.23
N ARG H 243 -41.01 112.55 -33.85
CA ARG H 243 -39.98 113.31 -34.55
C ARG H 243 -38.59 112.81 -34.17
N ARG H 244 -37.60 113.29 -34.92
CA ARG H 244 -36.21 112.97 -34.68
C ARG H 244 -35.44 114.12 -34.08
N ILE H 245 -36.02 115.32 -34.07
CA ILE H 245 -35.36 116.51 -33.54
C ILE H 245 -35.99 116.82 -32.18
N GLY H 246 -35.19 116.73 -31.12
CA GLY H 246 -35.65 117.03 -29.79
C GLY H 246 -34.67 116.57 -28.73
N PRO H 247 -35.09 116.64 -27.46
CA PRO H 247 -34.21 116.18 -26.37
C PRO H 247 -33.87 114.70 -26.45
N ILE H 248 -34.78 113.86 -26.96
CA ILE H 248 -34.54 112.43 -26.99
C ILE H 248 -33.46 112.10 -28.02
N GLY H 249 -32.46 111.33 -27.60
CA GLY H 249 -31.34 110.99 -28.45
C GLY H 249 -31.57 109.69 -29.21
N MET H 250 -30.50 109.24 -29.87
CA MET H 250 -30.57 108.02 -30.67
C MET H 250 -30.70 106.78 -29.82
N SER H 251 -30.16 106.80 -28.60
CA SER H 251 -30.15 105.64 -27.73
C SER H 251 -30.31 106.11 -26.29
N GLU H 252 -30.42 105.15 -25.38
CA GLU H 252 -30.59 105.47 -23.96
C GLU H 252 -29.37 106.16 -23.39
N GLU H 253 -28.19 105.85 -23.91
CA GLU H 253 -26.96 106.46 -23.39
C GLU H 253 -26.87 107.93 -23.76
N LYS H 254 -27.31 108.30 -24.96
CA LYS H 254 -27.24 109.68 -25.39
C LYS H 254 -28.29 110.56 -24.71
N ASP H 255 -29.34 109.96 -24.16
CA ASP H 255 -30.38 110.72 -23.47
C ASP H 255 -29.84 111.31 -22.17
N VAL H 281 -55.98 118.11 -32.91
CA VAL H 281 -56.19 117.05 -31.92
C VAL H 281 -56.93 115.89 -32.56
N PRO H 282 -56.38 114.68 -32.41
CA PRO H 282 -57.08 113.50 -32.92
C PRO H 282 -58.42 113.33 -32.23
N PRO H 283 -59.42 112.77 -32.93
CA PRO H 283 -60.79 112.78 -32.41
C PRO H 283 -61.06 111.80 -31.27
N GLN H 284 -60.13 110.87 -30.99
CA GLN H 284 -60.21 109.86 -29.93
C GLN H 284 -61.11 108.70 -30.37
N LEU H 285 -60.91 107.53 -29.77
CA LEU H 285 -61.66 106.34 -30.14
C LEU H 285 -62.98 106.28 -29.38
N GLN H 286 -64.06 106.10 -30.12
CA GLN H 286 -65.39 106.02 -29.55
C GLN H 286 -65.80 104.56 -29.41
N ALA H 287 -66.56 104.27 -28.35
CA ALA H 287 -67.01 102.91 -28.09
C ALA H 287 -67.91 102.42 -29.22
N THR H 288 -67.93 101.11 -29.40
CA THR H 288 -68.72 100.50 -30.45
C THR H 288 -70.19 100.86 -30.27
N PRO H 289 -70.89 101.24 -31.34
CA PRO H 289 -72.33 101.54 -31.23
C PRO H 289 -73.10 100.37 -30.63
N GLY H 290 -73.99 100.70 -29.69
CA GLY H 290 -74.68 99.72 -28.90
C GLY H 290 -74.15 99.57 -27.48
N MET H 291 -72.89 99.91 -27.26
CA MET H 291 -72.33 99.91 -25.92
C MET H 291 -72.92 101.06 -25.11
N PRO H 292 -72.92 100.96 -23.78
CA PRO H 292 -73.39 102.08 -22.95
C PRO H 292 -72.47 103.28 -23.09
N GLU H 293 -73.00 104.45 -22.71
CA GLU H 293 -72.22 105.67 -22.76
C GLU H 293 -71.03 105.61 -21.81
N ARG H 294 -69.89 106.10 -22.27
CA ARG H 294 -68.69 106.18 -21.45
C ARG H 294 -68.78 107.40 -20.53
N LYS H 295 -69.03 107.17 -19.25
CA LYS H 295 -69.09 108.27 -18.29
C LYS H 295 -67.74 108.95 -18.13
N ALA H 296 -66.67 108.25 -18.54
CA ALA H 296 -65.33 108.80 -18.43
C ALA H 296 -65.17 110.03 -19.32
N VAL H 297 -65.84 110.02 -20.48
CA VAL H 297 -65.66 111.12 -21.43
C VAL H 297 -66.19 112.41 -20.82
N ALA H 298 -67.39 112.34 -20.25
CA ALA H 298 -68.01 113.52 -19.65
C ALA H 298 -67.23 113.99 -18.43
N ARG H 299 -66.77 113.06 -17.59
CA ARG H 299 -65.99 113.48 -16.43
C ARG H 299 -64.66 114.10 -16.83
N ARG H 300 -64.00 113.53 -17.85
CA ARG H 300 -62.78 114.11 -18.39
C ARG H 300 -63.01 115.50 -18.93
N LYS H 301 -64.11 115.69 -19.67
CA LYS H 301 -64.41 117.02 -20.21
C LYS H 301 -64.63 118.03 -19.09
N ALA H 302 -65.35 117.63 -18.04
CA ALA H 302 -65.56 118.54 -16.91
C ALA H 302 -64.25 118.91 -16.24
N ARG H 303 -63.37 117.93 -16.04
CA ARG H 303 -62.07 118.21 -15.42
C ARG H 303 -61.22 119.12 -16.31
N VAL H 304 -61.26 118.90 -17.62
CA VAL H 304 -60.55 119.78 -18.55
C VAL H 304 -61.09 121.19 -18.47
N ARG H 305 -62.42 121.33 -18.37
CA ARG H 305 -63.02 122.65 -18.23
C ARG H 305 -62.51 123.33 -16.96
N GLU H 306 -62.40 122.59 -15.86
CA GLU H 306 -61.86 123.17 -14.63
C GLU H 306 -60.39 123.57 -14.79
N ILE H 307 -59.59 122.74 -15.46
CA ILE H 307 -58.16 123.02 -15.61
C ILE H 307 -57.89 124.12 -16.64
N LEU H 308 -58.86 124.43 -17.49
CA LEU H 308 -58.63 125.25 -18.69
C LEU H 308 -57.97 126.60 -18.41
N HIS H 309 -58.20 127.17 -17.23
CA HIS H 309 -57.73 128.53 -16.97
C HIS H 309 -56.26 128.59 -16.57
N THR H 310 -55.55 127.46 -16.55
CA THR H 310 -54.13 127.42 -16.20
C THR H 310 -53.27 126.96 -17.37
N LEU H 311 -53.64 127.33 -18.58
CA LEU H 311 -52.96 126.87 -19.78
C LEU H 311 -52.63 128.06 -20.69
N PRO H 312 -51.63 127.91 -21.55
CA PRO H 312 -51.30 128.99 -22.48
C PRO H 312 -52.46 129.30 -23.40
N PRO H 313 -52.58 130.55 -23.86
CA PRO H 313 -53.76 130.94 -24.66
C PRO H 313 -53.98 130.12 -25.91
N ALA H 314 -52.91 129.74 -26.62
CA ALA H 314 -53.06 128.90 -27.80
C ALA H 314 -53.60 127.53 -27.44
N ALA H 315 -53.09 126.93 -26.36
CA ALA H 315 -53.61 125.65 -25.90
C ALA H 315 -55.06 125.78 -25.46
N GLN H 316 -55.40 126.86 -24.75
CA GLN H 316 -56.77 127.07 -24.33
C GLN H 316 -57.71 127.18 -25.53
N ALA H 317 -57.28 127.93 -26.55
CA ALA H 317 -58.12 128.07 -27.75
C ALA H 317 -58.28 126.74 -28.47
N ALA H 318 -57.20 125.97 -28.60
CA ALA H 318 -57.29 124.66 -29.26
C ALA H 318 -58.23 123.72 -28.50
N ILE H 319 -58.13 123.71 -27.17
CA ILE H 319 -58.98 122.82 -26.38
C ILE H 319 -60.44 123.30 -26.43
N LEU H 320 -60.67 124.61 -26.45
CA LEU H 320 -62.02 125.13 -26.60
C LEU H 320 -62.62 124.72 -27.94
N GLU H 321 -61.81 124.77 -29.01
CA GLU H 321 -62.29 124.31 -30.31
C GLU H 321 -62.60 122.82 -30.28
N GLU H 322 -61.77 122.03 -29.60
CA GLU H 322 -62.01 120.59 -29.53
C GLU H 322 -63.29 120.28 -28.76
N LEU H 323 -63.50 120.93 -27.62
CA LEU H 323 -64.68 120.69 -26.79
C LEU H 323 -65.96 121.25 -27.40
N ASP H 324 -65.86 122.04 -28.47
CA ASP H 324 -67.04 122.61 -29.11
C ASP H 324 -67.24 122.01 -30.50
N GLY I 14 -42.49 54.08 -37.68
CA GLY I 14 -42.64 55.53 -37.56
C GLY I 14 -42.38 55.98 -36.13
N GLN I 15 -42.75 55.14 -35.16
CA GLN I 15 -42.50 55.46 -33.77
C GLN I 15 -41.01 55.53 -33.47
N LEU I 16 -40.23 54.60 -33.99
CA LEU I 16 -38.78 54.62 -33.83
C LEU I 16 -38.12 55.66 -34.72
N GLU I 17 -38.79 56.07 -35.80
CA GLU I 17 -38.18 57.01 -36.75
C GLU I 17 -38.02 58.40 -36.17
N LYS I 18 -38.78 58.75 -35.13
CA LYS I 18 -38.67 60.10 -34.57
C LYS I 18 -37.39 60.28 -33.78
N PRO I 19 -37.08 59.48 -32.74
CA PRO I 19 -35.79 59.66 -32.07
C PRO I 19 -34.60 59.34 -32.96
N LEU I 20 -34.79 58.52 -33.99
CA LEU I 20 -33.70 58.15 -34.89
C LEU I 20 -33.21 59.36 -35.68
N ALA I 21 -34.07 60.32 -35.96
CA ALA I 21 -33.63 61.54 -36.64
C ALA I 21 -32.65 62.33 -35.77
N THR I 22 -32.97 62.50 -34.48
CA THR I 22 -32.05 63.19 -33.59
C THR I 22 -30.78 62.38 -33.38
N VAL I 23 -30.89 61.06 -33.33
CA VAL I 23 -29.72 60.20 -33.25
C VAL I 23 -28.80 60.41 -34.46
N GLY I 24 -29.40 60.46 -35.65
CA GLY I 24 -28.61 60.69 -36.85
C GLY I 24 -27.99 62.07 -36.90
N GLY I 25 -28.72 63.07 -36.42
CA GLY I 25 -28.14 64.41 -36.33
C GLY I 25 -26.93 64.44 -35.41
N PHE I 26 -27.06 63.80 -34.25
CA PHE I 26 -25.92 63.73 -33.32
C PHE I 26 -24.74 63.00 -33.93
N PHE I 27 -24.99 61.88 -34.60
CA PHE I 27 -23.90 61.10 -35.19
C PHE I 27 -23.22 61.87 -36.32
N LYS I 28 -24.00 62.53 -37.19
CA LYS I 28 -23.41 63.32 -38.26
C LYS I 28 -22.61 64.50 -37.71
N MET I 29 -23.13 65.14 -36.66
CA MET I 29 -22.41 66.23 -36.02
C MET I 29 -21.10 65.75 -35.42
N SER I 30 -21.10 64.57 -34.79
CA SER I 30 -19.87 64.03 -34.22
C SER I 30 -18.87 63.66 -35.31
N VAL I 31 -19.35 63.11 -36.43
CA VAL I 31 -18.45 62.79 -37.54
C VAL I 31 -17.82 64.06 -38.10
N MET I 32 -18.62 65.11 -38.26
CA MET I 32 -18.07 66.39 -38.73
C MET I 32 -17.09 66.98 -37.72
N THR I 33 -17.36 66.80 -36.42
CA THR I 33 -16.42 67.26 -35.40
C THR I 33 -15.09 66.54 -35.50
N GLY I 34 -15.12 65.21 -35.70
CA GLY I 34 -13.89 64.47 -35.87
C GLY I 34 -13.14 64.88 -37.12
N LYS I 35 -13.86 65.09 -38.23
CA LYS I 35 -13.23 65.56 -39.45
C LYS I 35 -12.58 66.92 -39.27
N ALA I 36 -13.25 67.83 -38.57
CA ALA I 36 -12.67 69.14 -38.33
C ALA I 36 -11.47 69.06 -37.39
N LEU I 37 -11.49 68.12 -36.45
CA LEU I 37 -10.34 67.94 -35.56
C LEU I 37 -9.13 67.43 -36.33
N PHE I 38 -9.32 66.45 -37.21
CA PHE I 38 -8.19 65.83 -37.90
C PHE I 38 -7.81 66.54 -39.20
N THR I 39 -8.60 67.50 -39.67
CA THR I 39 -8.32 68.18 -40.93
C THR I 39 -8.04 69.66 -40.75
N ARG I 40 -8.93 70.41 -40.12
CA ARG I 40 -8.79 71.85 -40.02
C ARG I 40 -7.86 72.21 -38.86
N PRO I 41 -7.26 73.42 -38.90
CA PRO I 41 -6.38 73.83 -37.80
C PRO I 41 -7.12 73.90 -36.47
N PHE I 42 -6.41 73.52 -35.41
CA PHE I 42 -6.99 73.45 -34.08
C PHE I 42 -7.11 74.85 -33.47
N GLN I 43 -8.13 75.03 -32.65
CA GLN I 43 -8.39 76.29 -31.94
C GLN I 43 -7.81 76.17 -30.54
N TRP I 44 -6.55 76.57 -30.38
CA TRP I 44 -5.90 76.44 -29.08
C TRP I 44 -6.52 77.38 -28.04
N LYS I 45 -6.87 78.61 -28.45
CA LYS I 45 -7.40 79.58 -27.50
C LYS I 45 -8.74 79.12 -26.93
N GLU I 46 -9.66 78.70 -27.81
CA GLU I 46 -10.96 78.25 -27.35
C GLU I 46 -10.83 76.98 -26.52
N PHE I 47 -9.90 76.09 -26.89
CA PHE I 47 -9.66 74.89 -26.10
C PHE I 47 -9.19 75.23 -24.69
N VAL I 48 -8.26 76.18 -24.57
CA VAL I 48 -7.79 76.58 -23.25
C VAL I 48 -8.92 77.20 -22.44
N LEU I 49 -9.70 78.07 -23.06
CA LEU I 49 -10.80 78.73 -22.35
C LEU I 49 -11.83 77.72 -21.86
N GLN I 50 -12.21 76.77 -22.71
CA GLN I 50 -13.19 75.77 -22.31
C GLN I 50 -12.63 74.80 -21.27
N SER I 51 -11.35 74.45 -21.38
CA SER I 51 -10.73 73.61 -20.36
C SER I 51 -10.78 74.28 -18.99
N TRP I 52 -10.39 75.56 -18.93
CA TRP I 52 -10.41 76.25 -17.65
C TRP I 52 -11.84 76.43 -17.15
N PHE I 53 -12.79 76.67 -18.06
CA PHE I 53 -14.19 76.80 -17.67
C PHE I 53 -14.72 75.52 -17.05
N LEU I 54 -14.48 74.38 -17.69
CA LEU I 54 -14.94 73.10 -17.15
C LEU I 54 -14.24 72.77 -15.84
N ILE I 55 -12.94 73.10 -15.72
CA ILE I 55 -12.23 72.86 -14.47
C ILE I 55 -12.84 73.68 -13.34
N ARG I 56 -13.07 74.97 -13.59
CA ARG I 56 -13.63 75.82 -12.54
C ARG I 56 -15.08 75.48 -12.23
N VAL I 57 -15.80 74.85 -13.17
CA VAL I 57 -17.20 74.54 -12.93
C VAL I 57 -17.40 73.13 -12.36
N ALA I 58 -16.39 72.25 -12.44
CA ALA I 58 -16.60 70.87 -12.01
C ALA I 58 -15.42 70.30 -11.23
N PHE I 59 -14.71 71.13 -10.46
CA PHE I 59 -13.63 70.62 -9.61
C PHE I 59 -14.06 70.48 -8.15
N LEU I 60 -14.51 71.57 -7.54
CA LEU I 60 -14.96 71.50 -6.15
C LEU I 60 -16.13 70.55 -5.95
N PRO I 61 -17.18 70.55 -6.78
CA PRO I 61 -18.21 69.50 -6.63
C PRO I 61 -17.65 68.10 -6.78
N THR I 62 -16.65 67.91 -7.64
CA THR I 62 -16.08 66.58 -7.82
C THR I 62 -15.47 66.05 -6.53
N LEU I 63 -14.70 66.89 -5.83
CA LEU I 63 -14.15 66.48 -4.54
C LEU I 63 -15.25 66.33 -3.50
N ALA I 64 -16.22 67.26 -3.48
CA ALA I 64 -17.28 67.21 -2.48
C ALA I 64 -18.21 66.02 -2.67
N VAL I 65 -18.20 65.38 -3.83
CA VAL I 65 -18.94 64.15 -4.04
C VAL I 65 -18.04 62.94 -3.85
N SER I 66 -16.75 63.08 -4.18
CA SER I 66 -15.85 61.94 -4.11
C SER I 66 -15.45 61.59 -2.69
N ILE I 67 -15.24 62.58 -1.83
CA ILE I 67 -14.74 62.33 -0.48
C ILE I 67 -15.79 61.60 0.36
N PRO I 68 -17.02 62.10 0.53
CA PRO I 68 -18.00 61.33 1.32
C PRO I 68 -18.33 59.97 0.72
N LEU I 69 -18.35 59.85 -0.61
CA LEU I 69 -18.68 58.57 -1.23
C LEU I 69 -17.61 57.53 -0.94
N THR I 70 -16.34 57.90 -1.08
CA THR I 70 -15.28 56.94 -0.78
C THR I 70 -15.21 56.65 0.72
N VAL I 71 -15.51 57.62 1.58
CA VAL I 71 -15.56 57.36 3.01
C VAL I 71 -16.65 56.35 3.32
N LEU I 72 -17.82 56.50 2.70
CA LEU I 72 -18.92 55.57 2.89
C LEU I 72 -18.56 54.16 2.42
N ILE I 73 -17.94 54.06 1.24
CA ILE I 73 -17.57 52.74 0.71
C ILE I 73 -16.53 52.09 1.62
N ILE I 74 -15.55 52.84 2.08
CA ILE I 74 -14.51 52.29 2.95
C ILE I 74 -15.11 51.84 4.28
N PHE I 75 -16.03 52.63 4.84
CA PHE I 75 -16.67 52.27 6.10
C PHE I 75 -17.45 50.96 5.95
N THR I 76 -18.25 50.84 4.89
CA THR I 76 -19.02 49.62 4.67
C THR I 76 -18.09 48.42 4.50
N LEU I 77 -17.06 48.57 3.67
CA LEU I 77 -16.14 47.47 3.43
C LEU I 77 -15.43 47.05 4.71
N ASN I 78 -14.98 48.03 5.50
CA ASN I 78 -14.25 47.71 6.72
C ASN I 78 -15.14 47.00 7.75
N ILE I 79 -16.38 47.47 7.93
CA ILE I 79 -17.23 46.80 8.93
C ILE I 79 -17.59 45.38 8.46
N LEU I 80 -17.92 45.22 7.18
CA LEU I 80 -18.28 43.89 6.68
C LEU I 80 -17.10 42.94 6.77
N LEU I 81 -15.89 43.41 6.48
CA LEU I 81 -14.72 42.53 6.55
C LEU I 81 -14.31 42.25 8.00
N ALA I 82 -14.47 43.23 8.89
CA ALA I 82 -14.16 43.00 10.29
C ALA I 82 -15.08 41.95 10.88
N GLU I 83 -16.38 41.99 10.53
CA GLU I 83 -17.25 40.89 10.93
C GLU I 83 -16.86 39.59 10.23
N PHE I 84 -16.46 39.68 8.96
CA PHE I 84 -15.96 38.52 8.22
C PHE I 84 -14.71 37.95 8.88
N GLY I 85 -13.86 38.80 9.45
CA GLY I 85 -12.61 38.41 10.06
C GLY I 85 -11.38 38.80 9.26
N ALA I 86 -11.54 39.06 7.96
CA ALA I 86 -10.41 39.41 7.10
C ALA I 86 -10.38 40.92 6.89
N ALA I 87 -9.93 41.63 7.91
CA ALA I 87 -9.86 43.09 7.87
C ALA I 87 -8.53 43.60 7.34
N ASP I 88 -7.57 42.72 7.05
CA ASP I 88 -6.29 43.13 6.51
C ASP I 88 -6.27 43.25 4.99
N VAL I 89 -7.28 42.72 4.31
CA VAL I 89 -7.37 42.77 2.86
C VAL I 89 -8.28 43.89 2.38
N SER I 90 -8.76 44.73 3.30
CA SER I 90 -9.70 45.80 2.97
C SER I 90 -9.13 46.72 1.90
N GLY I 91 -7.85 47.09 2.04
CA GLY I 91 -7.21 47.95 1.07
C GLY I 91 -7.36 47.44 -0.35
N ALA I 92 -7.31 46.12 -0.54
CA ALA I 92 -7.56 45.54 -1.86
C ALA I 92 -8.86 46.07 -2.44
N GLY I 93 -9.97 45.84 -1.74
CA GLY I 93 -11.23 46.39 -2.19
C GLY I 93 -11.18 47.89 -2.31
N ALA I 94 -10.50 48.55 -1.36
CA ALA I 94 -10.37 50.00 -1.40
C ALA I 94 -9.78 50.45 -2.72
N ALA I 95 -8.79 49.71 -3.22
CA ALA I 95 -8.24 50.03 -4.53
C ALA I 95 -9.22 49.63 -5.63
N LEU I 96 -9.76 48.41 -5.51
CA LEU I 96 -10.44 47.77 -6.64
C LEU I 96 -11.63 48.59 -7.10
N GLY I 97 -12.46 49.06 -6.16
CA GLY I 97 -13.53 49.97 -6.53
C GLY I 97 -12.99 51.29 -7.04
N ALA I 98 -12.11 51.92 -6.27
CA ALA I 98 -11.75 53.32 -6.50
C ALA I 98 -11.14 53.54 -7.87
N VAL I 99 -10.27 52.63 -8.30
CA VAL I 99 -9.68 52.77 -9.62
C VAL I 99 -10.72 52.56 -10.71
N THR I 100 -11.58 51.55 -10.59
CA THR I 100 -12.30 51.12 -11.79
C THR I 100 -13.75 51.59 -11.82
N GLN I 101 -14.36 51.85 -10.67
CA GLN I 101 -15.75 52.28 -10.64
C GLN I 101 -15.94 53.64 -10.00
N LEU I 102 -15.39 53.88 -8.82
CA LEU I 102 -15.64 55.14 -8.12
C LEU I 102 -15.11 56.32 -8.92
N GLY I 103 -13.91 56.20 -9.47
CA GLY I 103 -13.30 57.25 -10.26
C GLY I 103 -14.14 57.62 -11.47
N PRO I 104 -14.31 56.68 -12.41
CA PRO I 104 -15.13 56.96 -13.59
C PRO I 104 -16.57 57.33 -13.28
N LEU I 105 -17.19 56.77 -12.25
CA LEU I 105 -18.59 57.10 -11.99
C LEU I 105 -18.75 58.49 -11.38
N VAL I 106 -17.87 58.88 -10.46
CA VAL I 106 -17.88 60.25 -9.98
C VAL I 106 -17.57 61.21 -11.12
N THR I 107 -16.68 60.79 -12.03
CA THR I 107 -16.44 61.59 -13.23
C THR I 107 -17.71 61.73 -14.05
N VAL I 108 -18.46 60.65 -14.23
CA VAL I 108 -19.73 60.68 -14.96
C VAL I 108 -20.67 61.69 -14.31
N LEU I 109 -20.87 61.56 -13.00
CA LEU I 109 -21.83 62.41 -12.31
C LEU I 109 -21.45 63.89 -12.41
N VAL I 110 -20.22 64.22 -12.00
CA VAL I 110 -19.84 65.63 -11.92
C VAL I 110 -19.39 66.20 -13.25
N VAL I 111 -19.34 65.40 -14.30
CA VAL I 111 -19.15 65.94 -15.65
C VAL I 111 -20.48 66.15 -16.33
N ALA I 112 -21.35 65.13 -16.37
CA ALA I 112 -22.66 65.29 -16.97
C ALA I 112 -23.48 66.36 -16.28
N GLY I 113 -23.44 66.39 -14.94
CA GLY I 113 -24.25 67.37 -14.23
C GLY I 113 -23.75 68.80 -14.41
N ALA I 114 -22.44 69.00 -14.40
CA ALA I 114 -21.87 70.35 -14.42
C ALA I 114 -21.40 70.77 -15.81
N GLY I 115 -20.43 70.07 -16.38
CA GLY I 115 -19.78 70.52 -17.59
C GLY I 115 -20.63 70.35 -18.83
N SER I 116 -21.28 69.20 -18.96
CA SER I 116 -22.14 68.95 -20.11
C SER I 116 -23.31 69.92 -20.12
N THR I 117 -23.93 70.14 -18.96
CA THR I 117 -25.03 71.09 -18.86
C THR I 117 -24.56 72.52 -19.11
N ALA I 118 -23.36 72.87 -18.64
CA ALA I 118 -22.82 74.20 -18.91
C ALA I 118 -22.58 74.41 -20.40
N ILE I 119 -22.03 73.40 -21.08
CA ILE I 119 -21.80 73.50 -22.53
C ILE I 119 -23.13 73.63 -23.26
N CYS I 120 -24.12 72.82 -22.88
CA CYS I 120 -25.43 72.91 -23.52
C CYS I 120 -26.06 74.27 -23.30
N ALA I 121 -25.99 74.80 -22.08
CA ALA I 121 -26.56 76.11 -21.79
C ALA I 121 -25.84 77.21 -22.57
N ASP I 122 -24.51 77.14 -22.65
CA ASP I 122 -23.74 78.16 -23.36
C ASP I 122 -24.06 78.16 -24.85
N LEU I 123 -24.08 76.98 -25.47
CA LEU I 123 -24.39 76.91 -26.89
C LEU I 123 -25.85 77.26 -27.16
N GLY I 124 -26.76 76.93 -26.24
CA GLY I 124 -28.14 77.37 -26.39
C GLY I 124 -28.28 78.87 -26.28
N ALA I 125 -27.52 79.49 -25.39
CA ALA I 125 -27.50 80.95 -25.30
C ALA I 125 -26.97 81.57 -26.58
N ARG I 126 -25.92 80.97 -27.16
CA ARG I 126 -25.42 81.46 -28.44
C ARG I 126 -26.47 81.30 -29.54
N THR I 127 -27.20 80.18 -29.52
CA THR I 127 -28.19 79.93 -30.57
C THR I 127 -29.36 80.89 -30.47
N VAL I 128 -29.92 81.08 -29.27
CA VAL I 128 -31.10 81.93 -29.12
C VAL I 128 -30.77 83.40 -29.35
N ARG I 129 -29.51 83.79 -29.19
CA ARG I 129 -29.08 85.15 -29.47
C ARG I 129 -28.61 85.32 -30.90
N GLU I 130 -28.79 84.31 -31.75
CA GLU I 130 -28.44 84.33 -33.16
C GLU I 130 -26.95 84.53 -33.40
N GLU I 131 -26.13 84.14 -32.43
CA GLU I 131 -24.68 84.19 -32.63
C GLU I 131 -24.21 83.08 -33.55
N ILE I 132 -24.88 81.92 -33.53
CA ILE I 132 -24.55 80.85 -34.46
C ILE I 132 -24.85 81.29 -35.89
N ASP I 133 -26.00 81.94 -36.11
CA ASP I 133 -26.31 82.49 -37.42
C ASP I 133 -25.35 83.62 -37.80
N ALA I 134 -24.91 84.41 -36.82
CA ALA I 134 -23.93 85.44 -37.10
C ALA I 134 -22.62 84.84 -37.59
N LEU I 135 -22.19 83.74 -36.97
CA LEU I 135 -21.01 83.04 -37.46
C LEU I 135 -21.26 82.44 -38.85
N GLU I 136 -22.45 81.89 -39.07
CA GLU I 136 -22.72 81.18 -40.31
C GLU I 136 -22.82 82.13 -41.51
N VAL I 137 -23.34 83.34 -41.30
CA VAL I 137 -23.41 84.31 -42.40
C VAL I 137 -22.07 84.97 -42.68
N LEU I 138 -21.12 84.84 -41.77
CA LEU I 138 -19.77 85.34 -41.97
C LEU I 138 -18.87 84.31 -42.65
N GLY I 139 -19.42 83.16 -43.04
CA GLY I 139 -18.66 82.13 -43.71
C GLY I 139 -17.96 81.15 -42.80
N ILE I 140 -17.99 81.40 -41.50
CA ILE I 140 -17.33 80.55 -40.52
C ILE I 140 -18.16 79.30 -40.21
N ASP I 141 -17.49 78.22 -39.83
CA ASP I 141 -18.17 76.98 -39.50
C ASP I 141 -18.11 76.79 -37.99
N PRO I 142 -19.27 76.70 -37.34
CA PRO I 142 -19.37 76.54 -35.89
C PRO I 142 -18.75 75.22 -35.42
N ILE I 143 -18.96 74.15 -36.18
CA ILE I 143 -18.44 72.84 -35.80
C ILE I 143 -16.92 72.82 -35.63
N GLU I 144 -16.20 73.68 -36.35
CA GLU I 144 -14.74 73.70 -36.17
C GLU I 144 -14.33 74.71 -35.11
N ARG I 145 -15.05 75.83 -35.00
CA ARG I 145 -14.66 76.90 -34.10
C ARG I 145 -15.17 76.70 -32.68
N LEU I 146 -16.25 75.95 -32.50
CA LEU I 146 -16.89 75.82 -31.19
C LEU I 146 -16.87 74.39 -30.67
N VAL I 147 -17.34 73.43 -31.46
CA VAL I 147 -17.57 72.08 -30.94
C VAL I 147 -16.25 71.37 -30.66
N VAL I 148 -15.28 71.48 -31.59
CA VAL I 148 -14.02 70.74 -31.44
C VAL I 148 -13.27 71.14 -30.17
N PRO I 149 -13.02 72.43 -29.89
CA PRO I 149 -12.36 72.77 -28.61
C PRO I 149 -13.14 72.31 -27.40
N ARG I 150 -14.47 72.36 -27.45
CA ARG I 150 -15.27 71.96 -26.29
C ARG I 150 -15.18 70.45 -26.04
N VAL I 151 -15.22 69.64 -27.10
CA VAL I 151 -15.09 68.20 -26.93
C VAL I 151 -13.69 67.84 -26.43
N VAL I 152 -12.65 68.47 -26.99
CA VAL I 152 -11.28 68.17 -26.55
C VAL I 152 -11.08 68.60 -25.10
N ALA I 153 -11.62 69.77 -24.73
CA ALA I 153 -11.53 70.22 -23.34
C ALA I 153 -12.29 69.30 -22.41
N SER I 154 -13.46 68.80 -22.84
CA SER I 154 -14.22 67.86 -22.02
C SER I 154 -13.41 66.60 -21.77
N THR I 155 -12.78 66.06 -22.82
CA THR I 155 -11.97 64.86 -22.66
C THR I 155 -10.80 65.09 -21.71
N PHE I 156 -10.10 66.22 -21.90
CA PHE I 156 -8.93 66.54 -21.06
C PHE I 156 -9.32 66.68 -19.60
N VAL I 157 -10.38 67.43 -19.33
CA VAL I 157 -10.82 67.66 -17.96
C VAL I 157 -11.32 66.37 -17.33
N ALA I 158 -12.02 65.53 -18.10
CA ALA I 158 -12.47 64.25 -17.56
C ALA I 158 -11.29 63.36 -17.17
N PHE I 159 -10.27 63.32 -18.01
CA PHE I 159 -9.06 62.56 -17.71
C PHE I 159 -8.42 63.03 -16.39
N MET I 160 -8.18 64.33 -16.27
CA MET I 160 -7.54 64.87 -15.09
C MET I 160 -8.40 64.66 -13.84
N LEU I 161 -9.71 64.87 -13.96
CA LEU I 161 -10.60 64.72 -12.82
C LEU I 161 -10.68 63.26 -12.37
N ASN I 162 -10.66 62.32 -13.31
CA ASN I 162 -10.65 60.91 -12.91
C ASN I 162 -9.40 60.57 -12.13
N GLY I 163 -8.24 61.05 -12.59
CA GLY I 163 -7.02 60.82 -11.84
C GLY I 163 -7.09 61.39 -10.43
N ALA I 164 -7.55 62.63 -10.32
CA ALA I 164 -7.65 63.28 -9.01
C ALA I 164 -8.64 62.56 -8.11
N VAL I 165 -9.76 62.10 -8.66
CA VAL I 165 -10.78 61.40 -7.87
C VAL I 165 -10.20 60.11 -7.31
N ILE I 166 -9.51 59.33 -8.15
CA ILE I 166 -8.94 58.08 -7.66
C ILE I 166 -7.93 58.33 -6.55
N THR I 167 -7.03 59.32 -6.75
CA THR I 167 -6.03 59.60 -5.73
C THR I 167 -6.66 60.05 -4.42
N ILE I 168 -7.60 61.01 -4.49
CA ILE I 168 -8.23 61.54 -3.29
C ILE I 168 -9.03 60.46 -2.59
N GLY I 169 -9.72 59.61 -3.35
CA GLY I 169 -10.47 58.53 -2.74
C GLY I 169 -9.59 57.55 -2.00
N LEU I 170 -8.46 57.16 -2.60
CA LEU I 170 -7.55 56.24 -1.92
C LEU I 170 -6.99 56.85 -0.64
N VAL I 171 -6.56 58.12 -0.71
CA VAL I 171 -5.97 58.75 0.47
C VAL I 171 -7.01 58.92 1.58
N GLY I 172 -8.22 59.35 1.22
CA GLY I 172 -9.26 59.51 2.21
C GLY I 172 -9.68 58.20 2.84
N GLY I 173 -9.76 57.14 2.02
CA GLY I 173 -10.05 55.83 2.57
C GLY I 173 -8.98 55.36 3.54
N PHE I 174 -7.71 55.58 3.20
CA PHE I 174 -6.62 55.24 4.10
C PHE I 174 -6.78 55.97 5.43
N PHE I 175 -6.94 57.30 5.38
CA PHE I 175 -7.01 58.08 6.60
C PHE I 175 -8.22 57.69 7.45
N PHE I 176 -9.38 57.53 6.82
CA PHE I 176 -10.58 57.15 7.57
C PHE I 176 -10.39 55.79 8.23
N GLY I 177 -9.98 54.78 7.46
CA GLY I 177 -9.83 53.45 8.00
C GLY I 177 -8.81 53.38 9.13
N VAL I 178 -7.71 54.10 9.00
CA VAL I 178 -6.65 54.01 10.00
C VAL I 178 -7.01 54.80 11.25
N TYR I 179 -7.45 56.05 11.08
CA TYR I 179 -7.65 56.94 12.21
C TYR I 179 -9.03 56.83 12.84
N ILE I 180 -9.96 56.08 12.25
CA ILE I 180 -11.33 55.98 12.76
C ILE I 180 -11.68 54.53 13.09
N GLN I 181 -11.51 53.63 12.13
CA GLN I 181 -11.89 52.23 12.32
C GLN I 181 -10.73 51.37 12.80
N ASN I 182 -9.57 51.99 13.05
CA ASN I 182 -8.42 51.35 13.69
C ASN I 182 -7.95 50.10 12.93
N VAL I 183 -7.95 50.16 11.61
CA VAL I 183 -7.30 49.13 10.83
C VAL I 183 -5.81 49.43 10.76
N SER I 184 -5.03 48.45 10.33
CA SER I 184 -3.58 48.63 10.24
C SER I 184 -3.23 49.32 8.91
N ALA I 185 -2.40 50.35 9.01
CA ALA I 185 -1.99 51.13 7.84
C ALA I 185 -1.15 50.32 6.86
N GLY I 186 -0.20 49.53 7.36
CA GLY I 186 0.59 48.70 6.48
C GLY I 186 -0.23 47.68 5.70
N ALA I 187 -1.29 47.15 6.31
CA ALA I 187 -2.18 46.27 5.55
C ALA I 187 -2.93 47.02 4.46
N TYR I 188 -3.27 48.28 4.70
CA TYR I 188 -3.94 49.05 3.66
C TYR I 188 -3.02 49.33 2.49
N VAL I 189 -1.80 49.81 2.76
CA VAL I 189 -0.97 50.22 1.62
C VAL I 189 -0.35 49.02 0.91
N SER I 190 -0.15 47.89 1.61
CA SER I 190 0.48 46.73 0.99
C SER I 190 -0.49 45.85 0.23
N THR I 191 -1.80 46.02 0.40
CA THR I 191 -2.78 45.20 -0.28
C THR I 191 -3.46 45.96 -1.43
N LEU I 192 -3.09 47.22 -1.66
CA LEU I 192 -3.70 48.01 -2.73
C LEU I 192 -3.46 47.37 -4.09
N THR I 193 -2.26 46.86 -4.33
CA THR I 193 -1.89 46.29 -5.61
C THR I 193 -2.24 44.82 -5.73
N LEU I 194 -2.91 44.24 -4.73
CA LEU I 194 -3.25 42.82 -4.77
C LEU I 194 -4.22 42.51 -5.91
N LEU I 195 -5.21 43.36 -6.12
CA LEU I 195 -6.21 43.15 -7.16
C LEU I 195 -6.22 44.23 -8.23
N THR I 196 -5.36 45.24 -8.13
CA THR I 196 -5.34 46.35 -9.08
C THR I 196 -3.96 46.46 -9.69
N GLY I 197 -3.90 46.55 -11.01
CA GLY I 197 -2.65 46.67 -11.73
C GLY I 197 -2.76 47.58 -12.93
N PHE I 198 -1.90 47.35 -13.94
CA PHE I 198 -1.98 48.12 -15.18
C PHE I 198 -3.32 47.98 -15.90
N PRO I 199 -3.92 46.79 -16.04
CA PRO I 199 -5.23 46.74 -16.73
C PRO I 199 -6.29 47.63 -16.09
N GLU I 200 -6.32 47.70 -14.76
CA GLU I 200 -7.35 48.48 -14.09
C GLU I 200 -7.17 49.97 -14.34
N VAL I 201 -5.95 50.48 -14.18
CA VAL I 201 -5.72 51.90 -14.43
C VAL I 201 -5.92 52.23 -15.90
N LEU I 202 -5.56 51.31 -16.81
CA LEU I 202 -5.75 51.55 -18.24
C LEU I 202 -7.24 51.61 -18.59
N ILE I 203 -8.04 50.68 -18.07
CA ILE I 203 -9.47 50.69 -18.36
C ILE I 203 -10.13 51.91 -17.70
N SER I 204 -9.63 52.34 -16.53
CA SER I 204 -10.14 53.56 -15.92
C SER I 204 -9.86 54.78 -16.79
N VAL I 205 -8.65 54.86 -17.35
CA VAL I 205 -8.30 55.97 -18.24
C VAL I 205 -9.18 55.95 -19.48
N VAL I 206 -9.40 54.77 -20.07
CA VAL I 206 -10.26 54.67 -21.24
C VAL I 206 -11.67 55.10 -20.92
N LYS I 207 -12.19 54.66 -19.76
CA LYS I 207 -13.53 55.05 -19.33
C LYS I 207 -13.64 56.56 -19.21
N ALA I 208 -12.66 57.19 -18.55
CA ALA I 208 -12.72 58.63 -18.34
C ALA I 208 -12.67 59.38 -19.67
N THR I 209 -11.79 58.96 -20.58
CA THR I 209 -11.68 59.62 -21.87
C THR I 209 -12.98 59.51 -22.66
N LEU I 210 -13.55 58.30 -22.73
CA LEU I 210 -14.78 58.11 -23.46
C LEU I 210 -15.94 58.88 -22.84
N PHE I 211 -16.02 58.88 -21.50
CA PHE I 211 -17.10 59.61 -20.82
C PHE I 211 -17.01 61.10 -21.11
N GLY I 212 -15.80 61.67 -21.03
CA GLY I 212 -15.66 63.08 -21.32
C GLY I 212 -16.00 63.43 -22.76
N MET I 213 -15.54 62.60 -23.71
CA MET I 213 -15.82 62.86 -25.11
C MET I 213 -17.32 62.79 -25.40
N ILE I 214 -17.99 61.76 -24.87
CA ILE I 214 -19.42 61.62 -25.12
C ILE I 214 -20.21 62.74 -24.47
N ALA I 215 -19.83 63.12 -23.24
CA ALA I 215 -20.53 64.22 -22.57
C ALA I 215 -20.37 65.52 -23.34
N GLY I 216 -19.17 65.81 -23.81
CA GLY I 216 -18.97 67.00 -24.62
C GLY I 216 -19.78 66.99 -25.90
N LEU I 217 -19.80 65.84 -26.59
CA LEU I 217 -20.55 65.73 -27.83
C LEU I 217 -22.04 65.95 -27.60
N VAL I 218 -22.61 65.30 -26.57
CA VAL I 218 -24.04 65.44 -26.30
C VAL I 218 -24.38 66.86 -25.90
N GLY I 219 -23.56 67.47 -25.04
CA GLY I 219 -23.81 68.85 -24.65
C GLY I 219 -23.78 69.81 -25.83
N CYS I 220 -22.78 69.66 -26.69
CA CYS I 220 -22.68 70.54 -27.86
C CYS I 220 -23.85 70.33 -28.81
N TYR I 221 -24.23 69.07 -29.07
CA TYR I 221 -25.32 68.80 -30.00
C TYR I 221 -26.65 69.34 -29.47
N ARG I 222 -26.90 69.17 -28.18
CA ARG I 222 -28.15 69.71 -27.63
C ARG I 222 -28.14 71.22 -27.56
N GLY I 223 -26.98 71.84 -27.29
CA GLY I 223 -26.91 73.28 -27.28
C GLY I 223 -27.12 73.91 -28.64
N LEU I 224 -26.62 73.25 -29.69
CA LEU I 224 -26.78 73.81 -31.03
C LEU I 224 -28.22 73.70 -31.54
N THR I 225 -28.97 72.72 -31.06
CA THR I 225 -30.34 72.47 -31.52
C THR I 225 -31.37 72.88 -30.48
N VAL I 226 -31.14 73.99 -29.78
CA VAL I 226 -32.09 74.43 -28.77
C VAL I 226 -33.33 75.00 -29.44
N ALA I 227 -34.46 74.93 -28.74
CA ALA I 227 -35.75 75.32 -29.29
C ALA I 227 -36.15 76.76 -28.97
N GLY I 228 -35.33 77.50 -28.23
CA GLY I 228 -35.66 78.87 -27.90
C GLY I 228 -36.86 78.99 -26.99
N GLY I 229 -37.88 79.74 -27.41
CA GLY I 229 -39.07 79.91 -26.61
C GLY I 229 -38.78 80.54 -25.27
N SER I 230 -39.43 80.02 -24.22
CA SER I 230 -39.16 80.44 -22.85
C SER I 230 -38.72 79.30 -21.95
N LYS I 231 -38.89 78.05 -22.37
CA LYS I 231 -38.42 76.89 -21.64
C LYS I 231 -37.51 76.01 -22.49
N GLY I 232 -37.14 76.47 -23.69
CA GLY I 232 -36.36 75.63 -24.59
C GLY I 232 -34.96 75.34 -24.06
N VAL I 233 -34.30 76.35 -23.48
CA VAL I 233 -32.95 76.16 -22.99
C VAL I 233 -32.94 75.24 -21.77
N GLY I 234 -33.88 75.45 -20.84
CA GLY I 234 -33.95 74.58 -19.68
C GLY I 234 -34.31 73.14 -20.06
N THR I 235 -35.24 72.99 -20.99
CA THR I 235 -35.58 71.65 -21.48
C THR I 235 -34.38 70.99 -22.15
N ALA I 236 -33.63 71.76 -22.94
CA ALA I 236 -32.43 71.22 -23.59
C ALA I 236 -31.39 70.79 -22.58
N VAL I 237 -31.19 71.58 -21.52
CA VAL I 237 -30.22 71.22 -20.49
C VAL I 237 -30.66 69.96 -19.75
N ASN I 238 -31.95 69.86 -19.41
CA ASN I 238 -32.46 68.68 -18.73
C ASN I 238 -32.31 67.44 -19.60
N GLU I 239 -32.64 67.53 -20.89
CA GLU I 239 -32.49 66.41 -21.80
C GLU I 239 -31.02 66.03 -21.96
N THR I 240 -30.14 67.03 -22.02
CA THR I 240 -28.70 66.78 -22.07
C THR I 240 -28.26 65.95 -20.87
N LEU I 241 -28.67 66.37 -19.68
CA LEU I 241 -28.28 65.68 -18.46
C LEU I 241 -28.79 64.24 -18.44
N VAL I 242 -30.06 64.04 -18.82
CA VAL I 242 -30.64 62.70 -18.79
C VAL I 242 -29.94 61.79 -19.80
N LEU I 243 -29.75 62.29 -21.02
CA LEU I 243 -29.08 61.50 -22.05
C LEU I 243 -27.66 61.16 -21.66
N CYS I 244 -26.93 62.13 -21.08
CA CYS I 244 -25.57 61.86 -20.65
C CYS I 244 -25.54 60.79 -19.57
N VAL I 245 -26.43 60.87 -18.58
CA VAL I 245 -26.44 59.88 -17.51
C VAL I 245 -26.69 58.49 -18.09
N VAL I 246 -27.70 58.37 -18.95
CA VAL I 246 -28.06 57.05 -19.48
C VAL I 246 -26.92 56.49 -20.33
N ALA I 247 -26.40 57.30 -21.26
CA ALA I 247 -25.35 56.83 -22.16
C ALA I 247 -24.08 56.47 -21.41
N LEU I 248 -23.68 57.29 -20.43
CA LEU I 248 -22.47 57.00 -19.68
C LEU I 248 -22.63 55.76 -18.82
N PHE I 249 -23.82 55.52 -18.25
CA PHE I 249 -24.02 54.28 -17.51
C PHE I 249 -23.93 53.06 -18.43
N ALA I 250 -24.53 53.13 -19.62
CA ALA I 250 -24.44 52.00 -20.55
C ALA I 250 -22.99 51.73 -20.98
N VAL I 251 -22.27 52.80 -21.31
CA VAL I 251 -20.86 52.65 -21.71
C VAL I 251 -20.03 52.12 -20.55
N ASN I 252 -20.34 52.54 -19.33
CA ASN I 252 -19.63 52.02 -18.16
C ASN I 252 -19.87 50.53 -17.99
N VAL I 253 -21.10 50.07 -18.23
CA VAL I 253 -21.39 48.64 -18.14
C VAL I 253 -20.57 47.87 -19.16
N VAL I 254 -20.56 48.36 -20.41
CA VAL I 254 -19.84 47.66 -21.48
C VAL I 254 -18.34 47.61 -21.17
N LEU I 255 -17.77 48.75 -20.77
CA LEU I 255 -16.34 48.81 -20.51
C LEU I 255 -15.97 48.02 -19.26
N THR I 256 -16.87 47.94 -18.27
CA THR I 256 -16.61 47.10 -17.10
C THR I 256 -16.55 45.62 -17.50
N THR I 257 -17.47 45.18 -18.36
CA THR I 257 -17.39 43.80 -18.84
C THR I 257 -16.08 43.55 -19.58
N ILE I 258 -15.70 44.47 -20.47
CA ILE I 258 -14.45 44.31 -21.21
C ILE I 258 -13.25 44.28 -20.26
N GLY I 259 -13.23 45.16 -19.27
CA GLY I 259 -12.11 45.21 -18.34
C GLY I 259 -11.99 43.98 -17.47
N VAL I 260 -13.11 43.48 -16.95
CA VAL I 260 -13.05 42.26 -16.14
C VAL I 260 -12.73 41.05 -17.00
N ARG I 261 -12.93 41.13 -18.32
CA ARG I 261 -12.46 40.04 -19.18
C ARG I 261 -10.95 39.88 -19.12
N PHE I 262 -10.20 40.98 -18.95
CA PHE I 262 -8.76 40.88 -18.87
C PHE I 262 -8.30 40.50 -17.46
N GLY I 263 -8.55 41.38 -16.49
CA GLY I 263 -8.36 41.03 -15.09
C GLY I 263 -6.93 41.02 -14.59
N THR I 264 -6.71 41.49 -13.38
CA THR I 264 -5.42 41.33 -12.73
C THR I 264 -5.32 39.98 -12.00
N GLY I 265 -6.41 39.55 -11.37
CA GLY I 265 -6.38 38.29 -10.64
C GLY I 265 -6.21 37.07 -11.54
N ARG I 266 -6.78 37.12 -12.75
CA ARG I 266 -6.66 36.01 -13.68
C ARG I 266 -5.56 36.26 -14.72
N ARG J 27 -23.97 88.26 3.29
CA ARG J 27 -23.75 87.58 2.01
C ARG J 27 -23.96 86.07 2.15
N PHE J 28 -22.92 85.39 2.63
CA PHE J 28 -23.01 83.95 2.85
C PHE J 28 -24.09 83.62 3.89
N LEU J 29 -24.06 84.32 5.02
CA LEU J 29 -25.11 84.17 6.01
C LEU J 29 -26.47 84.61 5.44
N ASP J 30 -26.46 85.66 4.61
CA ASP J 30 -27.71 86.11 4.00
C ASP J 30 -28.27 85.08 3.04
N SER J 31 -27.41 84.44 2.24
CA SER J 31 -27.87 83.39 1.34
C SER J 31 -28.40 82.18 2.11
N MET J 32 -27.69 81.79 3.18
CA MET J 32 -28.18 80.70 4.02
C MET J 32 -29.52 81.04 4.64
N GLY J 33 -29.69 82.30 5.07
CA GLY J 33 -30.96 82.71 5.62
C GLY J 33 -32.08 82.72 4.59
N HIS J 34 -31.77 83.11 3.36
CA HIS J 34 -32.76 83.10 2.30
C HIS J 34 -33.22 81.67 1.99
N VAL J 35 -32.28 80.73 1.88
CA VAL J 35 -32.67 79.36 1.61
C VAL J 35 -33.39 78.75 2.81
N ALA J 36 -32.99 79.12 4.03
CA ALA J 36 -33.69 78.65 5.22
C ALA J 36 -35.12 79.16 5.26
N TRP J 37 -35.32 80.45 4.93
CA TRP J 37 -36.67 80.99 4.87
C TRP J 37 -37.50 80.28 3.81
N PHE J 38 -36.90 80.00 2.64
CA PHE J 38 -37.62 79.29 1.59
C PHE J 38 -38.05 77.91 2.05
N VAL J 39 -37.14 77.15 2.67
CA VAL J 39 -37.50 75.79 3.08
C VAL J 39 -38.52 75.81 4.22
N VAL J 40 -38.40 76.75 5.15
CA VAL J 40 -39.37 76.86 6.22
C VAL J 40 -40.75 77.20 5.67
N GLN J 41 -40.81 78.16 4.75
CA GLN J 41 -42.08 78.56 4.16
C GLN J 41 -42.70 77.42 3.35
N ALA J 42 -41.87 76.66 2.65
CA ALA J 42 -42.38 75.52 1.89
C ALA J 42 -42.91 74.42 2.81
N ILE J 43 -42.23 74.19 3.94
CA ILE J 43 -42.66 73.13 4.86
C ILE J 43 -43.95 73.52 5.57
N VAL J 44 -44.03 74.76 6.07
CA VAL J 44 -45.19 75.15 6.86
C VAL J 44 -46.47 75.26 6.02
N HIS J 45 -46.35 75.30 4.69
CA HIS J 45 -47.52 75.38 3.82
C HIS J 45 -47.95 74.02 3.28
N VAL J 46 -47.33 72.93 3.74
CA VAL J 46 -47.75 71.59 3.30
C VAL J 46 -49.19 71.27 3.70
N PRO J 47 -49.64 71.50 4.95
CA PRO J 47 -51.07 71.29 5.23
C PRO J 47 -52.00 72.17 4.40
N HIS J 48 -51.59 73.43 4.18
CA HIS J 48 -52.41 74.33 3.37
C HIS J 48 -52.53 73.82 1.94
N ALA J 49 -51.42 73.35 1.35
CA ALA J 49 -51.47 72.78 0.02
C ALA J 49 -52.31 71.51 0.00
N PHE J 50 -52.18 70.68 1.04
CA PHE J 50 -52.90 69.42 1.09
C PHE J 50 -54.41 69.64 1.14
N ARG J 51 -54.85 70.63 1.93
CA ARG J 51 -56.28 70.91 2.01
C ARG J 51 -56.78 71.64 0.76
N HIS J 52 -56.13 72.75 0.41
CA HIS J 52 -56.65 73.60 -0.66
C HIS J 52 -56.46 72.98 -2.03
N TYR J 53 -55.28 72.43 -2.30
CA TYR J 53 -54.91 71.98 -3.65
C TYR J 53 -54.70 70.47 -3.66
N ARG J 54 -55.74 69.73 -4.02
CA ARG J 54 -55.65 68.28 -4.19
C ARG J 54 -55.49 67.88 -5.65
N ARG J 55 -56.26 68.51 -6.54
CA ARG J 55 -56.16 68.19 -7.97
C ARG J 55 -54.79 68.55 -8.51
N GLU J 56 -54.25 69.68 -8.08
CA GLU J 56 -52.90 70.07 -8.48
C GLU J 56 -51.87 69.06 -7.98
N SER J 57 -52.04 68.58 -6.75
CA SER J 57 -51.13 67.56 -6.22
C SER J 57 -51.21 66.27 -7.03
N LEU J 58 -52.42 65.85 -7.41
CA LEU J 58 -52.56 64.65 -8.22
C LEU J 58 -51.93 64.83 -9.60
N ARG J 59 -52.12 66.01 -10.21
CA ARG J 59 -51.51 66.27 -11.50
C ARG J 59 -50.00 66.25 -11.41
N LEU J 60 -49.44 66.84 -10.35
CA LEU J 60 -47.99 66.82 -10.18
C LEU J 60 -47.48 65.41 -9.89
N VAL J 61 -48.26 64.60 -9.15
CA VAL J 61 -47.87 63.21 -8.93
C VAL J 61 -47.78 62.47 -10.25
N ALA J 62 -48.80 62.64 -11.11
CA ALA J 62 -48.76 61.99 -12.42
C ALA J 62 -47.61 62.50 -13.27
N GLU J 63 -47.36 63.81 -13.24
CA GLU J 63 -46.30 64.40 -14.05
C GLU J 63 -44.92 63.93 -13.60
N ILE J 64 -44.70 63.83 -12.29
CA ILE J 64 -43.42 63.36 -11.78
C ILE J 64 -43.25 61.87 -12.04
N GLY J 65 -44.30 61.08 -11.83
CA GLY J 65 -44.19 59.64 -12.01
C GLY J 65 -43.99 59.23 -13.46
N MET J 66 -44.68 59.90 -14.38
CA MET J 66 -44.64 59.49 -15.79
C MET J 66 -43.94 60.53 -16.68
N GLY J 67 -43.21 61.46 -16.09
CA GLY J 67 -42.40 62.38 -16.87
C GLY J 67 -43.23 63.44 -17.58
N THR J 68 -42.51 64.34 -18.25
CA THR J 68 -43.14 65.42 -19.00
C THR J 68 -42.28 65.74 -20.21
N GLY J 69 -42.91 66.38 -21.21
CA GLY J 69 -42.18 66.77 -22.40
C GLY J 69 -41.81 65.58 -23.26
N ALA J 70 -40.65 65.68 -23.90
CA ALA J 70 -40.18 64.62 -24.79
C ALA J 70 -39.69 63.40 -24.04
N MET J 71 -39.36 63.54 -22.75
CA MET J 71 -38.93 62.39 -21.95
C MET J 71 -40.09 61.55 -21.44
N ALA J 72 -41.33 62.04 -21.55
CA ALA J 72 -42.47 61.29 -21.06
C ALA J 72 -42.85 60.13 -21.98
N VAL J 73 -42.54 60.23 -23.27
CA VAL J 73 -42.95 59.19 -24.21
C VAL J 73 -42.18 57.89 -24.01
N ILE J 74 -40.99 57.96 -23.42
CA ILE J 74 -40.20 56.74 -23.18
C ILE J 74 -40.51 56.09 -21.84
N GLY J 75 -41.33 56.74 -21.00
CA GLY J 75 -41.64 56.21 -19.69
C GLY J 75 -41.47 57.24 -18.59
N GLY J 76 -40.68 58.27 -18.87
CA GLY J 76 -40.46 59.33 -17.90
C GLY J 76 -39.44 58.99 -16.84
N THR J 77 -39.71 59.39 -15.60
CA THR J 77 -38.79 59.10 -14.51
C THR J 77 -38.64 57.60 -14.26
N VAL J 78 -39.71 56.84 -14.48
CA VAL J 78 -39.69 55.40 -14.21
C VAL J 78 -38.66 54.71 -15.09
N ALA J 79 -38.67 55.03 -16.39
CA ALA J 79 -37.75 54.37 -17.31
C ALA J 79 -36.30 54.73 -17.02
N ILE J 80 -36.03 56.00 -16.74
CA ILE J 80 -34.66 56.43 -16.44
C ILE J 80 -34.16 55.77 -15.16
N ILE J 81 -34.99 55.79 -14.12
CA ILE J 81 -34.63 55.14 -12.86
C ILE J 81 -34.36 53.66 -13.08
N GLY J 82 -35.23 52.99 -13.84
CA GLY J 82 -35.05 51.58 -14.09
C GLY J 82 -33.76 51.27 -14.81
N PHE J 83 -33.46 52.04 -15.87
CA PHE J 83 -32.24 51.79 -16.64
C PHE J 83 -31.00 52.00 -15.78
N VAL J 84 -30.98 53.10 -15.01
CA VAL J 84 -29.78 53.39 -14.22
C VAL J 84 -29.59 52.35 -13.11
N THR J 85 -30.68 51.92 -12.48
CA THR J 85 -30.56 50.93 -11.40
C THR J 85 -30.20 49.55 -11.97
N LEU J 86 -30.72 49.19 -13.13
CA LEU J 86 -30.30 47.96 -13.79
C LEU J 86 -28.81 48.00 -14.10
N SER J 87 -28.31 49.14 -14.59
CA SER J 87 -26.89 49.26 -14.87
C SER J 87 -26.06 49.12 -13.61
N ALA J 88 -26.50 49.75 -12.51
CA ALA J 88 -25.74 49.66 -11.26
C ALA J 88 -25.69 48.23 -10.73
N GLY J 89 -26.84 47.54 -10.75
CA GLY J 89 -26.87 46.16 -10.31
C GLY J 89 -26.01 45.26 -11.18
N SER J 90 -26.04 45.48 -12.49
CA SER J 90 -25.19 44.72 -13.40
C SER J 90 -23.72 44.93 -13.10
N LEU J 91 -23.33 46.19 -12.83
CA LEU J 91 -21.94 46.48 -12.48
C LEU J 91 -21.54 45.72 -11.22
N ILE J 92 -22.40 45.76 -10.20
CA ILE J 92 -22.10 45.07 -8.94
C ILE J 92 -21.89 43.59 -9.20
N ALA J 93 -22.83 42.96 -9.91
CA ALA J 93 -22.74 41.52 -10.14
C ALA J 93 -21.50 41.16 -10.95
N ILE J 94 -21.26 41.90 -12.01
CA ILE J 94 -20.13 41.69 -12.91
C ILE J 94 -18.78 41.71 -12.22
N GLN J 95 -18.43 42.85 -11.63
CA GLN J 95 -17.16 43.00 -10.93
C GLN J 95 -17.05 42.07 -9.73
N GLY J 96 -18.15 41.92 -8.99
CA GLY J 96 -18.16 41.05 -7.82
C GLY J 96 -17.83 39.61 -8.15
N PHE J 97 -18.56 39.05 -9.11
CA PHE J 97 -18.35 37.68 -9.55
C PHE J 97 -16.96 37.49 -10.13
N ALA J 98 -16.47 38.47 -10.91
CA ALA J 98 -15.12 38.37 -11.47
C ALA J 98 -14.08 38.29 -10.36
N SER J 99 -14.14 39.20 -9.39
CA SER J 99 -13.15 39.22 -8.33
C SER J 99 -13.21 37.97 -7.47
N LEU J 100 -14.42 37.54 -7.11
CA LEU J 100 -14.56 36.36 -6.25
C LEU J 100 -14.16 35.08 -6.98
N GLY J 101 -14.43 34.99 -8.29
CA GLY J 101 -13.95 33.86 -9.05
C GLY J 101 -12.44 33.84 -9.19
N ASN J 102 -11.83 35.02 -9.30
CA ASN J 102 -10.37 35.10 -9.28
C ASN J 102 -9.82 34.61 -7.95
N ILE J 103 -10.42 35.03 -6.83
CA ILE J 103 -9.98 34.55 -5.53
C ILE J 103 -10.38 33.09 -5.35
N GLY J 104 -11.61 32.74 -5.70
CA GLY J 104 -12.08 31.37 -5.58
C GLY J 104 -13.39 31.23 -4.83
N VAL J 105 -13.66 32.16 -3.91
CA VAL J 105 -14.87 32.10 -3.08
C VAL J 105 -15.93 32.89 -3.83
N GLU J 106 -16.56 32.23 -4.81
CA GLU J 106 -17.51 32.90 -5.69
C GLU J 106 -18.96 32.58 -5.36
N ALA J 107 -19.22 31.72 -4.38
CA ALA J 107 -20.58 31.44 -3.95
C ALA J 107 -21.15 32.56 -3.08
N PHE J 108 -20.32 33.49 -2.64
CA PHE J 108 -20.73 34.61 -1.79
C PHE J 108 -21.27 35.79 -2.58
N THR J 109 -21.36 35.67 -3.92
CA THR J 109 -21.78 36.78 -4.75
C THR J 109 -23.15 37.31 -4.34
N GLY J 110 -24.11 36.41 -4.13
CA GLY J 110 -25.43 36.82 -3.67
C GLY J 110 -25.36 37.54 -2.33
N PHE J 111 -24.46 37.11 -1.47
CA PHE J 111 -24.25 37.83 -0.22
C PHE J 111 -23.56 39.16 -0.47
N PHE J 112 -22.64 39.21 -1.43
CA PHE J 112 -21.91 40.45 -1.69
C PHE J 112 -22.78 41.47 -2.41
N ALA J 113 -23.63 41.02 -3.34
CA ALA J 113 -24.43 41.93 -4.12
C ALA J 113 -25.45 42.68 -3.28
N ALA J 114 -26.18 41.94 -2.42
CA ALA J 114 -27.23 42.57 -1.61
C ALA J 114 -26.68 43.69 -0.75
N LEU J 115 -25.64 43.39 0.03
CA LEU J 115 -25.03 44.40 0.87
C LEU J 115 -24.41 45.52 0.04
N ALA J 116 -24.07 45.25 -1.22
CA ALA J 116 -23.62 46.32 -2.09
C ALA J 116 -24.78 47.22 -2.49
N ASN J 117 -25.93 46.63 -2.80
CA ASN J 117 -27.06 47.42 -3.27
C ASN J 117 -27.66 48.25 -2.16
N ILE J 118 -27.97 47.62 -1.02
CA ILE J 118 -28.71 48.30 0.03
C ILE J 118 -27.86 49.38 0.69
N ARG J 119 -26.61 49.05 1.03
CA ARG J 119 -25.82 49.96 1.86
C ARG J 119 -25.37 51.20 1.12
N VAL J 120 -24.85 51.04 -0.11
CA VAL J 120 -24.15 52.13 -0.80
C VAL J 120 -24.75 52.43 -2.16
N VAL J 121 -24.96 51.40 -2.98
CA VAL J 121 -25.13 51.64 -4.42
C VAL J 121 -26.53 52.11 -4.76
N ALA J 122 -27.55 51.31 -4.40
CA ALA J 122 -28.92 51.65 -4.81
C ALA J 122 -29.41 52.98 -4.28
N PRO J 123 -29.26 53.33 -2.98
CA PRO J 123 -29.74 54.65 -2.55
C PRO J 123 -29.09 55.81 -3.29
N VAL J 124 -27.76 55.80 -3.41
CA VAL J 124 -27.06 56.90 -4.06
C VAL J 124 -27.43 56.98 -5.54
N VAL J 125 -27.46 55.84 -6.22
CA VAL J 125 -27.72 55.83 -7.66
C VAL J 125 -29.16 56.27 -7.94
N THR J 126 -30.12 55.74 -7.17
CA THR J 126 -31.51 56.18 -7.31
C THR J 126 -31.64 57.66 -6.98
N GLY J 127 -30.89 58.15 -6.00
CA GLY J 127 -30.92 59.56 -5.69
C GLY J 127 -30.42 60.42 -6.83
N GLN J 128 -29.32 60.03 -7.46
CA GLN J 128 -28.80 60.84 -8.56
C GLN J 128 -29.75 60.81 -9.76
N ALA J 129 -30.33 59.65 -10.07
CA ALA J 129 -31.27 59.59 -11.19
C ALA J 129 -32.54 60.40 -10.90
N LEU J 130 -33.05 60.31 -9.67
CA LEU J 130 -34.20 61.10 -9.26
C LEU J 130 -33.88 62.59 -9.32
N ALA J 131 -32.72 62.97 -8.80
CA ALA J 131 -32.23 64.34 -8.89
C ALA J 131 -32.29 64.83 -10.32
N ALA J 132 -31.56 64.15 -11.21
CA ALA J 132 -31.53 64.52 -12.62
C ALA J 132 -32.94 64.71 -13.16
N THR J 133 -33.71 63.62 -13.24
CA THR J 133 -35.02 63.70 -13.89
C THR J 133 -35.97 64.68 -13.19
N VAL J 134 -36.38 64.33 -11.97
CA VAL J 134 -37.44 65.08 -11.31
C VAL J 134 -36.97 66.48 -10.94
N GLY J 135 -35.79 66.58 -10.34
CA GLY J 135 -35.32 67.88 -9.90
C GLY J 135 -35.04 68.83 -11.05
N ALA J 136 -34.40 68.35 -12.13
CA ALA J 136 -34.16 69.24 -13.26
C ALA J 136 -35.47 69.64 -13.92
N GLY J 137 -36.44 68.71 -14.01
CA GLY J 137 -37.74 69.08 -14.55
C GLY J 137 -38.44 70.13 -13.71
N ALA J 138 -38.38 69.99 -12.38
CA ALA J 138 -38.98 70.96 -11.49
C ALA J 138 -38.30 72.32 -11.60
N THR J 139 -36.97 72.33 -11.66
CA THR J 139 -36.24 73.58 -11.80
C THR J 139 -36.59 74.27 -13.11
N ALA J 140 -36.66 73.50 -14.21
CA ALA J 140 -37.02 74.08 -15.50
C ALA J 140 -38.44 74.63 -15.49
N GLU J 141 -39.39 73.88 -14.91
CA GLU J 141 -40.77 74.33 -14.86
C GLU J 141 -40.92 75.61 -14.04
N LEU J 142 -40.30 75.65 -12.86
CA LEU J 142 -40.42 76.83 -12.01
C LEU J 142 -39.69 78.02 -12.62
N GLY J 143 -38.55 77.79 -13.28
CA GLY J 143 -37.89 78.88 -13.97
C GLY J 143 -38.71 79.43 -15.13
N ALA J 144 -39.35 78.54 -15.89
CA ALA J 144 -40.21 79.00 -16.97
C ALA J 144 -41.40 79.78 -16.45
N MET J 145 -41.97 79.34 -15.33
CA MET J 145 -43.06 80.09 -14.71
C MET J 145 -42.59 81.45 -14.22
N ARG J 146 -41.41 81.51 -13.62
CA ARG J 146 -40.87 82.79 -13.15
C ARG J 146 -40.63 83.75 -14.30
N ILE J 147 -40.05 83.25 -15.40
CA ILE J 147 -39.74 84.11 -16.54
C ILE J 147 -41.02 84.56 -17.24
N SER J 148 -41.98 83.65 -17.41
CA SER J 148 -43.24 83.96 -18.08
C SER J 148 -44.20 84.76 -17.21
N GLU J 149 -43.75 85.25 -16.05
CA GLU J 149 -44.55 86.08 -15.14
C GLU J 149 -45.79 85.34 -14.62
N GLU J 150 -45.74 84.01 -14.59
CA GLU J 150 -46.86 83.25 -14.04
C GLU J 150 -46.88 83.29 -12.53
N VAL J 151 -45.71 83.39 -11.89
CA VAL J 151 -45.68 83.58 -10.44
C VAL J 151 -46.26 84.93 -10.06
N ASP J 152 -45.97 85.96 -10.86
CA ASP J 152 -46.60 87.26 -10.68
C ASP J 152 -48.10 87.17 -10.87
N ALA J 153 -48.55 86.40 -11.85
CA ALA J 153 -49.98 86.22 -12.07
C ALA J 153 -50.64 85.55 -10.86
N LEU J 154 -49.98 84.54 -10.28
CA LEU J 154 -50.50 83.90 -9.09
C LEU J 154 -50.55 84.85 -7.91
N GLU J 155 -49.50 85.66 -7.73
CA GLU J 155 -49.48 86.60 -6.61
C GLU J 155 -50.52 87.70 -6.78
N VAL J 156 -50.80 88.11 -8.01
CA VAL J 156 -51.81 89.12 -8.26
C VAL J 156 -53.20 88.59 -7.93
N MET J 157 -53.47 87.33 -8.25
CA MET J 157 -54.75 86.71 -7.98
C MET J 157 -54.91 86.24 -6.54
N GLY J 158 -54.09 86.74 -5.62
CA GLY J 158 -54.23 86.41 -4.21
C GLY J 158 -53.95 84.96 -3.86
N ILE J 159 -52.88 84.40 -4.39
CA ILE J 159 -52.51 83.02 -4.14
C ILE J 159 -51.08 82.99 -3.59
N LYS J 160 -50.87 82.23 -2.52
CA LYS J 160 -49.54 81.98 -2.01
C LYS J 160 -48.77 81.18 -3.05
N SER J 161 -47.82 81.84 -3.73
CA SER J 161 -47.09 81.16 -4.81
C SER J 161 -46.28 79.99 -4.29
N ILE J 162 -45.61 80.16 -3.14
CA ILE J 162 -44.82 79.06 -2.58
C ILE J 162 -45.73 77.89 -2.21
N SER J 163 -46.86 78.18 -1.56
CA SER J 163 -47.79 77.12 -1.18
C SER J 163 -48.34 76.39 -2.41
N TYR J 164 -48.66 77.15 -3.46
CA TYR J 164 -49.27 76.55 -4.65
C TYR J 164 -48.26 75.71 -5.42
N LEU J 165 -47.02 76.18 -5.54
CA LEU J 165 -46.02 75.51 -6.36
C LEU J 165 -45.13 74.57 -5.55
N VAL J 166 -44.35 75.12 -4.61
CA VAL J 166 -43.27 74.36 -3.98
C VAL J 166 -43.84 73.30 -3.04
N SER J 167 -44.83 73.67 -2.23
CA SER J 167 -45.43 72.71 -1.31
C SER J 167 -46.10 71.57 -2.06
N THR J 168 -46.75 71.89 -3.18
CA THR J 168 -47.36 70.86 -4.01
C THR J 168 -46.30 69.93 -4.59
N ARG J 169 -45.16 70.50 -5.04
CA ARG J 169 -44.06 69.66 -5.53
C ARG J 169 -43.55 68.74 -4.42
N ILE J 170 -43.41 69.28 -3.21
CA ILE J 170 -42.91 68.49 -2.09
C ILE J 170 -43.86 67.34 -1.76
N MET J 171 -45.16 67.62 -1.72
CA MET J 171 -46.13 66.57 -1.45
C MET J 171 -46.12 65.51 -2.54
N ALA J 172 -46.06 65.94 -3.81
CA ALA J 172 -46.01 64.98 -4.91
C ALA J 172 -44.75 64.12 -4.84
N GLY J 173 -43.62 64.73 -4.53
CA GLY J 173 -42.38 63.96 -4.40
C GLY J 173 -42.44 62.97 -3.26
N ALA J 174 -42.99 63.38 -2.11
CA ALA J 174 -43.11 62.47 -0.98
C ALA J 174 -44.03 61.31 -1.31
N ILE J 175 -45.11 61.57 -2.04
CA ILE J 175 -46.03 60.50 -2.43
C ILE J 175 -45.36 59.56 -3.44
N VAL J 176 -44.56 60.11 -4.35
CA VAL J 176 -44.04 59.33 -5.47
C VAL J 176 -42.72 58.62 -5.16
N ILE J 177 -41.99 59.03 -4.12
CA ILE J 177 -40.65 58.51 -3.92
C ILE J 177 -40.68 57.03 -3.52
N ILE J 178 -41.62 56.64 -2.65
CA ILE J 178 -41.65 55.26 -2.17
C ILE J 178 -41.87 54.26 -3.31
N PRO J 179 -42.86 54.44 -4.20
CA PRO J 179 -42.92 53.53 -5.36
C PRO J 179 -41.69 53.57 -6.24
N LEU J 180 -41.09 54.75 -6.45
CA LEU J 180 -39.92 54.86 -7.29
C LEU J 180 -38.74 54.08 -6.69
N TYR J 181 -38.50 54.24 -5.39
CA TYR J 181 -37.39 53.53 -4.78
C TYR J 181 -37.68 52.05 -4.64
N ALA J 182 -38.95 51.67 -4.48
CA ALA J 182 -39.29 50.24 -4.49
C ALA J 182 -38.97 49.62 -5.83
N MET J 183 -39.33 50.30 -6.93
CA MET J 183 -38.99 49.82 -8.26
C MET J 183 -37.47 49.78 -8.45
N ALA J 184 -36.78 50.79 -7.94
CA ALA J 184 -35.32 50.85 -8.07
C ALA J 184 -34.66 49.67 -7.37
N ILE J 185 -35.08 49.39 -6.13
CA ILE J 185 -34.54 48.27 -5.38
C ILE J 185 -34.86 46.95 -6.07
N LEU J 186 -36.10 46.80 -6.53
CA LEU J 186 -36.52 45.57 -7.20
C LEU J 186 -35.69 45.32 -8.45
N LEU J 187 -35.48 46.37 -9.26
CA LEU J 187 -34.75 46.22 -10.51
C LEU J 187 -33.27 46.01 -10.27
N SER J 188 -32.69 46.65 -9.24
CA SER J 188 -31.29 46.41 -8.91
C SER J 188 -31.08 44.96 -8.48
N PHE J 189 -31.94 44.45 -7.60
CA PHE J 189 -31.85 43.05 -7.18
C PHE J 189 -32.02 42.11 -8.38
N MET J 190 -33.00 42.40 -9.23
CA MET J 190 -33.26 41.55 -10.38
C MET J 190 -32.09 41.54 -11.35
N SER J 191 -31.48 42.70 -11.60
CA SER J 191 -30.34 42.77 -12.50
C SER J 191 -29.15 42.01 -11.94
N ALA J 192 -28.85 42.19 -10.64
CA ALA J 192 -27.74 41.47 -10.04
C ALA J 192 -27.95 39.96 -10.12
N GLN J 193 -29.16 39.50 -9.75
CA GLN J 193 -29.43 38.07 -9.79
C GLN J 193 -29.37 37.52 -11.21
N LEU J 194 -29.93 38.25 -12.18
CA LEU J 194 -29.95 37.78 -13.55
C LEU J 194 -28.53 37.68 -14.12
N VAL J 195 -27.71 38.71 -13.88
CA VAL J 195 -26.33 38.69 -14.37
C VAL J 195 -25.56 37.53 -13.74
N THR J 196 -25.73 37.33 -12.43
CA THR J 196 -24.95 36.29 -11.76
C THR J 196 -25.40 34.89 -12.19
N THR J 197 -26.71 34.66 -12.30
CA THR J 197 -27.24 33.31 -12.49
C THR J 197 -27.58 32.97 -13.93
N ILE J 198 -27.37 33.88 -14.88
CA ILE J 198 -27.63 33.57 -16.28
C ILE J 198 -26.36 33.75 -17.10
N PHE J 199 -25.79 34.95 -17.05
CA PHE J 199 -24.57 35.20 -17.81
C PHE J 199 -23.38 34.46 -17.23
N TYR J 200 -23.27 34.39 -15.90
CA TYR J 200 -22.20 33.68 -15.24
C TYR J 200 -22.57 32.25 -14.85
N SER J 201 -23.82 31.85 -15.11
CA SER J 201 -24.26 30.45 -14.98
C SER J 201 -24.12 29.92 -13.55
N GLN J 202 -24.18 30.79 -12.55
CA GLN J 202 -24.25 30.32 -11.17
C GLN J 202 -25.63 29.76 -10.88
N SER J 203 -25.67 28.74 -10.03
CA SER J 203 -26.95 28.13 -9.67
C SER J 203 -27.83 29.12 -8.94
N VAL J 204 -29.13 29.07 -9.23
CA VAL J 204 -30.06 30.02 -8.61
C VAL J 204 -30.26 29.70 -7.14
N GLY J 205 -30.15 28.42 -6.75
CA GLY J 205 -30.35 28.06 -5.35
C GLY J 205 -29.31 28.66 -4.43
N THR J 206 -28.04 28.57 -4.82
CA THR J 206 -26.96 29.13 -4.01
C THR J 206 -27.08 30.65 -3.91
N TYR J 207 -27.38 31.30 -5.03
CA TYR J 207 -27.54 32.76 -5.03
C TYR J 207 -28.69 33.17 -4.11
N GLU J 208 -29.84 32.50 -4.24
CA GLU J 208 -31.00 32.85 -3.42
C GLU J 208 -30.74 32.57 -1.95
N HIS J 209 -30.03 31.49 -1.63
CA HIS J 209 -29.71 31.21 -0.24
C HIS J 209 -28.82 32.30 0.34
N TYR J 210 -27.71 32.62 -0.34
CA TYR J 210 -26.80 33.61 0.21
C TYR J 210 -27.38 35.02 0.14
N PHE J 211 -28.41 35.24 -0.67
CA PHE J 211 -29.07 36.54 -0.72
C PHE J 211 -30.08 36.69 0.42
N HIS J 212 -30.97 35.71 0.58
CA HIS J 212 -32.01 35.79 1.59
C HIS J 212 -31.50 35.48 2.99
N THR J 213 -30.30 34.90 3.12
CA THR J 213 -29.77 34.60 4.44
C THR J 213 -29.06 35.81 5.04
N PHE J 214 -28.37 36.59 4.22
CA PHE J 214 -27.55 37.70 4.71
C PHE J 214 -28.16 39.06 4.41
N LEU J 215 -29.43 39.11 4.04
CA LEU J 215 -30.15 40.37 3.84
C LEU J 215 -31.15 40.55 4.97
N ARG J 216 -31.08 41.70 5.63
CA ARG J 216 -32.00 42.04 6.71
C ARG J 216 -32.98 43.09 6.21
N VAL J 217 -34.28 42.86 6.48
CA VAL J 217 -35.31 43.81 6.09
C VAL J 217 -35.16 45.14 6.82
N ASP J 218 -34.51 45.12 7.99
CA ASP J 218 -34.25 46.36 8.72
C ASP J 218 -33.40 47.31 7.90
N ASP J 219 -32.38 46.77 7.20
CA ASP J 219 -31.56 47.59 6.31
C ASP J 219 -32.40 48.21 5.21
N VAL J 220 -33.34 47.46 4.65
CA VAL J 220 -34.18 47.98 3.58
C VAL J 220 -35.10 49.08 4.10
N MET J 221 -35.65 48.90 5.30
CA MET J 221 -36.50 49.94 5.88
C MET J 221 -35.72 51.23 6.14
N TRP J 222 -34.52 51.10 6.71
CA TRP J 222 -33.71 52.29 6.95
C TRP J 222 -33.28 52.94 5.64
N SER J 223 -33.01 52.13 4.62
CA SER J 223 -32.68 52.68 3.29
C SER J 223 -33.85 53.45 2.71
N PHE J 224 -35.08 52.93 2.89
CA PHE J 224 -36.26 53.66 2.44
C PHE J 224 -36.39 55.00 3.15
N LEU J 225 -36.14 55.01 4.46
CA LEU J 225 -36.18 56.29 5.20
C LEU J 225 -35.13 57.27 4.66
N GLU J 226 -33.91 56.78 4.41
CA GLU J 226 -32.87 57.62 3.83
C GLU J 226 -33.31 58.21 2.50
N VAL J 227 -33.91 57.38 1.65
CA VAL J 227 -34.31 57.83 0.33
C VAL J 227 -35.44 58.86 0.42
N ILE J 228 -36.36 58.68 1.37
CA ILE J 228 -37.44 59.65 1.54
C ILE J 228 -36.88 61.00 1.97
N ILE J 229 -35.98 61.00 2.96
CA ILE J 229 -35.38 62.25 3.43
C ILE J 229 -34.60 62.91 2.30
N MET J 230 -33.83 62.11 1.56
CA MET J 230 -33.02 62.63 0.46
C MET J 230 -33.90 63.23 -0.64
N SER J 231 -35.01 62.57 -0.96
CA SER J 231 -35.91 63.09 -1.99
C SER J 231 -36.53 64.41 -1.55
N VAL J 232 -36.90 64.53 -0.28
CA VAL J 232 -37.45 65.79 0.21
C VAL J 232 -36.41 66.90 0.08
N ILE J 233 -35.17 66.62 0.47
CA ILE J 233 -34.10 67.62 0.38
C ILE J 233 -33.85 68.02 -1.07
N VAL J 234 -33.80 67.03 -1.97
CA VAL J 234 -33.55 67.29 -3.38
C VAL J 234 -34.66 68.14 -3.98
N MET J 235 -35.90 67.80 -3.67
CA MET J 235 -37.02 68.58 -4.20
C MET J 235 -36.98 70.00 -3.69
N LEU J 236 -36.65 70.19 -2.40
CA LEU J 236 -36.53 71.54 -1.86
C LEU J 236 -35.44 72.33 -2.58
N ASN J 237 -34.28 71.71 -2.79
CA ASN J 237 -33.17 72.40 -3.45
C ASN J 237 -33.52 72.80 -4.88
N HIS J 238 -34.12 71.87 -5.63
CA HIS J 238 -34.45 72.18 -7.02
C HIS J 238 -35.57 73.19 -7.14
N CYS J 239 -36.56 73.12 -6.23
CA CYS J 239 -37.60 74.14 -6.23
C CYS J 239 -37.04 75.50 -5.86
N TYR J 240 -36.05 75.55 -4.96
CA TYR J 240 -35.40 76.82 -4.66
C TYR J 240 -34.68 77.38 -5.88
N PHE J 241 -33.95 76.53 -6.60
CA PHE J 241 -33.19 77.02 -7.74
C PHE J 241 -34.11 77.45 -8.88
N GLY J 242 -35.23 76.75 -9.07
CA GLY J 242 -36.15 77.13 -10.14
C GLY J 242 -37.07 78.28 -9.78
N TYR J 243 -37.37 78.46 -8.49
CA TYR J 243 -38.35 79.46 -8.09
C TYR J 243 -37.78 80.87 -8.19
N PHE J 244 -36.50 81.04 -7.88
CA PHE J 244 -35.83 82.34 -7.90
C PHE J 244 -34.94 82.49 -9.12
N ALA J 245 -35.35 81.94 -10.27
CA ALA J 245 -34.56 82.06 -11.48
C ALA J 245 -34.63 83.47 -12.03
N SER J 246 -33.62 83.83 -12.82
CA SER J 246 -33.56 85.14 -13.44
C SER J 246 -32.69 85.06 -14.69
N GLY J 247 -32.83 86.07 -15.54
CA GLY J 247 -32.04 86.13 -16.76
C GLY J 247 -32.71 85.57 -17.99
N GLY J 248 -34.03 85.46 -18.00
CA GLY J 248 -34.71 84.95 -19.18
C GLY J 248 -34.51 83.46 -19.34
N ALA J 249 -34.70 82.99 -20.58
CA ALA J 249 -34.57 81.57 -20.89
C ALA J 249 -33.15 81.07 -20.70
N VAL J 250 -32.14 81.95 -20.79
CA VAL J 250 -30.75 81.53 -20.66
C VAL J 250 -30.44 81.13 -19.23
N GLY J 251 -30.97 81.87 -18.25
CA GLY J 251 -30.67 81.61 -16.85
C GLY J 251 -31.23 80.31 -16.32
N VAL J 252 -32.27 79.78 -16.96
CA VAL J 252 -32.90 78.55 -16.50
C VAL J 252 -31.93 77.38 -16.59
N GLY J 253 -31.16 77.31 -17.68
CA GLY J 253 -30.18 76.23 -17.81
C GLY J 253 -29.08 76.29 -16.77
N GLU J 254 -28.60 77.51 -16.49
CA GLU J 254 -27.59 77.67 -15.45
C GLU J 254 -28.13 77.29 -14.08
N ALA J 255 -29.40 77.65 -13.82
CA ALA J 255 -30.05 77.23 -12.58
C ALA J 255 -30.13 75.70 -12.50
N VAL J 256 -30.45 75.05 -13.62
CA VAL J 256 -30.52 73.59 -13.64
C VAL J 256 -29.16 72.98 -13.30
N GLY J 257 -28.09 73.52 -13.90
CA GLY J 257 -26.76 72.98 -13.62
C GLY J 257 -26.34 73.14 -12.17
N ARG J 258 -26.57 74.35 -11.62
CA ARG J 258 -26.21 74.58 -10.21
C ARG J 258 -27.02 73.69 -9.28
N SER J 259 -28.32 73.53 -9.58
CA SER J 259 -29.17 72.67 -8.77
C SER J 259 -28.69 71.23 -8.82
N MET J 260 -28.26 70.78 -9.99
CA MET J 260 -27.75 69.41 -10.11
C MET J 260 -26.51 69.20 -9.27
N ARG J 261 -25.57 70.15 -9.31
CA ARG J 261 -24.37 70.02 -8.49
C ARG J 261 -24.72 69.93 -7.00
N THR J 262 -25.58 70.84 -6.54
CA THR J 262 -25.98 70.85 -5.13
C THR J 262 -26.69 69.54 -4.76
N SER J 263 -27.53 69.03 -5.66
CA SER J 263 -28.27 67.80 -5.39
C SER J 263 -27.33 66.62 -5.25
N LEU J 264 -26.33 66.51 -6.14
CA LEU J 264 -25.36 65.42 -6.02
C LEU J 264 -24.68 65.46 -4.66
N ILE J 265 -24.19 66.64 -4.27
CA ILE J 265 -23.49 66.76 -2.99
C ILE J 265 -24.40 66.37 -1.83
N ALA J 266 -25.63 66.88 -1.84
CA ALA J 266 -26.56 66.62 -0.75
C ALA J 266 -26.92 65.14 -0.64
N ILE J 267 -27.16 64.48 -1.78
CA ILE J 267 -27.52 63.07 -1.76
C ILE J 267 -26.38 62.24 -1.16
N VAL J 268 -25.16 62.46 -1.63
CA VAL J 268 -24.04 61.68 -1.12
C VAL J 268 -23.85 61.91 0.38
N LEU J 269 -23.96 63.18 0.80
CA LEU J 269 -23.79 63.50 2.21
C LEU J 269 -24.86 62.83 3.07
N VAL J 270 -26.12 62.85 2.61
CA VAL J 270 -27.21 62.26 3.37
C VAL J 270 -26.98 60.76 3.55
N VAL J 271 -26.63 60.07 2.45
CA VAL J 271 -26.41 58.63 2.53
C VAL J 271 -25.26 58.31 3.48
N LEU J 272 -24.16 59.08 3.38
CA LEU J 272 -23.01 58.83 4.26
C LEU J 272 -23.38 59.02 5.71
N LEU J 273 -24.07 60.12 6.05
CA LEU J 273 -24.41 60.39 7.43
C LEU J 273 -25.35 59.32 7.99
N ALA J 274 -26.34 58.91 7.20
CA ALA J 274 -27.28 57.89 7.67
C ALA J 274 -26.58 56.55 7.90
N SER J 275 -25.71 56.14 6.98
CA SER J 275 -25.00 54.89 7.16
C SER J 275 -24.04 54.95 8.35
N LEU J 276 -23.42 56.11 8.57
CA LEU J 276 -22.54 56.26 9.73
C LEU J 276 -23.32 56.16 11.03
N ALA J 277 -24.52 56.76 11.07
CA ALA J 277 -25.31 56.74 12.29
C ALA J 277 -25.87 55.35 12.56
N LEU J 278 -26.34 54.65 11.52
CA LEU J 278 -27.03 53.37 11.73
C LEU J 278 -26.06 52.28 12.19
N TYR J 279 -24.93 52.13 11.50
CA TYR J 279 -24.05 50.99 11.70
C TYR J 279 -22.74 51.36 12.37
N GLY J 280 -22.70 52.49 13.07
CA GLY J 280 -21.47 52.89 13.73
C GLY J 280 -21.02 51.91 14.80
N THR J 281 -21.97 51.41 15.59
CA THR J 281 -21.67 50.46 16.66
C THR J 281 -22.02 49.02 16.29
N ASP J 282 -23.25 48.79 15.80
CA ASP J 282 -23.67 47.45 15.44
C ASP J 282 -23.67 47.32 13.92
N PRO J 283 -22.75 46.56 13.34
CA PRO J 283 -22.72 46.43 11.86
C PRO J 283 -23.92 45.71 11.28
N ASN J 284 -24.70 45.00 12.10
CA ASN J 284 -25.91 44.29 11.66
C ASN J 284 -25.58 43.25 10.58
N PHE J 285 -24.57 42.43 10.86
CA PHE J 285 -24.14 41.38 9.93
C PHE J 285 -23.27 40.39 10.69
N ASN J 286 -23.63 39.11 10.62
CA ASN J 286 -22.91 38.05 11.31
C ASN J 286 -22.58 36.93 10.33
N LEU J 287 -21.31 36.51 10.29
CA LEU J 287 -20.92 35.32 9.57
C LEU J 287 -20.21 34.31 10.46
N THR J 288 -19.23 34.75 11.24
CA THR J 288 -18.40 33.87 12.05
C THR J 288 -19.09 33.60 13.40
N VAL J 289 -18.40 32.89 14.29
CA VAL J 289 -18.97 32.57 15.59
C VAL J 289 -18.91 33.79 16.49
#